data_2KYM
#
_entry.id   2KYM
#
loop_
_entity.id
_entity.type
_entity.pdbx_description
1 polymer 'Bud emergence protein 1'
2 polymer 'Peptide form Serine/threonine-protein kinase STE20'
#
loop_
_entity_poly.entity_id
_entity_poly.type
_entity_poly.pdbx_seq_one_letter_code
_entity_poly.pdbx_strand_id
1 'polypeptide(L)'
;MAPLFAVTLYEFKAERDDELDVSPGENLSICAHYDYEWFIAKPINRLGGPGLVPVSYVRIIDLMDPAKYASVDTYDREQV
MKIIDEFKIPTVEQWKDQTRRYKESSIQIGNGHGQSQGLE
;
A
2 'polypeptide(L)' GKFIPSRPAPKPPSSA B
#
# COMPACT_ATOMS: atom_id res chain seq x y z
N MET A 1 -11.62 -7.66 -0.59
CA MET A 1 -10.67 -7.75 -1.69
C MET A 1 -9.60 -8.80 -1.41
N ALA A 2 -8.67 -8.95 -2.34
CA ALA A 2 -7.59 -9.92 -2.20
C ALA A 2 -6.33 -9.25 -1.66
N PRO A 3 -5.42 -10.07 -1.11
CA PRO A 3 -4.14 -9.59 -0.56
C PRO A 3 -3.19 -9.10 -1.64
N LEU A 4 -3.42 -7.89 -2.13
CA LEU A 4 -2.58 -7.31 -3.17
C LEU A 4 -1.25 -6.82 -2.60
N PHE A 5 -0.23 -6.74 -3.45
CA PHE A 5 1.08 -6.28 -3.02
C PHE A 5 1.64 -5.24 -4.00
N ALA A 6 2.39 -4.29 -3.46
CA ALA A 6 2.98 -3.24 -4.29
C ALA A 6 4.50 -3.21 -4.12
N VAL A 7 5.19 -2.73 -5.15
CA VAL A 7 6.65 -2.65 -5.13
C VAL A 7 7.11 -1.22 -5.37
N THR A 8 8.01 -0.74 -4.50
CA THR A 8 8.54 0.61 -4.63
C THR A 8 9.51 0.71 -5.81
N LEU A 9 9.41 1.81 -6.55
CA LEU A 9 10.28 2.04 -7.70
C LEU A 9 11.23 3.20 -7.45
N TYR A 10 10.96 3.96 -6.40
CA TYR A 10 11.79 5.10 -6.05
C TYR A 10 12.03 5.16 -4.54
N GLU A 11 13.14 5.79 -4.15
CA GLU A 11 13.50 5.91 -2.74
C GLU A 11 12.74 7.06 -2.09
N PHE A 12 11.72 6.74 -1.31
CA PHE A 12 10.92 7.75 -0.63
C PHE A 12 11.19 7.73 0.88
N LYS A 13 11.97 8.70 1.34
CA LYS A 13 12.30 8.81 2.76
C LYS A 13 11.16 9.43 3.55
N ALA A 14 10.86 8.86 4.71
CA ALA A 14 9.78 9.37 5.55
C ALA A 14 10.07 10.79 6.01
N GLU A 15 9.03 11.48 6.46
CA GLU A 15 9.17 12.86 6.93
C GLU A 15 8.63 13.00 8.35
N ARG A 16 7.54 12.29 8.63
CA ARG A 16 6.93 12.34 9.95
C ARG A 16 6.63 10.94 10.47
N ASP A 17 6.02 10.86 11.65
CA ASP A 17 5.69 9.59 12.25
C ASP A 17 4.64 8.85 11.42
N ASP A 18 4.00 9.56 10.51
CA ASP A 18 2.98 8.98 9.66
C ASP A 18 3.54 8.64 8.29
N GLU A 19 4.86 8.48 8.23
CA GLU A 19 5.53 8.16 6.97
C GLU A 19 6.59 7.08 7.18
N LEU A 20 6.72 6.18 6.21
CA LEU A 20 7.69 5.10 6.29
C LEU A 20 8.67 5.16 5.12
N ASP A 21 9.96 5.17 5.42
CA ASP A 21 10.99 5.22 4.40
C ASP A 21 10.98 3.95 3.55
N VAL A 22 11.17 4.11 2.24
CA VAL A 22 11.19 2.97 1.32
C VAL A 22 12.23 3.17 0.23
N SER A 23 12.65 2.06 -0.38
CA SER A 23 13.65 2.10 -1.44
C SER A 23 13.15 1.37 -2.68
N PRO A 24 13.76 1.69 -3.83
CA PRO A 24 13.39 1.07 -5.12
C PRO A 24 13.79 -0.39 -5.19
N GLY A 25 12.79 -1.27 -5.34
CA GLY A 25 13.06 -2.69 -5.42
C GLY A 25 12.62 -3.43 -4.17
N GLU A 26 11.94 -2.73 -3.28
CA GLU A 26 11.48 -3.33 -2.04
C GLU A 26 10.05 -3.88 -2.20
N ASN A 27 9.65 -4.75 -1.28
CA ASN A 27 8.32 -5.35 -1.32
C ASN A 27 7.44 -4.78 -0.22
N LEU A 28 6.34 -4.15 -0.61
CA LEU A 28 5.41 -3.56 0.34
C LEU A 28 4.01 -4.16 0.19
N SER A 29 3.24 -4.15 1.27
CA SER A 29 1.89 -4.69 1.25
C SER A 29 0.85 -3.57 1.33
N ILE A 30 0.06 -3.44 0.27
CA ILE A 30 -0.97 -2.42 0.21
C ILE A 30 -2.12 -2.72 1.17
N CYS A 31 -2.67 -1.69 1.78
CA CYS A 31 -3.78 -1.85 2.72
C CYS A 31 -4.98 -1.01 2.30
N ALA A 32 -4.70 0.18 1.78
CA ALA A 32 -5.76 1.08 1.33
C ALA A 32 -5.19 2.25 0.53
N HIS A 33 -6.08 3.02 -0.08
CA HIS A 33 -5.66 4.17 -0.88
C HIS A 33 -6.32 5.45 -0.38
N TYR A 34 -5.93 6.58 -0.97
CA TYR A 34 -6.49 7.87 -0.58
C TYR A 34 -6.68 8.77 -1.79
N ASP A 35 -7.91 8.85 -2.27
CA ASP A 35 -8.23 9.67 -3.44
C ASP A 35 -7.44 9.23 -4.66
N TYR A 36 -6.94 8.00 -4.61
CA TYR A 36 -6.15 7.44 -5.71
C TYR A 36 -4.84 8.21 -5.89
N GLU A 37 -4.39 8.85 -4.82
CA GLU A 37 -3.15 9.62 -4.86
C GLU A 37 -2.11 9.03 -3.92
N TRP A 38 -2.56 8.62 -2.73
CA TRP A 38 -1.67 8.05 -1.73
C TRP A 38 -2.05 6.60 -1.44
N PHE A 39 -1.05 5.74 -1.28
CA PHE A 39 -1.28 4.34 -0.99
C PHE A 39 -0.67 3.94 0.35
N ILE A 40 -1.36 3.06 1.07
CA ILE A 40 -0.89 2.60 2.38
C ILE A 40 -0.14 1.28 2.25
N ALA A 41 1.18 1.35 2.15
CA ALA A 41 2.01 0.17 2.04
C ALA A 41 2.80 -0.08 3.32
N LYS A 42 2.85 -1.34 3.75
CA LYS A 42 3.58 -1.70 4.96
C LYS A 42 4.80 -2.55 4.62
N PRO A 43 5.78 -2.56 5.53
CA PRO A 43 7.01 -3.33 5.36
C PRO A 43 6.78 -4.84 5.45
N ILE A 44 7.38 -5.59 4.52
CA ILE A 44 7.23 -7.03 4.50
C ILE A 44 8.52 -7.72 4.94
N ASN A 45 9.65 -7.18 4.51
CA ASN A 45 10.95 -7.73 4.86
C ASN A 45 11.28 -7.46 6.32
N ARG A 46 11.54 -6.19 6.63
CA ARG A 46 11.87 -5.80 8.00
C ARG A 46 10.61 -5.69 8.86
N LEU A 47 10.80 -5.36 10.13
CA LEU A 47 9.67 -5.21 11.05
C LEU A 47 9.70 -3.84 11.73
N GLY A 48 8.61 -3.09 11.54
CA GLY A 48 8.52 -1.77 12.14
C GLY A 48 7.09 -1.31 12.32
N GLY A 49 6.44 -0.98 11.20
CA GLY A 49 5.06 -0.53 11.25
C GLY A 49 4.60 0.07 9.94
N PRO A 50 3.27 0.24 9.79
CA PRO A 50 2.68 0.80 8.57
C PRO A 50 2.98 2.28 8.41
N GLY A 51 3.10 2.73 7.17
CA GLY A 51 3.39 4.13 6.90
C GLY A 51 2.51 4.70 5.81
N LEU A 52 3.08 5.58 5.00
CA LEU A 52 2.33 6.21 3.90
C LEU A 52 3.24 6.46 2.70
N VAL A 53 2.84 5.93 1.54
CA VAL A 53 3.60 6.10 0.32
C VAL A 53 2.70 6.44 -0.86
N PRO A 54 3.11 7.46 -1.64
CA PRO A 54 2.35 7.91 -2.81
C PRO A 54 2.37 6.89 -3.95
N VAL A 55 1.33 6.92 -4.78
CA VAL A 55 1.23 6.00 -5.90
C VAL A 55 2.31 6.27 -6.94
N SER A 56 2.86 7.49 -6.91
CA SER A 56 3.90 7.88 -7.85
C SER A 56 5.25 7.30 -7.43
N TYR A 57 5.26 6.61 -6.30
CA TYR A 57 6.49 6.01 -5.78
C TYR A 57 6.30 4.52 -5.51
N VAL A 58 5.32 3.93 -6.17
CA VAL A 58 5.02 2.51 -6.00
C VAL A 58 4.45 1.91 -7.28
N ARG A 59 4.43 0.58 -7.35
CA ARG A 59 3.91 -0.12 -8.52
C ARG A 59 2.98 -1.25 -8.09
N ILE A 60 1.70 -1.11 -8.43
CA ILE A 60 0.70 -2.12 -8.09
C ILE A 60 0.92 -3.40 -8.89
N ILE A 61 1.01 -4.53 -8.20
CA ILE A 61 1.21 -5.81 -8.85
C ILE A 61 0.44 -6.93 -8.13
N ASP A 62 0.59 -8.15 -8.63
CA ASP A 62 -0.09 -9.29 -8.03
C ASP A 62 0.88 -10.45 -7.80
N LEU A 63 0.84 -11.03 -6.61
CA LEU A 63 1.71 -12.13 -6.27
C LEU A 63 1.50 -13.31 -7.22
N MET A 64 0.33 -13.35 -7.86
CA MET A 64 0.01 -14.42 -8.80
C MET A 64 0.45 -14.05 -10.21
N ASP A 65 0.44 -12.75 -10.50
CA ASP A 65 0.84 -12.27 -11.82
C ASP A 65 1.39 -10.85 -11.74
N PRO A 66 2.63 -10.73 -11.25
CA PRO A 66 3.30 -9.43 -11.11
C PRO A 66 3.67 -8.82 -12.45
N ALA A 67 3.55 -9.61 -13.50
CA ALA A 67 3.87 -9.13 -14.85
C ALA A 67 2.62 -8.63 -15.56
N LYS A 68 1.47 -8.79 -14.92
CA LYS A 68 0.20 -8.35 -15.49
C LYS A 68 -0.02 -6.86 -15.22
N TYR A 69 0.11 -6.46 -13.96
CA TYR A 69 -0.07 -5.07 -13.57
C TYR A 69 1.26 -4.36 -13.42
N ALA A 70 2.29 -4.89 -14.09
CA ALA A 70 3.62 -4.31 -14.03
C ALA A 70 3.79 -3.22 -15.09
N SER A 71 2.95 -3.27 -16.12
CA SER A 71 3.01 -2.28 -17.19
C SER A 71 2.07 -1.11 -16.92
N VAL A 72 1.08 -1.35 -16.06
CA VAL A 72 0.12 -0.31 -15.70
C VAL A 72 0.81 0.97 -15.27
N ASP A 73 0.14 2.10 -15.47
CA ASP A 73 0.70 3.40 -15.10
C ASP A 73 0.05 3.92 -13.82
N THR A 74 0.65 3.61 -12.68
CA THR A 74 0.13 4.04 -11.40
C THR A 74 -0.12 5.54 -11.38
N TYR A 75 0.75 6.29 -12.07
CA TYR A 75 0.63 7.74 -12.14
C TYR A 75 -0.73 8.15 -12.72
N ASP A 76 -1.14 7.46 -13.78
CA ASP A 76 -2.41 7.75 -14.43
C ASP A 76 -3.58 7.46 -13.49
N ARG A 77 -4.21 8.53 -13.01
CA ARG A 77 -5.34 8.39 -12.09
C ARG A 77 -6.39 7.45 -12.67
N GLU A 78 -6.46 7.38 -13.99
CA GLU A 78 -7.42 6.51 -14.67
C GLU A 78 -7.10 5.05 -14.41
N GLN A 79 -5.88 4.65 -14.73
CA GLN A 79 -5.44 3.27 -14.54
C GLN A 79 -5.55 2.86 -13.07
N VAL A 80 -4.89 3.62 -12.20
CA VAL A 80 -4.91 3.34 -10.77
C VAL A 80 -6.35 3.23 -10.26
N MET A 81 -7.24 4.01 -10.86
CA MET A 81 -8.65 4.00 -10.46
C MET A 81 -9.30 2.65 -10.79
N LYS A 82 -9.20 2.25 -12.05
CA LYS A 82 -9.77 0.98 -12.50
C LYS A 82 -9.25 -0.18 -11.66
N ILE A 83 -7.97 -0.11 -11.32
CA ILE A 83 -7.33 -1.16 -10.51
C ILE A 83 -7.94 -1.21 -9.11
N ILE A 84 -7.93 -0.07 -8.43
CA ILE A 84 -8.47 0.02 -7.09
C ILE A 84 -9.96 -0.32 -7.07
N ASP A 85 -10.66 0.07 -8.11
CA ASP A 85 -12.09 -0.19 -8.22
C ASP A 85 -12.36 -1.68 -8.48
N GLU A 86 -11.64 -2.24 -9.44
CA GLU A 86 -11.79 -3.65 -9.79
C GLU A 86 -11.45 -4.54 -8.58
N PHE A 87 -10.26 -4.34 -8.02
CA PHE A 87 -9.82 -5.12 -6.87
C PHE A 87 -10.63 -4.77 -5.63
N LYS A 88 -11.39 -3.68 -5.71
CA LYS A 88 -12.22 -3.24 -4.60
C LYS A 88 -11.37 -2.97 -3.36
N ILE A 89 -10.36 -2.12 -3.53
CA ILE A 89 -9.46 -1.79 -2.42
C ILE A 89 -10.09 -0.72 -1.53
N PRO A 90 -10.06 -0.96 -0.21
CA PRO A 90 -10.60 -0.02 0.78
C PRO A 90 -9.78 1.26 0.89
N THR A 91 -10.41 2.30 1.42
CA THR A 91 -9.73 3.58 1.58
C THR A 91 -9.12 3.71 2.97
N VAL A 92 -8.30 4.74 3.16
CA VAL A 92 -7.64 4.97 4.44
C VAL A 92 -8.66 4.97 5.59
N GLU A 93 -9.65 5.85 5.50
CA GLU A 93 -10.67 5.95 6.53
C GLU A 93 -11.30 4.59 6.80
N GLN A 94 -11.74 3.92 5.74
CA GLN A 94 -12.35 2.60 5.88
C GLN A 94 -11.41 1.62 6.57
N TRP A 95 -10.11 1.72 6.25
CA TRP A 95 -9.11 0.85 6.84
C TRP A 95 -8.97 1.12 8.33
N LYS A 96 -8.94 2.40 8.70
CA LYS A 96 -8.82 2.79 10.09
C LYS A 96 -9.98 2.27 10.92
N ASP A 97 -11.20 2.48 10.41
CA ASP A 97 -12.40 2.03 11.11
C ASP A 97 -12.45 0.51 11.19
N GLN A 98 -12.04 -0.14 10.11
CA GLN A 98 -12.03 -1.60 10.06
C GLN A 98 -11.13 -2.18 11.14
N THR A 99 -9.90 -1.66 11.22
CA THR A 99 -8.94 -2.13 12.22
C THR A 99 -9.40 -1.79 13.62
N ARG A 100 -9.93 -0.59 13.80
CA ARG A 100 -10.41 -0.15 15.10
C ARG A 100 -11.51 -1.07 15.62
N ARG A 101 -12.49 -1.34 14.77
CA ARG A 101 -13.60 -2.21 15.14
C ARG A 101 -13.16 -3.66 15.23
N TYR A 102 -12.19 -4.04 14.40
CA TYR A 102 -11.68 -5.39 14.39
C TYR A 102 -10.92 -5.71 15.67
N LYS A 103 -10.26 -4.69 16.22
CA LYS A 103 -9.50 -4.86 17.46
C LYS A 103 -10.42 -4.96 18.66
N GLU A 104 -11.63 -4.39 18.53
CA GLU A 104 -12.61 -4.42 19.60
C GLU A 104 -13.03 -5.85 19.91
N SER A 105 -13.92 -6.00 20.89
CA SER A 105 -14.41 -7.33 21.28
C SER A 105 -15.62 -7.73 20.43
N SER A 106 -15.48 -8.85 19.73
CA SER A 106 -16.56 -9.34 18.87
C SER A 106 -16.31 -10.80 18.47
N ILE A 107 -17.16 -11.32 17.60
CA ILE A 107 -17.04 -12.70 17.14
C ILE A 107 -15.78 -12.87 16.28
N GLN A 108 -15.23 -14.07 16.31
CA GLN A 108 -14.02 -14.37 15.54
C GLN A 108 -13.68 -15.86 15.64
N ILE A 109 -12.58 -16.24 14.98
CA ILE A 109 -12.14 -17.63 14.99
C ILE A 109 -10.68 -17.74 15.43
N GLY A 110 -10.43 -18.59 16.43
CA GLY A 110 -9.07 -18.77 16.92
C GLY A 110 -8.20 -19.54 15.95
N ASN A 111 -8.80 -20.48 15.24
CA ASN A 111 -8.08 -21.29 14.27
C ASN A 111 -7.45 -20.41 13.19
N GLY A 112 -6.22 -20.75 12.80
CA GLY A 112 -5.53 -19.99 11.78
C GLY A 112 -4.11 -19.63 12.18
N HIS A 113 -3.16 -20.02 11.34
CA HIS A 113 -1.74 -19.73 11.62
C HIS A 113 -1.02 -19.33 10.34
N GLY A 114 -0.23 -18.26 10.42
CA GLY A 114 0.51 -17.79 9.27
C GLY A 114 1.97 -17.53 9.59
N GLN A 115 2.81 -17.60 8.56
CA GLN A 115 4.24 -17.38 8.74
C GLN A 115 4.85 -16.77 7.48
N SER A 116 6.12 -16.36 7.58
CA SER A 116 6.82 -15.76 6.45
C SER A 116 7.84 -16.74 5.86
N GLN A 117 8.00 -16.69 4.55
CA GLN A 117 8.94 -17.58 3.87
C GLN A 117 10.38 -17.25 4.27
N GLY A 118 11.33 -18.02 3.76
CA GLY A 118 12.72 -17.80 4.08
C GLY A 118 13.65 -18.75 3.33
N LEU A 119 14.40 -18.20 2.37
CA LEU A 119 15.32 -18.99 1.58
C LEU A 119 16.70 -18.34 1.54
N GLU A 120 17.71 -19.13 1.16
CA GLU A 120 19.08 -18.62 1.08
C GLU A 120 19.49 -17.96 2.39
N GLY B 1 -6.84 7.99 13.43
CA GLY B 1 -6.23 7.21 12.36
C GLY B 1 -4.77 7.55 12.15
N LYS B 2 -4.45 8.84 12.19
CA LYS B 2 -3.07 9.30 12.00
C LYS B 2 -2.58 8.95 10.60
N PHE B 3 -3.50 8.85 9.65
CA PHE B 3 -3.15 8.54 8.27
C PHE B 3 -3.94 9.40 7.30
N ILE B 4 -3.81 10.72 7.46
CA ILE B 4 -4.51 11.67 6.59
C ILE B 4 -3.54 12.40 5.67
N PRO B 5 -3.16 11.75 4.57
CA PRO B 5 -2.22 12.32 3.60
C PRO B 5 -2.84 13.48 2.81
N SER B 6 -2.90 14.64 3.44
CA SER B 6 -3.47 15.82 2.81
C SER B 6 -2.45 16.51 1.90
N ARG B 7 -1.25 15.93 1.84
CA ARG B 7 -0.18 16.48 1.02
C ARG B 7 -0.52 16.37 -0.47
N PRO B 8 0.19 17.14 -1.31
CA PRO B 8 -0.02 17.13 -2.76
C PRO B 8 0.46 15.84 -3.40
N ALA B 9 -0.06 15.56 -4.59
CA ALA B 9 0.32 14.35 -5.32
C ALA B 9 1.50 14.62 -6.25
N PRO B 10 2.65 14.02 -5.93
CA PRO B 10 3.87 14.18 -6.72
C PRO B 10 3.77 13.48 -8.08
N LYS B 11 4.47 14.04 -9.07
CA LYS B 11 4.46 13.46 -10.41
C LYS B 11 5.72 12.63 -10.65
N PRO B 12 5.66 11.76 -11.67
CA PRO B 12 6.79 10.89 -12.03
C PRO B 12 7.95 11.66 -12.64
N PRO B 13 9.11 11.00 -12.77
CA PRO B 13 10.31 11.61 -13.34
C PRO B 13 10.18 11.87 -14.83
N SER B 14 9.65 13.03 -15.18
CA SER B 14 9.46 13.40 -16.57
C SER B 14 9.46 14.92 -16.74
N SER B 15 9.76 15.38 -17.96
CA SER B 15 9.80 16.81 -18.24
C SER B 15 8.40 17.34 -18.56
N ALA B 16 7.76 17.93 -17.56
CA ALA B 16 6.42 18.48 -17.72
C ALA B 16 6.47 19.85 -18.37
N MET A 1 -13.95 -6.12 -7.01
CA MET A 1 -12.57 -5.70 -7.21
C MET A 1 -11.65 -6.90 -7.42
N ALA A 2 -10.45 -6.64 -7.92
CA ALA A 2 -9.49 -7.70 -8.17
C ALA A 2 -8.11 -7.35 -7.60
N PRO A 3 -7.31 -8.39 -7.32
CA PRO A 3 -5.96 -8.22 -6.76
C PRO A 3 -4.99 -7.60 -7.76
N LEU A 4 -5.10 -6.29 -7.96
CA LEU A 4 -4.24 -5.58 -8.89
C LEU A 4 -2.82 -5.44 -8.33
N PHE A 5 -1.83 -5.51 -9.21
CA PHE A 5 -0.43 -5.40 -8.81
C PHE A 5 0.20 -4.14 -9.40
N ALA A 6 1.22 -3.64 -8.71
CA ALA A 6 1.91 -2.44 -9.16
C ALA A 6 3.43 -2.66 -9.20
N VAL A 7 4.11 -1.93 -10.08
CA VAL A 7 5.56 -2.04 -10.20
C VAL A 7 6.25 -0.72 -9.92
N THR A 8 7.19 -0.73 -8.99
CA THR A 8 7.93 0.47 -8.62
C THR A 8 8.80 0.96 -9.77
N LEU A 9 8.72 2.25 -10.07
CA LEU A 9 9.50 2.84 -11.15
C LEU A 9 10.70 3.60 -10.59
N TYR A 10 10.64 3.94 -9.32
CA TYR A 10 11.72 4.67 -8.66
C TYR A 10 12.07 4.04 -7.32
N GLU A 11 13.29 4.30 -6.86
CA GLU A 11 13.75 3.77 -5.58
C GLU A 11 13.28 4.62 -4.42
N PHE A 12 12.29 4.12 -3.69
CA PHE A 12 11.72 4.84 -2.55
C PHE A 12 12.55 4.57 -1.29
N LYS A 13 13.34 5.57 -0.90
CA LYS A 13 14.17 5.45 0.30
C LYS A 13 13.36 5.73 1.55
N ALA A 14 12.91 4.66 2.21
CA ALA A 14 12.13 4.78 3.43
C ALA A 14 12.84 5.68 4.45
N GLU A 15 12.08 6.51 5.15
CA GLU A 15 12.63 7.40 6.15
C GLU A 15 12.28 6.94 7.55
N ARG A 16 11.15 6.25 7.69
CA ARG A 16 10.70 5.75 8.98
C ARG A 16 10.34 4.26 8.89
N ASP A 17 9.90 3.70 10.00
CA ASP A 17 9.51 2.29 10.05
C ASP A 17 8.30 2.03 9.17
N ASP A 18 7.37 3.00 9.15
CA ASP A 18 6.16 2.87 8.35
C ASP A 18 6.49 2.79 6.86
N GLU A 19 7.54 3.52 6.46
CA GLU A 19 7.96 3.53 5.06
C GLU A 19 8.72 2.26 4.71
N LEU A 20 8.47 1.73 3.51
CA LEU A 20 9.14 0.52 3.05
C LEU A 20 10.09 0.82 1.89
N ASP A 21 11.33 0.39 2.03
CA ASP A 21 12.34 0.61 1.00
C ASP A 21 12.07 -0.30 -0.20
N VAL A 22 11.97 0.31 -1.38
CA VAL A 22 11.72 -0.44 -2.61
C VAL A 22 12.56 0.10 -3.76
N SER A 23 12.88 -0.76 -4.72
CA SER A 23 13.68 -0.37 -5.87
C SER A 23 12.85 -0.45 -7.15
N PRO A 24 13.31 0.26 -8.20
CA PRO A 24 12.63 0.29 -9.49
C PRO A 24 12.74 -1.05 -10.23
N GLY A 25 11.60 -1.63 -10.58
CA GLY A 25 11.60 -2.89 -11.29
C GLY A 25 11.11 -4.04 -10.41
N GLU A 26 10.67 -3.71 -9.20
CA GLU A 26 10.18 -4.73 -8.27
C GLU A 26 8.68 -4.89 -8.40
N ASN A 27 8.16 -5.98 -7.84
CA ASN A 27 6.73 -6.27 -7.89
C ASN A 27 6.09 -6.12 -6.52
N LEU A 28 5.02 -5.35 -6.44
CA LEU A 28 4.32 -5.13 -5.18
C LEU A 28 2.82 -5.41 -5.33
N SER A 29 2.21 -5.92 -4.27
CA SER A 29 0.79 -6.23 -4.28
C SER A 29 -0.02 -5.09 -3.68
N ILE A 30 -0.96 -4.57 -4.47
CA ILE A 30 -1.82 -3.48 -4.01
C ILE A 30 -2.79 -3.94 -2.93
N CYS A 31 -3.06 -3.07 -1.97
CA CYS A 31 -3.98 -3.38 -0.88
C CYS A 31 -5.09 -2.35 -0.78
N ALA A 32 -4.73 -1.08 -1.00
CA ALA A 32 -5.69 0.01 -0.93
C ALA A 32 -5.02 1.34 -1.26
N HIS A 33 -5.85 2.38 -1.40
CA HIS A 33 -5.34 3.72 -1.72
C HIS A 33 -5.80 4.73 -0.68
N TYR A 34 -5.34 5.97 -0.82
CA TYR A 34 -5.70 7.03 0.11
C TYR A 34 -5.77 8.38 -0.60
N ASP A 35 -6.99 8.84 -0.89
CA ASP A 35 -7.19 10.12 -1.56
C ASP A 35 -6.52 10.11 -2.93
N TYR A 36 -6.24 8.92 -3.45
CA TYR A 36 -5.60 8.78 -4.75
C TYR A 36 -4.22 9.43 -4.75
N GLU A 37 -3.66 9.63 -3.56
CA GLU A 37 -2.34 10.25 -3.43
C GLU A 37 -1.37 9.29 -2.75
N TRP A 38 -1.86 8.14 -2.33
CA TRP A 38 -1.03 7.13 -1.67
C TRP A 38 -1.57 5.73 -1.91
N PHE A 39 -0.67 4.80 -2.22
CA PHE A 39 -1.05 3.42 -2.47
C PHE A 39 -0.37 2.47 -1.49
N ILE A 40 -1.08 1.41 -1.12
CA ILE A 40 -0.54 0.43 -0.18
C ILE A 40 -0.04 -0.81 -0.91
N ALA A 41 1.26 -0.83 -1.19
CA ALA A 41 1.88 -1.95 -1.89
C ALA A 41 2.78 -2.75 -0.96
N LYS A 42 2.67 -4.06 -1.00
CA LYS A 42 3.48 -4.94 -0.16
C LYS A 42 4.48 -5.73 -1.00
N PRO A 43 5.58 -6.17 -0.36
CA PRO A 43 6.62 -6.95 -1.03
C PRO A 43 6.16 -8.35 -1.41
N ILE A 44 6.10 -8.61 -2.71
CA ILE A 44 5.68 -9.92 -3.20
C ILE A 44 6.74 -10.98 -2.94
N ASN A 45 8.00 -10.58 -3.03
CA ASN A 45 9.12 -11.49 -2.81
C ASN A 45 9.51 -11.52 -1.33
N ARG A 46 9.84 -10.36 -0.79
CA ARG A 46 10.23 -10.26 0.61
C ARG A 46 9.04 -10.55 1.53
N LEU A 47 9.34 -11.10 2.71
CA LEU A 47 8.30 -11.44 3.67
C LEU A 47 8.30 -10.44 4.82
N GLY A 48 9.01 -9.33 4.65
CA GLY A 48 9.08 -8.31 5.68
C GLY A 48 7.71 -7.89 6.15
N GLY A 49 7.10 -6.92 5.46
CA GLY A 49 5.79 -6.44 5.84
C GLY A 49 5.28 -5.35 4.91
N PRO A 50 3.98 -5.06 4.99
CA PRO A 50 3.35 -4.02 4.16
C PRO A 50 3.79 -2.62 4.54
N GLY A 51 3.88 -1.74 3.55
CA GLY A 51 4.29 -0.38 3.80
C GLY A 51 3.41 0.64 3.09
N LEU A 52 3.95 1.83 2.87
CA LEU A 52 3.20 2.89 2.20
C LEU A 52 4.02 3.52 1.08
N VAL A 53 3.45 3.52 -0.13
CA VAL A 53 4.12 4.09 -1.28
C VAL A 53 3.16 4.92 -2.14
N PRO A 54 3.60 6.12 -2.52
CA PRO A 54 2.80 7.03 -3.34
C PRO A 54 2.62 6.53 -4.76
N VAL A 55 1.54 6.98 -5.41
CA VAL A 55 1.25 6.57 -6.78
C VAL A 55 2.28 7.15 -7.76
N SER A 56 2.95 8.22 -7.34
CA SER A 56 3.95 8.86 -8.17
C SER A 56 5.27 8.07 -8.17
N TYR A 57 5.28 6.98 -7.39
CA TYR A 57 6.46 6.14 -7.30
C TYR A 57 6.12 4.69 -7.62
N VAL A 58 5.01 4.49 -8.30
CA VAL A 58 4.56 3.15 -8.67
C VAL A 58 3.76 3.18 -9.97
N ARG A 59 3.70 2.04 -10.65
CA ARG A 59 2.96 1.94 -11.90
C ARG A 59 1.92 0.82 -11.82
N ILE A 60 0.66 1.21 -11.82
CA ILE A 60 -0.44 0.24 -11.75
C ILE A 60 -0.47 -0.64 -13.00
N ILE A 61 -0.36 -1.94 -12.79
CA ILE A 61 -0.38 -2.89 -13.91
C ILE A 61 -1.26 -4.09 -13.58
N ASP A 62 -1.46 -4.96 -14.58
CA ASP A 62 -2.28 -6.15 -14.40
C ASP A 62 -1.43 -7.41 -14.56
N LEU A 63 -1.48 -8.29 -13.56
CA LEU A 63 -0.73 -9.54 -13.60
C LEU A 63 -1.00 -10.31 -14.89
N MET A 64 -2.20 -10.13 -15.44
CA MET A 64 -2.58 -10.80 -16.67
C MET A 64 -2.24 -9.95 -17.88
N ASP A 65 -2.18 -8.64 -17.68
CA ASP A 65 -1.87 -7.71 -18.76
C ASP A 65 -0.99 -6.57 -18.26
N PRO A 66 0.30 -6.89 -18.01
CA PRO A 66 1.27 -5.90 -17.52
C PRO A 66 1.63 -4.86 -18.58
N ALA A 67 1.18 -5.10 -19.80
CA ALA A 67 1.45 -4.18 -20.90
C ALA A 67 0.23 -3.32 -21.22
N LYS A 68 -0.94 -3.76 -20.74
CA LYS A 68 -2.17 -3.03 -20.97
C LYS A 68 -2.23 -1.76 -20.12
N TYR A 69 -2.00 -1.93 -18.82
CA TYR A 69 -2.03 -0.80 -17.89
C TYR A 69 -0.62 -0.25 -17.67
N ALA A 70 0.27 -0.51 -18.61
CA ALA A 70 1.65 -0.04 -18.52
C ALA A 70 1.79 1.37 -19.08
N SER A 71 0.83 1.77 -19.90
CA SER A 71 0.84 3.10 -20.51
C SER A 71 0.15 4.12 -19.62
N VAL A 72 -0.68 3.62 -18.70
CA VAL A 72 -1.41 4.49 -17.78
C VAL A 72 -0.46 5.46 -17.08
N ASP A 73 -0.96 6.65 -16.76
CA ASP A 73 -0.17 7.66 -16.09
C ASP A 73 -0.58 7.78 -14.62
N THR A 74 0.06 7.00 -13.76
CA THR A 74 -0.23 7.02 -12.33
C THR A 74 -0.19 8.44 -11.78
N TYR A 75 0.64 9.27 -12.38
CA TYR A 75 0.79 10.65 -11.95
C TYR A 75 -0.53 11.41 -12.10
N ASP A 76 -1.16 11.27 -13.26
CA ASP A 76 -2.42 11.94 -13.52
C ASP A 76 -3.52 11.41 -12.60
N ARG A 77 -3.99 12.27 -11.69
CA ARG A 77 -5.03 11.89 -10.76
C ARG A 77 -6.26 11.36 -11.48
N GLU A 78 -6.42 11.77 -12.74
CA GLU A 78 -7.56 11.33 -13.54
C GLU A 78 -7.47 9.84 -13.83
N GLN A 79 -6.34 9.42 -14.39
CA GLN A 79 -6.14 8.02 -14.73
C GLN A 79 -6.23 7.14 -13.49
N VAL A 80 -5.38 7.42 -12.50
CA VAL A 80 -5.37 6.67 -11.25
C VAL A 80 -6.78 6.58 -10.65
N MET A 81 -7.57 7.62 -10.86
CA MET A 81 -8.93 7.66 -10.35
C MET A 81 -9.81 6.63 -11.05
N LYS A 82 -9.83 6.68 -12.37
CA LYS A 82 -10.63 5.75 -13.17
C LYS A 82 -10.27 4.31 -12.83
N ILE A 83 -8.99 4.05 -12.60
CA ILE A 83 -8.53 2.71 -12.27
C ILE A 83 -9.06 2.27 -10.90
N ILE A 84 -8.79 3.07 -9.88
CA ILE A 84 -9.25 2.76 -8.53
C ILE A 84 -10.77 2.68 -8.47
N ASP A 85 -11.43 3.53 -9.23
CA ASP A 85 -12.89 3.54 -9.27
C ASP A 85 -13.43 2.32 -9.99
N GLU A 86 -12.93 2.08 -11.20
CA GLU A 86 -13.36 0.93 -11.99
C GLU A 86 -13.07 -0.38 -11.26
N PHE A 87 -11.83 -0.54 -10.81
CA PHE A 87 -11.43 -1.75 -10.09
C PHE A 87 -12.08 -1.80 -8.71
N LYS A 88 -12.68 -0.69 -8.30
CA LYS A 88 -13.34 -0.62 -7.00
C LYS A 88 -12.36 -0.93 -5.88
N ILE A 89 -11.21 -0.27 -5.91
CA ILE A 89 -10.19 -0.47 -4.89
C ILE A 89 -10.54 0.28 -3.61
N PRO A 90 -10.56 -0.45 -2.48
CA PRO A 90 -10.87 0.14 -1.17
C PRO A 90 -9.77 1.06 -0.67
N THR A 91 -10.13 1.94 0.24
CA THR A 91 -9.17 2.89 0.81
C THR A 91 -8.46 2.29 2.01
N VAL A 92 -7.44 3.00 2.51
CA VAL A 92 -6.67 2.53 3.66
C VAL A 92 -7.60 2.18 4.83
N GLU A 93 -8.48 3.11 5.18
CA GLU A 93 -9.41 2.90 6.28
C GLU A 93 -10.17 1.59 6.10
N GLN A 94 -10.76 1.40 4.93
CA GLN A 94 -11.51 0.18 4.64
C GLN A 94 -10.63 -1.05 4.79
N TRP A 95 -9.39 -0.95 4.33
CA TRP A 95 -8.44 -2.06 4.41
C TRP A 95 -8.13 -2.39 5.87
N LYS A 96 -7.96 -1.35 6.68
CA LYS A 96 -7.66 -1.53 8.10
C LYS A 96 -8.80 -2.24 8.82
N ASP A 97 -10.02 -1.72 8.66
CA ASP A 97 -11.19 -2.30 9.30
C ASP A 97 -11.39 -3.75 8.84
N GLN A 98 -11.24 -3.98 7.54
CA GLN A 98 -11.41 -5.32 6.98
C GLN A 98 -10.42 -6.29 7.61
N THR A 99 -9.15 -5.90 7.66
CA THR A 99 -8.12 -6.74 8.24
C THR A 99 -8.33 -6.94 9.73
N ARG A 100 -8.76 -5.87 10.41
CA ARG A 100 -8.99 -5.92 11.84
C ARG A 100 -10.07 -6.95 12.18
N ARG A 101 -11.26 -6.78 11.59
CA ARG A 101 -12.37 -7.68 11.81
C ARG A 101 -12.04 -9.09 11.34
N TYR A 102 -11.35 -9.18 10.21
CA TYR A 102 -10.96 -10.47 9.64
C TYR A 102 -10.09 -11.26 10.63
N LYS A 103 -9.14 -10.57 11.25
CA LYS A 103 -8.24 -11.20 12.20
C LYS A 103 -8.92 -11.35 13.57
N GLU A 104 -9.89 -10.49 13.83
CA GLU A 104 -10.62 -10.53 15.10
C GLU A 104 -11.68 -11.62 15.08
N SER A 105 -12.45 -11.70 16.17
CA SER A 105 -13.50 -12.71 16.28
C SER A 105 -12.91 -14.11 16.24
N SER A 106 -11.76 -14.29 16.87
CA SER A 106 -11.10 -15.59 16.89
C SER A 106 -11.68 -16.48 18.00
N ILE A 107 -11.01 -17.59 18.26
CA ILE A 107 -11.46 -18.52 19.30
C ILE A 107 -11.07 -18.04 20.68
N GLN A 108 -11.79 -18.53 21.70
CA GLN A 108 -11.50 -18.15 23.08
C GLN A 108 -10.02 -18.25 23.39
N ILE A 109 -9.60 -17.65 24.50
CA ILE A 109 -8.21 -17.69 24.91
C ILE A 109 -8.04 -18.36 26.26
N GLY A 110 -6.89 -18.98 26.48
CA GLY A 110 -6.63 -19.65 27.74
C GLY A 110 -5.77 -18.83 28.67
N ASN A 111 -4.83 -19.49 29.34
CA ASN A 111 -3.93 -18.81 30.27
C ASN A 111 -2.86 -18.05 29.53
N GLY A 112 -2.70 -16.77 29.86
CA GLY A 112 -1.68 -15.95 29.21
C GLY A 112 -0.82 -15.21 30.21
N HIS A 113 -1.39 -14.20 30.86
CA HIS A 113 -0.65 -13.41 31.84
C HIS A 113 -0.13 -14.29 32.97
N GLY A 114 1.15 -14.65 32.89
CA GLY A 114 1.74 -15.48 33.91
C GLY A 114 2.24 -14.69 35.10
N GLN A 115 3.36 -14.00 34.91
CA GLN A 115 3.94 -13.20 35.98
C GLN A 115 4.96 -12.20 35.42
N SER A 116 4.70 -10.91 35.66
CA SER A 116 5.58 -9.86 35.18
C SER A 116 6.72 -9.60 36.17
N GLN A 117 7.68 -8.78 35.76
CA GLN A 117 8.82 -8.45 36.61
C GLN A 117 8.70 -7.03 37.14
N GLY A 118 8.00 -6.17 36.40
CA GLY A 118 7.83 -4.80 36.82
C GLY A 118 9.14 -4.02 36.78
N LEU A 119 9.74 -3.94 35.60
CA LEU A 119 11.00 -3.21 35.44
C LEU A 119 10.84 -2.06 34.45
N GLU A 120 10.21 -2.33 33.31
CA GLU A 120 9.99 -1.32 32.30
C GLU A 120 8.60 -0.71 32.41
N GLY B 1 -6.93 4.85 10.64
CA GLY B 1 -5.90 3.88 10.28
C GLY B 1 -4.59 4.14 10.98
N LYS B 2 -3.70 3.16 10.96
CA LYS B 2 -2.40 3.28 11.59
C LYS B 2 -1.42 4.03 10.70
N PHE B 3 -1.60 3.90 9.39
CA PHE B 3 -0.74 4.58 8.43
C PHE B 3 -1.07 6.06 8.34
N ILE B 4 -2.18 6.38 7.69
CA ILE B 4 -2.60 7.77 7.55
C ILE B 4 -1.47 8.64 6.99
N PRO B 5 -1.23 8.53 5.68
CA PRO B 5 -0.18 9.29 4.99
C PRO B 5 -0.52 10.78 4.91
N SER B 6 -0.05 11.54 5.90
CA SER B 6 -0.29 12.97 5.94
C SER B 6 0.81 13.74 5.21
N ARG B 7 1.73 12.99 4.61
CA ARG B 7 2.84 13.60 3.88
C ARG B 7 2.32 14.62 2.86
N PRO B 8 3.23 15.49 2.40
CA PRO B 8 2.89 16.54 1.42
C PRO B 8 2.59 15.96 0.04
N ALA B 9 2.98 14.71 -0.17
CA ALA B 9 2.75 14.05 -1.46
C ALA B 9 3.51 14.74 -2.58
N PRO B 10 4.81 14.43 -2.69
CA PRO B 10 5.68 15.01 -3.71
C PRO B 10 5.35 14.50 -5.11
N LYS B 11 5.66 15.31 -6.12
CA LYS B 11 5.39 14.93 -7.50
C LYS B 11 6.61 14.26 -8.14
N PRO B 12 6.37 13.50 -9.22
CA PRO B 12 7.43 12.80 -9.93
C PRO B 12 8.37 13.74 -10.68
N PRO B 13 9.52 13.21 -11.12
CA PRO B 13 10.52 14.00 -11.85
C PRO B 13 10.05 14.39 -13.24
N SER B 14 9.15 13.58 -13.81
CA SER B 14 8.62 13.85 -15.15
C SER B 14 7.19 14.39 -15.06
N SER B 15 7.08 15.71 -15.14
CA SER B 15 5.77 16.36 -15.07
C SER B 15 5.30 16.78 -16.46
N ALA B 16 3.98 16.74 -16.66
CA ALA B 16 3.40 17.11 -17.95
C ALA B 16 3.03 18.59 -17.97
N MET A 1 -4.22 -10.90 1.56
CA MET A 1 -3.34 -10.12 0.70
C MET A 1 -1.94 -10.71 0.69
N ALA A 2 -1.15 -10.34 -0.32
CA ALA A 2 0.21 -10.83 -0.45
C ALA A 2 1.23 -9.71 -0.17
N PRO A 3 2.47 -10.11 0.15
CA PRO A 3 3.55 -9.17 0.44
C PRO A 3 4.00 -8.40 -0.80
N LEU A 4 3.45 -7.21 -0.98
CA LEU A 4 3.79 -6.37 -2.13
C LEU A 4 4.70 -5.21 -1.71
N PHE A 5 5.70 -4.93 -2.52
CA PHE A 5 6.64 -3.85 -2.23
C PHE A 5 6.60 -2.78 -3.33
N ALA A 6 6.92 -1.55 -2.96
CA ALA A 6 6.92 -0.44 -3.91
C ALA A 6 8.30 0.19 -4.01
N VAL A 7 8.52 0.96 -5.08
CA VAL A 7 9.79 1.63 -5.29
C VAL A 7 9.59 3.09 -5.68
N THR A 8 10.12 3.99 -4.87
CA THR A 8 10.00 5.42 -5.12
C THR A 8 10.78 5.82 -6.36
N LEU A 9 10.20 6.70 -7.17
CA LEU A 9 10.85 7.17 -8.40
C LEU A 9 11.35 8.59 -8.23
N TYR A 10 10.82 9.30 -7.23
CA TYR A 10 11.22 10.67 -6.96
C TYR A 10 11.35 10.92 -5.47
N GLU A 11 12.03 12.02 -5.12
CA GLU A 11 12.23 12.37 -3.72
C GLU A 11 10.98 13.05 -3.14
N PHE A 12 10.33 12.37 -2.20
CA PHE A 12 9.13 12.90 -1.56
C PHE A 12 9.46 13.55 -0.23
N LYS A 13 9.32 14.87 -0.17
CA LYS A 13 9.61 15.62 1.04
C LYS A 13 8.42 15.57 2.01
N ALA A 14 8.64 15.05 3.20
CA ALA A 14 7.59 14.95 4.21
C ALA A 14 7.30 16.32 4.83
N GLU A 15 6.09 16.47 5.37
CA GLU A 15 5.69 17.72 5.99
C GLU A 15 5.23 17.49 7.43
N ARG A 16 4.56 16.37 7.66
CA ARG A 16 4.07 16.04 9.00
C ARG A 16 4.48 14.62 9.39
N ASP A 17 4.11 14.22 10.59
CA ASP A 17 4.44 12.88 11.09
C ASP A 17 3.94 11.81 10.13
N ASP A 18 2.71 11.97 9.67
CA ASP A 18 2.11 11.00 8.75
C ASP A 18 2.99 10.80 7.53
N GLU A 19 3.37 11.90 6.89
CA GLU A 19 4.22 11.84 5.69
C GLU A 19 5.55 11.18 6.02
N LEU A 20 6.12 10.49 5.03
CA LEU A 20 7.40 9.81 5.21
C LEU A 20 8.37 10.18 4.08
N ASP A 21 9.50 10.75 4.45
CA ASP A 21 10.52 11.15 3.48
C ASP A 21 11.12 9.92 2.80
N VAL A 22 11.30 10.02 1.48
CA VAL A 22 11.87 8.91 0.72
C VAL A 22 12.57 9.43 -0.54
N SER A 23 13.65 8.75 -0.92
CA SER A 23 14.41 9.14 -2.11
C SER A 23 14.11 8.22 -3.28
N PRO A 24 14.42 8.69 -4.50
CA PRO A 24 14.18 7.93 -5.72
C PRO A 24 15.12 6.72 -5.85
N GLY A 25 14.54 5.53 -5.88
CA GLY A 25 15.34 4.32 -6.00
C GLY A 25 15.35 3.52 -4.72
N GLU A 26 14.57 3.95 -3.74
CA GLU A 26 14.50 3.26 -2.45
C GLU A 26 13.37 2.23 -2.44
N ASN A 27 13.48 1.24 -1.57
CA ASN A 27 12.47 0.20 -1.47
C ASN A 27 11.60 0.40 -0.23
N LEU A 28 10.29 0.29 -0.41
CA LEU A 28 9.35 0.46 0.70
C LEU A 28 8.31 -0.66 0.70
N SER A 29 7.82 -1.00 1.90
CA SER A 29 6.82 -2.06 2.03
C SER A 29 5.43 -1.45 2.21
N ILE A 30 4.57 -1.65 1.22
CA ILE A 30 3.21 -1.13 1.27
C ILE A 30 2.33 -1.98 2.18
N CYS A 31 1.33 -1.36 2.78
CA CYS A 31 0.41 -2.06 3.67
C CYS A 31 -1.04 -1.85 3.24
N ALA A 32 -1.34 -0.65 2.76
CA ALA A 32 -2.69 -0.33 2.30
C ALA A 32 -2.68 0.87 1.36
N HIS A 33 -3.86 1.24 0.87
CA HIS A 33 -3.97 2.37 -0.05
C HIS A 33 -5.11 3.30 0.38
N TYR A 34 -5.29 4.38 -0.37
CA TYR A 34 -6.34 5.35 -0.06
C TYR A 34 -7.05 5.80 -1.34
N ASP A 35 -8.21 5.21 -1.61
CA ASP A 35 -8.98 5.56 -2.80
C ASP A 35 -8.13 5.46 -4.06
N TYR A 36 -7.11 4.61 -4.01
CA TYR A 36 -6.21 4.40 -5.14
C TYR A 36 -5.48 5.70 -5.47
N GLU A 37 -5.30 6.56 -4.46
CA GLU A 37 -4.61 7.82 -4.65
C GLU A 37 -3.31 7.86 -3.86
N TRP A 38 -3.36 7.32 -2.64
CA TRP A 38 -2.19 7.30 -1.78
C TRP A 38 -1.85 5.86 -1.37
N PHE A 39 -0.59 5.64 -1.02
CA PHE A 39 -0.13 4.31 -0.62
C PHE A 39 0.61 4.37 0.72
N ILE A 40 0.24 3.50 1.64
CA ILE A 40 0.86 3.45 2.95
C ILE A 40 2.04 2.48 2.96
N ALA A 41 3.23 3.01 2.73
CA ALA A 41 4.44 2.19 2.73
C ALA A 41 5.40 2.60 3.84
N LYS A 42 6.26 1.67 4.24
CA LYS A 42 7.23 1.94 5.30
C LYS A 42 8.65 1.70 4.80
N PRO A 43 9.63 2.35 5.47
CA PRO A 43 11.04 2.22 5.13
C PRO A 43 11.60 0.84 5.45
N ILE A 44 12.23 0.21 4.46
CA ILE A 44 12.81 -1.11 4.64
C ILE A 44 14.21 -1.03 5.23
N ASN A 45 15.01 -0.10 4.72
CA ASN A 45 16.37 0.08 5.21
C ASN A 45 16.41 1.12 6.33
N ARG A 46 15.76 2.26 6.11
CA ARG A 46 15.72 3.32 7.09
C ARG A 46 14.95 2.89 8.33
N LEU A 47 14.69 3.84 9.22
CA LEU A 47 13.96 3.55 10.46
C LEU A 47 12.80 4.53 10.65
N GLY A 48 11.59 3.99 10.77
CA GLY A 48 10.43 4.82 10.95
C GLY A 48 9.15 4.02 11.07
N GLY A 49 8.61 3.59 9.93
CA GLY A 49 7.39 2.81 9.93
C GLY A 49 6.46 3.20 8.81
N PRO A 50 5.19 2.76 8.91
CA PRO A 50 4.17 3.04 7.89
C PRO A 50 3.76 4.52 7.88
N GLY A 51 3.68 5.10 6.69
CA GLY A 51 3.30 6.50 6.57
C GLY A 51 2.31 6.74 5.44
N LEU A 52 2.69 7.57 4.49
CA LEU A 52 1.83 7.88 3.36
C LEU A 52 2.64 8.43 2.18
N VAL A 53 2.49 7.80 1.02
CA VAL A 53 3.21 8.22 -0.18
C VAL A 53 2.29 8.24 -1.40
N PRO A 54 2.43 9.27 -2.23
CA PRO A 54 1.62 9.42 -3.45
C PRO A 54 1.98 8.39 -4.51
N VAL A 55 0.95 7.72 -5.04
CA VAL A 55 1.16 6.71 -6.07
C VAL A 55 1.88 7.29 -7.28
N SER A 56 1.81 8.61 -7.43
CA SER A 56 2.47 9.28 -8.55
C SER A 56 3.98 9.35 -8.33
N TYR A 57 4.42 8.91 -7.16
CA TYR A 57 5.85 8.91 -6.84
C TYR A 57 6.34 7.50 -6.56
N VAL A 58 5.44 6.63 -6.14
CA VAL A 58 5.78 5.25 -5.83
C VAL A 58 5.26 4.30 -6.91
N ARG A 59 6.09 3.33 -7.27
CA ARG A 59 5.72 2.36 -8.30
C ARG A 59 5.52 0.97 -7.69
N ILE A 60 4.34 0.41 -7.91
CA ILE A 60 4.02 -0.92 -7.37
C ILE A 60 4.80 -2.00 -8.11
N ILE A 61 5.46 -2.86 -7.33
CA ILE A 61 6.24 -3.95 -7.91
C ILE A 61 6.19 -5.19 -7.03
N ASP A 62 6.77 -6.28 -7.51
CA ASP A 62 6.79 -7.53 -6.76
C ASP A 62 8.23 -7.95 -6.44
N LEU A 63 8.49 -8.26 -5.18
CA LEU A 63 9.81 -8.68 -4.75
C LEU A 63 10.28 -9.90 -5.52
N MET A 64 9.33 -10.66 -6.06
CA MET A 64 9.65 -11.85 -6.83
C MET A 64 9.84 -11.51 -8.32
N ASP A 65 9.18 -10.46 -8.76
CA ASP A 65 9.27 -10.03 -10.15
C ASP A 65 9.03 -8.53 -10.28
N PRO A 66 10.03 -7.72 -9.89
CA PRO A 66 9.94 -6.26 -9.96
C PRO A 66 9.94 -5.74 -11.38
N ALA A 67 10.19 -6.63 -12.34
CA ALA A 67 10.22 -6.25 -13.74
C ALA A 67 8.87 -6.51 -14.40
N LYS A 68 8.02 -7.28 -13.74
CA LYS A 68 6.70 -7.59 -14.26
C LYS A 68 5.76 -6.40 -14.09
N TYR A 69 5.67 -5.88 -12.87
CA TYR A 69 4.81 -4.75 -12.58
C TYR A 69 5.59 -3.44 -12.63
N ALA A 70 6.70 -3.45 -13.36
CA ALA A 70 7.54 -2.26 -13.50
C ALA A 70 7.07 -1.39 -14.66
N SER A 71 6.27 -1.98 -15.55
CA SER A 71 5.76 -1.25 -16.71
C SER A 71 4.43 -0.58 -16.38
N VAL A 72 3.73 -1.13 -15.38
CA VAL A 72 2.43 -0.59 -14.97
C VAL A 72 2.53 0.91 -14.67
N ASP A 73 1.52 1.65 -15.09
CA ASP A 73 1.50 3.09 -14.87
C ASP A 73 0.72 3.43 -13.60
N THR A 74 1.43 3.51 -12.48
CA THR A 74 0.81 3.82 -11.20
C THR A 74 -0.06 5.08 -11.30
N TYR A 75 0.33 5.99 -12.19
CA TYR A 75 -0.40 7.24 -12.38
C TYR A 75 -1.85 6.95 -12.78
N ASP A 76 -2.02 6.07 -13.77
CA ASP A 76 -3.34 5.72 -14.25
C ASP A 76 -4.16 5.02 -13.16
N ARG A 77 -5.19 5.71 -12.67
CA ARG A 77 -6.03 5.16 -11.62
C ARG A 77 -6.62 3.82 -12.03
N GLU A 78 -6.71 3.60 -13.34
CA GLU A 78 -7.25 2.35 -13.86
C GLU A 78 -6.31 1.18 -13.54
N GLN A 79 -5.06 1.30 -13.94
CA GLN A 79 -4.07 0.25 -13.69
C GLN A 79 -3.94 -0.02 -12.19
N VAL A 80 -3.58 1.01 -11.43
CA VAL A 80 -3.42 0.88 -9.99
C VAL A 80 -4.64 0.23 -9.36
N MET A 81 -5.80 0.47 -9.95
CA MET A 81 -7.06 -0.09 -9.44
C MET A 81 -7.09 -1.61 -9.64
N LYS A 82 -6.82 -2.05 -10.86
CA LYS A 82 -6.81 -3.46 -11.18
C LYS A 82 -5.84 -4.22 -10.28
N ILE A 83 -4.66 -3.66 -10.08
CA ILE A 83 -3.64 -4.27 -9.25
C ILE A 83 -4.11 -4.37 -7.80
N ILE A 84 -4.48 -3.24 -7.22
CA ILE A 84 -4.96 -3.20 -5.84
C ILE A 84 -6.14 -4.14 -5.64
N ASP A 85 -7.00 -4.23 -6.65
CA ASP A 85 -8.17 -5.09 -6.58
C ASP A 85 -7.77 -6.56 -6.67
N GLU A 86 -6.98 -6.90 -7.69
CA GLU A 86 -6.52 -8.26 -7.88
C GLU A 86 -5.74 -8.76 -6.66
N PHE A 87 -4.76 -7.96 -6.24
CA PHE A 87 -3.93 -8.32 -5.09
C PHE A 87 -4.76 -8.29 -3.79
N LYS A 88 -5.93 -7.67 -3.87
CA LYS A 88 -6.81 -7.56 -2.72
C LYS A 88 -6.13 -6.79 -1.58
N ILE A 89 -5.64 -5.60 -1.90
CA ILE A 89 -4.97 -4.76 -0.91
C ILE A 89 -5.98 -3.99 -0.06
N PRO A 90 -5.80 -4.04 1.27
CA PRO A 90 -6.68 -3.36 2.21
C PRO A 90 -6.55 -1.84 2.15
N THR A 91 -7.61 -1.13 2.51
CA THR A 91 -7.61 0.32 2.48
C THR A 91 -7.12 0.89 3.81
N VAL A 92 -6.80 2.19 3.82
CA VAL A 92 -6.33 2.85 5.03
C VAL A 92 -7.27 2.59 6.20
N GLU A 93 -8.53 2.96 6.04
CA GLU A 93 -9.53 2.78 7.09
C GLU A 93 -9.52 1.34 7.59
N GLN A 94 -9.60 0.39 6.66
CA GLN A 94 -9.60 -1.02 7.02
C GLN A 94 -8.35 -1.39 7.82
N TRP A 95 -7.20 -0.84 7.41
CA TRP A 95 -5.95 -1.11 8.08
C TRP A 95 -5.95 -0.53 9.50
N LYS A 96 -6.58 0.62 9.65
CA LYS A 96 -6.67 1.27 10.95
C LYS A 96 -7.50 0.45 11.93
N ASP A 97 -8.69 0.05 11.48
CA ASP A 97 -9.59 -0.75 12.32
C ASP A 97 -8.94 -2.08 12.67
N GLN A 98 -8.33 -2.73 11.69
CA GLN A 98 -7.69 -4.01 11.90
C GLN A 98 -6.57 -3.89 12.94
N THR A 99 -5.72 -2.88 12.77
CA THR A 99 -4.61 -2.66 13.69
C THR A 99 -5.11 -2.29 15.08
N ARG A 100 -6.06 -1.35 15.13
CA ARG A 100 -6.62 -0.91 16.40
C ARG A 100 -7.13 -2.09 17.21
N ARG A 101 -7.95 -2.93 16.58
CA ARG A 101 -8.51 -4.09 17.24
C ARG A 101 -7.43 -5.14 17.52
N TYR A 102 -6.44 -5.20 16.63
CA TYR A 102 -5.35 -6.16 16.76
C TYR A 102 -4.52 -5.85 18.01
N LYS A 103 -4.33 -4.57 18.28
CA LYS A 103 -3.55 -4.14 19.43
C LYS A 103 -4.42 -4.08 20.69
N GLU A 104 -5.73 -3.90 20.49
CA GLU A 104 -6.66 -3.84 21.61
C GLU A 104 -7.00 -5.23 22.12
N SER A 105 -7.88 -5.29 23.11
CA SER A 105 -8.28 -6.57 23.70
C SER A 105 -9.70 -6.94 23.28
N SER A 106 -9.83 -7.92 22.41
CA SER A 106 -11.13 -8.37 21.93
C SER A 106 -11.05 -9.78 21.35
N ILE A 107 -12.17 -10.27 20.86
CA ILE A 107 -12.23 -11.61 20.28
C ILE A 107 -12.28 -11.54 18.76
N GLN A 108 -11.94 -12.66 18.11
CA GLN A 108 -11.96 -12.73 16.65
C GLN A 108 -13.38 -12.72 16.11
N ILE A 109 -13.52 -13.01 14.83
CA ILE A 109 -14.83 -13.03 14.19
C ILE A 109 -14.94 -14.18 13.20
N GLY A 110 -15.48 -15.31 13.67
CA GLY A 110 -15.63 -16.47 12.81
C GLY A 110 -17.04 -17.04 12.86
N ASN A 111 -17.71 -17.04 11.71
CA ASN A 111 -19.08 -17.56 11.63
C ASN A 111 -19.14 -18.72 10.64
N GLY A 112 -19.75 -19.83 11.09
CA GLY A 112 -19.87 -20.99 10.23
C GLY A 112 -21.20 -21.69 10.41
N HIS A 113 -22.00 -21.73 9.35
CA HIS A 113 -23.31 -22.38 9.39
C HIS A 113 -23.54 -23.21 8.13
N GLY A 114 -22.64 -24.14 7.87
CA GLY A 114 -22.76 -24.98 6.69
C GLY A 114 -22.41 -26.43 6.98
N GLN A 115 -22.04 -27.17 5.93
CA GLN A 115 -21.68 -28.57 6.08
C GLN A 115 -20.62 -28.97 5.04
N SER A 116 -19.41 -29.21 5.51
CA SER A 116 -18.31 -29.61 4.63
C SER A 116 -18.60 -30.95 3.96
N GLN A 117 -18.31 -31.04 2.68
CA GLN A 117 -18.53 -32.28 1.93
C GLN A 117 -17.45 -33.31 2.23
N GLY A 118 -17.71 -34.56 1.87
CA GLY A 118 -16.75 -35.62 2.12
C GLY A 118 -16.66 -36.59 0.97
N LEU A 119 -16.33 -36.07 -0.22
CA LEU A 119 -16.20 -36.91 -1.41
C LEU A 119 -14.77 -36.92 -1.92
N GLU A 120 -14.48 -37.81 -2.86
CA GLU A 120 -13.14 -37.91 -3.44
C GLU A 120 -13.12 -37.34 -4.86
N GLY B 1 -8.67 6.41 10.09
CA GLY B 1 -9.09 7.55 10.89
C GLY B 1 -7.91 8.32 11.45
N LYS B 2 -6.76 7.67 11.53
CA LYS B 2 -5.55 8.30 12.05
C LYS B 2 -4.91 9.22 11.00
N PHE B 3 -4.42 8.61 9.93
CA PHE B 3 -3.79 9.37 8.85
C PHE B 3 -4.81 10.22 8.11
N ILE B 4 -5.67 9.56 7.34
CA ILE B 4 -6.70 10.25 6.57
C ILE B 4 -6.10 11.39 5.75
N PRO B 5 -5.41 11.03 4.66
CA PRO B 5 -4.77 12.00 3.77
C PRO B 5 -5.79 12.81 2.97
N SER B 6 -5.67 14.13 3.02
CA SER B 6 -6.59 15.00 2.30
C SER B 6 -5.82 15.92 1.35
N ARG B 7 -4.55 15.62 1.14
CA ARG B 7 -3.71 16.42 0.26
C ARG B 7 -4.38 16.60 -1.11
N PRO B 8 -3.89 17.60 -1.87
CA PRO B 8 -4.43 17.89 -3.20
C PRO B 8 -4.10 16.82 -4.22
N ALA B 9 -3.20 15.91 -3.85
CA ALA B 9 -2.79 14.83 -4.72
C ALA B 9 -2.22 15.36 -6.04
N PRO B 10 -0.96 15.77 -6.01
CA PRO B 10 -0.26 16.31 -7.19
C PRO B 10 0.00 15.24 -8.24
N LYS B 11 -0.10 15.64 -9.50
CA LYS B 11 0.13 14.72 -10.62
C LYS B 11 1.62 14.54 -10.87
N PRO B 12 1.97 13.45 -11.58
CA PRO B 12 3.36 13.14 -11.91
C PRO B 12 3.94 14.10 -12.93
N PRO B 13 5.28 14.08 -13.08
CA PRO B 13 5.98 14.95 -14.01
C PRO B 13 5.73 14.56 -15.47
N SER B 14 4.79 15.24 -16.10
CA SER B 14 4.44 14.97 -17.49
C SER B 14 4.78 16.16 -18.38
N SER B 15 4.28 17.34 -18.00
CA SER B 15 4.52 18.56 -18.76
C SER B 15 4.87 19.71 -17.84
N ALA B 16 6.09 20.23 -17.97
CA ALA B 16 6.54 21.34 -17.15
C ALA B 16 5.97 22.66 -17.65
N MET A 1 -5.48 -12.61 -4.05
CA MET A 1 -4.80 -11.32 -4.08
C MET A 1 -3.52 -11.39 -4.90
N ALA A 2 -3.62 -11.05 -6.19
CA ALA A 2 -2.48 -11.08 -7.08
C ALA A 2 -1.29 -10.31 -6.49
N PRO A 3 -0.09 -10.59 -7.00
CA PRO A 3 1.14 -9.93 -6.53
C PRO A 3 1.20 -8.46 -6.93
N LEU A 4 1.38 -7.59 -5.95
CA LEU A 4 1.45 -6.15 -6.19
C LEU A 4 2.87 -5.64 -5.98
N PHE A 5 3.46 -5.09 -7.04
CA PHE A 5 4.82 -4.56 -6.97
C PHE A 5 4.92 -3.22 -7.71
N ALA A 6 5.66 -2.29 -7.13
CA ALA A 6 5.84 -0.97 -7.72
C ALA A 6 7.32 -0.59 -7.79
N VAL A 7 7.65 0.33 -8.67
CA VAL A 7 9.03 0.79 -8.84
C VAL A 7 9.13 2.29 -8.67
N THR A 8 10.04 2.73 -7.82
CA THR A 8 10.24 4.15 -7.57
C THR A 8 10.92 4.82 -8.75
N LEU A 9 10.32 5.90 -9.24
CA LEU A 9 10.88 6.64 -10.38
C LEU A 9 11.60 7.90 -9.90
N TYR A 10 11.30 8.33 -8.68
CA TYR A 10 11.91 9.52 -8.12
C TYR A 10 12.38 9.26 -6.69
N GLU A 11 13.28 10.11 -6.20
CA GLU A 11 13.80 9.99 -4.84
C GLU A 11 12.84 10.59 -3.83
N PHE A 12 12.14 9.74 -3.09
CA PHE A 12 11.19 10.19 -2.08
C PHE A 12 11.89 10.41 -0.75
N LYS A 13 11.72 11.61 -0.20
CA LYS A 13 12.34 11.96 1.08
C LYS A 13 11.29 11.99 2.19
N ALA A 14 11.30 10.96 3.02
CA ALA A 14 10.34 10.87 4.13
C ALA A 14 10.39 12.12 5.00
N GLU A 15 9.33 12.33 5.77
CA GLU A 15 9.25 13.50 6.64
C GLU A 15 9.15 13.08 8.10
N ARG A 16 8.50 11.94 8.34
CA ARG A 16 8.33 11.43 9.69
C ARG A 16 8.89 10.01 9.81
N ASP A 17 8.71 9.40 10.98
CA ASP A 17 9.19 8.06 11.23
C ASP A 17 8.44 7.04 10.37
N ASP A 18 7.13 7.26 10.23
CA ASP A 18 6.29 6.36 9.44
C ASP A 18 6.78 6.30 8.00
N GLU A 19 6.92 7.47 7.37
CA GLU A 19 7.37 7.54 5.98
C GLU A 19 8.69 6.80 5.81
N LEU A 20 9.04 6.53 4.55
CA LEU A 20 10.28 5.81 4.24
C LEU A 20 10.97 6.43 3.03
N ASP A 21 12.30 6.47 3.06
CA ASP A 21 13.07 7.03 1.95
C ASP A 21 13.34 5.96 0.89
N VAL A 22 13.32 6.37 -0.37
CA VAL A 22 13.57 5.45 -1.47
C VAL A 22 14.12 6.19 -2.69
N SER A 23 15.03 5.52 -3.41
CA SER A 23 15.65 6.12 -4.59
C SER A 23 15.03 5.56 -5.86
N PRO A 24 15.20 6.28 -6.98
CA PRO A 24 14.67 5.89 -8.28
C PRO A 24 15.38 4.66 -8.85
N GLY A 25 14.62 3.64 -9.21
CA GLY A 25 15.19 2.43 -9.76
C GLY A 25 15.13 1.26 -8.79
N GLU A 26 14.56 1.50 -7.62
CA GLU A 26 14.44 0.45 -6.61
C GLU A 26 13.10 -0.27 -6.74
N ASN A 27 12.95 -1.37 -6.00
CA ASN A 27 11.72 -2.14 -6.03
C ASN A 27 11.04 -2.14 -4.67
N LEU A 28 9.74 -1.83 -4.65
CA LEU A 28 8.98 -1.79 -3.42
C LEU A 28 7.75 -2.69 -3.51
N SER A 29 7.39 -3.31 -2.39
CA SER A 29 6.25 -4.20 -2.35
C SER A 29 5.02 -3.48 -1.80
N ILE A 30 4.02 -3.29 -2.67
CA ILE A 30 2.80 -2.61 -2.28
C ILE A 30 1.88 -3.54 -1.50
N CYS A 31 1.21 -3.00 -0.49
CA CYS A 31 0.29 -3.78 0.33
C CYS A 31 -1.12 -3.22 0.26
N ALA A 32 -1.24 -1.90 0.45
CA ALA A 32 -2.53 -1.25 0.40
C ALA A 32 -2.42 0.17 -0.18
N HIS A 33 -3.55 0.81 -0.41
CA HIS A 33 -3.57 2.16 -0.96
C HIS A 33 -4.43 3.08 -0.10
N TYR A 34 -4.49 4.35 -0.49
CA TYR A 34 -5.27 5.34 0.26
C TYR A 34 -6.02 6.27 -0.70
N ASP A 35 -7.30 5.99 -0.89
CA ASP A 35 -8.13 6.81 -1.78
C ASP A 35 -7.50 6.91 -3.16
N TYR A 36 -6.70 5.91 -3.53
CA TYR A 36 -6.03 5.89 -4.83
C TYR A 36 -5.07 7.06 -4.95
N GLU A 37 -4.58 7.55 -3.82
CA GLU A 37 -3.64 8.67 -3.81
C GLU A 37 -2.28 8.23 -3.28
N TRP A 38 -2.28 7.56 -2.14
CA TRP A 38 -1.05 7.09 -1.54
C TRP A 38 -0.96 5.57 -1.58
N PHE A 39 0.25 5.05 -1.78
CA PHE A 39 0.46 3.61 -1.85
C PHE A 39 1.43 3.15 -0.76
N ILE A 40 1.05 2.07 -0.07
CA ILE A 40 1.88 1.53 1.00
C ILE A 40 2.88 0.52 0.46
N ALA A 41 4.10 0.99 0.19
CA ALA A 41 5.15 0.13 -0.34
C ALA A 41 6.25 -0.09 0.70
N LYS A 42 6.79 -1.30 0.74
CA LYS A 42 7.86 -1.63 1.68
C LYS A 42 9.16 -1.94 0.96
N PRO A 43 10.29 -1.72 1.65
CA PRO A 43 11.61 -1.96 1.08
C PRO A 43 11.90 -3.45 0.90
N ILE A 44 11.86 -3.90 -0.35
CA ILE A 44 12.12 -5.31 -0.66
C ILE A 44 13.58 -5.67 -0.40
N ASN A 45 14.47 -4.74 -0.69
CA ASN A 45 15.91 -4.96 -0.49
C ASN A 45 16.37 -4.34 0.82
N ARG A 46 16.19 -3.04 0.95
CA ARG A 46 16.60 -2.32 2.17
C ARG A 46 15.97 -2.98 3.40
N LEU A 47 16.50 -2.62 4.57
CA LEU A 47 16.00 -3.16 5.84
C LEU A 47 15.68 -2.05 6.82
N GLY A 48 14.41 -1.99 7.25
CA GLY A 48 14.00 -0.98 8.20
C GLY A 48 12.53 -1.07 8.54
N GLY A 49 11.70 -1.32 7.54
CA GLY A 49 10.27 -1.44 7.77
C GLY A 49 9.46 -0.74 6.69
N PRO A 50 8.15 -1.03 6.65
CA PRO A 50 7.24 -0.44 5.67
C PRO A 50 7.00 1.05 5.92
N GLY A 51 6.84 1.81 4.84
CA GLY A 51 6.61 3.23 4.97
C GLY A 51 5.39 3.69 4.20
N LEU A 52 5.51 4.82 3.51
CA LEU A 52 4.41 5.37 2.73
C LEU A 52 4.94 6.15 1.53
N VAL A 53 4.45 5.78 0.33
CA VAL A 53 4.87 6.45 -0.89
C VAL A 53 3.68 6.71 -1.80
N PRO A 54 3.59 7.95 -2.32
CA PRO A 54 2.50 8.36 -3.21
C PRO A 54 2.59 7.69 -4.57
N VAL A 55 1.44 7.51 -5.21
CA VAL A 55 1.39 6.89 -6.53
C VAL A 55 2.13 7.71 -7.57
N SER A 56 2.31 8.99 -7.28
CA SER A 56 2.99 9.89 -8.19
C SER A 56 4.51 9.71 -8.07
N TYR A 57 4.93 8.83 -7.18
CA TYR A 57 6.35 8.57 -6.97
C TYR A 57 6.65 7.08 -7.11
N VAL A 58 5.73 6.35 -7.72
CA VAL A 58 5.89 4.92 -7.93
C VAL A 58 5.10 4.44 -9.15
N ARG A 59 5.58 3.35 -9.76
CA ARG A 59 4.92 2.80 -10.93
C ARG A 59 4.55 1.33 -10.71
N ILE A 60 3.26 1.04 -10.78
CA ILE A 60 2.78 -0.33 -10.59
C ILE A 60 3.25 -1.24 -11.71
N ILE A 61 4.10 -2.20 -11.37
CA ILE A 61 4.63 -3.14 -12.35
C ILE A 61 4.59 -4.58 -11.81
N ASP A 62 4.22 -5.51 -12.67
CA ASP A 62 4.15 -6.92 -12.28
C ASP A 62 5.55 -7.53 -12.19
N LEU A 63 5.88 -8.04 -11.01
CA LEU A 63 7.20 -8.65 -10.79
C LEU A 63 7.50 -9.70 -11.87
N MET A 64 6.45 -10.35 -12.36
CA MET A 64 6.60 -11.37 -13.39
C MET A 64 6.62 -10.74 -14.77
N ASP A 65 5.95 -9.60 -14.92
CA ASP A 65 5.89 -8.90 -16.19
C ASP A 65 5.90 -7.39 -15.97
N PRO A 66 7.08 -6.84 -15.70
CA PRO A 66 7.26 -5.40 -15.46
C PRO A 66 7.07 -4.58 -16.74
N ALA A 67 6.96 -5.28 -17.87
CA ALA A 67 6.78 -4.60 -19.15
C ALA A 67 5.30 -4.51 -19.52
N LYS A 68 4.46 -5.14 -18.70
CA LYS A 68 3.02 -5.12 -18.94
C LYS A 68 2.38 -3.86 -18.38
N TYR A 69 2.66 -3.58 -17.10
CA TYR A 69 2.12 -2.40 -16.45
C TYR A 69 3.15 -1.28 -16.40
N ALA A 70 4.10 -1.32 -17.33
CA ALA A 70 5.15 -0.31 -17.40
C ALA A 70 4.67 0.92 -18.17
N SER A 71 3.58 0.76 -18.91
CA SER A 71 3.02 1.85 -19.69
C SER A 71 1.86 2.52 -18.96
N VAL A 72 1.31 1.82 -17.97
CA VAL A 72 0.20 2.34 -17.19
C VAL A 72 0.52 3.73 -16.65
N ASP A 73 -0.53 4.54 -16.47
CA ASP A 73 -0.36 5.90 -15.97
C ASP A 73 -0.80 5.99 -14.51
N THR A 74 0.13 5.73 -13.59
CA THR A 74 -0.17 5.78 -12.17
C THR A 74 -0.82 7.11 -11.79
N TYR A 75 -0.29 8.20 -12.33
CA TYR A 75 -0.83 9.53 -12.05
C TYR A 75 -2.33 9.58 -12.33
N ASP A 76 -2.73 9.00 -13.46
CA ASP A 76 -4.14 8.98 -13.84
C ASP A 76 -4.97 8.18 -12.85
N ARG A 77 -5.80 8.88 -12.08
CA ARG A 77 -6.64 8.23 -11.08
C ARG A 77 -7.48 7.12 -11.71
N GLU A 78 -7.75 7.25 -13.01
CA GLU A 78 -8.52 6.26 -13.73
C GLU A 78 -7.77 4.93 -13.83
N GLN A 79 -6.57 4.98 -14.37
CA GLN A 79 -5.74 3.78 -14.52
C GLN A 79 -5.47 3.14 -13.16
N VAL A 80 -4.89 3.92 -12.25
CA VAL A 80 -4.58 3.42 -10.92
C VAL A 80 -5.81 2.79 -10.26
N MET A 81 -6.98 3.33 -10.59
CA MET A 81 -8.23 2.81 -10.03
C MET A 81 -8.52 1.41 -10.54
N LYS A 82 -8.56 1.27 -11.87
CA LYS A 82 -8.82 -0.03 -12.49
C LYS A 82 -7.86 -1.08 -11.98
N ILE A 83 -6.61 -0.70 -11.77
CA ILE A 83 -5.59 -1.63 -11.28
C ILE A 83 -5.91 -2.07 -9.85
N ILE A 84 -6.07 -1.09 -8.96
CA ILE A 84 -6.38 -1.39 -7.56
C ILE A 84 -7.69 -2.17 -7.44
N ASP A 85 -8.63 -1.87 -8.33
CA ASP A 85 -9.92 -2.55 -8.32
C ASP A 85 -9.79 -4.00 -8.77
N GLU A 86 -9.16 -4.20 -9.93
CA GLU A 86 -8.97 -5.53 -10.47
C GLU A 86 -8.14 -6.40 -9.51
N PHE A 87 -7.08 -5.81 -8.95
CA PHE A 87 -6.22 -6.53 -8.03
C PHE A 87 -6.89 -6.66 -6.66
N LYS A 88 -7.91 -5.83 -6.42
CA LYS A 88 -8.62 -5.86 -5.15
C LYS A 88 -7.69 -5.53 -3.99
N ILE A 89 -6.98 -4.41 -4.10
CA ILE A 89 -6.06 -3.97 -3.06
C ILE A 89 -6.81 -3.34 -1.89
N PRO A 90 -6.49 -3.77 -0.67
CA PRO A 90 -7.11 -3.25 0.54
C PRO A 90 -6.69 -1.81 0.85
N THR A 91 -7.50 -1.12 1.64
CA THR A 91 -7.21 0.26 1.99
C THR A 91 -6.32 0.33 3.23
N VAL A 92 -5.72 1.49 3.45
CA VAL A 92 -4.84 1.69 4.60
C VAL A 92 -5.53 1.27 5.89
N GLU A 93 -6.67 1.87 6.18
CA GLU A 93 -7.42 1.55 7.39
C GLU A 93 -7.63 0.05 7.52
N GLN A 94 -8.04 -0.58 6.42
CA GLN A 94 -8.28 -2.02 6.41
C GLN A 94 -7.01 -2.79 6.78
N TRP A 95 -5.89 -2.34 6.23
CA TRP A 95 -4.60 -2.99 6.49
C TRP A 95 -4.22 -2.84 7.96
N LYS A 96 -4.44 -1.66 8.52
CA LYS A 96 -4.12 -1.39 9.91
C LYS A 96 -4.93 -2.29 10.84
N ASP A 97 -6.22 -2.41 10.56
CA ASP A 97 -7.10 -3.24 11.36
C ASP A 97 -6.70 -4.71 11.28
N GLN A 98 -6.46 -5.18 10.06
CA GLN A 98 -6.05 -6.56 9.85
C GLN A 98 -4.79 -6.90 10.63
N THR A 99 -3.75 -6.10 10.43
CA THR A 99 -2.48 -6.31 11.11
C THR A 99 -2.64 -6.21 12.62
N ARG A 100 -3.34 -5.17 13.07
CA ARG A 100 -3.58 -4.96 14.49
C ARG A 100 -4.14 -6.21 15.14
N ARG A 101 -5.24 -6.72 14.59
CA ARG A 101 -5.89 -7.92 15.11
C ARG A 101 -4.98 -9.13 14.95
N TYR A 102 -4.19 -9.14 13.88
CA TYR A 102 -3.28 -10.26 13.61
C TYR A 102 -2.20 -10.35 14.68
N LYS A 103 -1.69 -9.20 15.09
CA LYS A 103 -0.65 -9.15 16.12
C LYS A 103 -1.24 -9.43 17.50
N GLU A 104 -2.53 -9.15 17.66
CA GLU A 104 -3.21 -9.37 18.93
C GLU A 104 -3.87 -10.75 18.96
N SER A 105 -4.60 -11.03 20.04
CA SER A 105 -5.27 -12.30 20.20
C SER A 105 -6.44 -12.44 19.21
N SER A 106 -6.38 -13.46 18.37
CA SER A 106 -7.42 -13.69 17.38
C SER A 106 -8.70 -14.20 18.04
N ILE A 107 -9.75 -14.34 17.24
CA ILE A 107 -11.03 -14.83 17.75
C ILE A 107 -10.95 -16.30 18.12
N GLN A 108 -11.58 -16.66 19.25
CA GLN A 108 -11.58 -18.05 19.70
C GLN A 108 -12.33 -18.18 21.03
N ILE A 109 -12.62 -19.42 21.42
CA ILE A 109 -13.34 -19.67 22.65
C ILE A 109 -12.79 -20.91 23.35
N GLY A 110 -13.30 -21.18 24.56
CA GLY A 110 -12.85 -22.33 25.32
C GLY A 110 -13.14 -22.21 26.79
N ASN A 111 -13.99 -23.08 27.32
CA ASN A 111 -14.34 -23.07 28.73
C ASN A 111 -13.16 -23.46 29.59
N GLY A 112 -12.89 -22.67 30.64
CA GLY A 112 -11.78 -22.96 31.52
C GLY A 112 -11.62 -21.91 32.61
N HIS A 113 -10.74 -20.94 32.35
CA HIS A 113 -10.48 -19.88 33.31
C HIS A 113 -11.40 -18.68 33.04
N GLY A 114 -12.44 -18.54 33.86
CA GLY A 114 -13.37 -17.44 33.69
C GLY A 114 -14.47 -17.76 32.71
N GLN A 115 -15.64 -17.16 32.91
CA GLN A 115 -16.77 -17.38 32.02
C GLN A 115 -16.74 -16.44 30.83
N SER A 116 -16.35 -16.96 29.67
CA SER A 116 -16.26 -16.16 28.45
C SER A 116 -17.60 -16.14 27.72
N GLN A 117 -17.62 -15.48 26.56
CA GLN A 117 -18.84 -15.39 25.76
C GLN A 117 -18.71 -16.21 24.49
N GLY A 118 -19.79 -16.92 24.14
CA GLY A 118 -19.77 -17.74 22.94
C GLY A 118 -21.14 -17.83 22.29
N LEU A 119 -21.24 -17.33 21.05
CA LEU A 119 -22.49 -17.36 20.32
C LEU A 119 -22.24 -17.41 18.81
N GLU A 120 -23.31 -17.63 18.05
CA GLU A 120 -23.20 -17.70 16.60
C GLU A 120 -22.60 -16.42 16.03
N GLY B 1 -6.62 4.39 12.83
CA GLY B 1 -5.46 4.07 11.99
C GLY B 1 -4.15 4.46 12.65
N LYS B 2 -3.05 4.26 11.95
CA LYS B 2 -1.73 4.59 12.48
C LYS B 2 -1.01 5.56 11.56
N PHE B 3 -1.02 5.27 10.26
CA PHE B 3 -0.37 6.13 9.28
C PHE B 3 -1.25 7.33 8.93
N ILE B 4 -2.32 7.07 8.20
CA ILE B 4 -3.24 8.13 7.79
C ILE B 4 -2.50 9.29 7.14
N PRO B 5 -2.12 9.10 5.86
CA PRO B 5 -1.40 10.13 5.10
C PRO B 5 -2.29 11.32 4.76
N SER B 6 -2.24 12.34 5.62
CA SER B 6 -3.05 13.54 5.42
C SER B 6 -2.22 14.63 4.74
N ARG B 7 -1.24 14.21 3.94
CA ARG B 7 -0.37 15.15 3.23
C ARG B 7 -0.96 15.49 1.86
N PRO B 8 -0.52 16.63 1.31
CA PRO B 8 -0.99 17.10 -0.01
C PRO B 8 -0.48 16.22 -1.15
N ALA B 9 -1.39 15.52 -1.79
CA ALA B 9 -1.02 14.64 -2.91
C ALA B 9 -0.19 15.39 -3.94
N PRO B 10 1.11 15.05 -4.01
CA PRO B 10 2.05 15.68 -4.95
C PRO B 10 1.76 15.28 -6.40
N LYS B 11 2.02 16.21 -7.32
CA LYS B 11 1.79 15.97 -8.74
C LYS B 11 3.09 15.55 -9.44
N PRO B 12 2.96 14.93 -10.61
CA PRO B 12 4.11 14.47 -11.39
C PRO B 12 4.89 15.64 -11.99
N PRO B 13 6.09 15.34 -12.51
CA PRO B 13 6.96 16.34 -13.12
C PRO B 13 6.42 16.86 -14.45
N SER B 14 6.03 18.13 -14.46
CA SER B 14 5.48 18.75 -15.67
C SER B 14 5.89 20.21 -15.76
N SER B 15 5.57 20.84 -16.88
CA SER B 15 5.91 22.24 -17.10
C SER B 15 4.64 23.07 -17.31
N ALA B 16 4.27 23.83 -16.28
CA ALA B 16 3.08 24.67 -16.35
C ALA B 16 3.46 26.11 -16.66
N MET A 1 -13.23 -8.35 -4.06
CA MET A 1 -11.87 -7.81 -3.98
C MET A 1 -10.84 -8.93 -3.97
N ALA A 2 -9.79 -8.76 -4.76
CA ALA A 2 -8.72 -9.75 -4.84
C ALA A 2 -7.38 -9.16 -4.44
N PRO A 3 -6.42 -10.03 -4.08
CA PRO A 3 -5.07 -9.61 -3.67
C PRO A 3 -4.27 -9.05 -4.83
N LEU A 4 -3.81 -7.81 -4.67
CA LEU A 4 -3.02 -7.16 -5.70
C LEU A 4 -1.65 -6.77 -5.17
N PHE A 5 -0.64 -6.80 -6.04
CA PHE A 5 0.72 -6.46 -5.66
C PHE A 5 1.28 -5.35 -6.55
N ALA A 6 2.05 -4.45 -5.96
CA ALA A 6 2.65 -3.35 -6.71
C ALA A 6 4.17 -3.39 -6.63
N VAL A 7 4.83 -2.85 -7.65
CA VAL A 7 6.28 -2.82 -7.70
C VAL A 7 6.80 -1.38 -7.78
N THR A 8 7.63 -1.01 -6.81
CA THR A 8 8.19 0.34 -6.78
C THR A 8 9.02 0.61 -8.03
N LEU A 9 8.98 1.86 -8.50
CA LEU A 9 9.73 2.26 -9.68
C LEU A 9 10.76 3.33 -9.34
N TYR A 10 10.65 3.88 -8.14
CA TYR A 10 11.57 4.92 -7.69
C TYR A 10 12.03 4.66 -6.27
N GLU A 11 13.11 5.34 -5.86
CA GLU A 11 13.64 5.18 -4.51
C GLU A 11 12.99 6.16 -3.54
N PHE A 12 12.11 5.66 -2.70
CA PHE A 12 11.41 6.50 -1.72
C PHE A 12 12.23 6.61 -0.44
N LYS A 13 12.53 7.84 -0.04
CA LYS A 13 13.30 8.10 1.16
C LYS A 13 12.39 8.52 2.31
N ALA A 14 12.02 7.55 3.16
CA ALA A 14 11.16 7.82 4.29
C ALA A 14 11.70 8.97 5.14
N GLU A 15 10.82 9.60 5.91
CA GLU A 15 11.22 10.71 6.76
C GLU A 15 11.01 10.36 8.24
N ARG A 16 10.02 9.53 8.51
CA ARG A 16 9.70 9.12 9.87
C ARG A 16 9.43 7.62 9.94
N ASP A 17 9.08 7.15 11.14
CA ASP A 17 8.80 5.72 11.33
C ASP A 17 7.63 5.28 10.46
N ASP A 18 6.61 6.12 10.37
CA ASP A 18 5.43 5.81 9.56
C ASP A 18 5.82 5.53 8.12
N GLU A 19 6.77 6.31 7.61
CA GLU A 19 7.22 6.15 6.23
C GLU A 19 8.22 5.00 6.12
N LEU A 20 8.14 4.26 5.02
CA LEU A 20 9.04 3.13 4.79
C LEU A 20 9.86 3.34 3.52
N ASP A 21 11.18 3.19 3.66
CA ASP A 21 12.08 3.36 2.52
C ASP A 21 11.99 2.18 1.57
N VAL A 22 12.01 2.47 0.27
CA VAL A 22 11.92 1.43 -0.75
C VAL A 22 12.74 1.79 -1.98
N SER A 23 13.22 0.78 -2.69
CA SER A 23 14.01 1.00 -3.89
C SER A 23 13.23 0.59 -5.14
N PRO A 24 13.66 1.10 -6.30
CA PRO A 24 13.02 0.81 -7.59
C PRO A 24 13.27 -0.63 -8.03
N GLY A 25 12.18 -1.38 -8.21
CA GLY A 25 12.29 -2.77 -8.63
C GLY A 25 11.94 -3.73 -7.52
N GLU A 26 11.52 -3.21 -6.38
CA GLU A 26 11.15 -4.04 -5.24
C GLU A 26 9.67 -4.37 -5.26
N ASN A 27 9.32 -5.53 -4.73
CA ASN A 27 7.93 -5.96 -4.69
C ASN A 27 7.28 -5.58 -3.36
N LEU A 28 6.02 -5.14 -3.43
CA LEU A 28 5.29 -4.74 -2.23
C LEU A 28 3.83 -5.18 -2.31
N SER A 29 3.26 -5.54 -1.17
CA SER A 29 1.87 -5.98 -1.11
C SER A 29 0.96 -4.85 -0.65
N ILE A 30 0.09 -4.40 -1.55
CA ILE A 30 -0.84 -3.33 -1.24
C ILE A 30 -2.01 -3.83 -0.39
N CYS A 31 -2.54 -2.94 0.45
CA CYS A 31 -3.66 -3.30 1.31
C CYS A 31 -4.84 -2.37 1.09
N ALA A 32 -4.54 -1.10 0.83
CA ALA A 32 -5.57 -0.10 0.59
C ALA A 32 -4.98 1.18 0.00
N HIS A 33 -5.86 2.11 -0.38
CA HIS A 33 -5.42 3.37 -0.96
C HIS A 33 -5.98 4.56 -0.17
N TYR A 34 -5.58 5.76 -0.56
CA TYR A 34 -6.04 6.97 0.11
C TYR A 34 -6.38 8.06 -0.90
N ASP A 35 -7.68 8.20 -1.18
CA ASP A 35 -8.14 9.20 -2.12
C ASP A 35 -7.44 9.05 -3.48
N TYR A 36 -6.99 7.84 -3.76
CA TYR A 36 -6.29 7.56 -5.02
C TYR A 36 -4.99 8.35 -5.10
N GLU A 37 -4.54 8.88 -3.97
CA GLU A 37 -3.30 9.64 -3.92
C GLU A 37 -2.17 8.82 -3.33
N TRP A 38 -2.42 8.22 -2.18
CA TRP A 38 -1.41 7.40 -1.51
C TRP A 38 -1.81 5.93 -1.53
N PHE A 39 -0.84 5.05 -1.27
CA PHE A 39 -1.09 3.62 -1.26
C PHE A 39 -0.41 2.96 -0.06
N ILE A 40 -1.04 1.92 0.47
CA ILE A 40 -0.49 1.20 1.62
C ILE A 40 0.11 -0.13 1.20
N ALA A 41 1.43 -0.14 0.97
CA ALA A 41 2.12 -1.34 0.56
C ALA A 41 3.14 -1.77 1.61
N LYS A 42 3.31 -3.08 1.78
CA LYS A 42 4.25 -3.61 2.74
C LYS A 42 5.37 -4.38 2.04
N PRO A 43 6.51 -4.52 2.73
CA PRO A 43 7.68 -5.24 2.19
C PRO A 43 7.44 -6.75 2.11
N ILE A 44 7.75 -7.32 0.96
CA ILE A 44 7.57 -8.75 0.74
C ILE A 44 8.83 -9.53 1.12
N ASN A 45 9.98 -9.02 0.70
CA ASN A 45 11.26 -9.65 1.00
C ASN A 45 11.41 -9.91 2.50
N ARG A 46 11.66 -8.84 3.24
CA ARG A 46 11.83 -8.94 4.69
C ARG A 46 10.49 -8.71 5.41
N LEU A 47 10.53 -8.77 6.74
CA LEU A 47 9.33 -8.56 7.54
C LEU A 47 9.10 -7.07 7.80
N GLY A 48 9.91 -6.50 8.69
CA GLY A 48 9.78 -5.09 9.02
C GLY A 48 8.36 -4.71 9.41
N GLY A 49 7.68 -3.98 8.52
CA GLY A 49 6.32 -3.57 8.79
C GLY A 49 5.73 -2.75 7.66
N PRO A 50 4.40 -2.59 7.68
CA PRO A 50 3.68 -1.83 6.66
C PRO A 50 3.97 -0.34 6.73
N GLY A 51 4.28 0.27 5.59
CA GLY A 51 4.57 1.69 5.56
C GLY A 51 3.62 2.46 4.66
N LEU A 52 4.08 3.58 4.13
CA LEU A 52 3.27 4.41 3.25
C LEU A 52 4.01 4.75 1.97
N VAL A 53 3.37 4.53 0.83
CA VAL A 53 3.99 4.83 -0.46
C VAL A 53 2.96 5.39 -1.44
N PRO A 54 3.32 6.50 -2.10
CA PRO A 54 2.45 7.16 -3.07
C PRO A 54 2.26 6.34 -4.34
N VAL A 55 1.27 6.71 -5.13
CA VAL A 55 0.98 6.02 -6.39
C VAL A 55 2.02 6.34 -7.45
N SER A 56 2.71 7.47 -7.27
CA SER A 56 3.72 7.91 -8.22
C SER A 56 5.05 7.19 -7.97
N TYR A 57 5.04 6.30 -6.98
CA TYR A 57 6.24 5.54 -6.64
C TYR A 57 5.94 4.05 -6.58
N VAL A 58 4.89 3.63 -7.27
CA VAL A 58 4.50 2.23 -7.31
C VAL A 58 3.79 1.88 -8.61
N ARG A 59 3.99 0.65 -9.07
CA ARG A 59 3.37 0.19 -10.31
C ARG A 59 2.40 -0.94 -10.04
N ILE A 60 1.10 -0.67 -10.23
CA ILE A 60 0.07 -1.67 -10.00
C ILE A 60 0.19 -2.81 -11.01
N ILE A 61 0.42 -4.02 -10.51
CA ILE A 61 0.55 -5.20 -11.36
C ILE A 61 -0.21 -6.38 -10.78
N ASP A 62 -0.41 -7.41 -11.60
CA ASP A 62 -1.13 -8.61 -11.18
C ASP A 62 -0.18 -9.79 -11.04
N LEU A 63 -0.21 -10.42 -9.88
CA LEU A 63 0.66 -11.58 -9.62
C LEU A 63 0.47 -12.66 -10.68
N MET A 64 -0.74 -12.72 -11.23
CA MET A 64 -1.05 -13.71 -12.26
C MET A 64 -0.67 -13.18 -13.65
N ASP A 65 -0.55 -11.86 -13.76
CA ASP A 65 -0.18 -11.24 -15.03
C ASP A 65 0.34 -9.83 -14.81
N PRO A 66 1.63 -9.72 -14.45
CA PRO A 66 2.28 -8.43 -14.20
C PRO A 66 2.46 -7.62 -15.49
N ALA A 67 2.18 -8.24 -16.62
CA ALA A 67 2.31 -7.57 -17.91
C ALA A 67 0.98 -6.96 -18.35
N LYS A 68 -0.04 -7.12 -17.52
CA LYS A 68 -1.36 -6.59 -17.82
C LYS A 68 -1.47 -5.12 -17.40
N TYR A 69 -1.03 -4.83 -16.18
CA TYR A 69 -1.07 -3.47 -15.66
C TYR A 69 0.33 -2.89 -15.53
N ALA A 70 1.27 -3.44 -16.31
CA ALA A 70 2.65 -2.97 -16.28
C ALA A 70 2.80 -1.67 -17.06
N SER A 71 1.86 -1.39 -17.95
CA SER A 71 1.90 -0.18 -18.77
C SER A 71 0.89 0.84 -18.26
N VAL A 72 0.05 0.42 -17.33
CA VAL A 72 -0.98 1.30 -16.76
C VAL A 72 -0.36 2.61 -16.28
N ASP A 73 -1.19 3.63 -16.18
CA ASP A 73 -0.73 4.94 -15.73
C ASP A 73 -1.16 5.21 -14.29
N THR A 74 -0.37 4.68 -13.34
CA THR A 74 -0.67 4.86 -11.92
C THR A 74 -0.82 6.34 -11.58
N TYR A 75 0.09 7.15 -12.08
CA TYR A 75 0.06 8.59 -11.82
C TYR A 75 -1.29 9.19 -12.21
N ASP A 76 -1.82 8.74 -13.35
CA ASP A 76 -3.10 9.23 -13.84
C ASP A 76 -4.22 8.85 -12.87
N ARG A 77 -4.75 9.86 -12.17
CA ARG A 77 -5.83 9.63 -11.22
C ARG A 77 -6.97 8.86 -11.86
N GLU A 78 -7.14 9.05 -13.17
CA GLU A 78 -8.21 8.37 -13.91
C GLU A 78 -7.97 6.87 -13.95
N GLN A 79 -6.80 6.48 -14.46
CA GLN A 79 -6.46 5.06 -14.56
C GLN A 79 -6.46 4.40 -13.19
N VAL A 80 -5.69 4.97 -12.25
CA VAL A 80 -5.61 4.43 -10.90
C VAL A 80 -7.00 4.30 -10.29
N MET A 81 -7.90 5.20 -10.65
CA MET A 81 -9.25 5.19 -10.13
C MET A 81 -10.01 3.96 -10.63
N LYS A 82 -10.08 3.81 -11.95
CA LYS A 82 -10.76 2.68 -12.56
C LYS A 82 -10.24 1.35 -12.01
N ILE A 83 -8.93 1.30 -11.77
CA ILE A 83 -8.30 0.10 -11.25
C ILE A 83 -8.78 -0.20 -9.82
N ILE A 84 -8.62 0.78 -8.95
CA ILE A 84 -9.03 0.64 -7.56
C ILE A 84 -10.53 0.37 -7.45
N ASP A 85 -11.30 1.00 -8.33
CA ASP A 85 -12.75 0.83 -8.34
C ASP A 85 -13.13 -0.56 -8.85
N GLU A 86 -12.51 -0.97 -9.95
CA GLU A 86 -12.78 -2.28 -10.54
C GLU A 86 -12.35 -3.40 -9.61
N PHE A 87 -11.14 -3.28 -9.06
CA PHE A 87 -10.61 -4.28 -8.15
C PHE A 87 -11.31 -4.21 -6.80
N LYS A 88 -12.06 -3.13 -6.58
CA LYS A 88 -12.78 -2.94 -5.33
C LYS A 88 -11.82 -2.95 -4.14
N ILE A 89 -10.80 -2.10 -4.21
CA ILE A 89 -9.81 -2.01 -3.13
C ILE A 89 -10.30 -1.08 -2.03
N PRO A 90 -10.16 -1.55 -0.77
CA PRO A 90 -10.58 -0.76 0.40
C PRO A 90 -9.68 0.44 0.65
N THR A 91 -10.16 1.37 1.47
CA THR A 91 -9.39 2.57 1.78
C THR A 91 -8.67 2.43 3.12
N VAL A 92 -7.77 3.36 3.40
CA VAL A 92 -7.02 3.34 4.65
C VAL A 92 -7.94 3.20 5.85
N GLU A 93 -8.89 4.13 5.97
CA GLU A 93 -9.84 4.11 7.08
C GLU A 93 -10.51 2.74 7.19
N GLN A 94 -11.07 2.27 6.08
CA GLN A 94 -11.75 0.98 6.05
C GLN A 94 -10.81 -0.13 6.51
N TRP A 95 -9.57 -0.09 6.04
CA TRP A 95 -8.58 -1.10 6.41
C TRP A 95 -8.25 -1.02 7.89
N LYS A 96 -8.20 0.20 8.42
CA LYS A 96 -7.89 0.41 9.84
C LYS A 96 -9.02 -0.12 10.72
N ASP A 97 -10.25 0.02 10.24
CA ASP A 97 -11.41 -0.44 10.99
C ASP A 97 -11.49 -1.97 11.00
N GLN A 98 -11.37 -2.57 9.82
CA GLN A 98 -11.42 -4.01 9.69
C GLN A 98 -10.29 -4.67 10.47
N THR A 99 -9.10 -4.07 10.42
CA THR A 99 -7.94 -4.59 11.12
C THR A 99 -8.09 -4.43 12.64
N ARG A 100 -8.54 -3.26 13.05
CA ARG A 100 -8.72 -2.96 14.46
C ARG A 100 -9.71 -3.94 15.09
N ARG A 101 -10.81 -4.19 14.40
CA ARG A 101 -11.84 -5.11 14.89
C ARG A 101 -11.38 -6.56 14.75
N TYR A 102 -10.62 -6.83 13.70
CA TYR A 102 -10.12 -8.18 13.46
C TYR A 102 -9.08 -8.58 14.49
N LYS A 103 -8.36 -7.58 15.02
CA LYS A 103 -7.34 -7.82 16.02
C LYS A 103 -7.93 -7.72 17.42
N GLU A 104 -9.10 -7.11 17.53
CA GLU A 104 -9.76 -6.95 18.83
C GLU A 104 -9.98 -8.31 19.49
N SER A 105 -10.58 -8.28 20.68
CA SER A 105 -10.86 -9.52 21.42
C SER A 105 -12.12 -10.19 20.91
N SER A 106 -12.49 -11.29 21.57
CA SER A 106 -13.68 -12.03 21.18
C SER A 106 -13.58 -12.53 19.74
N ILE A 107 -12.37 -12.93 19.36
CA ILE A 107 -12.12 -13.44 18.01
C ILE A 107 -11.76 -14.91 18.04
N GLN A 108 -12.13 -15.63 16.98
CA GLN A 108 -11.84 -17.05 16.88
C GLN A 108 -12.12 -17.57 15.47
N ILE A 109 -11.16 -18.27 14.89
CA ILE A 109 -11.30 -18.82 13.55
C ILE A 109 -10.88 -20.29 13.51
N GLY A 110 -11.48 -21.04 12.59
CA GLY A 110 -11.15 -22.45 12.46
C GLY A 110 -9.88 -22.68 11.68
N ASN A 111 -8.79 -22.07 12.14
CA ASN A 111 -7.49 -22.21 11.47
C ASN A 111 -6.46 -22.82 12.41
N GLY A 112 -5.49 -23.55 11.83
CA GLY A 112 -4.46 -24.18 12.63
C GLY A 112 -3.22 -23.32 12.76
N HIS A 113 -3.39 -22.12 13.29
CA HIS A 113 -2.27 -21.19 13.46
C HIS A 113 -2.72 -19.94 14.21
N GLY A 114 -1.86 -19.46 15.10
CA GLY A 114 -2.17 -18.27 15.87
C GLY A 114 -1.21 -18.05 17.03
N GLN A 115 -0.90 -16.78 17.30
CA GLN A 115 0.01 -16.45 18.38
C GLN A 115 0.01 -14.95 18.66
N SER A 116 0.18 -14.59 19.93
CA SER A 116 0.17 -13.19 20.32
C SER A 116 1.59 -12.74 20.72
N GLN A 117 1.73 -11.45 21.00
CA GLN A 117 3.02 -10.89 21.38
C GLN A 117 2.84 -9.74 22.38
N GLY A 118 3.96 -9.16 22.80
CA GLY A 118 3.90 -8.06 23.75
C GLY A 118 5.27 -7.47 24.02
N LEU A 119 5.41 -6.16 23.76
CA LEU A 119 6.68 -5.48 23.98
C LEU A 119 6.48 -4.23 24.85
N GLU A 120 5.79 -3.24 24.31
CA GLU A 120 5.53 -2.01 25.03
C GLU A 120 4.28 -2.14 25.90
N GLY B 1 -8.22 5.72 12.18
CA GLY B 1 -7.00 5.01 11.83
C GLY B 1 -5.79 5.54 12.55
N LYS B 2 -4.60 5.23 12.03
CA LYS B 2 -3.36 5.68 12.63
C LYS B 2 -2.42 6.27 11.58
N PHE B 3 -2.32 5.58 10.44
CA PHE B 3 -1.46 6.03 9.35
C PHE B 3 -1.81 7.46 8.93
N ILE B 4 -2.93 7.62 8.24
CA ILE B 4 -3.37 8.93 7.78
C ILE B 4 -2.25 9.66 7.04
N PRO B 5 -2.08 9.32 5.75
CA PRO B 5 -1.05 9.94 4.91
C PRO B 5 -1.36 11.39 4.58
N SER B 6 -1.04 12.28 5.52
CA SER B 6 -1.29 13.71 5.32
C SER B 6 -0.03 14.42 4.84
N ARG B 7 0.74 13.74 3.99
CA ARG B 7 1.96 14.32 3.45
C ARG B 7 1.73 14.90 2.06
N PRO B 8 2.63 15.79 1.64
CA PRO B 8 2.55 16.45 0.33
C PRO B 8 2.81 15.48 -0.83
N ALA B 9 1.74 15.00 -1.45
CA ALA B 9 1.85 14.08 -2.56
C ALA B 9 2.81 14.60 -3.62
N PRO B 10 3.99 13.96 -3.73
CA PRO B 10 5.02 14.35 -4.69
C PRO B 10 4.61 14.03 -6.13
N LYS B 11 5.17 14.78 -7.07
CA LYS B 11 4.87 14.58 -8.49
C LYS B 11 5.96 13.77 -9.17
N PRO B 12 5.62 13.18 -10.33
CA PRO B 12 6.57 12.36 -11.10
C PRO B 12 7.67 13.20 -11.73
N PRO B 13 8.71 12.52 -12.24
CA PRO B 13 9.85 13.18 -12.88
C PRO B 13 9.49 13.81 -14.22
N SER B 14 8.71 13.09 -15.01
CA SER B 14 8.28 13.58 -16.32
C SER B 14 7.12 14.57 -16.18
N SER B 15 7.35 15.64 -15.45
CA SER B 15 6.32 16.65 -15.23
C SER B 15 6.41 17.74 -16.31
N ALA B 16 7.56 18.37 -16.41
CA ALA B 16 7.77 19.43 -17.39
C ALA B 16 9.17 19.34 -18.01
N MET A 1 -8.19 -11.28 -1.84
CA MET A 1 -7.92 -10.49 -3.03
C MET A 1 -6.55 -10.82 -3.61
N ALA A 2 -6.30 -10.33 -4.82
CA ALA A 2 -5.02 -10.58 -5.49
C ALA A 2 -3.91 -9.74 -4.86
N PRO A 3 -2.66 -10.14 -5.09
CA PRO A 3 -1.48 -9.44 -4.56
C PRO A 3 -1.27 -8.09 -5.24
N LEU A 4 -0.31 -7.33 -4.72
CA LEU A 4 -0.01 -6.01 -5.27
C LEU A 4 1.43 -5.60 -4.96
N PHE A 5 2.22 -5.37 -6.00
CA PHE A 5 3.61 -4.98 -5.84
C PHE A 5 3.93 -3.72 -6.65
N ALA A 6 4.70 -2.83 -6.05
CA ALA A 6 5.08 -1.59 -6.72
C ALA A 6 6.57 -1.31 -6.58
N VAL A 7 7.10 -0.47 -7.45
CA VAL A 7 8.52 -0.13 -7.42
C VAL A 7 8.72 1.38 -7.35
N THR A 8 9.50 1.82 -6.37
CA THR A 8 9.76 3.24 -6.18
C THR A 8 10.59 3.80 -7.33
N LEU A 9 10.10 4.87 -7.94
CA LEU A 9 10.80 5.50 -9.05
C LEU A 9 11.53 6.76 -8.60
N TYR A 10 11.16 7.28 -7.43
CA TYR A 10 11.78 8.47 -6.88
C TYR A 10 12.15 8.27 -5.42
N GLU A 11 13.06 9.10 -4.91
CA GLU A 11 13.49 9.02 -3.53
C GLU A 11 12.55 9.82 -2.61
N PHE A 12 11.71 9.11 -1.87
CA PHE A 12 10.77 9.75 -0.96
C PHE A 12 11.43 10.05 0.37
N LYS A 13 11.36 11.31 0.80
CA LYS A 13 11.94 11.73 2.07
C LYS A 13 10.87 11.87 3.14
N ALA A 14 10.75 10.86 4.00
CA ALA A 14 9.77 10.87 5.08
C ALA A 14 9.88 12.14 5.90
N GLU A 15 8.76 12.59 6.46
CA GLU A 15 8.74 13.79 7.28
C GLU A 15 8.19 13.50 8.67
N ARG A 16 7.20 12.60 8.73
CA ARG A 16 6.59 12.23 10.00
C ARG A 16 6.87 10.77 10.34
N ASP A 17 6.33 10.31 11.45
CA ASP A 17 6.53 8.94 11.89
C ASP A 17 5.81 7.96 10.96
N ASP A 18 4.65 8.37 10.44
CA ASP A 18 3.88 7.55 9.54
C ASP A 18 4.60 7.37 8.21
N GLU A 19 5.18 8.47 7.72
CA GLU A 19 5.90 8.44 6.44
C GLU A 19 7.07 7.46 6.50
N LEU A 20 7.64 7.15 5.34
CA LEU A 20 8.75 6.22 5.25
C LEU A 20 9.75 6.67 4.18
N ASP A 21 11.02 6.35 4.39
CA ASP A 21 12.06 6.72 3.46
C ASP A 21 12.34 5.58 2.48
N VAL A 22 12.38 5.91 1.19
CA VAL A 22 12.64 4.91 0.15
C VAL A 22 13.37 5.53 -1.03
N SER A 23 14.18 4.71 -1.71
CA SER A 23 14.95 5.18 -2.86
C SER A 23 14.43 4.55 -4.15
N PRO A 24 14.75 5.18 -5.28
CA PRO A 24 14.33 4.70 -6.60
C PRO A 24 15.03 3.41 -7.00
N GLY A 25 14.24 2.40 -7.40
CA GLY A 25 14.80 1.13 -7.79
C GLY A 25 14.54 0.03 -6.78
N GLU A 26 13.94 0.40 -5.65
CA GLU A 26 13.63 -0.56 -4.61
C GLU A 26 12.21 -1.10 -4.77
N ASN A 27 11.98 -2.30 -4.24
CA ASN A 27 10.67 -2.93 -4.33
C ASN A 27 9.85 -2.68 -3.07
N LEU A 28 8.57 -2.41 -3.25
CA LEU A 28 7.68 -2.15 -2.12
C LEU A 28 6.40 -2.97 -2.24
N SER A 29 5.91 -3.46 -1.10
CA SER A 29 4.69 -4.26 -1.08
C SER A 29 3.50 -3.42 -0.64
N ILE A 30 2.53 -3.27 -1.52
CA ILE A 30 1.33 -2.49 -1.22
C ILE A 30 0.29 -3.34 -0.48
N CYS A 31 -0.45 -2.70 0.42
CA CYS A 31 -1.47 -3.40 1.18
C CYS A 31 -2.85 -2.81 0.90
N ALA A 32 -2.88 -1.54 0.55
CA ALA A 32 -4.14 -0.84 0.25
C ALA A 32 -3.89 0.52 -0.38
N HIS A 33 -4.97 1.21 -0.72
CA HIS A 33 -4.86 2.53 -1.33
C HIS A 33 -5.74 3.54 -0.59
N TYR A 34 -5.68 4.80 -1.01
CA TYR A 34 -6.47 5.85 -0.40
C TYR A 34 -7.06 6.78 -1.45
N ASP A 35 -8.33 6.57 -1.78
CA ASP A 35 -9.02 7.38 -2.78
C ASP A 35 -8.24 7.40 -4.09
N TYR A 36 -7.46 6.35 -4.33
CA TYR A 36 -6.66 6.25 -5.54
C TYR A 36 -5.63 7.37 -5.62
N GLU A 37 -5.28 7.92 -4.45
CA GLU A 37 -4.31 9.00 -4.39
C GLU A 37 -3.02 8.54 -3.71
N TRP A 38 -3.17 7.97 -2.51
CA TRP A 38 -2.02 7.48 -1.74
C TRP A 38 -2.01 5.96 -1.71
N PHE A 39 -0.82 5.38 -1.75
CA PHE A 39 -0.66 3.93 -1.71
C PHE A 39 0.11 3.49 -0.48
N ILE A 40 -0.44 2.52 0.25
CA ILE A 40 0.20 2.01 1.46
C ILE A 40 1.17 0.88 1.13
N ALA A 41 2.44 1.24 0.98
CA ALA A 41 3.48 0.25 0.67
C ALA A 41 4.40 0.05 1.87
N LYS A 42 5.07 -1.11 1.89
CA LYS A 42 5.99 -1.43 2.97
C LYS A 42 7.32 -1.95 2.42
N PRO A 43 8.38 -1.85 3.25
CA PRO A 43 9.72 -2.31 2.86
C PRO A 43 9.80 -3.82 2.77
N ILE A 44 10.04 -4.32 1.56
CA ILE A 44 10.16 -5.76 1.33
C ILE A 44 11.53 -6.28 1.75
N ASN A 45 12.58 -5.55 1.36
CA ASN A 45 13.94 -5.93 1.70
C ASN A 45 14.09 -6.17 3.21
N ARG A 46 13.90 -5.11 3.98
CA ARG A 46 14.01 -5.20 5.43
C ARG A 46 12.63 -5.20 6.08
N LEU A 47 12.59 -5.49 7.38
CA LEU A 47 11.34 -5.52 8.13
C LEU A 47 10.81 -4.12 8.37
N GLY A 48 11.47 -3.40 9.28
CA GLY A 48 11.04 -2.05 9.60
C GLY A 48 9.57 -1.96 9.95
N GLY A 49 8.80 -1.31 9.08
CA GLY A 49 7.38 -1.17 9.32
C GLY A 49 6.66 -0.54 8.15
N PRO A 50 5.32 -0.63 8.15
CA PRO A 50 4.48 -0.07 7.09
C PRO A 50 4.47 1.46 7.11
N GLY A 51 4.52 2.05 5.92
CA GLY A 51 4.52 3.50 5.83
C GLY A 51 3.45 4.02 4.87
N LEU A 52 3.76 5.09 4.16
CA LEU A 52 2.82 5.69 3.22
C LEU A 52 3.56 6.32 2.05
N VAL A 53 3.15 5.98 0.83
CA VAL A 53 3.77 6.52 -0.37
C VAL A 53 2.72 6.80 -1.45
N PRO A 54 2.80 7.99 -2.06
CA PRO A 54 1.86 8.40 -3.12
C PRO A 54 2.08 7.62 -4.40
N VAL A 55 1.01 7.48 -5.19
CA VAL A 55 1.09 6.75 -6.45
C VAL A 55 2.05 7.43 -7.43
N SER A 56 2.29 8.72 -7.21
CA SER A 56 3.18 9.48 -8.07
C SER A 56 4.64 9.19 -7.73
N TYR A 57 4.85 8.37 -6.71
CA TYR A 57 6.19 8.00 -6.27
C TYR A 57 6.39 6.49 -6.29
N VAL A 58 5.50 5.80 -7.00
CA VAL A 58 5.56 4.35 -7.09
C VAL A 58 4.92 3.85 -8.39
N ARG A 59 5.43 2.74 -8.91
CA ARG A 59 4.92 2.16 -10.14
C ARG A 59 4.31 0.78 -9.88
N ILE A 60 3.01 0.65 -10.14
CA ILE A 60 2.32 -0.61 -9.94
C ILE A 60 2.75 -1.65 -10.97
N ILE A 61 3.36 -2.72 -10.48
CA ILE A 61 3.82 -3.79 -11.36
C ILE A 61 3.45 -5.17 -10.81
N ASP A 62 3.68 -6.20 -11.60
CA ASP A 62 3.37 -7.56 -11.18
C ASP A 62 4.64 -8.40 -11.06
N LEU A 63 4.64 -9.33 -10.12
CA LEU A 63 5.80 -10.20 -9.91
C LEU A 63 5.94 -11.22 -11.03
N MET A 64 4.80 -11.69 -11.54
CA MET A 64 4.79 -12.67 -12.62
C MET A 64 4.98 -11.98 -13.97
N ASP A 65 4.60 -10.72 -14.05
CA ASP A 65 4.74 -9.94 -15.28
C ASP A 65 4.91 -8.46 -14.98
N PRO A 66 6.11 -8.09 -14.51
CA PRO A 66 6.44 -6.70 -14.18
C PRO A 66 6.54 -5.82 -15.42
N ALA A 67 6.51 -6.44 -16.58
CA ALA A 67 6.59 -5.70 -17.84
C ALA A 67 5.20 -5.38 -18.39
N LYS A 68 4.19 -6.05 -17.84
CA LYS A 68 2.81 -5.83 -18.26
C LYS A 68 2.27 -4.51 -17.72
N TYR A 69 2.40 -4.32 -16.41
CA TYR A 69 1.93 -3.10 -15.77
C TYR A 69 3.07 -2.09 -15.62
N ALA A 70 4.08 -2.22 -16.47
CA ALA A 70 5.23 -1.32 -16.43
C ALA A 70 4.98 -0.09 -17.31
N SER A 71 4.05 -0.22 -18.25
CA SER A 71 3.72 0.88 -19.16
C SER A 71 2.53 1.67 -18.64
N VAL A 72 1.73 1.02 -17.78
CA VAL A 72 0.56 1.67 -17.22
C VAL A 72 0.89 3.03 -16.61
N ASP A 73 -0.06 3.95 -16.65
CA ASP A 73 0.14 5.28 -16.11
C ASP A 73 -0.46 5.40 -14.71
N THR A 74 0.40 5.42 -13.69
CA THR A 74 -0.06 5.52 -12.31
C THR A 74 -0.66 6.89 -12.03
N TYR A 75 -0.04 7.92 -12.59
CA TYR A 75 -0.51 9.30 -12.40
C TYR A 75 -1.98 9.42 -12.78
N ASP A 76 -2.34 8.83 -13.91
CA ASP A 76 -3.71 8.87 -14.39
C ASP A 76 -4.65 8.15 -13.42
N ARG A 77 -5.48 8.93 -12.72
CA ARG A 77 -6.42 8.37 -11.75
C ARG A 77 -7.32 7.32 -12.42
N GLU A 78 -7.48 7.44 -13.73
CA GLU A 78 -8.32 6.51 -14.48
C GLU A 78 -7.71 5.12 -14.50
N GLN A 79 -6.45 5.04 -14.94
CA GLN A 79 -5.75 3.76 -15.01
C GLN A 79 -5.65 3.12 -13.62
N VAL A 80 -5.08 3.85 -12.67
CA VAL A 80 -4.92 3.35 -11.31
C VAL A 80 -6.25 2.87 -10.75
N MET A 81 -7.34 3.51 -11.19
CA MET A 81 -8.68 3.16 -10.73
C MET A 81 -9.08 1.78 -11.26
N LYS A 82 -9.00 1.60 -12.57
CA LYS A 82 -9.35 0.33 -13.19
C LYS A 82 -8.54 -0.81 -12.58
N ILE A 83 -7.27 -0.56 -12.32
CA ILE A 83 -6.39 -1.57 -11.73
C ILE A 83 -6.84 -1.94 -10.33
N ILE A 84 -6.98 -0.93 -9.47
CA ILE A 84 -7.41 -1.17 -8.10
C ILE A 84 -8.79 -1.82 -8.05
N ASP A 85 -9.60 -1.53 -9.06
CA ASP A 85 -10.95 -2.09 -9.13
C ASP A 85 -10.90 -3.59 -9.45
N GLU A 86 -10.18 -3.94 -10.50
CA GLU A 86 -10.05 -5.33 -10.90
C GLU A 86 -9.26 -6.14 -9.87
N PHE A 87 -8.33 -5.46 -9.21
CA PHE A 87 -7.51 -6.10 -8.19
C PHE A 87 -8.24 -6.18 -6.87
N LYS A 88 -9.41 -5.56 -6.80
CA LYS A 88 -10.21 -5.56 -5.59
C LYS A 88 -9.38 -5.14 -4.38
N ILE A 89 -8.56 -4.10 -4.56
CA ILE A 89 -7.72 -3.61 -3.49
C ILE A 89 -8.49 -2.69 -2.56
N PRO A 90 -8.59 -3.08 -1.28
CA PRO A 90 -9.30 -2.31 -0.26
C PRO A 90 -8.58 -1.01 0.08
N THR A 91 -9.34 -0.04 0.59
CA THR A 91 -8.78 1.26 0.95
C THR A 91 -8.11 1.20 2.32
N VAL A 92 -7.50 2.31 2.73
CA VAL A 92 -6.83 2.38 4.01
C VAL A 92 -7.78 2.04 5.16
N GLU A 93 -8.91 2.73 5.20
CA GLU A 93 -9.90 2.51 6.25
C GLU A 93 -10.25 1.03 6.35
N GLN A 94 -10.55 0.40 5.21
CA GLN A 94 -10.90 -1.00 5.17
C GLN A 94 -9.78 -1.86 5.75
N TRP A 95 -8.54 -1.51 5.41
CA TRP A 95 -7.37 -2.25 5.88
C TRP A 95 -7.24 -2.12 7.40
N LYS A 96 -7.45 -0.92 7.91
CA LYS A 96 -7.35 -0.67 9.34
C LYS A 96 -8.39 -1.49 10.11
N ASP A 97 -9.64 -1.41 9.68
CA ASP A 97 -10.72 -2.15 10.32
C ASP A 97 -10.47 -3.65 10.25
N GLN A 98 -10.00 -4.11 9.09
CA GLN A 98 -9.72 -5.53 8.89
C GLN A 98 -8.68 -6.02 9.88
N THR A 99 -7.56 -5.31 9.97
CA THR A 99 -6.48 -5.69 10.89
C THR A 99 -6.94 -5.58 12.33
N ARG A 100 -7.60 -4.48 12.67
CA ARG A 100 -8.10 -4.27 14.02
C ARG A 100 -8.93 -5.45 14.49
N ARG A 101 -9.93 -5.81 13.70
CA ARG A 101 -10.81 -6.93 14.04
C ARG A 101 -10.06 -8.25 13.99
N TYR A 102 -9.10 -8.35 13.06
CA TYR A 102 -8.31 -9.57 12.92
C TYR A 102 -7.49 -9.84 14.17
N LYS A 103 -6.96 -8.77 14.77
CA LYS A 103 -6.16 -8.89 15.98
C LYS A 103 -7.04 -9.18 17.19
N GLU A 104 -8.30 -8.77 17.11
CA GLU A 104 -9.24 -8.98 18.21
C GLU A 104 -9.95 -10.33 18.05
N SER A 105 -10.76 -10.68 19.04
CA SER A 105 -11.49 -11.94 19.03
C SER A 105 -10.55 -13.11 18.81
N SER A 106 -9.39 -13.05 19.45
CA SER A 106 -8.40 -14.12 19.32
C SER A 106 -8.74 -15.30 20.20
N ILE A 107 -7.82 -16.24 20.33
CA ILE A 107 -8.02 -17.42 21.15
C ILE A 107 -8.47 -17.04 22.55
N GLN A 108 -7.56 -16.48 23.33
CA GLN A 108 -7.86 -16.06 24.69
C GLN A 108 -9.08 -15.15 24.73
N ILE A 109 -9.67 -14.99 25.91
CA ILE A 109 -10.84 -14.16 26.08
C ILE A 109 -10.56 -13.00 27.04
N GLY A 110 -10.95 -11.80 26.62
CA GLY A 110 -10.73 -10.62 27.45
C GLY A 110 -12.03 -10.01 27.92
N ASN A 111 -12.54 -9.05 27.16
CA ASN A 111 -13.79 -8.37 27.50
C ASN A 111 -14.85 -8.58 26.43
N GLY A 112 -16.07 -8.91 26.86
CA GLY A 112 -17.15 -9.14 25.91
C GLY A 112 -17.39 -10.61 25.66
N HIS A 113 -17.68 -10.95 24.41
CA HIS A 113 -17.94 -12.35 24.04
C HIS A 113 -16.73 -13.22 24.33
N GLY A 114 -16.82 -14.49 23.96
CA GLY A 114 -15.73 -15.41 24.19
C GLY A 114 -15.51 -16.36 23.03
N GLN A 115 -16.24 -17.47 23.04
CA GLN A 115 -16.14 -18.48 21.99
C GLN A 115 -16.34 -17.84 20.61
N SER A 116 -15.36 -18.00 19.73
CA SER A 116 -15.43 -17.44 18.39
C SER A 116 -14.76 -18.36 17.38
N GLN A 117 -15.19 -18.28 16.13
CA GLN A 117 -14.64 -19.11 15.07
C GLN A 117 -13.12 -18.96 15.00
N GLY A 118 -12.42 -20.09 15.05
CA GLY A 118 -10.97 -20.05 14.98
C GLY A 118 -10.44 -20.04 13.56
N LEU A 119 -10.01 -18.88 13.10
CA LEU A 119 -9.49 -18.74 11.75
C LEU A 119 -8.00 -18.35 11.77
N GLU A 120 -7.57 -17.79 12.89
CA GLU A 120 -6.18 -17.39 13.04
C GLU A 120 -5.25 -18.60 13.05
N GLY B 1 -7.98 4.71 9.69
CA GLY B 1 -7.72 4.22 11.03
C GLY B 1 -6.76 5.12 11.80
N LYS B 2 -5.47 4.84 11.69
CA LYS B 2 -4.46 5.64 12.38
C LYS B 2 -3.61 6.43 11.39
N PHE B 3 -3.52 5.92 10.16
CA PHE B 3 -2.75 6.58 9.12
C PHE B 3 -3.44 7.86 8.65
N ILE B 4 -4.50 7.69 7.86
CA ILE B 4 -5.25 8.82 7.34
C ILE B 4 -4.33 9.83 6.67
N PRO B 5 -3.91 9.52 5.43
CA PRO B 5 -3.02 10.38 4.66
C PRO B 5 -3.72 11.66 4.20
N SER B 6 -3.62 12.71 5.02
CA SER B 6 -4.24 13.99 4.70
C SER B 6 -3.20 14.99 4.21
N ARG B 7 -2.20 14.48 3.49
CA ARG B 7 -1.14 15.33 2.95
C ARG B 7 -1.44 15.74 1.52
N PRO B 8 -0.78 16.81 1.05
CA PRO B 8 -0.97 17.33 -0.31
C PRO B 8 -0.38 16.40 -1.36
N ALA B 9 -1.25 15.64 -2.03
CA ALA B 9 -0.82 14.71 -3.07
C ALA B 9 0.08 15.41 -4.08
N PRO B 10 1.38 15.07 -4.05
CA PRO B 10 2.38 15.64 -4.95
C PRO B 10 2.19 15.17 -6.39
N LYS B 11 2.58 16.01 -7.35
CA LYS B 11 2.46 15.68 -8.76
C LYS B 11 3.79 15.16 -9.31
N PRO B 12 3.71 14.46 -10.45
CA PRO B 12 4.90 13.90 -11.11
C PRO B 12 5.79 14.97 -11.71
N PRO B 13 7.02 14.56 -12.10
CA PRO B 13 7.99 15.48 -12.70
C PRO B 13 7.59 15.94 -14.10
N SER B 14 8.01 17.15 -14.46
CA SER B 14 7.69 17.71 -15.77
C SER B 14 8.92 17.74 -16.66
N SER B 15 8.71 18.09 -17.93
CA SER B 15 9.81 18.17 -18.88
C SER B 15 10.00 19.60 -19.39
N ALA B 16 8.96 20.14 -20.02
CA ALA B 16 9.01 21.50 -20.54
C ALA B 16 8.99 22.52 -19.41
N MET A 1 -9.56 -9.03 -4.34
CA MET A 1 -8.41 -8.43 -5.00
C MET A 1 -7.52 -9.50 -5.62
N ALA A 2 -6.33 -9.10 -6.07
CA ALA A 2 -5.39 -10.02 -6.67
C ALA A 2 -3.95 -9.63 -6.35
N PRO A 3 -3.03 -10.59 -6.50
CA PRO A 3 -1.61 -10.37 -6.22
C PRO A 3 -0.96 -9.46 -7.24
N LEU A 4 -1.17 -8.16 -7.10
CA LEU A 4 -0.60 -7.18 -8.01
C LEU A 4 0.78 -6.74 -7.55
N PHE A 5 1.59 -6.26 -8.49
CA PHE A 5 2.93 -5.80 -8.17
C PHE A 5 3.23 -4.47 -8.86
N ALA A 6 3.91 -3.58 -8.14
CA ALA A 6 4.25 -2.27 -8.68
C ALA A 6 5.76 -2.15 -8.90
N VAL A 7 6.16 -1.07 -9.58
CA VAL A 7 7.57 -0.84 -9.86
C VAL A 7 7.95 0.62 -9.64
N THR A 8 8.95 0.84 -8.81
CA THR A 8 9.41 2.19 -8.50
C THR A 8 10.16 2.80 -9.68
N LEU A 9 10.05 4.11 -9.84
CA LEU A 9 10.73 4.81 -10.93
C LEU A 9 11.72 5.83 -10.39
N TYR A 10 11.65 6.09 -9.09
CA TYR A 10 12.54 7.05 -8.45
C TYR A 10 12.98 6.54 -7.07
N GLU A 11 13.99 7.19 -6.51
CA GLU A 11 14.51 6.81 -5.20
C GLU A 11 13.78 7.56 -4.09
N PHE A 12 12.97 6.84 -3.32
CA PHE A 12 12.22 7.44 -2.22
C PHE A 12 13.02 7.36 -0.92
N LYS A 13 13.37 8.52 -0.38
CA LYS A 13 14.12 8.60 0.87
C LYS A 13 13.19 8.66 2.07
N ALA A 14 13.12 7.57 2.82
CA ALA A 14 12.26 7.51 3.99
C ALA A 14 12.69 8.54 5.05
N GLU A 15 11.77 8.88 5.94
CA GLU A 15 12.04 9.86 6.98
C GLU A 15 11.76 9.27 8.37
N ARG A 16 10.71 8.47 8.45
CA ARG A 16 10.33 7.84 9.71
C ARG A 16 10.31 6.32 9.58
N ASP A 17 10.24 5.63 10.72
CA ASP A 17 10.21 4.18 10.74
C ASP A 17 9.10 3.64 9.84
N ASP A 18 7.94 4.31 9.89
CA ASP A 18 6.81 3.90 9.07
C ASP A 18 7.10 4.07 7.58
N GLU A 19 8.02 4.98 7.27
CA GLU A 19 8.40 5.24 5.89
C GLU A 19 9.55 4.34 5.46
N LEU A 20 9.39 3.66 4.33
CA LEU A 20 10.43 2.77 3.81
C LEU A 20 11.09 3.36 2.58
N ASP A 21 12.38 3.12 2.43
CA ASP A 21 13.13 3.63 1.29
C ASP A 21 13.08 2.64 0.12
N VAL A 22 13.16 3.17 -1.09
CA VAL A 22 13.12 2.34 -2.29
C VAL A 22 13.98 2.94 -3.41
N SER A 23 14.43 2.09 -4.32
CA SER A 23 15.25 2.55 -5.44
C SER A 23 14.48 2.45 -6.75
N PRO A 24 14.88 3.27 -7.73
CA PRO A 24 14.24 3.30 -9.06
C PRO A 24 14.55 2.04 -9.86
N GLY A 25 13.50 1.41 -10.38
CA GLY A 25 13.67 0.21 -11.17
C GLY A 25 13.45 -1.06 -10.35
N GLU A 26 13.20 -0.89 -9.06
CA GLU A 26 12.97 -2.02 -8.17
C GLU A 26 11.51 -2.45 -8.20
N ASN A 27 11.26 -3.70 -7.81
CA ASN A 27 9.91 -4.24 -7.79
C ASN A 27 9.35 -4.24 -6.37
N LEU A 28 8.12 -3.75 -6.23
CA LEU A 28 7.47 -3.69 -4.93
C LEU A 28 6.12 -4.41 -4.97
N SER A 29 5.62 -4.79 -3.79
CA SER A 29 4.36 -5.49 -3.69
C SER A 29 3.28 -4.59 -3.08
N ILE A 30 2.29 -4.24 -3.89
CA ILE A 30 1.21 -3.38 -3.44
C ILE A 30 0.29 -4.12 -2.45
N CYS A 31 -0.19 -3.40 -1.45
CA CYS A 31 -1.07 -3.98 -0.44
C CYS A 31 -2.39 -3.23 -0.38
N ALA A 32 -2.33 -1.91 -0.57
CA ALA A 32 -3.53 -1.07 -0.53
C ALA A 32 -3.22 0.34 -1.00
N HIS A 33 -4.27 1.15 -1.14
CA HIS A 33 -4.11 2.54 -1.57
C HIS A 33 -4.81 3.50 -0.62
N TYR A 34 -4.66 4.79 -0.87
CA TYR A 34 -5.27 5.81 -0.02
C TYR A 34 -5.89 6.93 -0.87
N ASP A 35 -7.19 6.86 -1.06
CA ASP A 35 -7.90 7.87 -1.86
C ASP A 35 -7.27 8.01 -3.24
N TYR A 36 -6.63 6.94 -3.70
CA TYR A 36 -5.99 6.94 -5.01
C TYR A 36 -4.87 7.97 -5.06
N GLU A 37 -4.28 8.27 -3.90
CA GLU A 37 -3.20 9.23 -3.81
C GLU A 37 -1.91 8.56 -3.34
N TRP A 38 -2.02 7.74 -2.30
CA TRP A 38 -0.87 7.04 -1.76
C TRP A 38 -1.02 5.53 -1.93
N PHE A 39 0.12 4.86 -2.14
CA PHE A 39 0.11 3.41 -2.33
C PHE A 39 1.01 2.72 -1.32
N ILE A 40 0.59 1.55 -0.85
CA ILE A 40 1.37 0.79 0.13
C ILE A 40 2.14 -0.34 -0.54
N ALA A 41 3.42 -0.10 -0.81
CA ALA A 41 4.27 -1.09 -1.44
C ALA A 41 5.33 -1.62 -0.47
N LYS A 42 5.55 -2.93 -0.50
CA LYS A 42 6.53 -3.56 0.38
C LYS A 42 7.71 -4.09 -0.42
N PRO A 43 8.85 -4.26 0.26
CA PRO A 43 10.07 -4.78 -0.37
C PRO A 43 9.97 -6.25 -0.73
N ILE A 44 10.34 -6.58 -1.97
CA ILE A 44 10.28 -7.95 -2.45
C ILE A 44 11.58 -8.69 -2.18
N ASN A 45 12.69 -7.95 -2.20
CA ASN A 45 14.00 -8.53 -1.95
C ASN A 45 14.37 -8.45 -0.47
N ARG A 46 14.29 -7.25 0.10
CA ARG A 46 14.60 -7.05 1.50
C ARG A 46 13.66 -7.86 2.39
N LEU A 47 13.71 -7.58 3.69
CA LEU A 47 12.86 -8.29 4.65
C LEU A 47 11.57 -7.53 4.89
N GLY A 48 10.82 -7.96 5.90
CA GLY A 48 9.56 -7.31 6.22
C GLY A 48 9.73 -5.83 6.54
N GLY A 49 9.28 -4.97 5.62
CA GLY A 49 9.40 -3.54 5.82
C GLY A 49 8.41 -2.75 5.00
N PRO A 50 7.11 -2.91 5.32
CA PRO A 50 6.03 -2.21 4.60
C PRO A 50 6.03 -0.72 4.89
N GLY A 51 6.24 0.09 3.85
CA GLY A 51 6.25 1.53 4.01
C GLY A 51 5.16 2.20 3.21
N LEU A 52 5.25 3.53 3.08
CA LEU A 52 4.26 4.30 2.34
C LEU A 52 4.90 5.04 1.18
N VAL A 53 4.38 4.82 -0.03
CA VAL A 53 4.91 5.48 -1.21
C VAL A 53 3.77 6.02 -2.09
N PRO A 54 3.91 7.27 -2.53
CA PRO A 54 2.92 7.93 -3.38
C PRO A 54 2.87 7.33 -4.78
N VAL A 55 1.71 7.44 -5.43
CA VAL A 55 1.54 6.92 -6.79
C VAL A 55 2.42 7.67 -7.78
N SER A 56 2.82 8.88 -7.42
CA SER A 56 3.66 9.70 -8.28
C SER A 56 5.11 9.25 -8.21
N TYR A 57 5.38 8.25 -7.38
CA TYR A 57 6.73 7.72 -7.22
C TYR A 57 6.77 6.24 -7.56
N VAL A 58 5.64 5.69 -7.97
CA VAL A 58 5.55 4.28 -8.34
C VAL A 58 4.69 4.08 -9.57
N ARG A 59 4.86 2.94 -10.23
CA ARG A 59 4.09 2.63 -11.44
C ARG A 59 3.41 1.26 -11.30
N ILE A 60 2.10 1.26 -11.47
CA ILE A 60 1.32 0.02 -11.38
C ILE A 60 1.52 -0.84 -12.61
N ILE A 61 2.21 -1.97 -12.43
CA ILE A 61 2.47 -2.89 -13.53
C ILE A 61 1.97 -4.29 -13.20
N ASP A 62 2.19 -5.22 -14.13
CA ASP A 62 1.77 -6.61 -13.94
C ASP A 62 2.93 -7.57 -14.18
N LEU A 63 2.94 -8.67 -13.42
CA LEU A 63 3.99 -9.66 -13.57
C LEU A 63 3.81 -10.47 -14.85
N MET A 64 2.56 -10.78 -15.18
CA MET A 64 2.26 -11.54 -16.39
C MET A 64 2.37 -10.66 -17.63
N ASP A 65 2.23 -9.35 -17.44
CA ASP A 65 2.30 -8.41 -18.55
C ASP A 65 2.71 -7.02 -18.05
N PRO A 66 4.00 -6.86 -17.73
CA PRO A 66 4.53 -5.59 -17.23
C PRO A 66 4.56 -4.51 -18.31
N ALA A 67 4.28 -4.91 -19.54
CA ALA A 67 4.28 -3.98 -20.67
C ALA A 67 2.87 -3.45 -20.94
N LYS A 68 1.87 -4.11 -20.37
CA LYS A 68 0.48 -3.71 -20.54
C LYS A 68 0.15 -2.52 -19.65
N TYR A 69 0.46 -2.63 -18.37
CA TYR A 69 0.19 -1.56 -17.42
C TYR A 69 1.42 -0.69 -17.21
N ALA A 70 2.31 -0.70 -18.21
CA ALA A 70 3.54 0.10 -18.15
C ALA A 70 3.30 1.51 -18.71
N SER A 71 2.28 1.64 -19.55
CA SER A 71 1.96 2.93 -20.16
C SER A 71 0.93 3.68 -19.32
N VAL A 72 0.37 2.99 -18.34
CA VAL A 72 -0.63 3.59 -17.46
C VAL A 72 -0.13 4.90 -16.87
N ASP A 73 -1.03 5.88 -16.78
CA ASP A 73 -0.68 7.18 -16.25
C ASP A 73 -1.02 7.27 -14.77
N THR A 74 -0.20 6.64 -13.94
CA THR A 74 -0.42 6.64 -12.50
C THR A 74 -0.72 8.04 -11.99
N TYR A 75 -0.08 9.03 -12.60
CA TYR A 75 -0.28 10.42 -12.21
C TYR A 75 -1.74 10.82 -12.31
N ASP A 76 -2.38 10.44 -13.41
CA ASP A 76 -3.79 10.76 -13.63
C ASP A 76 -4.68 9.96 -12.68
N ARG A 77 -5.36 10.67 -11.78
CA ARG A 77 -6.24 10.02 -10.81
C ARG A 77 -7.29 9.16 -11.53
N GLU A 78 -7.57 9.49 -12.78
CA GLU A 78 -8.55 8.76 -13.57
C GLU A 78 -8.07 7.33 -13.84
N GLN A 79 -6.91 7.23 -14.47
CA GLN A 79 -6.34 5.92 -14.80
C GLN A 79 -6.14 5.08 -13.54
N VAL A 80 -5.39 5.62 -12.59
CA VAL A 80 -5.13 4.91 -11.33
C VAL A 80 -6.42 4.44 -10.69
N MET A 81 -7.49 5.21 -10.89
CA MET A 81 -8.80 4.88 -10.33
C MET A 81 -9.36 3.62 -10.99
N LYS A 82 -9.40 3.63 -12.32
CA LYS A 82 -9.92 2.50 -13.08
C LYS A 82 -9.20 1.21 -12.70
N ILE A 83 -7.88 1.30 -12.57
CA ILE A 83 -7.06 0.14 -12.22
C ILE A 83 -7.39 -0.35 -10.82
N ILE A 84 -7.30 0.55 -9.85
CA ILE A 84 -7.60 0.20 -8.46
C ILE A 84 -9.01 -0.35 -8.32
N ASP A 85 -9.93 0.23 -9.08
CA ASP A 85 -11.33 -0.20 -9.04
C ASP A 85 -11.49 -1.59 -9.69
N GLU A 86 -10.98 -1.71 -10.91
CA GLU A 86 -11.07 -2.98 -11.63
C GLU A 86 -10.39 -4.10 -10.86
N PHE A 87 -9.16 -3.87 -10.44
CA PHE A 87 -8.40 -4.86 -9.68
C PHE A 87 -9.00 -5.06 -8.30
N LYS A 88 -9.88 -4.14 -7.89
CA LYS A 88 -10.51 -4.21 -6.59
C LYS A 88 -9.48 -4.21 -5.47
N ILE A 89 -8.61 -3.21 -5.48
CA ILE A 89 -7.57 -3.09 -4.46
C ILE A 89 -8.12 -2.46 -3.19
N PRO A 90 -7.83 -3.09 -2.04
CA PRO A 90 -8.28 -2.61 -0.73
C PRO A 90 -7.57 -1.33 -0.31
N THR A 91 -8.19 -0.58 0.59
CA THR A 91 -7.62 0.67 1.08
C THR A 91 -6.65 0.42 2.23
N VAL A 92 -5.91 1.46 2.61
CA VAL A 92 -4.95 1.36 3.70
C VAL A 92 -5.59 0.76 4.95
N GLU A 93 -6.71 1.33 5.36
CA GLU A 93 -7.43 0.86 6.54
C GLU A 93 -7.86 -0.60 6.37
N GLN A 94 -8.44 -0.90 5.21
CA GLN A 94 -8.90 -2.26 4.92
C GLN A 94 -7.75 -3.25 5.02
N TRP A 95 -6.53 -2.77 4.77
CA TRP A 95 -5.35 -3.62 4.82
C TRP A 95 -4.98 -3.95 6.27
N LYS A 96 -4.95 -2.92 7.12
CA LYS A 96 -4.62 -3.11 8.52
C LYS A 96 -5.68 -3.96 9.23
N ASP A 97 -6.94 -3.72 8.89
CA ASP A 97 -8.05 -4.46 9.48
C ASP A 97 -8.06 -5.91 9.00
N GLN A 98 -7.84 -6.09 7.70
CA GLN A 98 -7.83 -7.42 7.11
C GLN A 98 -6.73 -8.28 7.72
N THR A 99 -5.53 -7.69 7.83
CA THR A 99 -4.38 -8.40 8.39
C THR A 99 -4.58 -8.66 9.88
N ARG A 100 -5.11 -7.65 10.58
CA ARG A 100 -5.34 -7.77 12.02
C ARG A 100 -6.34 -8.88 12.32
N ARG A 101 -7.35 -9.00 11.46
CA ARG A 101 -8.38 -10.02 11.64
C ARG A 101 -7.94 -11.35 11.05
N TYR A 102 -7.01 -11.30 10.09
CA TYR A 102 -6.50 -12.50 9.44
C TYR A 102 -5.41 -13.14 10.28
N LYS A 103 -4.76 -12.34 11.12
CA LYS A 103 -3.69 -12.83 11.98
C LYS A 103 -4.22 -13.16 13.38
N GLU A 104 -5.38 -12.61 13.71
CA GLU A 104 -5.99 -12.85 15.01
C GLU A 104 -6.12 -14.34 15.29
N SER A 105 -6.57 -14.67 16.50
CA SER A 105 -6.74 -16.06 16.90
C SER A 105 -5.41 -16.79 16.90
N SER A 106 -4.38 -16.13 17.43
CA SER A 106 -3.04 -16.70 17.49
C SER A 106 -2.97 -17.76 18.59
N ILE A 107 -1.74 -18.20 18.90
CA ILE A 107 -1.54 -19.20 19.93
C ILE A 107 -1.58 -18.58 21.33
N GLN A 108 -1.84 -19.41 22.33
CA GLN A 108 -1.91 -18.94 23.71
C GLN A 108 -0.71 -18.08 24.05
N ILE A 109 -0.86 -17.23 25.06
CA ILE A 109 0.23 -16.36 25.50
C ILE A 109 0.18 -16.12 27.00
N GLY A 110 1.12 -15.33 27.50
CA GLY A 110 1.17 -15.03 28.92
C GLY A 110 -0.14 -14.47 29.44
N ASN A 111 -0.38 -13.20 29.17
CA ASN A 111 -1.60 -12.53 29.62
C ASN A 111 -2.47 -12.14 28.44
N GLY A 112 -3.78 -12.11 28.64
CA GLY A 112 -4.70 -11.75 27.59
C GLY A 112 -6.03 -11.25 28.11
N HIS A 113 -7.11 -11.92 27.74
CA HIS A 113 -8.45 -11.55 28.17
C HIS A 113 -8.51 -11.45 29.70
N GLY A 114 -9.63 -10.94 30.21
CA GLY A 114 -9.79 -10.81 31.64
C GLY A 114 -11.25 -10.66 32.05
N GLN A 115 -11.52 -10.80 33.34
CA GLN A 115 -12.88 -10.68 33.86
C GLN A 115 -13.54 -9.40 33.36
N SER A 116 -14.78 -9.52 32.91
CA SER A 116 -15.52 -8.37 32.40
C SER A 116 -16.48 -7.84 33.47
N GLN A 117 -17.24 -6.81 33.10
CA GLN A 117 -18.20 -6.20 34.02
C GLN A 117 -19.42 -5.68 33.27
N GLY A 118 -20.57 -5.69 33.94
CA GLY A 118 -21.79 -5.21 33.32
C GLY A 118 -22.29 -3.92 33.94
N LEU A 119 -22.63 -2.96 33.10
CA LEU A 119 -23.13 -1.67 33.58
C LEU A 119 -24.64 -1.58 33.43
N GLU A 120 -25.11 -1.60 32.18
CA GLU A 120 -26.54 -1.51 31.91
C GLU A 120 -27.24 -2.82 32.28
N GLY B 1 -6.42 4.88 12.02
CA GLY B 1 -5.45 4.11 11.27
C GLY B 1 -4.05 4.23 11.84
N LYS B 2 -3.13 3.42 11.34
CA LYS B 2 -1.74 3.43 11.80
C LYS B 2 -0.90 4.38 10.95
N PHE B 3 -1.06 4.28 9.63
CA PHE B 3 -0.31 5.12 8.71
C PHE B 3 -0.99 6.47 8.51
N ILE B 4 -2.08 6.46 7.75
CA ILE B 4 -2.84 7.68 7.49
C ILE B 4 -1.92 8.80 7.00
N PRO B 5 -1.51 8.71 5.72
CA PRO B 5 -0.63 9.70 5.10
C PRO B 5 -1.33 11.04 4.89
N SER B 6 -1.00 12.02 5.73
CA SER B 6 -1.59 13.35 5.64
C SER B 6 -0.69 14.30 4.85
N ARG B 7 0.40 13.75 4.31
CA ARG B 7 1.34 14.55 3.54
C ARG B 7 0.62 15.34 2.45
N PRO B 8 1.30 16.37 1.93
CA PRO B 8 0.75 17.24 0.88
C PRO B 8 0.63 16.52 -0.46
N ALA B 9 1.37 15.41 -0.60
CA ALA B 9 1.34 14.63 -1.83
C ALA B 9 1.86 15.44 -3.01
N PRO B 10 3.19 15.47 -3.15
CA PRO B 10 3.85 16.21 -4.23
C PRO B 10 3.63 15.56 -5.60
N LYS B 11 3.43 16.38 -6.61
CA LYS B 11 3.20 15.89 -7.96
C LYS B 11 4.50 15.34 -8.56
N PRO B 12 4.36 14.50 -9.61
CA PRO B 12 5.50 13.89 -10.28
C PRO B 12 6.32 14.90 -11.08
N PRO B 13 7.51 14.48 -11.52
CA PRO B 13 8.41 15.35 -12.30
C PRO B 13 7.88 15.63 -13.70
N SER B 14 7.05 16.66 -13.82
CA SER B 14 6.47 17.02 -15.10
C SER B 14 7.34 18.05 -15.82
N SER B 15 6.87 18.53 -16.96
CA SER B 15 7.61 19.51 -17.75
C SER B 15 7.31 20.93 -17.27
N ALA B 16 6.08 21.15 -16.83
CA ALA B 16 5.67 22.45 -16.33
C ALA B 16 5.04 22.35 -14.95
N MET A 1 -14.83 -7.22 -4.65
CA MET A 1 -13.41 -6.89 -4.62
C MET A 1 -12.56 -8.12 -4.96
N ALA A 2 -11.73 -8.00 -5.97
CA ALA A 2 -10.86 -9.10 -6.40
C ALA A 2 -9.42 -8.86 -5.95
N PRO A 3 -8.63 -9.94 -5.91
CA PRO A 3 -7.22 -9.87 -5.50
C PRO A 3 -6.35 -9.16 -6.53
N LEU A 4 -5.53 -8.24 -6.06
CA LEU A 4 -4.64 -7.47 -6.93
C LEU A 4 -3.24 -7.40 -6.35
N PHE A 5 -2.24 -7.41 -7.23
CA PHE A 5 -0.85 -7.35 -6.81
C PHE A 5 -0.10 -6.26 -7.57
N ALA A 6 0.88 -5.64 -6.90
CA ALA A 6 1.67 -4.58 -7.52
C ALA A 6 3.16 -4.93 -7.50
N VAL A 7 3.95 -4.15 -8.24
CA VAL A 7 5.38 -4.38 -8.31
C VAL A 7 6.15 -3.07 -8.15
N THR A 8 7.14 -3.07 -7.26
CA THR A 8 7.94 -1.89 -7.02
C THR A 8 8.90 -1.62 -8.18
N LEU A 9 9.10 -0.35 -8.50
CA LEU A 9 9.99 0.05 -9.58
C LEU A 9 11.16 0.88 -9.06
N TYR A 10 11.01 1.40 -7.85
CA TYR A 10 12.05 2.22 -7.24
C TYR A 10 12.37 1.73 -5.83
N GLU A 11 13.46 2.23 -5.27
CA GLU A 11 13.87 1.85 -3.92
C GLU A 11 13.30 2.81 -2.88
N PHE A 12 12.39 2.30 -2.06
CA PHE A 12 11.76 3.11 -1.03
C PHE A 12 12.52 3.00 0.29
N LYS A 13 12.96 4.13 0.82
CA LYS A 13 13.71 4.16 2.07
C LYS A 13 12.81 4.59 3.22
N ALA A 14 12.35 3.63 4.01
CA ALA A 14 11.49 3.91 5.15
C ALA A 14 12.19 4.81 6.17
N GLU A 15 11.41 5.53 6.95
CA GLU A 15 11.96 6.43 7.96
C GLU A 15 11.44 6.07 9.35
N ARG A 16 10.17 5.66 9.41
CA ARG A 16 9.56 5.29 10.68
C ARG A 16 9.06 3.84 10.64
N ASP A 17 8.41 3.42 11.72
CA ASP A 17 7.88 2.06 11.81
C ASP A 17 6.74 1.85 10.83
N ASP A 18 5.90 2.88 10.68
CA ASP A 18 4.76 2.81 9.78
C ASP A 18 5.22 2.65 8.32
N GLU A 19 6.37 3.24 8.01
CA GLU A 19 6.92 3.17 6.66
C GLU A 19 7.61 1.82 6.43
N LEU A 20 7.57 1.35 5.20
CA LEU A 20 8.19 0.07 4.85
C LEU A 20 9.12 0.23 3.65
N ASP A 21 10.39 -0.10 3.84
CA ASP A 21 11.38 0.00 2.77
C ASP A 21 11.23 -1.16 1.79
N VAL A 22 11.46 -0.87 0.50
CA VAL A 22 11.37 -1.89 -0.53
C VAL A 22 12.32 -1.59 -1.69
N SER A 23 12.71 -2.63 -2.41
CA SER A 23 13.62 -2.48 -3.54
C SER A 23 12.87 -2.64 -4.87
N PRO A 24 13.44 -2.05 -5.93
CA PRO A 24 12.85 -2.10 -7.26
C PRO A 24 12.91 -3.49 -7.88
N GLY A 25 11.84 -3.88 -8.55
CA GLY A 25 11.79 -5.19 -9.18
C GLY A 25 11.15 -6.24 -8.28
N GLU A 26 10.83 -5.84 -7.06
CA GLU A 26 10.22 -6.75 -6.10
C GLU A 26 8.70 -6.72 -6.21
N ASN A 27 8.07 -7.86 -5.98
CA ASN A 27 6.61 -7.96 -6.06
C ASN A 27 5.97 -7.67 -4.70
N LEU A 28 5.08 -6.69 -4.68
CA LEU A 28 4.39 -6.30 -3.45
C LEU A 28 2.90 -6.56 -3.56
N SER A 29 2.28 -6.94 -2.44
CA SER A 29 0.85 -7.22 -2.40
C SER A 29 0.08 -6.05 -1.81
N ILE A 30 -0.72 -5.39 -2.64
CA ILE A 30 -1.51 -4.25 -2.19
C ILE A 30 -2.75 -4.70 -1.42
N CYS A 31 -3.12 -3.94 -0.41
CA CYS A 31 -4.29 -4.26 0.40
C CYS A 31 -5.35 -3.17 0.29
N ALA A 32 -4.91 -1.92 0.32
CA ALA A 32 -5.81 -0.78 0.23
C ALA A 32 -5.09 0.46 -0.27
N HIS A 33 -5.83 1.54 -0.48
CA HIS A 33 -5.26 2.80 -0.95
C HIS A 33 -5.66 3.95 -0.05
N TYR A 34 -5.17 5.14 -0.37
CA TYR A 34 -5.48 6.33 0.42
C TYR A 34 -5.45 7.59 -0.45
N ASP A 35 -6.62 8.13 -0.74
CA ASP A 35 -6.73 9.34 -1.56
C ASP A 35 -6.09 9.12 -2.92
N TYR A 36 -5.93 7.85 -3.30
CA TYR A 36 -5.32 7.51 -4.58
C TYR A 36 -3.91 8.08 -4.69
N GLU A 37 -3.31 8.36 -3.54
CA GLU A 37 -1.95 8.90 -3.50
C GLU A 37 -1.00 7.95 -2.79
N TRP A 38 -1.56 7.12 -1.90
CA TRP A 38 -0.76 6.16 -1.15
C TRP A 38 -1.36 4.77 -1.23
N PHE A 39 -0.50 3.77 -1.44
CA PHE A 39 -0.96 2.39 -1.55
C PHE A 39 -0.33 1.53 -0.45
N ILE A 40 -1.13 0.65 0.13
CA ILE A 40 -0.66 -0.24 1.19
C ILE A 40 -0.20 -1.57 0.63
N ALA A 41 1.10 -1.68 0.36
CA ALA A 41 1.67 -2.91 -0.17
C ALA A 41 2.55 -3.61 0.87
N LYS A 42 2.61 -4.93 0.78
CA LYS A 42 3.41 -5.71 1.71
C LYS A 42 4.39 -6.61 0.96
N PRO A 43 5.46 -7.02 1.66
CA PRO A 43 6.51 -7.88 1.08
C PRO A 43 6.00 -9.29 0.82
N ILE A 44 6.62 -9.97 -0.15
CA ILE A 44 6.23 -11.34 -0.49
C ILE A 44 7.40 -12.30 -0.30
N ASN A 45 8.58 -11.75 -0.06
CA ASN A 45 9.78 -12.56 0.15
C ASN A 45 10.35 -12.34 1.54
N ARG A 46 10.52 -11.08 1.92
CA ARG A 46 11.06 -10.73 3.22
C ARG A 46 10.31 -11.45 4.33
N LEU A 47 9.06 -11.05 4.56
CA LEU A 47 8.23 -11.66 5.59
C LEU A 47 6.75 -11.58 5.21
N GLY A 48 6.18 -10.39 5.38
CA GLY A 48 4.78 -10.20 5.05
C GLY A 48 4.07 -9.26 6.02
N GLY A 49 4.48 -8.00 6.01
CA GLY A 49 3.89 -7.02 6.92
C GLY A 49 3.28 -5.85 6.17
N PRO A 50 2.29 -5.20 6.79
CA PRO A 50 1.61 -4.04 6.20
C PRO A 50 2.52 -2.81 6.14
N GLY A 51 2.84 -2.38 4.93
CA GLY A 51 3.70 -1.22 4.75
C GLY A 51 3.03 -0.12 3.95
N LEU A 52 3.58 1.08 4.01
CA LEU A 52 3.03 2.22 3.27
C LEU A 52 3.95 2.61 2.13
N VAL A 53 3.40 2.65 0.91
CA VAL A 53 4.17 3.02 -0.27
C VAL A 53 3.32 3.83 -1.25
N PRO A 54 3.89 4.93 -1.73
CA PRO A 54 3.21 5.82 -2.69
C PRO A 54 3.03 5.18 -4.05
N VAL A 55 2.00 5.59 -4.78
CA VAL A 55 1.72 5.06 -6.10
C VAL A 55 2.83 5.42 -7.08
N SER A 56 3.60 6.46 -6.75
CA SER A 56 4.69 6.90 -7.60
C SER A 56 5.92 6.02 -7.41
N TYR A 57 5.80 5.02 -6.54
CA TYR A 57 6.90 4.11 -6.28
C TYR A 57 6.45 2.65 -6.44
N VAL A 58 5.35 2.46 -7.15
CA VAL A 58 4.81 1.13 -7.38
C VAL A 58 4.01 1.06 -8.68
N ARG A 59 3.83 -0.15 -9.21
CA ARG A 59 3.10 -0.33 -10.45
C ARG A 59 1.93 -1.30 -10.25
N ILE A 60 0.75 -0.89 -10.68
CA ILE A 60 -0.45 -1.71 -10.55
C ILE A 60 -0.52 -2.74 -11.67
N ILE A 61 -0.37 -4.01 -11.31
CA ILE A 61 -0.43 -5.10 -12.28
C ILE A 61 -1.38 -6.20 -11.82
N ASP A 62 -1.48 -7.26 -12.62
CA ASP A 62 -2.36 -8.38 -12.30
C ASP A 62 -1.61 -9.70 -12.39
N LEU A 63 -1.71 -10.51 -11.34
CA LEU A 63 -1.03 -11.81 -11.31
C LEU A 63 -1.41 -12.65 -12.52
N MET A 64 -2.59 -12.39 -13.07
CA MET A 64 -3.08 -13.13 -14.23
C MET A 64 -2.67 -12.42 -15.53
N ASP A 65 -2.58 -11.09 -15.46
CA ASP A 65 -2.21 -10.30 -16.63
C ASP A 65 -1.29 -9.15 -16.23
N PRO A 66 -0.02 -9.49 -15.93
CA PRO A 66 0.99 -8.50 -15.53
C PRO A 66 1.39 -7.59 -16.68
N ALA A 67 1.03 -7.99 -17.91
CA ALA A 67 1.36 -7.21 -19.09
C ALA A 67 0.19 -6.32 -19.49
N LYS A 68 -0.99 -6.61 -18.98
CA LYS A 68 -2.18 -5.84 -19.29
C LYS A 68 -2.15 -4.49 -18.57
N TYR A 69 -1.94 -4.51 -17.27
CA TYR A 69 -1.89 -3.29 -16.47
C TYR A 69 -0.46 -2.81 -16.29
N ALA A 70 0.42 -3.23 -17.20
CA ALA A 70 1.82 -2.84 -17.15
C ALA A 70 2.05 -1.51 -17.86
N SER A 71 1.10 -1.13 -18.71
CA SER A 71 1.20 0.12 -19.45
C SER A 71 0.44 1.24 -18.74
N VAL A 72 -0.50 0.86 -17.89
CA VAL A 72 -1.30 1.82 -17.15
C VAL A 72 -0.41 2.84 -16.44
N ASP A 73 -0.89 4.08 -16.36
CA ASP A 73 -0.13 5.14 -15.69
C ASP A 73 -0.57 5.30 -14.25
N THR A 74 0.28 4.86 -13.32
CA THR A 74 -0.02 4.94 -11.90
C THR A 74 0.04 6.39 -11.42
N TYR A 75 0.96 7.16 -11.98
CA TYR A 75 1.12 8.56 -11.61
C TYR A 75 -0.16 9.34 -11.89
N ASP A 76 -0.76 9.07 -13.03
CA ASP A 76 -2.00 9.76 -13.42
C ASP A 76 -3.13 9.43 -12.45
N ARG A 77 -3.50 10.42 -11.63
CA ARG A 77 -4.56 10.23 -10.66
C ARG A 77 -5.84 9.73 -11.33
N GLU A 78 -5.99 10.07 -12.61
CA GLU A 78 -7.17 9.66 -13.36
C GLU A 78 -7.19 8.14 -13.55
N GLN A 79 -6.11 7.62 -14.12
CA GLN A 79 -6.01 6.18 -14.37
C GLN A 79 -6.11 5.40 -13.06
N VAL A 80 -5.23 5.71 -12.11
CA VAL A 80 -5.22 5.04 -10.82
C VAL A 80 -6.60 5.07 -10.18
N MET A 81 -7.35 6.14 -10.45
CA MET A 81 -8.69 6.30 -9.89
C MET A 81 -9.65 5.27 -10.48
N LYS A 82 -9.75 5.26 -11.81
CA LYS A 82 -10.63 4.32 -12.50
C LYS A 82 -10.32 2.88 -12.10
N ILE A 83 -9.04 2.60 -11.90
CA ILE A 83 -8.61 1.26 -11.51
C ILE A 83 -9.10 0.92 -10.10
N ILE A 84 -8.77 1.77 -9.14
CA ILE A 84 -9.18 1.55 -7.76
C ILE A 84 -10.69 1.52 -7.63
N ASP A 85 -11.37 2.35 -8.43
CA ASP A 85 -12.82 2.43 -8.40
C ASP A 85 -13.43 1.17 -9.02
N GLU A 86 -12.96 0.81 -10.20
CA GLU A 86 -13.47 -0.37 -10.90
C GLU A 86 -13.18 -1.64 -10.11
N PHE A 87 -11.94 -1.76 -9.63
CA PHE A 87 -11.54 -2.92 -8.85
C PHE A 87 -12.20 -2.91 -7.47
N LYS A 88 -12.75 -1.76 -7.10
CA LYS A 88 -13.41 -1.62 -5.81
C LYS A 88 -12.44 -1.91 -4.67
N ILE A 89 -11.31 -1.20 -4.66
CA ILE A 89 -10.30 -1.39 -3.62
C ILE A 89 -10.62 -0.55 -2.39
N PRO A 90 -10.55 -1.18 -1.21
CA PRO A 90 -10.83 -0.50 0.07
C PRO A 90 -9.75 0.50 0.43
N THR A 91 -10.07 1.43 1.33
CA THR A 91 -9.13 2.44 1.76
C THR A 91 -8.46 2.05 3.08
N VAL A 92 -7.38 2.74 3.41
CA VAL A 92 -6.65 2.47 4.64
C VAL A 92 -7.58 2.42 5.85
N GLU A 93 -8.37 3.48 6.01
CA GLU A 93 -9.32 3.56 7.12
C GLU A 93 -10.18 2.30 7.19
N GLN A 94 -10.81 1.97 6.05
CA GLN A 94 -11.68 0.80 5.99
C GLN A 94 -10.91 -0.47 6.37
N TRP A 95 -9.70 -0.59 5.88
CA TRP A 95 -8.86 -1.75 6.16
C TRP A 95 -8.50 -1.81 7.64
N LYS A 96 -8.29 -0.64 8.24
CA LYS A 96 -7.94 -0.56 9.65
C LYS A 96 -9.12 -0.98 10.53
N ASP A 97 -10.32 -0.60 10.11
CA ASP A 97 -11.53 -0.94 10.86
C ASP A 97 -11.82 -2.44 10.77
N GLN A 98 -11.82 -2.97 9.55
CA GLN A 98 -12.08 -4.38 9.34
C GLN A 98 -11.06 -5.24 10.06
N THR A 99 -9.80 -4.81 10.04
CA THR A 99 -8.72 -5.54 10.70
C THR A 99 -8.85 -5.46 12.21
N ARG A 100 -9.20 -4.28 12.71
CA ARG A 100 -9.35 -4.06 14.14
C ARG A 100 -10.44 -4.97 14.71
N ARG A 101 -11.57 -5.03 14.03
CA ARG A 101 -12.69 -5.86 14.45
C ARG A 101 -12.42 -7.33 14.19
N TYR A 102 -11.66 -7.61 13.12
CA TYR A 102 -11.33 -8.97 12.74
C TYR A 102 -10.33 -9.58 13.73
N LYS A 103 -9.38 -8.77 14.17
CA LYS A 103 -8.36 -9.22 15.12
C LYS A 103 -8.99 -9.55 16.47
N GLU A 104 -10.22 -9.10 16.67
CA GLU A 104 -10.92 -9.35 17.92
C GLU A 104 -11.08 -10.85 18.18
N SER A 105 -11.89 -11.20 19.17
CA SER A 105 -12.13 -12.59 19.52
C SER A 105 -12.46 -13.41 18.27
N SER A 106 -11.49 -14.21 17.82
CA SER A 106 -11.68 -15.04 16.64
C SER A 106 -10.70 -16.22 16.65
N ILE A 107 -10.63 -16.91 15.52
CA ILE A 107 -9.73 -18.06 15.39
C ILE A 107 -8.28 -17.61 15.26
N GLN A 108 -7.36 -18.50 15.62
CA GLN A 108 -5.93 -18.19 15.55
C GLN A 108 -5.57 -17.60 14.19
N ILE A 109 -4.37 -17.03 14.10
CA ILE A 109 -3.91 -16.43 12.86
C ILE A 109 -2.45 -16.78 12.59
N GLY A 110 -1.55 -16.24 13.40
CA GLY A 110 -0.13 -16.51 13.24
C GLY A 110 0.74 -15.39 13.76
N ASN A 111 0.25 -14.16 13.63
CA ASN A 111 1.00 -12.99 14.09
C ASN A 111 0.22 -12.24 15.16
N GLY A 112 0.94 -11.58 16.06
CA GLY A 112 0.30 -10.82 17.13
C GLY A 112 1.16 -9.68 17.63
N HIS A 113 0.51 -8.59 18.00
CA HIS A 113 1.23 -7.41 18.50
C HIS A 113 0.34 -6.59 19.42
N GLY A 114 0.88 -5.48 19.94
CA GLY A 114 0.12 -4.64 20.83
C GLY A 114 0.97 -3.51 21.41
N GLN A 115 0.35 -2.35 21.61
CA GLN A 115 1.05 -1.20 22.16
C GLN A 115 0.11 -0.36 23.03
N SER A 116 0.65 0.73 23.58
CA SER A 116 -0.14 1.62 24.43
C SER A 116 0.56 2.96 24.60
N GLN A 117 -0.23 3.98 24.94
CA GLN A 117 0.31 5.32 25.13
C GLN A 117 -0.46 6.07 26.20
N GLY A 118 -0.04 7.31 26.48
CA GLY A 118 -0.71 8.12 27.49
C GLY A 118 0.21 9.17 28.08
N LEU A 119 -0.15 10.43 27.89
CA LEU A 119 0.65 11.53 28.42
C LEU A 119 -0.14 12.84 28.39
N GLU A 120 0.27 13.79 29.23
CA GLU A 120 -0.40 15.09 29.29
C GLU A 120 0.45 16.18 28.66
N GLY B 1 -6.53 5.15 13.19
CA GLY B 1 -5.56 5.55 12.18
C GLY B 1 -4.14 5.23 12.59
N LYS B 2 -3.64 4.07 12.18
CA LYS B 2 -2.28 3.65 12.51
C LYS B 2 -1.29 4.20 11.50
N PHE B 3 -1.67 4.21 10.24
CA PHE B 3 -0.81 4.72 9.17
C PHE B 3 -1.11 6.18 8.87
N ILE B 4 -2.21 6.42 8.17
CA ILE B 4 -2.60 7.78 7.82
C ILE B 4 -1.44 8.55 7.19
N PRO B 5 -1.17 8.28 5.91
CA PRO B 5 -0.09 8.94 5.17
C PRO B 5 -0.38 10.41 4.91
N SER B 6 0.16 11.28 5.76
CA SER B 6 -0.04 12.72 5.61
C SER B 6 1.12 13.36 4.87
N ARG B 7 2.06 12.53 4.42
CA ARG B 7 3.22 13.02 3.69
C ARG B 7 2.80 13.92 2.53
N PRO B 8 3.75 14.71 2.02
CA PRO B 8 3.50 15.63 0.91
C PRO B 8 3.27 14.90 -0.41
N ALA B 9 3.67 13.63 -0.46
CA ALA B 9 3.50 12.82 -1.66
C ALA B 9 4.31 13.38 -2.82
N PRO B 10 5.60 13.02 -2.88
CA PRO B 10 6.51 13.47 -3.94
C PRO B 10 6.17 12.86 -5.29
N LYS B 11 6.28 13.67 -6.34
CA LYS B 11 5.98 13.20 -7.69
C LYS B 11 7.10 12.31 -8.21
N PRO B 12 6.80 11.51 -9.24
CA PRO B 12 7.76 10.59 -9.85
C PRO B 12 8.85 11.32 -10.62
N PRO B 13 9.92 10.59 -10.99
CA PRO B 13 11.04 11.16 -11.73
C PRO B 13 10.67 11.50 -13.17
N SER B 14 9.74 10.75 -13.74
CA SER B 14 9.30 10.96 -15.10
C SER B 14 8.01 11.78 -15.13
N SER B 15 8.10 13.02 -14.66
CA SER B 15 6.93 13.90 -14.63
C SER B 15 6.53 14.32 -16.04
N ALA B 16 5.27 14.13 -16.37
CA ALA B 16 4.74 14.49 -17.69
C ALA B 16 4.40 15.97 -17.75
N MET A 1 -6.75 -11.40 0.47
CA MET A 1 -5.73 -10.36 0.40
C MET A 1 -4.33 -10.97 0.40
N ALA A 2 -3.39 -10.30 -0.27
CA ALA A 2 -2.02 -10.79 -0.34
C ALA A 2 -1.04 -9.64 -0.15
N PRO A 3 0.22 -9.99 0.20
CA PRO A 3 1.28 -9.01 0.43
C PRO A 3 1.73 -8.34 -0.87
N LEU A 4 2.00 -7.05 -0.79
CA LEU A 4 2.45 -6.29 -1.96
C LEU A 4 3.53 -5.29 -1.58
N PHE A 5 4.45 -5.04 -2.51
CA PHE A 5 5.55 -4.10 -2.27
C PHE A 5 5.61 -3.05 -3.37
N ALA A 6 6.19 -1.90 -3.05
CA ALA A 6 6.32 -0.81 -4.02
C ALA A 6 7.73 -0.25 -4.02
N VAL A 7 8.11 0.37 -5.13
CA VAL A 7 9.43 0.97 -5.27
C VAL A 7 9.36 2.45 -5.61
N THR A 8 9.94 3.28 -4.76
CA THR A 8 9.93 4.73 -4.98
C THR A 8 10.70 5.10 -6.23
N LEU A 9 10.18 6.07 -6.98
CA LEU A 9 10.82 6.52 -8.20
C LEU A 9 11.25 7.99 -8.09
N TYR A 10 10.74 8.66 -7.07
CA TYR A 10 11.07 10.06 -6.85
C TYR A 10 11.37 10.33 -5.37
N GLU A 11 12.09 11.41 -5.11
CA GLU A 11 12.46 11.77 -3.75
C GLU A 11 11.33 12.54 -3.07
N PHE A 12 10.62 11.86 -2.16
CA PHE A 12 9.51 12.49 -1.45
C PHE A 12 10.00 13.21 -0.20
N LYS A 13 9.54 14.44 -0.01
CA LYS A 13 9.94 15.24 1.14
C LYS A 13 8.75 15.47 2.07
N ALA A 14 8.67 14.67 3.14
CA ALA A 14 7.59 14.79 4.11
C ALA A 14 7.47 16.22 4.62
N GLU A 15 6.31 16.56 5.17
CA GLU A 15 6.07 17.90 5.69
C GLU A 15 5.81 17.84 7.20
N ARG A 16 5.36 16.69 7.68
CA ARG A 16 5.06 16.51 9.09
C ARG A 16 5.49 15.13 9.56
N ASP A 17 5.23 14.83 10.83
CA ASP A 17 5.58 13.53 11.41
C ASP A 17 4.92 12.40 10.63
N ASP A 18 3.63 12.55 10.35
CA ASP A 18 2.88 11.54 9.61
C ASP A 18 3.60 11.17 8.31
N GLU A 19 3.93 12.18 7.52
CA GLU A 19 4.61 11.96 6.24
C GLU A 19 6.02 11.44 6.47
N LEU A 20 6.53 10.66 5.51
CA LEU A 20 7.86 10.10 5.61
C LEU A 20 8.70 10.45 4.38
N ASP A 21 10.00 10.53 4.55
CA ASP A 21 10.91 10.85 3.45
C ASP A 21 11.46 9.58 2.82
N VAL A 22 11.61 9.60 1.50
CA VAL A 22 12.13 8.46 0.77
C VAL A 22 12.84 8.89 -0.52
N SER A 23 13.83 8.12 -0.94
CA SER A 23 14.57 8.43 -2.15
C SER A 23 14.19 7.47 -3.29
N PRO A 24 14.46 7.90 -4.52
CA PRO A 24 14.15 7.10 -5.71
C PRO A 24 15.04 5.86 -5.83
N GLY A 25 14.41 4.69 -5.88
CA GLY A 25 15.15 3.46 -5.99
C GLY A 25 15.12 2.63 -4.71
N GLU A 26 14.40 3.14 -3.72
CA GLU A 26 14.29 2.45 -2.43
C GLU A 26 13.07 1.54 -2.41
N ASN A 27 13.11 0.53 -1.53
CA ASN A 27 12.01 -0.42 -1.42
C ASN A 27 11.12 -0.09 -0.21
N LEU A 28 9.82 -0.05 -0.43
CA LEU A 28 8.87 0.24 0.63
C LEU A 28 7.74 -0.78 0.67
N SER A 29 7.25 -1.07 1.87
CA SER A 29 6.19 -2.04 2.05
C SER A 29 4.84 -1.33 2.25
N ILE A 30 3.93 -1.53 1.31
CA ILE A 30 2.61 -0.92 1.38
C ILE A 30 1.69 -1.70 2.31
N CYS A 31 0.75 -0.99 2.94
CA CYS A 31 -0.20 -1.63 3.85
C CYS A 31 -1.64 -1.35 3.42
N ALA A 32 -1.90 -0.11 3.01
CA ALA A 32 -3.23 0.29 2.57
C ALA A 32 -3.17 1.46 1.61
N HIS A 33 -4.33 1.92 1.17
CA HIS A 33 -4.40 3.05 0.24
C HIS A 33 -5.47 4.05 0.69
N TYR A 34 -5.56 5.17 -0.03
CA TYR A 34 -6.53 6.20 0.29
C TYR A 34 -7.19 6.75 -0.97
N ASP A 35 -8.41 6.27 -1.25
CA ASP A 35 -9.15 6.70 -2.43
C ASP A 35 -8.33 6.48 -3.70
N TYR A 36 -7.41 5.52 -3.65
CA TYR A 36 -6.56 5.21 -4.79
C TYR A 36 -5.67 6.40 -5.14
N GLU A 37 -5.55 7.33 -4.21
CA GLU A 37 -4.72 8.52 -4.42
C GLU A 37 -3.40 8.41 -3.64
N TRP A 38 -3.50 8.18 -2.35
CA TRP A 38 -2.33 8.05 -1.50
C TRP A 38 -2.08 6.59 -1.12
N PHE A 39 -0.81 6.25 -0.88
CA PHE A 39 -0.46 4.89 -0.51
C PHE A 39 0.32 4.88 0.80
N ILE A 40 -0.02 3.95 1.68
CA ILE A 40 0.64 3.83 2.98
C ILE A 40 1.79 2.83 2.91
N ALA A 41 3.00 3.34 2.71
CA ALA A 41 4.19 2.49 2.63
C ALA A 41 5.13 2.76 3.80
N LYS A 42 5.92 1.75 4.15
CA LYS A 42 6.87 1.88 5.26
C LYS A 42 8.27 1.50 4.81
N PRO A 43 9.29 1.99 5.54
CA PRO A 43 10.69 1.71 5.24
C PRO A 43 11.08 0.27 5.52
N ILE A 44 11.72 -0.37 4.55
CA ILE A 44 12.15 -1.76 4.69
C ILE A 44 13.61 -1.85 5.09
N ASN A 45 14.43 -0.95 4.54
CA ASN A 45 15.85 -0.94 4.84
C ASN A 45 16.19 0.17 5.82
N ARG A 46 15.50 1.30 5.69
CA ARG A 46 15.72 2.44 6.57
C ARG A 46 15.19 2.16 7.97
N LEU A 47 15.28 3.15 8.84
CA LEU A 47 14.80 3.01 10.22
C LEU A 47 13.87 4.15 10.59
N GLY A 48 12.64 3.80 10.99
CA GLY A 48 11.66 4.80 11.36
C GLY A 48 10.29 4.21 11.59
N GLY A 49 9.38 4.49 10.66
CA GLY A 49 8.02 3.97 10.78
C GLY A 49 7.18 4.26 9.55
N PRO A 50 5.96 3.70 9.52
CA PRO A 50 5.04 3.88 8.40
C PRO A 50 4.48 5.29 8.34
N GLY A 51 4.65 5.94 7.19
CA GLY A 51 4.17 7.30 7.01
C GLY A 51 3.09 7.40 5.96
N LEU A 52 3.33 8.23 4.95
CA LEU A 52 2.37 8.41 3.86
C LEU A 52 3.06 8.85 2.58
N VAL A 53 2.84 8.10 1.51
CA VAL A 53 3.45 8.42 0.22
C VAL A 53 2.44 8.30 -0.91
N PRO A 54 2.40 9.33 -1.78
CA PRO A 54 1.48 9.37 -2.92
C PRO A 54 1.83 8.34 -3.98
N VAL A 55 0.82 7.87 -4.70
CA VAL A 55 1.02 6.88 -5.76
C VAL A 55 1.99 7.40 -6.81
N SER A 56 2.12 8.71 -6.90
CA SER A 56 3.01 9.34 -7.88
C SER A 56 4.47 9.25 -7.41
N TYR A 57 4.66 8.73 -6.21
CA TYR A 57 6.00 8.59 -5.64
C TYR A 57 6.31 7.14 -5.30
N VAL A 58 5.54 6.23 -5.89
CA VAL A 58 5.73 4.80 -5.64
C VAL A 58 5.23 3.97 -6.83
N ARG A 59 5.97 2.93 -7.16
CA ARG A 59 5.61 2.05 -8.28
C ARG A 59 5.23 0.67 -7.77
N ILE A 60 3.98 0.28 -8.01
CA ILE A 60 3.49 -1.03 -7.58
C ILE A 60 4.18 -2.15 -8.36
N ILE A 61 5.04 -2.89 -7.67
CA ILE A 61 5.76 -3.99 -8.29
C ILE A 61 5.66 -5.26 -7.45
N ASP A 62 6.11 -6.38 -8.00
CA ASP A 62 6.07 -7.65 -7.30
C ASP A 62 7.49 -8.16 -7.03
N LEU A 63 7.69 -8.75 -5.85
CA LEU A 63 8.99 -9.28 -5.48
C LEU A 63 9.38 -10.46 -6.36
N MET A 64 8.38 -11.13 -6.92
CA MET A 64 8.61 -12.27 -7.79
C MET A 64 8.73 -11.84 -9.25
N ASP A 65 8.05 -10.75 -9.59
CA ASP A 65 8.08 -10.23 -10.95
C ASP A 65 7.93 -8.70 -10.95
N PRO A 66 9.00 -8.00 -10.54
CA PRO A 66 9.03 -6.54 -10.49
C PRO A 66 9.01 -5.91 -11.88
N ALA A 67 9.21 -6.74 -12.90
CA ALA A 67 9.23 -6.26 -14.28
C ALA A 67 7.83 -6.35 -14.90
N LYS A 68 6.94 -7.06 -14.24
CA LYS A 68 5.57 -7.23 -14.72
C LYS A 68 4.77 -5.94 -14.52
N TYR A 69 4.78 -5.43 -13.30
CA TYR A 69 4.05 -4.22 -12.97
C TYR A 69 4.97 -3.00 -12.99
N ALA A 70 6.08 -3.12 -13.71
CA ALA A 70 7.05 -2.04 -13.80
C ALA A 70 6.62 -1.00 -14.85
N SER A 71 5.76 -1.43 -15.77
CA SER A 71 5.27 -0.53 -16.82
C SER A 71 3.91 0.04 -16.44
N VAL A 72 3.29 -0.52 -15.41
CA VAL A 72 1.99 -0.06 -14.96
C VAL A 72 1.99 1.46 -14.72
N ASP A 73 0.89 2.10 -15.08
CA ASP A 73 0.77 3.54 -14.91
C ASP A 73 0.15 3.89 -13.55
N THR A 74 0.97 3.77 -12.50
CA THR A 74 0.51 4.06 -11.15
C THR A 74 -0.25 5.39 -11.10
N TYR A 75 0.19 6.35 -11.91
CA TYR A 75 -0.45 7.66 -11.95
C TYR A 75 -1.91 7.54 -12.36
N ASP A 76 -2.17 6.73 -13.38
CA ASP A 76 -3.54 6.52 -13.86
C ASP A 76 -4.40 5.87 -12.79
N ARG A 77 -5.40 6.62 -12.30
CA ARG A 77 -6.29 6.12 -11.26
C ARG A 77 -6.96 4.82 -11.71
N GLU A 78 -7.04 4.63 -13.03
CA GLU A 78 -7.67 3.43 -13.57
C GLU A 78 -6.85 2.19 -13.25
N GLN A 79 -5.58 2.19 -13.64
CA GLN A 79 -4.70 1.07 -13.39
C GLN A 79 -4.60 0.78 -11.89
N VAL A 80 -4.21 1.79 -11.13
CA VAL A 80 -4.09 1.65 -9.68
C VAL A 80 -5.37 1.09 -9.06
N MET A 81 -6.50 1.43 -9.68
CA MET A 81 -7.80 0.97 -9.19
C MET A 81 -7.94 -0.54 -9.38
N LYS A 82 -7.77 -0.99 -10.62
CA LYS A 82 -7.89 -2.41 -10.94
C LYS A 82 -6.95 -3.24 -10.07
N ILE A 83 -5.76 -2.72 -9.81
CA ILE A 83 -4.78 -3.42 -8.98
C ILE A 83 -5.26 -3.53 -7.54
N ILE A 84 -5.54 -2.38 -6.92
CA ILE A 84 -6.01 -2.36 -5.55
C ILE A 84 -7.30 -3.17 -5.39
N ASP A 85 -8.14 -3.13 -6.42
CA ASP A 85 -9.40 -3.87 -6.40
C ASP A 85 -9.16 -5.37 -6.49
N GLU A 86 -8.39 -5.78 -7.50
CA GLU A 86 -8.08 -7.19 -7.69
C GLU A 86 -7.33 -7.77 -6.49
N PHE A 87 -6.29 -7.07 -6.07
CA PHE A 87 -5.49 -7.50 -4.92
C PHE A 87 -6.29 -7.39 -3.62
N LYS A 88 -7.40 -6.66 -3.68
CA LYS A 88 -8.25 -6.48 -2.52
C LYS A 88 -7.48 -5.84 -1.37
N ILE A 89 -6.89 -4.68 -1.64
CA ILE A 89 -6.12 -3.97 -0.63
C ILE A 89 -7.02 -3.09 0.22
N PRO A 90 -6.85 -3.19 1.55
CA PRO A 90 -7.63 -2.41 2.51
C PRO A 90 -7.30 -0.92 2.47
N THR A 91 -8.28 -0.09 2.81
CA THR A 91 -8.09 1.36 2.82
C THR A 91 -7.50 1.83 4.13
N VAL A 92 -7.05 3.09 4.16
CA VAL A 92 -6.46 3.67 5.37
C VAL A 92 -7.37 3.46 6.57
N GLU A 93 -8.59 3.96 6.48
CA GLU A 93 -9.57 3.84 7.56
C GLU A 93 -9.69 2.39 8.01
N GLN A 94 -9.93 1.50 7.05
CA GLN A 94 -10.08 0.08 7.34
C GLN A 94 -8.84 -0.46 8.06
N TRP A 95 -7.67 -0.03 7.61
CA TRP A 95 -6.42 -0.47 8.20
C TRP A 95 -6.28 0.05 9.63
N LYS A 96 -6.73 1.29 9.85
CA LYS A 96 -6.65 1.90 11.17
C LYS A 96 -7.60 1.20 12.15
N ASP A 97 -8.75 0.77 11.65
CA ASP A 97 -9.74 0.08 12.47
C ASP A 97 -9.26 -1.32 12.85
N GLN A 98 -8.82 -2.07 11.84
CA GLN A 98 -8.34 -3.43 12.07
C GLN A 98 -7.13 -3.43 13.00
N THR A 99 -6.25 -2.46 12.81
CA THR A 99 -5.05 -2.35 13.63
C THR A 99 -5.39 -1.91 15.06
N ARG A 100 -6.29 -0.95 15.17
CA ARG A 100 -6.71 -0.44 16.47
C ARG A 100 -7.37 -1.54 17.30
N ARG A 101 -8.16 -2.39 16.63
CA ARG A 101 -8.84 -3.48 17.31
C ARG A 101 -7.90 -4.66 17.52
N TYR A 102 -6.94 -4.82 16.61
CA TYR A 102 -5.98 -5.91 16.70
C TYR A 102 -4.90 -5.61 17.72
N LYS A 103 -4.71 -4.32 18.02
CA LYS A 103 -3.71 -3.90 18.99
C LYS A 103 -4.32 -3.80 20.38
N GLU A 104 -5.63 -3.61 20.44
CA GLU A 104 -6.34 -3.50 21.71
C GLU A 104 -6.78 -4.88 22.22
N SER A 105 -6.29 -5.92 21.55
CA SER A 105 -6.64 -7.28 21.93
C SER A 105 -8.16 -7.45 22.04
N SER A 106 -8.88 -6.97 21.04
CA SER A 106 -10.33 -7.05 21.03
C SER A 106 -10.79 -8.49 20.81
N ILE A 107 -12.08 -8.67 20.55
CA ILE A 107 -12.64 -9.99 20.32
C ILE A 107 -12.39 -10.46 18.89
N GLN A 108 -12.45 -11.77 18.69
CA GLN A 108 -12.21 -12.35 17.37
C GLN A 108 -13.05 -11.63 16.31
N ILE A 109 -12.72 -11.88 15.04
CA ILE A 109 -13.44 -11.26 13.93
C ILE A 109 -14.10 -12.30 13.05
N GLY A 110 -13.27 -13.17 12.47
CA GLY A 110 -13.80 -14.22 11.61
C GLY A 110 -12.85 -15.40 11.49
N ASN A 111 -12.51 -16.00 12.62
CA ASN A 111 -11.60 -17.15 12.65
C ASN A 111 -12.38 -18.45 12.48
N GLY A 112 -12.02 -19.21 11.45
CA GLY A 112 -12.69 -20.48 11.20
C GLY A 112 -12.42 -21.01 9.81
N HIS A 113 -12.47 -22.33 9.67
CA HIS A 113 -12.22 -22.97 8.38
C HIS A 113 -12.51 -24.47 8.44
N GLY A 114 -12.84 -25.06 7.30
CA GLY A 114 -13.13 -26.48 7.25
C GLY A 114 -11.97 -27.30 6.71
N GLN A 115 -12.27 -28.48 6.20
CA GLN A 115 -11.25 -29.35 5.65
C GLN A 115 -11.88 -30.59 5.00
N SER A 116 -11.32 -31.01 3.87
CA SER A 116 -11.82 -32.18 3.15
C SER A 116 -11.35 -33.47 3.82
N GLN A 117 -11.69 -34.60 3.20
CA GLN A 117 -11.31 -35.90 3.72
C GLN A 117 -10.99 -36.88 2.60
N GLY A 118 -10.00 -37.74 2.81
CA GLY A 118 -9.62 -38.71 1.81
C GLY A 118 -9.48 -40.10 2.37
N LEU A 119 -10.33 -41.02 1.92
CA LEU A 119 -10.30 -42.40 2.38
C LEU A 119 -10.86 -43.35 1.33
N GLU A 120 -10.77 -44.64 1.60
CA GLU A 120 -11.26 -45.65 0.67
C GLU A 120 -12.63 -46.17 1.10
N GLY B 1 -11.38 7.83 10.73
CA GLY B 1 -10.17 7.05 10.86
C GLY B 1 -8.96 7.90 11.22
N LYS B 2 -7.84 7.64 10.56
CA LYS B 2 -6.62 8.38 10.81
C LYS B 2 -5.69 8.33 9.60
N PHE B 3 -4.58 9.06 9.67
CA PHE B 3 -3.61 9.08 8.58
C PHE B 3 -4.24 9.61 7.30
N ILE B 4 -5.29 10.41 7.45
CA ILE B 4 -5.99 10.98 6.30
C ILE B 4 -5.22 12.15 5.71
N PRO B 5 -4.77 11.99 4.45
CA PRO B 5 -4.02 13.03 3.75
C PRO B 5 -4.88 14.24 3.39
N SER B 6 -6.04 13.98 2.80
CA SER B 6 -6.96 15.04 2.41
C SER B 6 -6.22 16.13 1.62
N ARG B 7 -5.21 15.73 0.88
CA ARG B 7 -4.42 16.66 0.08
C ARG B 7 -4.56 16.37 -1.41
N PRO B 8 -4.20 17.35 -2.24
CA PRO B 8 -4.28 17.23 -3.70
C PRO B 8 -3.25 16.25 -4.25
N ALA B 9 -2.23 15.95 -3.45
CA ALA B 9 -1.18 15.02 -3.86
C ALA B 9 -0.38 15.58 -5.02
N PRO B 10 0.93 15.27 -5.05
CA PRO B 10 1.83 15.73 -6.11
C PRO B 10 1.55 15.07 -7.45
N LYS B 11 1.90 15.76 -8.53
CA LYS B 11 1.67 15.23 -9.87
C LYS B 11 2.96 14.66 -10.45
N PRO B 12 2.82 13.81 -11.48
CA PRO B 12 3.97 13.18 -12.14
C PRO B 12 4.79 14.18 -12.95
N PRO B 13 6.01 13.76 -13.33
CA PRO B 13 6.93 14.60 -14.10
C PRO B 13 6.45 14.82 -15.54
N SER B 14 5.64 15.86 -15.73
CA SER B 14 5.10 16.17 -17.05
C SER B 14 5.66 17.49 -17.55
N SER B 15 6.92 17.48 -17.96
CA SER B 15 7.58 18.68 -18.47
C SER B 15 7.24 18.90 -19.94
N ALA B 16 7.87 19.91 -20.53
CA ALA B 16 7.63 20.23 -21.93
C ALA B 16 8.95 20.32 -22.70
N MET A 1 -8.68 -11.16 -5.41
CA MET A 1 -7.51 -10.30 -5.35
C MET A 1 -6.24 -11.07 -5.71
N ALA A 2 -5.28 -10.40 -6.33
CA ALA A 2 -4.02 -11.03 -6.71
C ALA A 2 -2.83 -10.12 -6.39
N PRO A 3 -1.64 -10.72 -6.31
CA PRO A 3 -0.41 -9.98 -6.02
C PRO A 3 0.01 -9.08 -7.16
N LEU A 4 0.23 -7.80 -6.85
CA LEU A 4 0.64 -6.82 -7.86
C LEU A 4 2.01 -6.24 -7.52
N PHE A 5 2.70 -5.73 -8.54
CA PHE A 5 4.01 -5.14 -8.35
C PHE A 5 4.09 -3.78 -9.02
N ALA A 6 4.92 -2.89 -8.46
CA ALA A 6 5.10 -1.55 -9.01
C ALA A 6 6.57 -1.17 -9.07
N VAL A 7 6.93 -0.42 -10.10
CA VAL A 7 8.31 0.01 -10.29
C VAL A 7 8.44 1.53 -10.15
N THR A 8 9.38 1.96 -9.33
CA THR A 8 9.60 3.39 -9.11
C THR A 8 10.18 4.06 -10.36
N LEU A 9 9.60 5.18 -10.74
CA LEU A 9 10.08 5.92 -11.91
C LEU A 9 10.95 7.10 -11.51
N TYR A 10 10.80 7.54 -10.27
CA TYR A 10 11.57 8.66 -9.76
C TYR A 10 12.23 8.30 -8.42
N GLU A 11 13.15 9.16 -7.99
CA GLU A 11 13.86 8.94 -6.73
C GLU A 11 13.10 9.55 -5.55
N PHE A 12 12.45 8.70 -4.76
CA PHE A 12 11.68 9.15 -3.61
C PHE A 12 12.55 9.17 -2.36
N LYS A 13 12.96 10.36 -1.94
CA LYS A 13 13.78 10.52 -0.75
C LYS A 13 12.93 10.57 0.50
N ALA A 14 12.95 9.49 1.28
CA ALA A 14 12.18 9.42 2.51
C ALA A 14 12.53 10.57 3.45
N GLU A 15 11.62 10.87 4.38
CA GLU A 15 11.85 11.95 5.33
C GLU A 15 11.62 11.46 6.76
N ARG A 16 10.60 10.63 6.94
CA ARG A 16 10.27 10.09 8.25
C ARG A 16 10.64 8.61 8.35
N ASP A 17 10.41 8.02 9.52
CA ASP A 17 10.71 6.61 9.74
C ASP A 17 9.80 5.73 8.89
N ASP A 18 8.54 6.14 8.74
CA ASP A 18 7.57 5.38 7.96
C ASP A 18 7.93 5.41 6.48
N GLU A 19 8.19 6.61 5.96
CA GLU A 19 8.54 6.78 4.56
C GLU A 19 9.75 5.93 4.20
N LEU A 20 9.68 5.25 3.05
CA LEU A 20 10.77 4.41 2.60
C LEU A 20 11.42 4.99 1.34
N ASP A 21 12.75 5.11 1.35
CA ASP A 21 13.48 5.64 0.22
C ASP A 21 13.53 4.63 -0.93
N VAL A 22 13.43 5.12 -2.15
CA VAL A 22 13.46 4.26 -3.33
C VAL A 22 13.98 5.01 -4.54
N SER A 23 14.73 4.31 -5.39
CA SER A 23 15.28 4.91 -6.59
C SER A 23 14.53 4.45 -7.83
N PRO A 24 14.67 5.22 -8.93
CA PRO A 24 14.01 4.92 -10.20
C PRO A 24 14.59 3.67 -10.88
N GLY A 25 13.73 2.69 -11.13
CA GLY A 25 14.17 1.47 -11.77
C GLY A 25 14.19 0.28 -10.81
N GLU A 26 13.70 0.50 -9.60
CA GLU A 26 13.64 -0.56 -8.60
C GLU A 26 12.32 -1.30 -8.64
N ASN A 27 12.29 -2.50 -8.08
CA ASN A 27 11.08 -3.32 -8.05
C ASN A 27 10.48 -3.36 -6.65
N LEU A 28 9.20 -3.02 -6.55
CA LEU A 28 8.51 -3.04 -5.26
C LEU A 28 7.20 -3.81 -5.35
N SER A 29 6.83 -4.48 -4.26
CA SER A 29 5.60 -5.26 -4.22
C SER A 29 4.53 -4.53 -3.42
N ILE A 30 3.47 -4.11 -4.10
CA ILE A 30 2.38 -3.40 -3.46
C ILE A 30 1.40 -4.39 -2.81
N CYS A 31 0.84 -3.98 -1.67
CA CYS A 31 -0.12 -4.82 -0.95
C CYS A 31 -1.49 -4.16 -0.89
N ALA A 32 -1.50 -2.84 -0.82
CA ALA A 32 -2.74 -2.09 -0.75
C ALA A 32 -2.53 -0.63 -1.14
N HIS A 33 -3.63 0.13 -1.24
CA HIS A 33 -3.55 1.53 -1.61
C HIS A 33 -4.20 2.40 -0.53
N TYR A 34 -4.16 3.72 -0.73
CA TYR A 34 -4.75 4.66 0.21
C TYR A 34 -5.41 5.82 -0.51
N ASP A 35 -6.74 5.75 -0.65
CA ASP A 35 -7.48 6.81 -1.32
C ASP A 35 -6.94 7.05 -2.72
N TYR A 36 -6.26 6.05 -3.27
CA TYR A 36 -5.68 6.17 -4.61
C TYR A 36 -4.61 7.25 -4.65
N GLU A 37 -4.16 7.67 -3.46
CA GLU A 37 -3.13 8.70 -3.37
C GLU A 37 -1.78 8.10 -3.03
N TRP A 38 -1.78 7.12 -2.12
CA TRP A 38 -0.55 6.45 -1.72
C TRP A 38 -0.63 4.96 -1.97
N PHE A 39 0.52 4.29 -1.94
CA PHE A 39 0.57 2.85 -2.18
C PHE A 39 1.47 2.17 -1.14
N ILE A 40 0.96 1.11 -0.53
CA ILE A 40 1.72 0.37 0.48
C ILE A 40 2.48 -0.79 -0.16
N ALA A 41 3.74 -0.54 -0.50
CA ALA A 41 4.59 -1.56 -1.11
C ALA A 41 5.88 -1.77 -0.31
N LYS A 42 6.56 -2.87 -0.57
CA LYS A 42 7.80 -3.18 0.13
C LYS A 42 8.92 -3.48 -0.87
N PRO A 43 10.18 -3.31 -0.42
CA PRO A 43 11.36 -3.56 -1.26
C PRO A 43 11.56 -5.04 -1.56
N ILE A 44 11.91 -5.35 -2.81
CA ILE A 44 12.13 -6.72 -3.21
C ILE A 44 13.61 -7.02 -3.38
N ASN A 45 14.32 -6.09 -4.01
CA ASN A 45 15.76 -6.24 -4.25
C ASN A 45 16.52 -6.31 -2.92
N ARG A 46 16.25 -5.34 -2.05
CA ARG A 46 16.91 -5.28 -0.75
C ARG A 46 15.96 -5.72 0.36
N LEU A 47 16.44 -5.65 1.60
CA LEU A 47 15.63 -6.04 2.75
C LEU A 47 15.48 -4.88 3.72
N GLY A 48 14.24 -4.45 3.95
CA GLY A 48 13.98 -3.36 4.86
C GLY A 48 12.65 -3.48 5.57
N GLY A 49 11.59 -3.67 4.79
CA GLY A 49 10.26 -3.81 5.37
C GLY A 49 9.23 -2.97 4.65
N PRO A 50 7.94 -3.23 4.93
CA PRO A 50 6.83 -2.50 4.31
C PRO A 50 6.75 -1.06 4.79
N GLY A 51 6.93 -0.13 3.85
CA GLY A 51 6.88 1.29 4.20
C GLY A 51 5.72 2.00 3.52
N LEU A 52 6.01 3.13 2.89
CA LEU A 52 5.00 3.91 2.20
C LEU A 52 5.57 4.56 0.95
N VAL A 53 4.90 4.34 -0.18
CA VAL A 53 5.34 4.90 -1.45
C VAL A 53 4.17 5.49 -2.23
N PRO A 54 4.33 6.74 -2.69
CA PRO A 54 3.30 7.45 -3.45
C PRO A 54 3.10 6.85 -4.84
N VAL A 55 1.96 7.17 -5.46
CA VAL A 55 1.66 6.67 -6.79
C VAL A 55 2.30 7.53 -7.87
N SER A 56 2.63 8.76 -7.50
CA SER A 56 3.25 9.69 -8.44
C SER A 56 4.72 9.36 -8.64
N TYR A 57 5.20 8.38 -7.89
CA TYR A 57 6.60 7.97 -7.98
C TYR A 57 6.70 6.46 -8.23
N VAL A 58 5.55 5.80 -8.30
CA VAL A 58 5.51 4.37 -8.55
C VAL A 58 4.64 4.03 -9.75
N ARG A 59 5.00 2.97 -10.46
CA ARG A 59 4.25 2.55 -11.65
C ARG A 59 3.79 1.10 -11.51
N ILE A 60 2.48 0.91 -11.35
CA ILE A 60 1.93 -0.43 -11.20
C ILE A 60 2.10 -1.23 -12.48
N ILE A 61 2.95 -2.26 -12.41
CA ILE A 61 3.20 -3.12 -13.56
C ILE A 61 3.01 -4.59 -13.21
N ASP A 62 2.44 -5.35 -14.14
CA ASP A 62 2.21 -6.78 -13.93
C ASP A 62 3.52 -7.55 -13.92
N LEU A 63 3.76 -8.28 -12.83
CA LEU A 63 4.98 -9.06 -12.69
C LEU A 63 5.13 -10.04 -13.86
N MET A 64 4.01 -10.40 -14.47
CA MET A 64 4.02 -11.33 -15.60
C MET A 64 4.11 -10.57 -16.92
N ASP A 65 3.57 -9.36 -16.93
CA ASP A 65 3.59 -8.53 -18.14
C ASP A 65 3.80 -7.06 -17.79
N PRO A 66 5.06 -6.69 -17.50
CA PRO A 66 5.42 -5.32 -17.14
C PRO A 66 5.31 -4.37 -18.33
N ALA A 67 5.07 -4.92 -19.50
CA ALA A 67 4.93 -4.12 -20.71
C ALA A 67 3.47 -3.79 -21.00
N LYS A 68 2.57 -4.40 -20.23
CA LYS A 68 1.14 -4.17 -20.40
C LYS A 68 0.70 -2.93 -19.65
N TYR A 69 1.03 -2.87 -18.36
CA TYR A 69 0.66 -1.73 -17.53
C TYR A 69 1.81 -0.73 -17.43
N ALA A 70 2.70 -0.75 -18.42
CA ALA A 70 3.84 0.14 -18.44
C ALA A 70 3.48 1.49 -19.06
N SER A 71 2.39 1.51 -19.81
CA SER A 71 1.93 2.72 -20.47
C SER A 71 0.93 3.47 -19.59
N VAL A 72 0.27 2.73 -18.70
CA VAL A 72 -0.71 3.32 -17.80
C VAL A 72 -0.13 4.53 -17.06
N ASP A 73 -1.01 5.42 -16.63
CA ASP A 73 -0.58 6.61 -15.90
C ASP A 73 -1.01 6.54 -14.44
N THR A 74 -0.10 6.08 -13.59
CA THR A 74 -0.38 5.96 -12.16
C THR A 74 -0.76 7.31 -11.56
N TYR A 75 -0.09 8.36 -12.01
CA TYR A 75 -0.35 9.71 -11.52
C TYR A 75 -1.83 10.07 -11.67
N ASP A 76 -2.38 9.75 -12.83
CA ASP A 76 -3.79 10.03 -13.11
C ASP A 76 -4.70 9.25 -12.18
N ARG A 77 -5.35 9.96 -11.26
CA ARG A 77 -6.25 9.33 -10.30
C ARG A 77 -7.28 8.46 -11.01
N GLU A 78 -7.61 8.82 -12.24
CA GLU A 78 -8.58 8.07 -13.02
C GLU A 78 -8.04 6.69 -13.38
N GLN A 79 -6.89 6.65 -14.03
CA GLN A 79 -6.27 5.38 -14.42
C GLN A 79 -6.01 4.51 -13.20
N VAL A 80 -5.29 5.05 -12.23
CA VAL A 80 -4.96 4.32 -11.01
C VAL A 80 -6.22 3.77 -10.35
N MET A 81 -7.32 4.51 -10.47
CA MET A 81 -8.59 4.11 -9.89
C MET A 81 -9.12 2.86 -10.58
N LYS A 82 -9.23 2.92 -11.90
CA LYS A 82 -9.73 1.80 -12.69
C LYS A 82 -8.91 0.54 -12.42
N ILE A 83 -7.60 0.72 -12.26
CA ILE A 83 -6.70 -0.40 -12.00
C ILE A 83 -6.98 -1.02 -10.63
N ILE A 84 -7.00 -0.18 -9.60
CA ILE A 84 -7.25 -0.66 -8.25
C ILE A 84 -8.66 -1.24 -8.13
N ASP A 85 -9.59 -0.67 -8.87
CA ASP A 85 -10.98 -1.14 -8.86
C ASP A 85 -11.11 -2.49 -9.53
N GLU A 86 -10.49 -2.62 -10.70
CA GLU A 86 -10.53 -3.87 -11.46
C GLU A 86 -9.75 -4.96 -10.75
N PHE A 87 -8.53 -4.64 -10.33
CA PHE A 87 -7.68 -5.60 -9.64
C PHE A 87 -8.23 -5.92 -8.26
N LYS A 88 -9.16 -5.08 -7.79
CA LYS A 88 -9.77 -5.28 -6.48
C LYS A 88 -8.72 -5.24 -5.37
N ILE A 89 -7.87 -4.21 -5.40
CA ILE A 89 -6.82 -4.06 -4.41
C ILE A 89 -7.38 -3.51 -3.09
N PRO A 90 -7.02 -4.17 -1.97
CA PRO A 90 -7.48 -3.76 -0.64
C PRO A 90 -6.86 -2.44 -0.19
N THR A 91 -7.44 -1.84 0.84
CA THR A 91 -6.94 -0.57 1.37
C THR A 91 -6.01 -0.80 2.54
N VAL A 92 -5.34 0.27 2.97
CA VAL A 92 -4.41 0.19 4.10
C VAL A 92 -5.10 -0.37 5.34
N GLU A 93 -6.21 0.26 5.73
CA GLU A 93 -6.96 -0.17 6.90
C GLU A 93 -7.28 -1.66 6.82
N GLN A 94 -7.84 -2.08 5.68
CA GLN A 94 -8.19 -3.47 5.48
C GLN A 94 -6.98 -4.38 5.64
N TRP A 95 -5.86 -3.97 5.05
CA TRP A 95 -4.62 -4.74 5.13
C TRP A 95 -4.16 -4.88 6.57
N LYS A 96 -4.23 -3.78 7.32
CA LYS A 96 -3.82 -3.78 8.72
C LYS A 96 -4.65 -4.76 9.54
N ASP A 97 -5.96 -4.63 9.45
CA ASP A 97 -6.86 -5.52 10.18
C ASP A 97 -6.67 -6.97 9.76
N GLN A 98 -6.41 -7.18 8.47
CA GLN A 98 -6.20 -8.52 7.95
C GLN A 98 -4.98 -9.18 8.61
N THR A 99 -3.85 -8.49 8.58
CA THR A 99 -2.62 -9.00 9.16
C THR A 99 -2.78 -9.21 10.67
N ARG A 100 -3.41 -8.24 11.33
CA ARG A 100 -3.62 -8.33 12.77
C ARG A 100 -4.45 -9.56 13.13
N ARG A 101 -5.67 -9.62 12.61
CA ARG A 101 -6.56 -10.74 12.88
C ARG A 101 -5.89 -12.06 12.49
N TYR A 102 -5.13 -12.04 11.40
CA TYR A 102 -4.45 -13.24 10.93
C TYR A 102 -3.46 -13.75 11.97
N LYS A 103 -2.66 -12.84 12.52
CA LYS A 103 -1.67 -13.20 13.52
C LYS A 103 -2.34 -13.46 14.88
N GLU A 104 -3.51 -12.86 15.07
CA GLU A 104 -4.25 -13.02 16.32
C GLU A 104 -4.62 -14.49 16.55
N SER A 105 -5.07 -14.80 17.75
CA SER A 105 -5.45 -16.17 18.10
C SER A 105 -6.94 -16.40 17.84
N SER A 106 -7.35 -17.66 17.90
CA SER A 106 -8.75 -18.02 17.66
C SER A 106 -9.57 -17.88 18.94
N ILE A 107 -10.79 -18.41 18.91
CA ILE A 107 -11.67 -18.35 20.07
C ILE A 107 -11.37 -19.47 21.06
N GLN A 108 -11.81 -19.29 22.30
CA GLN A 108 -11.59 -20.29 23.33
C GLN A 108 -12.00 -21.68 22.85
N ILE A 109 -11.58 -22.70 23.58
CA ILE A 109 -11.90 -24.08 23.22
C ILE A 109 -12.76 -24.73 24.29
N GLY A 110 -12.68 -24.23 25.51
CA GLY A 110 -13.46 -24.78 26.60
C GLY A 110 -14.67 -23.93 26.93
N ASN A 111 -14.97 -23.78 28.21
CA ASN A 111 -16.11 -22.99 28.65
C ASN A 111 -15.66 -21.73 29.39
N GLY A 112 -16.00 -20.57 28.83
CA GLY A 112 -15.61 -19.32 29.45
C GLY A 112 -16.56 -18.91 30.56
N HIS A 113 -16.01 -18.32 31.62
CA HIS A 113 -16.81 -17.87 32.75
C HIS A 113 -17.52 -16.56 32.44
N GLY A 114 -18.32 -16.09 33.39
CA GLY A 114 -19.05 -14.85 33.21
C GLY A 114 -18.19 -13.62 33.46
N GLN A 115 -18.33 -12.62 32.61
CA GLN A 115 -17.56 -11.39 32.76
C GLN A 115 -18.45 -10.17 32.65
N SER A 116 -17.85 -8.98 32.79
CA SER A 116 -18.60 -7.74 32.72
C SER A 116 -17.73 -6.60 32.17
N GLN A 117 -18.37 -5.62 31.56
CA GLN A 117 -17.65 -4.48 31.01
C GLN A 117 -18.31 -3.17 31.41
N GLY A 118 -17.66 -2.05 31.08
CA GLY A 118 -18.20 -0.75 31.41
C GLY A 118 -19.18 -0.24 30.37
N LEU A 119 -20.46 -0.55 30.57
CA LEU A 119 -21.50 -0.13 29.65
C LEU A 119 -22.60 0.65 30.37
N GLU A 120 -23.42 -0.07 31.14
CA GLU A 120 -24.50 0.55 31.88
C GLU A 120 -24.52 0.06 33.32
N GLY B 1 -4.74 2.04 12.27
CA GLY B 1 -3.63 1.37 11.62
C GLY B 1 -2.28 1.81 12.19
N LYS B 2 -1.22 1.58 11.41
CA LYS B 2 0.12 1.96 11.84
C LYS B 2 0.75 2.94 10.86
N PHE B 3 0.51 2.72 9.58
CA PHE B 3 1.05 3.59 8.54
C PHE B 3 0.32 4.92 8.50
N ILE B 4 -0.90 4.91 7.96
CA ILE B 4 -1.71 6.11 7.86
C ILE B 4 -0.95 7.24 7.18
N PRO B 5 -0.83 7.14 5.83
CA PRO B 5 -0.13 8.15 5.04
C PRO B 5 -0.88 9.47 4.98
N SER B 6 -0.77 10.26 6.04
CA SER B 6 -1.44 11.55 6.12
C SER B 6 -0.64 12.62 5.38
N ARG B 7 0.50 12.22 4.81
CA ARG B 7 1.35 13.14 4.08
C ARG B 7 0.54 13.95 3.07
N PRO B 8 1.11 15.08 2.62
CA PRO B 8 0.46 15.96 1.64
C PRO B 8 0.37 15.33 0.26
N ALA B 9 1.28 14.42 -0.03
CA ALA B 9 1.31 13.74 -1.33
C ALA B 9 1.59 14.73 -2.46
N PRO B 10 2.88 14.98 -2.71
CA PRO B 10 3.30 15.91 -3.77
C PRO B 10 3.03 15.36 -5.17
N LYS B 11 2.94 16.26 -6.15
CA LYS B 11 2.69 15.86 -7.53
C LYS B 11 4.00 15.66 -8.28
N PRO B 12 3.93 14.92 -9.41
CA PRO B 12 5.10 14.65 -10.25
C PRO B 12 5.60 15.89 -10.97
N PRO B 13 6.81 15.79 -11.56
CA PRO B 13 7.41 16.89 -12.30
C PRO B 13 6.70 17.18 -13.61
N SER B 14 6.19 18.40 -13.74
CA SER B 14 5.47 18.79 -14.96
C SER B 14 6.40 18.75 -16.17
N SER B 15 5.80 18.75 -17.35
CA SER B 15 6.57 18.70 -18.59
C SER B 15 6.14 19.83 -19.54
N ALA B 16 4.84 20.00 -19.69
CA ALA B 16 4.30 21.04 -20.55
C ALA B 16 3.32 21.93 -19.80
N MET A 1 -9.14 -9.40 -4.03
CA MET A 1 -7.99 -8.77 -4.68
C MET A 1 -7.09 -9.81 -5.33
N ALA A 2 -5.91 -9.39 -5.77
CA ALA A 2 -4.96 -10.29 -6.41
C ALA A 2 -3.53 -9.86 -6.14
N PRO A 3 -2.58 -10.79 -6.30
CA PRO A 3 -1.16 -10.53 -6.08
C PRO A 3 -0.56 -9.61 -7.15
N LEU A 4 -0.83 -8.31 -7.01
CA LEU A 4 -0.31 -7.33 -7.95
C LEU A 4 1.05 -6.79 -7.50
N PHE A 5 1.90 -6.50 -8.47
CA PHE A 5 3.23 -5.98 -8.18
C PHE A 5 3.46 -4.64 -8.88
N ALA A 6 4.16 -3.74 -8.20
CA ALA A 6 4.45 -2.42 -8.77
C ALA A 6 5.95 -2.16 -8.81
N VAL A 7 6.37 -1.36 -9.78
CA VAL A 7 7.79 -1.02 -9.92
C VAL A 7 8.04 0.47 -9.71
N THR A 8 8.99 0.78 -8.85
CA THR A 8 9.33 2.18 -8.55
C THR A 8 9.96 2.85 -9.76
N LEU A 9 9.47 4.05 -10.08
CA LEU A 9 10.00 4.80 -11.21
C LEU A 9 10.92 5.92 -10.74
N TYR A 10 10.83 6.25 -9.46
CA TYR A 10 11.67 7.30 -8.88
C TYR A 10 12.22 6.87 -7.53
N GLU A 11 13.27 7.56 -7.08
CA GLU A 11 13.90 7.26 -5.81
C GLU A 11 13.20 7.99 -4.66
N PHE A 12 12.57 7.22 -3.77
CA PHE A 12 11.85 7.81 -2.64
C PHE A 12 12.69 7.72 -1.37
N LYS A 13 12.82 8.84 -0.67
CA LYS A 13 13.61 8.88 0.57
C LYS A 13 12.69 8.92 1.78
N ALA A 14 12.66 7.83 2.53
CA ALA A 14 11.83 7.73 3.72
C ALA A 14 12.26 8.75 4.77
N GLU A 15 11.36 9.06 5.70
CA GLU A 15 11.65 10.02 6.76
C GLU A 15 11.60 9.35 8.12
N ARG A 16 10.80 8.30 8.24
CA ARG A 16 10.67 7.58 9.50
C ARG A 16 10.56 6.07 9.25
N ASP A 17 10.32 5.32 10.31
CA ASP A 17 10.19 3.87 10.21
C ASP A 17 8.97 3.49 9.38
N ASP A 18 7.88 4.23 9.55
CA ASP A 18 6.65 3.97 8.81
C ASP A 18 6.86 4.17 7.31
N GLU A 19 7.94 4.87 6.96
CA GLU A 19 8.24 5.12 5.56
C GLU A 19 9.49 4.34 5.13
N LEU A 20 9.45 3.82 3.92
CA LEU A 20 10.57 3.04 3.39
C LEU A 20 11.20 3.75 2.19
N ASP A 21 12.48 3.50 1.96
CA ASP A 21 13.19 4.10 0.84
C ASP A 21 13.26 3.15 -0.35
N VAL A 22 12.81 3.65 -1.51
CA VAL A 22 12.81 2.84 -2.72
C VAL A 22 13.57 3.55 -3.86
N SER A 23 14.00 2.77 -4.84
CA SER A 23 14.74 3.32 -5.97
C SER A 23 14.06 2.95 -7.29
N PRO A 24 14.36 3.73 -8.35
CA PRO A 24 13.79 3.51 -9.68
C PRO A 24 14.32 2.24 -10.33
N GLY A 25 13.41 1.30 -10.61
CA GLY A 25 13.81 0.06 -11.24
C GLY A 25 13.71 -1.12 -10.29
N GLU A 26 13.30 -0.86 -9.06
CA GLU A 26 13.17 -1.90 -8.05
C GLU A 26 11.78 -2.53 -8.09
N ASN A 27 11.71 -3.80 -7.70
CA ASN A 27 10.42 -4.51 -7.69
C ASN A 27 9.80 -4.49 -6.31
N LEU A 28 8.68 -3.79 -6.18
CA LEU A 28 7.97 -3.69 -4.90
C LEU A 28 6.64 -4.41 -4.96
N SER A 29 6.28 -5.06 -3.86
CA SER A 29 5.02 -5.80 -3.78
C SER A 29 3.94 -4.96 -3.14
N ILE A 30 2.93 -4.59 -3.92
CA ILE A 30 1.83 -3.77 -3.44
C ILE A 30 1.00 -4.54 -2.42
N CYS A 31 0.48 -3.83 -1.43
CA CYS A 31 -0.34 -4.44 -0.39
C CYS A 31 -1.72 -3.78 -0.32
N ALA A 32 -1.73 -2.45 -0.42
CA ALA A 32 -2.97 -1.69 -0.36
C ALA A 32 -2.74 -0.23 -0.70
N HIS A 33 -3.83 0.51 -0.90
CA HIS A 33 -3.73 1.93 -1.22
C HIS A 33 -4.45 2.77 -0.17
N TYR A 34 -4.39 4.09 -0.34
CA TYR A 34 -5.03 5.01 0.60
C TYR A 34 -5.52 6.27 -0.11
N ASP A 35 -6.83 6.36 -0.29
CA ASP A 35 -7.43 7.51 -0.95
C ASP A 35 -6.84 7.70 -2.35
N TYR A 36 -6.28 6.64 -2.90
CA TYR A 36 -5.67 6.70 -4.22
C TYR A 36 -4.57 7.73 -4.28
N GLU A 37 -4.02 8.06 -3.11
CA GLU A 37 -2.94 9.05 -3.01
C GLU A 37 -1.69 8.44 -2.40
N TRP A 38 -1.80 7.19 -1.95
CA TRP A 38 -0.69 6.49 -1.33
C TRP A 38 -0.81 4.98 -1.52
N PHE A 39 0.31 4.28 -1.41
CA PHE A 39 0.32 2.82 -1.57
C PHE A 39 1.28 2.18 -0.58
N ILE A 40 0.98 0.94 -0.20
CA ILE A 40 1.82 0.20 0.75
C ILE A 40 2.57 -0.92 0.05
N ALA A 41 3.79 -0.63 -0.36
CA ALA A 41 4.63 -1.63 -1.04
C ALA A 41 5.75 -2.11 -0.13
N LYS A 42 6.11 -3.39 -0.27
CA LYS A 42 7.17 -3.98 0.54
C LYS A 42 8.32 -4.45 -0.33
N PRO A 43 9.52 -4.53 0.25
CA PRO A 43 10.72 -4.97 -0.45
C PRO A 43 10.69 -6.45 -0.80
N ILE A 44 10.83 -6.76 -2.08
CA ILE A 44 10.82 -8.15 -2.55
C ILE A 44 12.15 -8.83 -2.27
N ASN A 45 13.24 -8.15 -2.59
CA ASN A 45 14.58 -8.70 -2.37
C ASN A 45 14.81 -8.98 -0.89
N ARG A 46 14.94 -7.91 -0.10
CA ARG A 46 15.18 -8.05 1.32
C ARG A 46 13.86 -8.09 2.09
N LEU A 47 13.94 -8.08 3.41
CA LEU A 47 12.75 -8.11 4.27
C LEU A 47 12.49 -6.75 4.89
N GLY A 48 13.29 -6.40 5.89
CA GLY A 48 13.13 -5.12 6.56
C GLY A 48 11.75 -4.95 7.15
N GLY A 49 10.88 -4.25 6.43
CA GLY A 49 9.52 -4.03 6.91
C GLY A 49 8.72 -3.16 5.96
N PRO A 50 7.38 -3.17 6.15
CA PRO A 50 6.47 -2.38 5.31
C PRO A 50 6.59 -0.89 5.57
N GLY A 51 6.52 -0.09 4.50
CA GLY A 51 6.62 1.35 4.63
C GLY A 51 5.49 2.07 3.94
N LEU A 52 5.79 3.25 3.40
CA LEU A 52 4.79 4.05 2.70
C LEU A 52 5.37 4.64 1.42
N VAL A 53 4.71 4.38 0.29
CA VAL A 53 5.15 4.88 -1.00
C VAL A 53 3.99 5.47 -1.79
N PRO A 54 4.20 6.67 -2.34
CA PRO A 54 3.17 7.36 -3.13
C PRO A 54 2.92 6.69 -4.47
N VAL A 55 1.76 6.94 -5.06
CA VAL A 55 1.40 6.35 -6.34
C VAL A 55 2.11 7.06 -7.48
N SER A 56 2.56 8.29 -7.23
CA SER A 56 3.27 9.07 -8.24
C SER A 56 4.72 8.63 -8.34
N TYR A 57 5.10 7.63 -7.55
CA TYR A 57 6.46 7.13 -7.56
C TYR A 57 6.49 5.65 -7.97
N VAL A 58 5.39 4.95 -7.71
CA VAL A 58 5.29 3.54 -8.04
C VAL A 58 4.38 3.32 -9.25
N ARG A 59 4.69 2.31 -10.04
CA ARG A 59 3.90 2.00 -11.23
C ARG A 59 3.27 0.61 -11.12
N ILE A 60 1.95 0.59 -10.98
CA ILE A 60 1.22 -0.68 -10.85
C ILE A 60 1.25 -1.45 -12.17
N ILE A 61 1.94 -2.58 -12.16
CA ILE A 61 2.03 -3.42 -13.35
C ILE A 61 1.59 -4.85 -13.07
N ASP A 62 1.39 -5.63 -14.12
CA ASP A 62 0.96 -7.02 -13.98
C ASP A 62 2.14 -7.97 -14.19
N LEU A 63 2.36 -8.83 -13.20
CA LEU A 63 3.45 -9.80 -13.27
C LEU A 63 3.34 -10.66 -14.53
N MET A 64 2.12 -10.78 -15.04
CA MET A 64 1.88 -11.57 -16.25
C MET A 64 2.02 -10.71 -17.51
N ASP A 65 1.72 -9.43 -17.37
CA ASP A 65 1.81 -8.50 -18.49
C ASP A 65 2.24 -7.11 -18.01
N PRO A 66 3.52 -6.97 -17.68
CA PRO A 66 4.09 -5.71 -17.20
C PRO A 66 4.17 -4.66 -18.30
N ALA A 67 3.89 -5.07 -19.53
CA ALA A 67 3.92 -4.16 -20.67
C ALA A 67 2.52 -3.65 -21.01
N LYS A 68 1.52 -4.19 -20.32
CA LYS A 68 0.13 -3.79 -20.53
C LYS A 68 -0.20 -2.54 -19.73
N TYR A 69 0.08 -2.57 -18.44
CA TYR A 69 -0.19 -1.44 -17.57
C TYR A 69 1.01 -0.50 -17.49
N ALA A 70 2.08 -0.85 -18.22
CA ALA A 70 3.28 -0.05 -18.24
C ALA A 70 3.00 1.35 -18.80
N SER A 71 1.88 1.48 -19.49
CA SER A 71 1.49 2.76 -20.09
C SER A 71 0.95 3.71 -19.01
N VAL A 72 0.45 3.15 -17.92
CA VAL A 72 -0.10 3.93 -16.83
C VAL A 72 1.01 4.54 -15.97
N ASP A 73 1.02 5.86 -15.86
CA ASP A 73 2.03 6.55 -15.07
C ASP A 73 1.56 6.73 -13.64
N THR A 74 0.47 6.04 -13.28
CA THR A 74 -0.08 6.13 -11.94
C THR A 74 -0.16 7.57 -11.46
N TYR A 75 -0.42 8.49 -12.40
CA TYR A 75 -0.52 9.90 -12.08
C TYR A 75 -1.98 10.35 -12.07
N ASP A 76 -2.69 10.10 -13.17
CA ASP A 76 -4.09 10.47 -13.29
C ASP A 76 -4.94 9.72 -12.27
N ARG A 77 -5.53 10.45 -11.34
CA ARG A 77 -6.38 9.85 -10.31
C ARG A 77 -7.43 8.95 -10.94
N GLU A 78 -7.84 9.28 -12.17
CA GLU A 78 -8.85 8.51 -12.87
C GLU A 78 -8.33 7.11 -13.20
N GLN A 79 -7.13 7.06 -13.78
CA GLN A 79 -6.52 5.78 -14.15
C GLN A 79 -6.26 4.93 -12.92
N VAL A 80 -5.50 5.47 -11.98
CA VAL A 80 -5.18 4.75 -10.74
C VAL A 80 -6.45 4.26 -10.04
N MET A 81 -7.52 5.03 -10.19
CA MET A 81 -8.80 4.68 -9.57
C MET A 81 -9.39 3.43 -10.21
N LYS A 82 -9.53 3.46 -11.53
CA LYS A 82 -10.08 2.33 -12.26
C LYS A 82 -9.26 1.06 -12.02
N ILE A 83 -7.95 1.23 -11.88
CA ILE A 83 -7.06 0.11 -11.63
C ILE A 83 -7.30 -0.49 -10.25
N ILE A 84 -7.32 0.36 -9.23
CA ILE A 84 -7.54 -0.08 -7.86
C ILE A 84 -8.95 -0.64 -7.69
N ASP A 85 -9.90 -0.04 -8.39
CA ASP A 85 -11.30 -0.48 -8.31
C ASP A 85 -11.48 -1.82 -9.01
N GLU A 86 -11.02 -1.91 -10.26
CA GLU A 86 -11.14 -3.14 -11.03
C GLU A 86 -10.44 -4.29 -10.33
N PHE A 87 -9.17 -4.08 -9.97
CA PHE A 87 -8.40 -5.11 -9.29
C PHE A 87 -8.93 -5.36 -7.88
N LYS A 88 -9.76 -4.44 -7.40
CA LYS A 88 -10.34 -4.55 -6.07
C LYS A 88 -9.25 -4.58 -5.00
N ILE A 89 -8.39 -3.57 -5.01
CA ILE A 89 -7.31 -3.48 -4.03
C ILE A 89 -7.80 -2.89 -2.71
N PRO A 90 -7.45 -3.56 -1.60
CA PRO A 90 -7.85 -3.13 -0.26
C PRO A 90 -7.13 -1.85 0.17
N THR A 91 -7.66 -1.19 1.19
CA THR A 91 -7.08 0.04 1.70
C THR A 91 -6.23 -0.22 2.93
N VAL A 92 -5.50 0.80 3.38
CA VAL A 92 -4.65 0.68 4.56
C VAL A 92 -5.43 0.12 5.74
N GLU A 93 -6.55 0.76 6.07
CA GLU A 93 -7.38 0.33 7.18
C GLU A 93 -7.71 -1.16 7.07
N GLN A 94 -8.22 -1.55 5.90
CA GLN A 94 -8.58 -2.95 5.67
C GLN A 94 -7.38 -3.86 5.83
N TRP A 95 -6.24 -3.44 5.29
CA TRP A 95 -5.01 -4.22 5.37
C TRP A 95 -4.57 -4.37 6.82
N LYS A 96 -4.73 -3.31 7.60
CA LYS A 96 -4.35 -3.33 9.01
C LYS A 96 -5.20 -4.32 9.79
N ASP A 97 -6.52 -4.19 9.67
CA ASP A 97 -7.44 -5.07 10.36
C ASP A 97 -7.20 -6.53 9.98
N GLN A 98 -6.97 -6.76 8.69
CA GLN A 98 -6.72 -8.11 8.18
C GLN A 98 -5.45 -8.69 8.79
N THR A 99 -4.38 -7.89 8.79
CA THR A 99 -3.11 -8.33 9.35
C THR A 99 -3.22 -8.59 10.84
N ARG A 100 -4.06 -7.82 11.52
CA ARG A 100 -4.25 -7.96 12.95
C ARG A 100 -4.99 -9.25 13.28
N ARG A 101 -6.23 -9.35 12.81
CA ARG A 101 -7.05 -10.53 13.06
C ARG A 101 -6.31 -11.80 12.60
N TYR A 102 -5.62 -11.69 11.47
CA TYR A 102 -4.88 -12.82 10.93
C TYR A 102 -3.74 -13.23 11.85
N LYS A 103 -2.90 -12.26 12.21
CA LYS A 103 -1.77 -12.51 13.09
C LYS A 103 -2.24 -13.03 14.45
N GLU A 104 -3.47 -12.69 14.81
CA GLU A 104 -4.04 -13.12 16.08
C GLU A 104 -4.68 -14.51 15.95
N SER A 105 -5.22 -15.01 17.06
CA SER A 105 -5.86 -16.31 17.07
C SER A 105 -7.37 -16.19 16.89
N SER A 106 -8.06 -17.33 16.87
CA SER A 106 -9.50 -17.34 16.70
C SER A 106 -10.18 -17.89 17.95
N ILE A 107 -11.49 -18.14 17.84
CA ILE A 107 -12.26 -18.67 18.96
C ILE A 107 -11.88 -20.11 19.25
N GLN A 108 -12.01 -20.51 20.51
CA GLN A 108 -11.69 -21.88 20.92
C GLN A 108 -12.06 -22.11 22.38
N ILE A 109 -11.75 -23.29 22.89
CA ILE A 109 -12.05 -23.64 24.27
C ILE A 109 -10.84 -23.41 25.18
N GLY A 110 -10.84 -22.28 25.86
CA GLY A 110 -9.74 -21.95 26.75
C GLY A 110 -9.81 -20.53 27.27
N ASN A 111 -9.87 -20.39 28.60
CA ASN A 111 -9.94 -19.09 29.23
C ASN A 111 -8.84 -18.17 28.71
N GLY A 112 -9.20 -16.93 28.39
CA GLY A 112 -8.22 -15.97 27.89
C GLY A 112 -8.87 -14.72 27.36
N HIS A 113 -9.84 -14.19 28.09
CA HIS A 113 -10.55 -12.98 27.67
C HIS A 113 -10.92 -12.13 28.89
N GLY A 114 -11.25 -10.87 28.65
CA GLY A 114 -11.61 -9.97 29.73
C GLY A 114 -12.68 -8.97 29.31
N GLN A 115 -12.78 -7.88 30.07
CA GLN A 115 -13.77 -6.84 29.78
C GLN A 115 -13.35 -5.51 30.38
N SER A 116 -13.66 -4.42 29.69
CA SER A 116 -13.32 -3.09 30.16
C SER A 116 -14.19 -2.68 31.34
N GLN A 117 -13.97 -1.48 31.86
CA GLN A 117 -14.74 -0.98 32.99
C GLN A 117 -16.14 -0.56 32.55
N GLY A 118 -16.21 0.34 31.59
CA GLY A 118 -17.49 0.81 31.10
C GLY A 118 -17.82 2.22 31.54
N LEU A 119 -17.45 3.20 30.72
CA LEU A 119 -17.69 4.59 31.04
C LEU A 119 -18.75 5.19 30.11
N GLU A 120 -19.95 4.63 30.16
CA GLU A 120 -21.05 5.10 29.32
C GLU A 120 -22.38 5.02 30.08
N GLY B 1 -6.04 3.83 11.45
CA GLY B 1 -5.02 2.88 11.07
C GLY B 1 -3.68 3.17 11.72
N LYS B 2 -2.64 2.50 11.24
CA LYS B 2 -1.29 2.68 11.78
C LYS B 2 -0.52 3.70 10.94
N PHE B 3 -0.24 3.34 9.70
CA PHE B 3 0.50 4.22 8.79
C PHE B 3 -0.17 5.58 8.70
N ILE B 4 -1.28 5.64 7.97
CA ILE B 4 -2.03 6.88 7.80
C ILE B 4 -1.14 7.98 7.22
N PRO B 5 -0.91 7.90 5.89
CA PRO B 5 -0.08 8.88 5.18
C PRO B 5 -0.74 10.25 5.09
N SER B 6 -0.54 11.07 6.11
CA SER B 6 -1.12 12.41 6.15
C SER B 6 -0.30 13.38 5.31
N ARG B 7 0.79 12.88 4.73
CA ARG B 7 1.66 13.71 3.91
C ARG B 7 0.86 14.48 2.87
N PRO B 8 1.48 15.52 2.29
CA PRO B 8 0.84 16.36 1.27
C PRO B 8 0.64 15.62 -0.04
N ALA B 9 1.44 14.58 -0.26
CA ALA B 9 1.35 13.79 -1.48
C ALA B 9 1.71 14.62 -2.70
N PRO B 10 3.02 14.71 -2.99
CA PRO B 10 3.54 15.47 -4.13
C PRO B 10 3.20 14.82 -5.46
N LYS B 11 3.32 15.59 -6.53
CA LYS B 11 3.02 15.08 -7.87
C LYS B 11 4.31 14.72 -8.61
N PRO B 12 4.18 13.89 -9.65
CA PRO B 12 5.32 13.45 -10.45
C PRO B 12 5.90 14.58 -11.31
N PRO B 13 7.13 14.38 -11.81
CA PRO B 13 7.81 15.36 -12.64
C PRO B 13 7.18 15.52 -14.02
N SER B 14 6.61 14.42 -14.52
CA SER B 14 5.96 14.43 -15.83
C SER B 14 6.93 14.91 -16.91
N SER B 15 8.22 14.69 -16.68
CA SER B 15 9.25 15.10 -17.63
C SER B 15 9.87 13.88 -18.32
N ALA B 16 10.00 13.96 -19.65
CA ALA B 16 10.58 12.87 -20.42
C ALA B 16 11.87 13.31 -21.10
N MET A 1 -13.86 -6.55 -2.88
CA MET A 1 -12.50 -6.28 -3.29
C MET A 1 -11.63 -7.52 -3.15
N ALA A 2 -10.40 -7.44 -3.65
CA ALA A 2 -9.47 -8.56 -3.59
C ALA A 2 -8.08 -8.09 -3.20
N PRO A 3 -7.25 -9.04 -2.72
CA PRO A 3 -5.88 -8.74 -2.29
C PRO A 3 -4.97 -8.41 -3.48
N LEU A 4 -5.00 -7.15 -3.90
CA LEU A 4 -4.18 -6.71 -5.02
C LEU A 4 -2.75 -6.42 -4.57
N PHE A 5 -1.79 -6.66 -5.46
CA PHE A 5 -0.38 -6.42 -5.16
C PHE A 5 0.20 -5.34 -6.05
N ALA A 6 1.35 -4.81 -5.66
CA ALA A 6 2.01 -3.76 -6.44
C ALA A 6 3.53 -3.93 -6.40
N VAL A 7 4.21 -3.26 -7.32
CA VAL A 7 5.67 -3.33 -7.40
C VAL A 7 6.29 -1.95 -7.47
N THR A 8 7.29 -1.71 -6.63
CA THR A 8 7.97 -0.42 -6.60
C THR A 8 8.86 -0.23 -7.82
N LEU A 9 8.86 0.97 -8.38
CA LEU A 9 9.68 1.28 -9.55
C LEU A 9 10.77 2.29 -9.21
N TYR A 10 10.66 2.89 -8.03
CA TYR A 10 11.64 3.87 -7.58
C TYR A 10 12.01 3.65 -6.13
N GLU A 11 13.16 4.19 -5.73
CA GLU A 11 13.64 4.05 -4.35
C GLU A 11 13.04 5.14 -3.46
N PHE A 12 12.12 4.74 -2.58
CA PHE A 12 11.48 5.69 -1.68
C PHE A 12 12.22 5.74 -0.33
N LYS A 13 12.36 6.95 0.21
CA LYS A 13 13.04 7.13 1.48
C LYS A 13 12.06 7.61 2.55
N ALA A 14 11.57 6.67 3.35
CA ALA A 14 10.63 6.99 4.42
C ALA A 14 11.17 8.11 5.30
N GLU A 15 10.25 8.80 5.99
CA GLU A 15 10.63 9.90 6.86
C GLU A 15 10.29 9.58 8.32
N ARG A 16 9.22 8.83 8.52
CA ARG A 16 8.78 8.45 9.85
C ARG A 16 8.46 6.96 9.93
N ASP A 17 8.02 6.52 11.09
CA ASP A 17 7.67 5.11 11.30
C ASP A 17 6.50 4.71 10.41
N ASP A 18 5.51 5.60 10.32
CA ASP A 18 4.33 5.34 9.50
C ASP A 18 4.71 5.06 8.05
N GLU A 19 5.89 5.56 7.66
CA GLU A 19 6.36 5.36 6.29
C GLU A 19 7.35 4.19 6.23
N LEU A 20 7.42 3.55 5.06
CA LEU A 20 8.33 2.42 4.87
C LEU A 20 9.12 2.58 3.58
N ASP A 21 10.45 2.61 3.71
CA ASP A 21 11.33 2.75 2.56
C ASP A 21 11.19 1.56 1.62
N VAL A 22 11.27 1.81 0.32
CA VAL A 22 11.16 0.76 -0.68
C VAL A 22 12.16 0.97 -1.82
N SER A 23 12.45 -0.10 -2.55
CA SER A 23 13.40 -0.03 -3.66
C SER A 23 12.73 -0.47 -4.96
N PRO A 24 13.30 -0.05 -6.09
CA PRO A 24 12.79 -0.38 -7.42
C PRO A 24 12.99 -1.85 -7.76
N GLY A 25 11.88 -2.56 -7.97
CA GLY A 25 11.96 -3.98 -8.30
C GLY A 25 11.49 -4.86 -7.17
N GLU A 26 10.99 -4.24 -6.09
CA GLU A 26 10.51 -4.99 -4.93
C GLU A 26 9.02 -5.27 -5.06
N ASN A 27 8.57 -6.33 -4.40
CA ASN A 27 7.16 -6.70 -4.43
C ASN A 27 6.47 -6.37 -3.11
N LEU A 28 5.51 -5.45 -3.16
CA LEU A 28 4.77 -5.03 -1.98
C LEU A 28 3.30 -5.40 -2.10
N SER A 29 2.64 -5.55 -0.95
CA SER A 29 1.22 -5.89 -0.92
C SER A 29 0.38 -4.70 -0.48
N ILE A 30 -0.42 -4.18 -1.40
CA ILE A 30 -1.28 -3.04 -1.11
C ILE A 30 -2.49 -3.46 -0.27
N CYS A 31 -2.91 -2.58 0.63
CA CYS A 31 -4.05 -2.86 1.49
C CYS A 31 -5.20 -1.89 1.21
N ALA A 32 -4.85 -0.60 1.07
CA ALA A 32 -5.85 0.43 0.80
C ALA A 32 -5.20 1.69 0.24
N HIS A 33 -6.02 2.65 -0.14
CA HIS A 33 -5.52 3.91 -0.71
C HIS A 33 -5.99 5.09 0.13
N TYR A 34 -5.56 6.29 -0.27
CA TYR A 34 -5.93 7.51 0.45
C TYR A 34 -6.06 8.68 -0.51
N ASP A 35 -7.29 9.02 -0.86
CA ASP A 35 -7.55 10.13 -1.77
C ASP A 35 -6.89 9.89 -3.13
N TYR A 36 -6.52 8.64 -3.38
CA TYR A 36 -5.87 8.28 -4.64
C TYR A 36 -4.52 8.98 -4.77
N GLU A 37 -3.88 9.24 -3.64
CA GLU A 37 -2.58 9.91 -3.63
C GLU A 37 -1.60 9.16 -2.73
N TRP A 38 -2.06 8.09 -2.10
CA TRP A 38 -1.24 7.29 -1.22
C TRP A 38 -1.72 5.85 -1.17
N PHE A 39 -0.78 4.91 -1.25
CA PHE A 39 -1.12 3.49 -1.21
C PHE A 39 -0.41 2.79 -0.06
N ILE A 40 -1.16 2.02 0.71
CA ILE A 40 -0.60 1.30 1.85
C ILE A 40 -0.05 -0.06 1.42
N ALA A 41 1.25 -0.10 1.14
CA ALA A 41 1.89 -1.35 0.72
C ALA A 41 2.86 -1.85 1.80
N LYS A 42 2.86 -3.16 2.01
CA LYS A 42 3.73 -3.78 3.01
C LYS A 42 4.78 -4.65 2.34
N PRO A 43 5.93 -4.82 3.03
CA PRO A 43 7.04 -5.63 2.52
C PRO A 43 6.71 -7.12 2.51
N ILE A 44 6.74 -7.72 1.33
CA ILE A 44 6.45 -9.14 1.18
C ILE A 44 7.64 -10.00 1.61
N ASN A 45 8.82 -9.38 1.64
CA ASN A 45 10.04 -10.08 2.03
C ASN A 45 10.00 -10.44 3.51
N ARG A 46 9.81 -9.44 4.36
CA ARG A 46 9.77 -9.65 5.79
C ARG A 46 8.37 -10.09 6.24
N LEU A 47 8.15 -10.14 7.54
CA LEU A 47 6.86 -10.53 8.09
C LEU A 47 5.73 -9.73 7.46
N GLY A 48 5.61 -8.47 7.89
CA GLY A 48 4.56 -7.61 7.35
C GLY A 48 4.55 -6.25 7.99
N GLY A 49 5.28 -5.30 7.40
CA GLY A 49 5.34 -3.96 7.95
C GLY A 49 4.66 -2.95 7.05
N PRO A 50 3.31 -2.88 7.15
CA PRO A 50 2.51 -1.95 6.35
C PRO A 50 2.72 -0.49 6.77
N GLY A 51 3.46 0.26 5.95
CA GLY A 51 3.71 1.65 6.26
C GLY A 51 2.91 2.59 5.39
N LEU A 52 3.58 3.24 4.44
CA LEU A 52 2.92 4.17 3.54
C LEU A 52 3.80 4.46 2.32
N VAL A 53 3.24 4.23 1.13
CA VAL A 53 3.97 4.47 -0.12
C VAL A 53 3.08 5.15 -1.15
N PRO A 54 3.62 6.19 -1.79
CA PRO A 54 2.89 6.95 -2.82
C PRO A 54 2.68 6.13 -4.09
N VAL A 55 1.63 6.48 -4.83
CA VAL A 55 1.31 5.78 -6.08
C VAL A 55 2.31 6.15 -7.18
N SER A 56 2.97 7.29 -7.02
CA SER A 56 3.94 7.76 -8.00
C SER A 56 5.25 6.98 -7.88
N TYR A 57 5.31 6.09 -6.90
CA TYR A 57 6.51 5.28 -6.66
C TYR A 57 6.16 3.80 -6.62
N VAL A 58 5.05 3.44 -7.24
CA VAL A 58 4.61 2.05 -7.27
C VAL A 58 3.84 1.75 -8.56
N ARG A 59 3.69 0.46 -8.86
CA ARG A 59 2.98 0.04 -10.06
C ARG A 59 1.94 -1.03 -9.73
N ILE A 60 0.67 -0.72 -10.00
CA ILE A 60 -0.41 -1.67 -9.73
C ILE A 60 -0.36 -2.85 -10.69
N ILE A 61 0.01 -4.01 -10.16
CA ILE A 61 0.09 -5.22 -10.97
C ILE A 61 -0.56 -6.40 -10.27
N ASP A 62 -1.40 -7.13 -10.99
CA ASP A 62 -2.09 -8.30 -10.44
C ASP A 62 -1.09 -9.41 -10.11
N LEU A 63 -1.37 -10.15 -9.05
CA LEU A 63 -0.51 -11.24 -8.62
C LEU A 63 -0.61 -12.41 -9.60
N MET A 64 -1.81 -12.65 -10.11
CA MET A 64 -2.04 -13.74 -11.06
C MET A 64 -1.67 -13.33 -12.48
N ASP A 65 -1.71 -12.02 -12.73
CA ASP A 65 -1.38 -11.48 -14.05
C ASP A 65 -0.76 -10.09 -13.93
N PRO A 66 0.50 -10.05 -13.49
CA PRO A 66 1.24 -8.79 -13.32
C PRO A 66 1.57 -8.13 -14.66
N ALA A 67 1.33 -8.85 -15.74
CA ALA A 67 1.60 -8.34 -17.08
C ALA A 67 0.37 -7.66 -17.66
N LYS A 68 -0.80 -7.95 -17.10
CA LYS A 68 -2.05 -7.37 -17.57
C LYS A 68 -2.16 -5.91 -17.13
N TYR A 69 -1.95 -5.67 -15.84
CA TYR A 69 -2.03 -4.32 -15.30
C TYR A 69 -0.65 -3.67 -15.24
N ALA A 70 0.25 -4.15 -16.09
CA ALA A 70 1.61 -3.62 -16.13
C ALA A 70 1.70 -2.47 -17.13
N SER A 71 0.56 -1.99 -17.59
CA SER A 71 0.52 -0.89 -18.55
C SER A 71 -0.13 0.34 -17.93
N VAL A 72 -0.96 0.13 -16.93
CA VAL A 72 -1.64 1.22 -16.25
C VAL A 72 -0.65 2.27 -15.74
N ASP A 73 -1.01 3.54 -15.88
CA ASP A 73 -0.16 4.63 -15.43
C ASP A 73 -0.60 5.15 -14.07
N THR A 74 0.01 4.62 -13.01
CA THR A 74 -0.32 5.03 -11.65
C THR A 74 -0.28 6.54 -11.51
N TYR A 75 0.57 7.18 -12.29
CA TYR A 75 0.71 8.64 -12.26
C TYR A 75 -0.63 9.31 -12.53
N ASP A 76 -1.28 8.91 -13.62
CA ASP A 76 -2.58 9.47 -14.00
C ASP A 76 -3.64 9.15 -12.94
N ARG A 77 -4.07 10.18 -12.22
CA ARG A 77 -5.08 10.01 -11.17
C ARG A 77 -6.33 9.37 -11.74
N GLU A 78 -6.55 9.54 -13.04
CA GLU A 78 -7.72 8.98 -13.71
C GLU A 78 -7.66 7.45 -13.71
N GLN A 79 -6.55 6.91 -14.19
CA GLN A 79 -6.38 5.46 -14.25
C GLN A 79 -6.46 4.85 -12.86
N VAL A 80 -5.58 5.29 -11.98
CA VAL A 80 -5.55 4.79 -10.61
C VAL A 80 -6.93 4.85 -9.96
N MET A 81 -7.70 5.86 -10.35
CA MET A 81 -9.05 6.03 -9.82
C MET A 81 -9.98 4.92 -10.29
N LYS A 82 -10.00 4.69 -11.60
CA LYS A 82 -10.85 3.65 -12.18
C LYS A 82 -10.55 2.30 -11.55
N ILE A 83 -9.27 1.97 -11.44
CA ILE A 83 -8.85 0.70 -10.85
C ILE A 83 -9.32 0.59 -9.39
N ILE A 84 -8.97 1.59 -8.59
CA ILE A 84 -9.35 1.61 -7.19
C ILE A 84 -10.86 1.52 -7.03
N ASP A 85 -11.60 2.15 -7.95
CA ASP A 85 -13.05 2.13 -7.91
C ASP A 85 -13.59 0.75 -8.28
N GLU A 86 -13.14 0.23 -9.41
CA GLU A 86 -13.57 -1.09 -9.87
C GLU A 86 -13.25 -2.16 -8.84
N PHE A 87 -12.01 -2.17 -8.37
CA PHE A 87 -11.56 -3.14 -7.38
C PHE A 87 -12.25 -2.91 -6.04
N LYS A 88 -12.83 -1.72 -5.88
CA LYS A 88 -13.53 -1.37 -4.65
C LYS A 88 -12.56 -1.39 -3.46
N ILE A 89 -11.42 -0.72 -3.63
CA ILE A 89 -10.42 -0.65 -2.57
C ILE A 89 -10.80 0.37 -1.52
N PRO A 90 -10.85 -0.07 -0.25
CA PRO A 90 -11.20 0.81 0.88
C PRO A 90 -10.11 1.83 1.18
N THR A 91 -10.44 2.79 2.02
CA THR A 91 -9.50 3.84 2.40
C THR A 91 -8.65 3.42 3.59
N VAL A 92 -7.58 4.17 3.85
CA VAL A 92 -6.69 3.87 4.96
C VAL A 92 -7.46 3.69 6.25
N GLU A 93 -8.19 4.73 6.64
CA GLU A 93 -8.99 4.70 7.87
C GLU A 93 -9.88 3.46 7.91
N GLN A 94 -10.57 3.21 6.81
CA GLN A 94 -11.46 2.05 6.72
C GLN A 94 -10.70 0.75 6.98
N TRP A 95 -9.43 0.72 6.59
CA TRP A 95 -8.60 -0.46 6.78
C TRP A 95 -8.34 -0.69 8.27
N LYS A 96 -8.09 0.39 9.00
CA LYS A 96 -7.83 0.31 10.43
C LYS A 96 -9.07 -0.14 11.18
N ASP A 97 -10.20 0.50 10.91
CA ASP A 97 -11.45 0.18 11.57
C ASP A 97 -11.87 -1.26 11.25
N GLN A 98 -11.65 -1.67 10.01
CA GLN A 98 -12.00 -3.02 9.57
C GLN A 98 -11.15 -4.06 10.31
N THR A 99 -9.84 -3.84 10.32
CA THR A 99 -8.93 -4.76 10.98
C THR A 99 -9.19 -4.83 12.49
N ARG A 100 -9.62 -3.70 13.05
CA ARG A 100 -9.91 -3.64 14.48
C ARG A 100 -11.15 -4.46 14.82
N ARG A 101 -12.26 -4.13 14.19
CA ARG A 101 -13.52 -4.84 14.42
C ARG A 101 -13.39 -6.30 14.00
N TYR A 102 -12.49 -6.58 13.08
CA TYR A 102 -12.27 -7.93 12.58
C TYR A 102 -11.35 -8.70 13.51
N LYS A 103 -10.44 -7.99 14.16
CA LYS A 103 -9.49 -8.61 15.09
C LYS A 103 -10.12 -8.80 16.47
N GLU A 104 -11.22 -8.09 16.71
CA GLU A 104 -11.91 -8.17 17.99
C GLU A 104 -12.20 -9.63 18.36
N SER A 105 -12.55 -9.86 19.62
CA SER A 105 -12.85 -11.20 20.09
C SER A 105 -14.23 -11.65 19.63
N SER A 106 -14.27 -12.32 18.48
CA SER A 106 -15.53 -12.80 17.92
C SER A 106 -15.32 -14.08 17.13
N ILE A 107 -16.36 -14.53 16.42
CA ILE A 107 -16.28 -15.74 15.63
C ILE A 107 -15.29 -15.57 14.48
N GLN A 108 -14.50 -16.62 14.24
CA GLN A 108 -13.51 -16.59 13.17
C GLN A 108 -12.78 -17.93 13.07
N ILE A 109 -11.96 -18.08 12.03
CA ILE A 109 -11.20 -19.30 11.83
C ILE A 109 -9.82 -19.00 11.27
N GLY A 110 -9.00 -20.04 11.16
CA GLY A 110 -7.65 -19.87 10.63
C GLY A 110 -6.59 -19.98 11.72
N ASN A 111 -6.19 -21.21 12.03
CA ASN A 111 -5.17 -21.45 13.04
C ASN A 111 -3.79 -21.05 12.54
N GLY A 112 -3.14 -20.16 13.28
CA GLY A 112 -1.81 -19.71 12.89
C GLY A 112 -1.37 -18.48 13.66
N HIS A 113 -0.59 -18.67 14.71
CA HIS A 113 -0.10 -17.56 15.52
C HIS A 113 1.42 -17.60 15.63
N GLY A 114 2.01 -16.47 16.02
CA GLY A 114 3.45 -16.39 16.16
C GLY A 114 3.89 -15.15 16.91
N GLN A 115 5.20 -15.01 17.10
CA GLN A 115 5.75 -13.86 17.80
C GLN A 115 7.16 -13.55 17.32
N SER A 116 7.65 -12.37 17.67
CA SER A 116 8.99 -11.95 17.26
C SER A 116 9.55 -10.91 18.24
N GLN A 117 10.86 -10.97 18.47
CA GLN A 117 11.51 -10.04 19.37
C GLN A 117 11.53 -8.63 18.80
N GLY A 118 11.28 -7.65 19.65
CA GLY A 118 11.26 -6.26 19.21
C GLY A 118 12.12 -5.37 20.08
N LEU A 119 13.39 -5.21 19.71
CA LEU A 119 14.31 -4.37 20.46
C LEU A 119 15.00 -3.36 19.55
N GLU A 120 15.35 -3.80 18.35
CA GLU A 120 16.01 -2.93 17.38
C GLU A 120 15.03 -1.95 16.75
N GLY B 1 -7.48 6.70 12.37
CA GLY B 1 -6.59 7.70 11.80
C GLY B 1 -5.18 7.63 12.38
N LYS B 2 -4.46 6.57 12.05
CA LYS B 2 -3.10 6.38 12.53
C LYS B 2 -2.09 6.90 11.52
N PHE B 3 -2.37 6.68 10.24
CA PHE B 3 -1.47 7.13 9.17
C PHE B 3 -1.82 8.55 8.73
N ILE B 4 -2.90 8.66 7.96
CA ILE B 4 -3.34 9.97 7.47
C ILE B 4 -2.19 10.74 6.84
N PRO B 5 -1.85 10.37 5.59
CA PRO B 5 -0.76 11.01 4.85
C PRO B 5 -1.12 12.44 4.44
N SER B 6 -0.81 13.40 5.31
CA SER B 6 -1.10 14.81 5.03
C SER B 6 -0.05 15.40 4.09
N ARG B 7 0.94 14.59 3.74
CA ARG B 7 2.01 15.03 2.84
C ARG B 7 1.43 15.69 1.59
N PRO B 8 2.26 16.49 0.90
CA PRO B 8 1.85 17.19 -0.32
C PRO B 8 1.63 16.23 -1.48
N ALA B 9 2.20 15.04 -1.37
CA ALA B 9 2.07 14.03 -2.42
C ALA B 9 2.74 14.49 -3.72
N PRO B 10 4.05 14.26 -3.81
CA PRO B 10 4.84 14.65 -4.99
C PRO B 10 4.51 13.81 -6.21
N LYS B 11 4.84 14.31 -7.39
CA LYS B 11 4.58 13.61 -8.64
C LYS B 11 5.83 12.88 -9.12
N PRO B 12 5.64 11.89 -10.00
CA PRO B 12 6.75 11.11 -10.57
C PRO B 12 7.61 11.93 -11.53
N PRO B 13 8.78 11.38 -11.89
CA PRO B 13 9.72 12.04 -12.80
C PRO B 13 9.19 12.08 -14.23
N SER B 14 9.99 12.62 -15.13
CA SER B 14 9.62 12.73 -16.54
C SER B 14 10.79 13.18 -17.39
N SER B 15 11.00 12.51 -18.52
CA SER B 15 12.10 12.86 -19.42
C SER B 15 11.58 13.10 -20.83
N ALA B 16 12.07 14.17 -21.45
CA ALA B 16 11.65 14.52 -22.80
C ALA B 16 12.71 14.09 -23.82
N MET A 1 -7.17 -10.11 -0.07
CA MET A 1 -6.96 -9.55 -1.39
C MET A 1 -5.55 -9.84 -1.90
N ALA A 2 -5.39 -9.82 -3.22
CA ALA A 2 -4.08 -10.07 -3.83
C ALA A 2 -3.01 -9.20 -3.20
N PRO A 3 -1.73 -9.61 -3.38
CA PRO A 3 -0.59 -8.87 -2.84
C PRO A 3 -0.36 -7.54 -3.56
N LEU A 4 -0.24 -6.47 -2.79
CA LEU A 4 -0.03 -5.14 -3.34
C LEU A 4 1.37 -4.63 -3.00
N PHE A 5 2.12 -4.25 -4.02
CA PHE A 5 3.47 -3.74 -3.82
C PHE A 5 3.77 -2.58 -4.78
N ALA A 6 4.44 -1.56 -4.27
CA ALA A 6 4.78 -0.39 -5.08
C ALA A 6 6.28 -0.08 -4.99
N VAL A 7 6.78 0.66 -5.97
CA VAL A 7 8.19 1.02 -6.00
C VAL A 7 8.36 2.53 -6.17
N THR A 8 9.03 3.16 -5.21
CA THR A 8 9.26 4.60 -5.25
C THR A 8 10.11 4.98 -6.45
N LEU A 9 9.64 5.95 -7.23
CA LEU A 9 10.36 6.42 -8.41
C LEU A 9 11.08 7.72 -8.13
N TYR A 10 10.71 8.38 -7.03
CA TYR A 10 11.33 9.64 -6.65
C TYR A 10 11.60 9.68 -5.14
N GLU A 11 12.54 10.53 -4.74
CA GLU A 11 12.89 10.67 -3.33
C GLU A 11 11.88 11.56 -2.60
N PHE A 12 11.01 10.94 -1.81
CA PHE A 12 10.00 11.66 -1.06
C PHE A 12 10.50 12.00 0.35
N LYS A 13 10.93 13.23 0.54
CA LYS A 13 11.42 13.67 1.83
C LYS A 13 10.27 13.99 2.78
N ALA A 14 10.24 13.31 3.92
CA ALA A 14 9.19 13.53 4.91
C ALA A 14 9.32 14.90 5.56
N GLU A 15 8.19 15.49 5.91
CA GLU A 15 8.17 16.81 6.54
C GLU A 15 7.61 16.73 7.96
N ARG A 16 6.76 15.74 8.19
CA ARG A 16 6.15 15.55 9.50
C ARG A 16 6.42 14.15 10.04
N ASP A 17 5.93 13.87 11.25
CA ASP A 17 6.13 12.57 11.87
C ASP A 17 5.33 11.49 11.13
N ASP A 18 4.24 11.91 10.49
CA ASP A 18 3.39 10.98 9.74
C ASP A 18 4.04 10.61 8.41
N GLU A 19 4.77 11.56 7.84
CA GLU A 19 5.44 11.33 6.55
C GLU A 19 6.64 10.41 6.71
N LEU A 20 6.93 9.64 5.68
CA LEU A 20 8.06 8.71 5.71
C LEU A 20 9.03 9.00 4.56
N ASP A 21 10.32 9.02 4.87
CA ASP A 21 11.34 9.28 3.86
C ASP A 21 11.63 8.01 3.05
N VAL A 22 11.67 8.16 1.73
CA VAL A 22 11.93 7.04 0.84
C VAL A 22 12.71 7.49 -0.39
N SER A 23 13.57 6.60 -0.89
CA SER A 23 14.37 6.91 -2.07
C SER A 23 13.88 6.13 -3.28
N PRO A 24 14.24 6.60 -4.48
CA PRO A 24 13.85 5.97 -5.75
C PRO A 24 14.54 4.63 -5.96
N GLY A 25 13.76 3.58 -6.20
CA GLY A 25 14.31 2.26 -6.41
C GLY A 25 14.05 1.32 -5.26
N GLU A 26 13.33 1.82 -4.24
CA GLU A 26 13.01 1.01 -3.08
C GLU A 26 11.67 0.31 -3.25
N ASN A 27 11.42 -0.69 -2.41
CA ASN A 27 10.17 -1.45 -2.48
C ASN A 27 9.33 -1.21 -1.22
N LEU A 28 8.11 -0.73 -1.42
CA LEU A 28 7.21 -0.46 -0.30
C LEU A 28 5.96 -1.32 -0.39
N SER A 29 5.37 -1.62 0.76
CA SER A 29 4.17 -2.45 0.81
C SER A 29 2.92 -1.58 0.97
N ILE A 30 2.09 -1.57 -0.07
CA ILE A 30 0.86 -0.78 -0.05
C ILE A 30 -0.22 -1.48 0.77
N CYS A 31 -1.02 -0.68 1.48
CA CYS A 31 -2.09 -1.23 2.30
C CYS A 31 -3.45 -0.70 1.83
N ALA A 32 -3.50 0.58 1.51
CA ALA A 32 -4.73 1.21 1.06
C ALA A 32 -4.44 2.49 0.28
N HIS A 33 -5.49 3.07 -0.29
CA HIS A 33 -5.35 4.31 -1.06
C HIS A 33 -6.32 5.37 -0.58
N TYR A 34 -6.26 6.55 -1.19
CA TYR A 34 -7.14 7.65 -0.81
C TYR A 34 -7.66 8.37 -2.05
N ASP A 35 -8.90 8.07 -2.43
CA ASP A 35 -9.52 8.69 -3.58
C ASP A 35 -8.66 8.52 -4.83
N TYR A 36 -7.84 7.46 -4.83
CA TYR A 36 -6.96 7.19 -5.95
C TYR A 36 -5.93 8.30 -6.13
N GLU A 37 -5.78 9.12 -5.10
CA GLU A 37 -4.83 10.24 -5.14
C GLU A 37 -3.57 9.91 -4.33
N TRP A 38 -3.78 9.47 -3.10
CA TRP A 38 -2.66 9.12 -2.22
C TRP A 38 -2.63 7.61 -1.95
N PHE A 39 -1.50 7.13 -1.44
CA PHE A 39 -1.33 5.72 -1.14
C PHE A 39 -0.62 5.52 0.20
N ILE A 40 -0.85 4.37 0.81
CA ILE A 40 -0.22 4.06 2.09
C ILE A 40 0.76 2.91 1.96
N ALA A 41 2.03 3.24 1.76
CA ALA A 41 3.08 2.23 1.63
C ALA A 41 3.97 2.20 2.86
N LYS A 42 4.46 1.01 3.20
CA LYS A 42 5.33 0.85 4.35
C LYS A 42 6.73 0.39 3.92
N PRO A 43 7.73 0.70 4.75
CA PRO A 43 9.12 0.34 4.48
C PRO A 43 9.36 -1.16 4.60
N ILE A 44 9.77 -1.79 3.51
CA ILE A 44 10.04 -3.22 3.50
C ILE A 44 11.49 -3.52 3.88
N ASN A 45 12.35 -2.53 3.71
CA ASN A 45 13.77 -2.68 4.03
C ASN A 45 13.98 -2.67 5.54
N ARG A 46 13.71 -1.53 6.17
CA ARG A 46 13.88 -1.40 7.61
C ARG A 46 12.76 -2.12 8.35
N LEU A 47 12.72 -1.94 9.67
CA LEU A 47 11.69 -2.58 10.50
C LEU A 47 10.30 -2.23 10.00
N GLY A 48 9.87 -1.00 10.26
CA GLY A 48 8.55 -0.56 9.84
C GLY A 48 8.37 0.94 9.97
N GLY A 49 7.34 1.47 9.32
CA GLY A 49 7.08 2.89 9.38
C GLY A 49 6.06 3.34 8.34
N PRO A 50 4.78 3.05 8.61
CA PRO A 50 3.69 3.42 7.70
C PRO A 50 3.45 4.92 7.67
N GLY A 51 3.72 5.53 6.52
CA GLY A 51 3.53 6.97 6.38
C GLY A 51 2.50 7.31 5.31
N LEU A 52 2.85 8.23 4.43
CA LEU A 52 1.95 8.65 3.36
C LEU A 52 2.73 9.00 2.09
N VAL A 53 2.33 8.41 0.98
CA VAL A 53 2.99 8.65 -0.30
C VAL A 53 1.98 8.68 -1.45
N PRO A 54 2.07 9.73 -2.28
CA PRO A 54 1.17 9.90 -3.43
C PRO A 54 1.43 8.88 -4.53
N VAL A 55 0.46 8.72 -5.44
CA VAL A 55 0.58 7.78 -6.53
C VAL A 55 1.63 8.24 -7.54
N SER A 56 1.91 9.54 -7.53
CA SER A 56 2.90 10.11 -8.45
C SER A 56 4.32 9.88 -7.94
N TYR A 57 4.43 9.23 -6.79
CA TYR A 57 5.72 8.95 -6.18
C TYR A 57 5.90 7.45 -5.93
N VAL A 58 5.01 6.66 -6.51
CA VAL A 58 5.06 5.21 -6.35
C VAL A 58 4.43 4.50 -7.54
N ARG A 59 5.07 3.41 -7.97
CA ARG A 59 4.58 2.64 -9.10
C ARG A 59 4.09 1.27 -8.65
N ILE A 60 2.80 1.00 -8.90
CA ILE A 60 2.21 -0.28 -8.51
C ILE A 60 2.81 -1.42 -9.32
N ILE A 61 3.60 -2.26 -8.65
CA ILE A 61 4.23 -3.40 -9.31
C ILE A 61 4.03 -4.68 -8.50
N ASP A 62 3.53 -5.71 -9.16
CA ASP A 62 3.31 -7.00 -8.50
C ASP A 62 4.61 -7.60 -8.01
N LEU A 63 4.66 -7.94 -6.73
CA LEU A 63 5.86 -8.53 -6.13
C LEU A 63 6.25 -9.82 -6.85
N MET A 64 5.24 -10.51 -7.39
CA MET A 64 5.48 -11.76 -8.10
C MET A 64 5.76 -11.50 -9.58
N ASP A 65 5.70 -10.23 -9.97
CA ASP A 65 5.95 -9.84 -11.35
C ASP A 65 6.05 -8.33 -11.48
N PRO A 66 7.25 -7.79 -11.20
CA PRO A 66 7.50 -6.34 -11.28
C PRO A 66 7.51 -5.84 -12.72
N ALA A 67 7.43 -6.76 -13.67
CA ALA A 67 7.43 -6.40 -15.08
C ALA A 67 6.02 -6.44 -15.65
N LYS A 68 5.06 -6.83 -14.82
CA LYS A 68 3.66 -6.91 -15.24
C LYS A 68 3.00 -5.53 -15.19
N TYR A 69 3.11 -4.88 -14.04
CA TYR A 69 2.52 -3.56 -13.85
C TYR A 69 3.59 -2.47 -13.90
N ALA A 70 4.71 -2.79 -14.55
CA ALA A 70 5.81 -1.83 -14.66
C ALA A 70 5.55 -0.82 -15.76
N SER A 71 4.61 -1.15 -16.66
CA SER A 71 4.28 -0.27 -17.77
C SER A 71 2.92 0.40 -17.53
N VAL A 72 2.51 0.48 -16.26
CA VAL A 72 1.25 1.09 -15.91
C VAL A 72 1.41 2.58 -15.62
N ASP A 73 0.37 3.35 -15.90
CA ASP A 73 0.40 4.79 -15.67
C ASP A 73 -0.29 5.15 -14.36
N THR A 74 0.46 5.05 -13.26
CA THR A 74 -0.07 5.36 -11.94
C THR A 74 -0.74 6.73 -11.93
N TYR A 75 -0.09 7.71 -12.53
CA TYR A 75 -0.63 9.06 -12.59
C TYR A 75 -2.04 9.07 -13.17
N ASP A 76 -2.25 8.25 -14.20
CA ASP A 76 -3.55 8.16 -14.85
C ASP A 76 -4.60 7.62 -13.89
N ARG A 77 -5.49 8.50 -13.44
CA ARG A 77 -6.54 8.11 -12.51
C ARG A 77 -7.32 6.90 -13.04
N GLU A 78 -7.38 6.78 -14.36
CA GLU A 78 -8.09 5.68 -15.00
C GLU A 78 -7.40 4.35 -14.71
N GLN A 79 -6.12 4.26 -15.06
CA GLN A 79 -5.35 3.05 -14.84
C GLN A 79 -5.32 2.68 -13.36
N VAL A 80 -4.86 3.61 -12.53
CA VAL A 80 -4.78 3.39 -11.10
C VAL A 80 -6.12 2.93 -10.53
N MET A 81 -7.20 3.41 -11.14
CA MET A 81 -8.54 3.04 -10.71
C MET A 81 -8.82 1.57 -10.98
N LYS A 82 -8.64 1.16 -12.22
CA LYS A 82 -8.87 -0.23 -12.62
C LYS A 82 -8.04 -1.18 -11.76
N ILE A 83 -6.81 -0.78 -11.46
CA ILE A 83 -5.92 -1.60 -10.65
C ILE A 83 -6.46 -1.76 -9.23
N ILE A 84 -6.73 -0.64 -8.57
CA ILE A 84 -7.26 -0.66 -7.21
C ILE A 84 -8.59 -1.39 -7.15
N ASP A 85 -9.39 -1.25 -8.20
CA ASP A 85 -10.69 -1.91 -8.27
C ASP A 85 -10.53 -3.42 -8.40
N GLU A 86 -9.70 -3.84 -9.34
CA GLU A 86 -9.46 -5.25 -9.57
C GLU A 86 -8.84 -5.92 -8.34
N PHE A 87 -7.87 -5.23 -7.73
CA PHE A 87 -7.21 -5.75 -6.55
C PHE A 87 -8.09 -5.61 -5.31
N LYS A 88 -9.10 -4.75 -5.41
CA LYS A 88 -10.03 -4.53 -4.31
C LYS A 88 -9.30 -3.93 -3.11
N ILE A 89 -8.52 -2.89 -3.35
CA ILE A 89 -7.78 -2.23 -2.27
C ILE A 89 -8.68 -1.34 -1.44
N PRO A 90 -8.62 -1.51 -0.11
CA PRO A 90 -9.43 -0.72 0.82
C PRO A 90 -8.99 0.73 0.89
N THR A 91 -9.85 1.59 1.43
CA THR A 91 -9.55 3.01 1.56
C THR A 91 -8.91 3.32 2.89
N VAL A 92 -8.33 4.52 3.01
CA VAL A 92 -7.68 4.94 4.24
C VAL A 92 -8.60 4.73 5.45
N GLU A 93 -9.79 5.29 5.38
CA GLU A 93 -10.76 5.18 6.46
C GLU A 93 -10.95 3.71 6.85
N GLN A 94 -11.17 2.86 5.87
CA GLN A 94 -11.37 1.43 6.11
C GLN A 94 -10.18 0.84 6.86
N TRP A 95 -8.98 1.17 6.40
CA TRP A 95 -7.76 0.66 7.03
C TRP A 95 -7.69 1.09 8.50
N LYS A 96 -8.14 2.30 8.77
CA LYS A 96 -8.13 2.83 10.13
C LYS A 96 -9.10 2.06 11.02
N ASP A 97 -10.29 1.80 10.49
CA ASP A 97 -11.31 1.07 11.23
C ASP A 97 -10.87 -0.36 11.51
N GLN A 98 -10.16 -0.95 10.55
CA GLN A 98 -9.69 -2.32 10.68
C GLN A 98 -8.53 -2.40 11.67
N THR A 99 -7.67 -1.39 11.65
CA THR A 99 -6.52 -1.34 12.55
C THR A 99 -6.94 -0.98 13.96
N ARG A 100 -7.82 0.01 14.08
CA ARG A 100 -8.31 0.46 15.39
C ARG A 100 -9.15 -0.64 16.05
N ARG A 101 -9.89 -1.38 15.23
CA ARG A 101 -10.74 -2.45 15.73
C ARG A 101 -9.93 -3.70 16.02
N TYR A 102 -8.87 -3.92 15.23
CA TYR A 102 -8.01 -5.08 15.40
C TYR A 102 -7.01 -4.86 16.53
N LYS A 103 -6.73 -3.59 16.83
CA LYS A 103 -5.79 -3.25 17.88
C LYS A 103 -6.50 -3.14 19.23
N GLU A 104 -7.83 -3.02 19.18
CA GLU A 104 -8.62 -2.91 20.40
C GLU A 104 -8.28 -4.02 21.38
N SER A 105 -8.75 -3.88 22.62
CA SER A 105 -8.49 -4.88 23.65
C SER A 105 -9.58 -5.93 23.68
N SER A 106 -9.51 -6.87 22.73
CA SER A 106 -10.50 -7.94 22.64
C SER A 106 -9.96 -9.24 23.24
N ILE A 107 -10.73 -10.31 23.12
CA ILE A 107 -10.32 -11.61 23.63
C ILE A 107 -9.75 -12.48 22.54
N GLN A 108 -8.99 -13.50 22.94
CA GLN A 108 -8.38 -14.43 21.99
C GLN A 108 -9.43 -15.29 21.31
N ILE A 109 -8.98 -16.31 20.60
CA ILE A 109 -9.88 -17.22 19.89
C ILE A 109 -9.54 -18.67 20.18
N GLY A 110 -10.56 -19.47 20.47
CA GLY A 110 -10.35 -20.87 20.76
C GLY A 110 -10.20 -21.71 19.51
N ASN A 111 -9.15 -21.45 18.75
CA ASN A 111 -8.90 -22.18 17.51
C ASN A 111 -7.74 -23.17 17.69
N GLY A 112 -7.87 -24.34 17.07
CA GLY A 112 -6.83 -25.35 17.18
C GLY A 112 -6.06 -25.51 15.88
N HIS A 113 -5.07 -26.40 15.89
CA HIS A 113 -4.26 -26.65 14.71
C HIS A 113 -4.56 -28.02 14.12
N GLY A 114 -4.18 -28.22 12.86
CA GLY A 114 -4.42 -29.49 12.20
C GLY A 114 -3.45 -30.57 12.64
N GLN A 115 -3.36 -31.64 11.86
CA GLN A 115 -2.47 -32.75 12.18
C GLN A 115 -2.03 -33.49 10.92
N SER A 116 -0.88 -34.13 10.97
CA SER A 116 -0.36 -34.87 9.83
C SER A 116 0.20 -36.22 10.26
N GLN A 117 -0.27 -37.29 9.62
CA GLN A 117 0.18 -38.63 9.95
C GLN A 117 -0.21 -39.62 8.86
N GLY A 118 0.68 -40.55 8.54
CA GLY A 118 0.40 -41.54 7.52
C GLY A 118 0.81 -42.94 7.93
N LEU A 119 -0.17 -43.72 8.38
CA LEU A 119 0.09 -45.10 8.81
C LEU A 119 0.19 -46.04 7.62
N GLU A 120 -0.90 -46.13 6.86
CA GLU A 120 -0.94 -47.00 5.69
C GLU A 120 -1.02 -46.17 4.41
N GLY B 1 -9.79 8.75 11.28
CA GLY B 1 -8.41 8.31 11.16
C GLY B 1 -7.44 9.31 11.76
N LYS B 2 -6.14 9.08 11.54
CA LYS B 2 -5.11 9.96 12.05
C LYS B 2 -4.29 10.57 10.92
N PHE B 3 -4.13 9.81 9.84
CA PHE B 3 -3.37 10.27 8.68
C PHE B 3 -4.14 11.34 7.91
N ILE B 4 -5.16 10.90 7.18
CA ILE B 4 -5.98 11.82 6.39
C ILE B 4 -5.12 12.72 5.53
N PRO B 5 -4.68 12.20 4.37
CA PRO B 5 -3.84 12.95 3.42
C PRO B 5 -4.61 14.07 2.74
N SER B 6 -4.73 15.20 3.43
CA SER B 6 -5.44 16.36 2.89
C SER B 6 -4.50 17.26 2.09
N ARG B 7 -3.25 16.82 1.97
CA ARG B 7 -2.25 17.58 1.24
C ARG B 7 -2.76 17.97 -0.15
N PRO B 8 -2.10 18.95 -0.78
CA PRO B 8 -2.47 19.43 -2.11
C PRO B 8 -2.17 18.41 -3.19
N ALA B 9 -1.24 17.50 -2.91
CA ALA B 9 -0.85 16.46 -3.87
C ALA B 9 -0.23 17.07 -5.11
N PRO B 10 1.11 17.22 -5.09
CA PRO B 10 1.86 17.79 -6.21
C PRO B 10 1.88 16.86 -7.41
N LYS B 11 2.13 17.43 -8.60
CA LYS B 11 2.19 16.65 -9.83
C LYS B 11 3.62 16.20 -10.12
N PRO B 12 3.74 15.04 -10.79
CA PRO B 12 5.06 14.47 -11.15
C PRO B 12 5.77 15.28 -12.21
N PRO B 13 7.06 15.02 -12.39
CA PRO B 13 7.90 15.72 -13.39
C PRO B 13 7.52 15.34 -14.82
N SER B 14 6.96 16.30 -15.55
CA SER B 14 6.55 16.07 -16.93
C SER B 14 7.72 15.56 -17.75
N SER B 15 8.90 16.12 -17.52
CA SER B 15 10.10 15.72 -18.25
C SER B 15 10.29 14.21 -18.20
N ALA B 16 9.92 13.62 -17.06
CA ALA B 16 10.06 12.17 -16.88
C ALA B 16 8.91 11.43 -17.55
N MET A 1 -4.23 -10.35 2.79
CA MET A 1 -3.50 -10.29 1.53
C MET A 1 -2.03 -10.64 1.73
N ALA A 2 -1.26 -10.58 0.65
CA ALA A 2 0.17 -10.89 0.71
C ALA A 2 0.99 -9.62 0.92
N PRO A 3 2.23 -9.81 1.39
CA PRO A 3 3.15 -8.69 1.65
C PRO A 3 3.64 -8.03 0.36
N LEU A 4 3.34 -6.73 0.23
CA LEU A 4 3.75 -5.98 -0.96
C LEU A 4 4.68 -4.84 -0.59
N PHE A 5 5.49 -4.41 -1.55
CA PHE A 5 6.43 -3.31 -1.33
C PHE A 5 6.47 -2.37 -2.53
N ALA A 6 7.01 -1.18 -2.32
CA ALA A 6 7.12 -0.19 -3.39
C ALA A 6 8.51 0.45 -3.40
N VAL A 7 8.81 1.16 -4.49
CA VAL A 7 10.09 1.82 -4.63
C VAL A 7 9.92 3.29 -4.99
N THR A 8 10.59 4.16 -4.24
CA THR A 8 10.51 5.60 -4.48
C THR A 8 11.27 5.99 -5.74
N LEU A 9 10.68 6.88 -6.52
CA LEU A 9 11.30 7.35 -7.76
C LEU A 9 11.66 8.83 -7.68
N TYR A 10 11.09 9.51 -6.69
CA TYR A 10 11.34 10.93 -6.49
C TYR A 10 11.54 11.25 -5.02
N GLU A 11 12.21 12.38 -4.75
CA GLU A 11 12.46 12.79 -3.38
C GLU A 11 11.26 13.54 -2.80
N PHE A 12 10.53 12.86 -1.92
CA PHE A 12 9.35 13.45 -1.30
C PHE A 12 9.72 14.18 -0.01
N LYS A 13 9.76 15.50 -0.09
CA LYS A 13 10.11 16.33 1.07
C LYS A 13 8.91 16.47 2.00
N ALA A 14 9.01 15.87 3.19
CA ALA A 14 7.94 15.95 4.17
C ALA A 14 7.84 17.34 4.78
N GLU A 15 6.71 17.63 5.42
CA GLU A 15 6.50 18.92 6.04
C GLU A 15 6.28 18.78 7.55
N ARG A 16 5.69 17.65 7.95
CA ARG A 16 5.42 17.39 9.35
C ARG A 16 5.71 15.93 9.69
N ASP A 17 5.40 15.55 10.94
CA ASP A 17 5.63 14.18 11.39
C ASP A 17 4.76 13.20 10.61
N ASP A 18 3.51 13.60 10.35
CA ASP A 18 2.58 12.75 9.61
C ASP A 18 3.18 12.32 8.26
N GLU A 19 4.07 13.15 7.73
CA GLU A 19 4.71 12.86 6.46
C GLU A 19 5.99 12.04 6.67
N LEU A 20 6.68 11.74 5.57
CA LEU A 20 7.91 10.97 5.63
C LEU A 20 8.86 11.36 4.50
N ASP A 21 10.07 11.78 4.85
CA ASP A 21 11.06 12.17 3.86
C ASP A 21 11.75 10.94 3.27
N VAL A 22 11.71 10.84 1.94
CA VAL A 22 12.33 9.72 1.25
C VAL A 22 13.04 10.17 -0.02
N SER A 23 14.03 9.40 -0.46
CA SER A 23 14.78 9.74 -1.66
C SER A 23 14.49 8.74 -2.77
N PRO A 24 14.76 9.14 -4.02
CA PRO A 24 14.54 8.29 -5.20
C PRO A 24 15.52 7.13 -5.27
N GLY A 25 14.98 5.91 -5.32
CA GLY A 25 15.82 4.74 -5.38
C GLY A 25 15.81 3.94 -4.09
N GLU A 26 15.11 4.46 -3.09
CA GLU A 26 15.03 3.79 -1.79
C GLU A 26 13.84 2.84 -1.74
N ASN A 27 14.02 1.73 -1.03
CA ASN A 27 12.96 0.74 -0.91
C ASN A 27 12.02 1.08 0.24
N LEU A 28 10.73 0.83 0.05
CA LEU A 28 9.72 1.11 1.07
C LEU A 28 8.63 0.07 1.05
N SER A 29 8.00 -0.15 2.21
CA SER A 29 6.93 -1.14 2.33
C SER A 29 5.57 -0.43 2.47
N ILE A 30 4.64 -0.79 1.60
CA ILE A 30 3.30 -0.20 1.63
C ILE A 30 2.40 -0.96 2.60
N CYS A 31 1.52 -0.22 3.27
CA CYS A 31 0.59 -0.82 4.23
C CYS A 31 -0.85 -0.71 3.73
N ALA A 32 -1.16 0.42 3.09
CA ALA A 32 -2.51 0.64 2.57
C ALA A 32 -2.52 1.79 1.57
N HIS A 33 -3.68 2.04 0.97
CA HIS A 33 -3.81 3.11 -0.01
C HIS A 33 -4.98 4.04 0.37
N TYR A 34 -5.18 5.08 -0.43
CA TYR A 34 -6.25 6.04 -0.18
C TYR A 34 -6.91 6.47 -1.49
N ASP A 35 -8.05 5.88 -1.80
CA ASP A 35 -8.78 6.20 -3.02
C ASP A 35 -7.89 6.04 -4.24
N TYR A 36 -6.86 5.22 -4.11
CA TYR A 36 -5.93 4.97 -5.21
C TYR A 36 -5.19 6.24 -5.58
N GLU A 37 -5.24 7.23 -4.69
CA GLU A 37 -4.57 8.51 -4.92
C GLU A 37 -3.29 8.61 -4.10
N TRP A 38 -3.39 8.31 -2.82
CA TRP A 38 -2.24 8.36 -1.92
C TRP A 38 -1.89 6.97 -1.40
N PHE A 39 -0.60 6.73 -1.20
CA PHE A 39 -0.13 5.44 -0.71
C PHE A 39 0.60 5.59 0.62
N ILE A 40 0.51 4.56 1.46
CA ILE A 40 1.15 4.59 2.77
C ILE A 40 2.36 3.64 2.80
N ALA A 41 3.55 4.20 2.58
CA ALA A 41 4.77 3.42 2.59
C ALA A 41 5.58 3.68 3.86
N LYS A 42 6.50 2.77 4.16
CA LYS A 42 7.34 2.90 5.35
C LYS A 42 8.79 2.56 5.02
N PRO A 43 9.71 3.05 5.86
CA PRO A 43 11.15 2.81 5.69
C PRO A 43 11.53 1.36 5.97
N ILE A 44 12.30 0.77 5.06
CA ILE A 44 12.73 -0.61 5.21
C ILE A 44 13.94 -0.71 6.14
N ASN A 45 14.91 0.17 5.92
CA ASN A 45 16.12 0.18 6.75
C ASN A 45 16.16 1.41 7.65
N ARG A 46 15.81 2.57 7.09
CA ARG A 46 15.80 3.81 7.84
C ARG A 46 14.99 3.66 9.12
N LEU A 47 15.08 4.66 10.00
CA LEU A 47 14.36 4.65 11.26
C LEU A 47 12.86 4.42 11.03
N GLY A 48 12.33 3.34 11.59
CA GLY A 48 10.91 3.04 11.44
C GLY A 48 10.03 4.26 11.69
N GLY A 49 9.27 4.64 10.68
CA GLY A 49 8.39 5.78 10.82
C GLY A 49 7.62 6.09 9.53
N PRO A 50 6.52 5.36 9.31
CA PRO A 50 5.68 5.53 8.12
C PRO A 50 4.92 6.85 8.14
N GLY A 51 4.81 7.47 6.97
CA GLY A 51 4.11 8.74 6.87
C GLY A 51 3.03 8.72 5.81
N LEU A 52 3.30 9.38 4.68
CA LEU A 52 2.33 9.43 3.58
C LEU A 52 3.02 9.85 2.29
N VAL A 53 2.85 9.03 1.25
CA VAL A 53 3.44 9.32 -0.04
C VAL A 53 2.45 9.06 -1.18
N PRO A 54 2.35 10.01 -2.11
CA PRO A 54 1.44 9.91 -3.26
C PRO A 54 1.89 8.84 -4.25
N VAL A 55 0.93 8.17 -4.87
CA VAL A 55 1.23 7.12 -5.85
C VAL A 55 2.05 7.68 -7.01
N SER A 56 1.98 8.99 -7.20
CA SER A 56 2.72 9.64 -8.28
C SER A 56 4.19 9.80 -7.90
N TYR A 57 4.54 9.39 -6.69
CA TYR A 57 5.91 9.48 -6.21
C TYR A 57 6.42 8.13 -5.74
N VAL A 58 5.80 7.06 -6.23
CA VAL A 58 6.18 5.71 -5.85
C VAL A 58 5.78 4.70 -6.93
N ARG A 59 6.49 3.58 -6.98
CA ARG A 59 6.20 2.54 -7.95
C ARG A 59 5.88 1.22 -7.26
N ILE A 60 4.76 0.61 -7.64
CA ILE A 60 4.34 -0.65 -7.05
C ILE A 60 5.13 -1.81 -7.63
N ILE A 61 6.00 -2.40 -6.80
CA ILE A 61 6.82 -3.52 -7.23
C ILE A 61 6.67 -4.72 -6.29
N ASP A 62 7.41 -5.78 -6.57
CA ASP A 62 7.35 -6.98 -5.74
C ASP A 62 8.74 -7.38 -5.26
N LEU A 63 8.89 -7.50 -3.95
CA LEU A 63 10.17 -7.88 -3.36
C LEU A 63 10.69 -9.18 -3.96
N MET A 64 9.76 -10.02 -4.43
CA MET A 64 10.12 -11.29 -5.03
C MET A 64 10.35 -11.15 -6.53
N ASP A 65 9.71 -10.14 -7.13
CA ASP A 65 9.84 -9.88 -8.56
C ASP A 65 9.74 -8.39 -8.86
N PRO A 66 10.81 -7.65 -8.55
CA PRO A 66 10.86 -6.20 -8.77
C PRO A 66 10.93 -5.85 -10.25
N ALA A 67 11.10 -6.87 -11.09
CA ALA A 67 11.18 -6.66 -12.53
C ALA A 67 9.85 -6.99 -13.20
N LYS A 68 8.96 -7.64 -12.46
CA LYS A 68 7.65 -8.01 -12.99
C LYS A 68 6.69 -6.82 -12.95
N TYR A 69 6.57 -6.19 -11.79
CA TYR A 69 5.70 -5.04 -11.62
C TYR A 69 6.47 -3.73 -11.80
N ALA A 70 7.59 -3.81 -12.51
CA ALA A 70 8.42 -2.64 -12.75
C ALA A 70 8.00 -1.92 -14.03
N SER A 71 6.87 -2.34 -14.59
CA SER A 71 6.36 -1.75 -15.82
C SER A 71 5.02 -1.07 -15.59
N VAL A 72 4.31 -1.51 -14.55
CA VAL A 72 3.01 -0.94 -14.22
C VAL A 72 3.12 0.57 -13.99
N ASP A 73 2.17 1.32 -14.55
CA ASP A 73 2.15 2.76 -14.41
C ASP A 73 1.34 3.18 -13.19
N THR A 74 2.04 3.50 -12.11
CA THR A 74 1.38 3.91 -10.87
C THR A 74 0.49 5.13 -11.11
N TYR A 75 0.88 5.97 -12.06
CA TYR A 75 0.12 7.18 -12.38
C TYR A 75 -1.28 6.82 -12.88
N ASP A 76 -1.34 5.83 -13.76
CA ASP A 76 -2.61 5.40 -14.33
C ASP A 76 -3.51 4.82 -13.24
N ARG A 77 -4.54 5.58 -12.86
CA ARG A 77 -5.48 5.15 -11.83
C ARG A 77 -6.05 3.77 -12.16
N GLU A 78 -6.11 3.45 -13.45
CA GLU A 78 -6.63 2.17 -13.90
C GLU A 78 -5.72 1.03 -13.45
N GLN A 79 -4.45 1.12 -13.81
CA GLN A 79 -3.48 0.10 -13.45
C GLN A 79 -3.39 -0.06 -11.94
N VAL A 80 -3.06 1.04 -11.26
CA VAL A 80 -2.93 1.02 -9.80
C VAL A 80 -4.18 0.42 -9.15
N MET A 81 -5.33 0.63 -9.78
CA MET A 81 -6.59 0.11 -9.26
C MET A 81 -6.63 -1.41 -9.35
N LYS A 82 -6.31 -1.93 -10.53
CA LYS A 82 -6.31 -3.38 -10.75
C LYS A 82 -5.38 -4.08 -9.77
N ILE A 83 -4.20 -3.51 -9.57
CA ILE A 83 -3.23 -4.07 -8.65
C ILE A 83 -3.74 -4.06 -7.21
N ILE A 84 -4.14 -2.87 -6.75
CA ILE A 84 -4.67 -2.74 -5.39
C ILE A 84 -5.87 -3.63 -5.17
N ASP A 85 -6.70 -3.78 -6.20
CA ASP A 85 -7.89 -4.62 -6.12
C ASP A 85 -7.51 -6.10 -6.07
N GLU A 86 -6.69 -6.52 -7.04
CA GLU A 86 -6.25 -7.91 -7.10
C GLU A 86 -5.51 -8.31 -5.83
N PHE A 87 -4.54 -7.50 -5.43
CA PHE A 87 -3.76 -7.77 -4.23
C PHE A 87 -4.63 -7.64 -2.97
N LYS A 88 -5.80 -7.05 -3.13
CA LYS A 88 -6.72 -6.86 -2.02
C LYS A 88 -6.09 -5.99 -0.95
N ILE A 89 -5.52 -4.87 -1.36
CA ILE A 89 -4.89 -3.94 -0.42
C ILE A 89 -5.92 -3.04 0.25
N PRO A 90 -5.97 -3.08 1.59
CA PRO A 90 -6.91 -2.27 2.37
C PRO A 90 -6.56 -0.78 2.33
N THR A 91 -7.55 0.05 2.64
CA THR A 91 -7.36 1.50 2.64
C THR A 91 -6.70 1.96 3.93
N VAL A 92 -6.37 3.25 4.00
CA VAL A 92 -5.75 3.83 5.17
C VAL A 92 -6.56 3.53 6.43
N GLU A 93 -7.81 3.96 6.44
CA GLU A 93 -8.68 3.74 7.58
C GLU A 93 -8.68 2.27 7.99
N GLN A 94 -8.83 1.39 7.01
CA GLN A 94 -8.85 -0.05 7.28
C GLN A 94 -7.58 -0.47 8.00
N TRP A 95 -6.45 0.10 7.61
CA TRP A 95 -5.17 -0.22 8.23
C TRP A 95 -5.17 0.13 9.71
N LYS A 96 -5.61 1.35 10.02
CA LYS A 96 -5.66 1.81 11.40
C LYS A 96 -6.53 0.89 12.26
N ASP A 97 -7.74 0.61 11.77
CA ASP A 97 -8.67 -0.27 12.50
C ASP A 97 -8.05 -1.65 12.71
N GLN A 98 -7.55 -2.24 11.63
CA GLN A 98 -6.95 -3.56 11.71
C GLN A 98 -5.89 -3.62 12.81
N THR A 99 -4.97 -2.68 12.78
CA THR A 99 -3.91 -2.61 13.78
C THR A 99 -4.49 -2.50 15.19
N ARG A 100 -5.55 -1.72 15.32
CA ARG A 100 -6.19 -1.54 16.62
C ARG A 100 -6.68 -2.86 17.18
N ARG A 101 -7.31 -3.67 16.34
CA ARG A 101 -7.82 -4.96 16.76
C ARG A 101 -6.68 -5.90 17.14
N TYR A 102 -5.65 -5.93 16.31
CA TYR A 102 -4.49 -6.78 16.56
C TYR A 102 -3.72 -6.31 17.79
N LYS A 103 -3.85 -5.03 18.10
CA LYS A 103 -3.17 -4.45 19.26
C LYS A 103 -4.01 -4.59 20.52
N GLU A 104 -5.33 -4.67 20.34
CA GLU A 104 -6.25 -4.81 21.45
C GLU A 104 -6.55 -6.29 21.73
N SER A 105 -7.44 -6.53 22.69
CA SER A 105 -7.82 -7.89 23.06
C SER A 105 -8.23 -8.69 21.84
N SER A 106 -8.16 -10.01 21.94
CA SER A 106 -8.52 -10.89 20.84
C SER A 106 -10.02 -11.18 20.85
N ILE A 107 -10.48 -11.92 19.84
CA ILE A 107 -11.88 -12.28 19.74
C ILE A 107 -12.11 -13.74 20.10
N GLN A 108 -13.37 -14.08 20.39
CA GLN A 108 -13.72 -15.44 20.76
C GLN A 108 -13.21 -16.43 19.72
N ILE A 109 -13.31 -17.72 20.04
CA ILE A 109 -12.85 -18.77 19.13
C ILE A 109 -14.01 -19.66 18.69
N GLY A 110 -14.55 -19.39 17.50
CA GLY A 110 -15.65 -20.18 16.99
C GLY A 110 -15.46 -20.57 15.54
N ASN A 111 -15.17 -21.85 15.31
CA ASN A 111 -14.96 -22.35 13.96
C ASN A 111 -16.29 -22.53 13.23
N GLY A 112 -16.35 -22.04 11.99
CA GLY A 112 -17.56 -22.15 11.20
C GLY A 112 -17.38 -22.98 9.95
N HIS A 113 -17.81 -24.23 10.00
CA HIS A 113 -17.68 -25.13 8.86
C HIS A 113 -18.86 -26.08 8.78
N GLY A 114 -19.13 -26.60 7.58
CA GLY A 114 -20.24 -27.52 7.40
C GLY A 114 -20.68 -27.61 5.95
N GLN A 115 -20.51 -28.78 5.35
CA GLN A 115 -20.89 -28.98 3.96
C GLN A 115 -20.69 -30.44 3.55
N SER A 116 -21.52 -30.92 2.64
CA SER A 116 -21.43 -32.29 2.16
C SER A 116 -21.70 -32.37 0.66
N GLN A 117 -21.50 -33.55 0.08
CA GLN A 117 -21.72 -33.76 -1.34
C GLN A 117 -22.11 -35.20 -1.63
N GLY A 118 -22.61 -35.46 -2.83
CA GLY A 118 -23.00 -36.80 -3.21
C GLY A 118 -22.64 -37.12 -4.64
N LEU A 119 -22.13 -38.34 -4.86
CA LEU A 119 -21.73 -38.77 -6.20
C LEU A 119 -22.68 -39.85 -6.72
N GLU A 120 -22.42 -40.33 -7.93
CA GLU A 120 -23.26 -41.36 -8.54
C GLU A 120 -22.96 -42.73 -7.94
N GLY B 1 -10.85 8.89 11.73
CA GLY B 1 -9.72 9.07 10.82
C GLY B 1 -8.49 9.59 11.52
N LYS B 2 -7.34 9.43 10.88
CA LYS B 2 -6.07 9.88 11.45
C LYS B 2 -5.22 10.57 10.39
N PHE B 3 -5.03 9.90 9.26
CA PHE B 3 -4.23 10.46 8.17
C PHE B 3 -5.11 11.17 7.16
N ILE B 4 -5.77 10.39 6.31
CA ILE B 4 -6.65 10.96 5.28
C ILE B 4 -5.96 12.09 4.53
N PRO B 5 -5.18 11.74 3.51
CA PRO B 5 -4.46 12.71 2.69
C PRO B 5 -5.39 13.54 1.82
N SER B 6 -5.93 14.62 2.38
CA SER B 6 -6.84 15.50 1.66
C SER B 6 -6.08 16.35 0.64
N ARG B 7 -4.75 16.30 0.70
CA ARG B 7 -3.92 17.06 -0.21
C ARG B 7 -4.24 16.72 -1.65
N PRO B 8 -3.85 17.62 -2.57
CA PRO B 8 -4.08 17.45 -4.01
C PRO B 8 -3.23 16.33 -4.59
N ALA B 9 -3.71 15.74 -5.69
CA ALA B 9 -2.98 14.66 -6.35
C ALA B 9 -2.37 15.13 -7.67
N PRO B 10 -1.15 15.68 -7.60
CA PRO B 10 -0.44 16.18 -8.78
C PRO B 10 0.01 15.07 -9.70
N LYS B 11 0.06 15.36 -11.00
CA LYS B 11 0.48 14.36 -11.99
C LYS B 11 2.00 14.28 -12.06
N PRO B 12 2.51 13.16 -12.60
CA PRO B 12 3.96 12.94 -12.74
C PRO B 12 4.59 13.84 -13.79
N PRO B 13 5.93 13.90 -13.80
CA PRO B 13 6.68 14.72 -14.75
C PRO B 13 6.60 14.19 -16.18
N SER B 14 6.58 12.86 -16.31
CA SER B 14 6.51 12.23 -17.61
C SER B 14 5.13 11.62 -17.84
N SER B 15 4.46 12.07 -18.90
CA SER B 15 3.12 11.57 -19.23
C SER B 15 3.09 10.97 -20.64
N ALA B 16 3.22 9.65 -20.72
CA ALA B 16 3.21 8.96 -22.00
C ALA B 16 1.79 8.83 -22.54
N MET A 1 -13.16 -7.25 -2.27
CA MET A 1 -11.95 -6.97 -3.03
C MET A 1 -11.15 -8.24 -3.27
N ALA A 2 -10.01 -8.10 -3.94
CA ALA A 2 -9.16 -9.24 -4.24
C ALA A 2 -7.71 -8.96 -3.87
N PRO A 3 -6.92 -10.03 -3.70
CA PRO A 3 -5.50 -9.91 -3.34
C PRO A 3 -4.66 -9.34 -4.48
N LEU A 4 -4.58 -8.02 -4.54
CA LEU A 4 -3.80 -7.35 -5.57
C LEU A 4 -2.40 -7.00 -5.08
N PHE A 5 -1.44 -6.98 -5.99
CA PHE A 5 -0.06 -6.66 -5.64
C PHE A 5 0.48 -5.56 -6.54
N ALA A 6 1.58 -4.95 -6.11
CA ALA A 6 2.21 -3.89 -6.88
C ALA A 6 3.72 -4.07 -6.95
N VAL A 7 4.38 -3.27 -7.80
CA VAL A 7 5.82 -3.36 -7.96
C VAL A 7 6.46 -1.97 -7.92
N THR A 8 7.51 -1.83 -7.12
CA THR A 8 8.21 -0.56 -6.99
C THR A 8 9.07 -0.28 -8.22
N LEU A 9 9.00 0.95 -8.72
CA LEU A 9 9.78 1.35 -9.88
C LEU A 9 10.89 2.31 -9.49
N TYR A 10 10.81 2.84 -8.28
CA TYR A 10 11.81 3.78 -7.78
C TYR A 10 12.18 3.46 -6.34
N GLU A 11 13.38 3.89 -5.94
CA GLU A 11 13.87 3.65 -4.57
C GLU A 11 13.32 4.71 -3.62
N PHE A 12 12.35 4.32 -2.81
CA PHE A 12 11.75 5.23 -1.84
C PHE A 12 12.16 4.88 -0.42
N LYS A 13 13.11 5.63 0.13
CA LYS A 13 13.60 5.39 1.48
C LYS A 13 12.62 5.95 2.51
N ALA A 14 12.17 5.10 3.43
CA ALA A 14 11.24 5.50 4.47
C ALA A 14 11.88 6.51 5.42
N GLU A 15 11.09 7.45 5.91
CA GLU A 15 11.59 8.47 6.82
C GLU A 15 11.31 8.08 8.28
N ARG A 16 10.21 7.37 8.49
CA ARG A 16 9.83 6.94 9.83
C ARG A 16 9.28 5.52 9.80
N ASP A 17 8.92 5.01 10.98
CA ASP A 17 8.37 3.65 11.09
C ASP A 17 7.10 3.51 10.26
N ASP A 18 6.37 4.61 10.11
CA ASP A 18 5.13 4.61 9.35
C ASP A 18 5.40 4.31 7.88
N GLU A 19 6.62 4.61 7.43
CA GLU A 19 7.00 4.39 6.04
C GLU A 19 7.91 3.16 5.93
N LEU A 20 7.80 2.46 4.80
CA LEU A 20 8.61 1.27 4.56
C LEU A 20 9.51 1.46 3.35
N ASP A 21 10.82 1.38 3.57
CA ASP A 21 11.79 1.54 2.50
C ASP A 21 11.54 0.52 1.38
N VAL A 22 11.72 0.96 0.14
CA VAL A 22 11.51 0.09 -1.01
C VAL A 22 12.48 0.43 -2.13
N SER A 23 12.69 -0.54 -3.02
CA SER A 23 13.61 -0.35 -4.14
C SER A 23 12.94 -0.73 -5.46
N PRO A 24 13.50 -0.23 -6.58
CA PRO A 24 12.97 -0.50 -7.92
C PRO A 24 13.19 -1.95 -8.34
N GLY A 25 12.10 -2.65 -8.61
CA GLY A 25 12.19 -4.04 -9.03
C GLY A 25 11.70 -4.99 -7.95
N GLU A 26 11.28 -4.45 -6.82
CA GLU A 26 10.78 -5.26 -5.71
C GLU A 26 9.28 -5.51 -5.86
N ASN A 27 8.78 -6.48 -5.08
CA ASN A 27 7.36 -6.82 -5.12
C ASN A 27 6.70 -6.55 -3.77
N LEU A 28 5.61 -5.79 -3.80
CA LEU A 28 4.88 -5.46 -2.58
C LEU A 28 3.40 -5.81 -2.72
N SER A 29 2.72 -5.96 -1.59
CA SER A 29 1.30 -6.29 -1.59
C SER A 29 0.47 -5.11 -1.07
N ILE A 30 -0.36 -4.55 -1.95
CA ILE A 30 -1.21 -3.43 -1.59
C ILE A 30 -2.44 -3.89 -0.82
N CYS A 31 -2.87 -3.08 0.14
CA CYS A 31 -4.05 -3.41 0.94
C CYS A 31 -5.15 -2.36 0.76
N ALA A 32 -4.74 -1.10 0.73
CA ALA A 32 -5.69 0.00 0.56
C ALA A 32 -5.00 1.23 -0.03
N HIS A 33 -5.80 2.25 -0.32
CA HIS A 33 -5.26 3.48 -0.88
C HIS A 33 -5.71 4.69 -0.07
N TYR A 34 -5.25 5.88 -0.47
CA TYR A 34 -5.59 7.10 0.23
C TYR A 34 -5.85 8.24 -0.76
N ASP A 35 -7.12 8.50 -1.03
CA ASP A 35 -7.49 9.56 -1.97
C ASP A 35 -6.82 9.37 -3.32
N TYR A 36 -6.46 8.13 -3.62
CA TYR A 36 -5.80 7.81 -4.88
C TYR A 36 -4.44 8.49 -4.97
N GLU A 37 -3.94 8.95 -3.82
CA GLU A 37 -2.65 9.62 -3.77
C GLU A 37 -1.58 8.70 -3.20
N TRP A 38 -1.87 8.08 -2.06
CA TRP A 38 -0.94 7.17 -1.41
C TRP A 38 -1.47 5.73 -1.43
N PHE A 39 -0.56 4.77 -1.39
CA PHE A 39 -0.94 3.37 -1.40
C PHE A 39 -0.32 2.62 -0.22
N ILE A 40 -1.06 1.69 0.34
CA ILE A 40 -0.58 0.91 1.48
C ILE A 40 -0.07 -0.45 1.03
N ALA A 41 1.24 -0.55 0.82
CA ALA A 41 1.86 -1.80 0.40
C ALA A 41 2.67 -2.43 1.53
N LYS A 42 2.79 -3.76 1.49
CA LYS A 42 3.54 -4.48 2.51
C LYS A 42 4.64 -5.33 1.88
N PRO A 43 5.64 -5.70 2.69
CA PRO A 43 6.76 -6.53 2.23
C PRO A 43 6.34 -7.96 1.93
N ILE A 44 6.88 -8.53 0.86
CA ILE A 44 6.56 -9.90 0.47
C ILE A 44 7.67 -10.86 0.88
N ASN A 45 8.87 -10.33 1.04
CA ASN A 45 10.02 -11.13 1.42
C ASN A 45 10.21 -11.13 2.94
N ARG A 46 9.85 -10.02 3.57
CA ARG A 46 9.97 -9.89 5.01
C ARG A 46 8.90 -10.71 5.73
N LEU A 47 8.77 -10.49 7.04
CA LEU A 47 7.79 -11.22 7.83
C LEU A 47 6.57 -10.35 8.13
N GLY A 48 6.49 -9.21 7.45
CA GLY A 48 5.38 -8.30 7.65
C GLY A 48 5.82 -6.93 8.13
N GLY A 49 5.43 -5.89 7.39
CA GLY A 49 5.81 -4.54 7.75
C GLY A 49 5.08 -3.50 6.92
N PRO A 50 3.81 -3.26 7.26
CA PRO A 50 2.98 -2.28 6.54
C PRO A 50 3.42 -0.84 6.81
N GLY A 51 3.85 -0.15 5.77
CA GLY A 51 4.30 1.22 5.92
C GLY A 51 3.44 2.19 5.13
N LEU A 52 4.02 2.79 4.09
CA LEU A 52 3.30 3.74 3.26
C LEU A 52 4.12 4.13 2.03
N VAL A 53 3.53 3.95 0.85
CA VAL A 53 4.21 4.28 -0.39
C VAL A 53 3.25 4.94 -1.38
N PRO A 54 3.70 6.04 -1.99
CA PRO A 54 2.89 6.79 -2.97
C PRO A 54 2.71 6.03 -4.28
N VAL A 55 1.71 6.41 -5.04
CA VAL A 55 1.43 5.77 -6.32
C VAL A 55 2.47 6.13 -7.37
N SER A 56 3.17 7.24 -7.14
CA SER A 56 4.20 7.71 -8.06
C SER A 56 5.50 6.93 -7.86
N TYR A 57 5.48 6.00 -6.92
CA TYR A 57 6.65 5.17 -6.63
C TYR A 57 6.30 3.69 -6.67
N VAL A 58 5.17 3.37 -7.28
CA VAL A 58 4.73 1.99 -7.39
C VAL A 58 3.88 1.78 -8.63
N ARG A 59 3.74 0.52 -9.06
CA ARG A 59 2.95 0.19 -10.24
C ARG A 59 1.95 -0.91 -9.92
N ILE A 60 0.69 -0.71 -10.32
CA ILE A 60 -0.36 -1.68 -10.08
C ILE A 60 -0.32 -2.80 -11.11
N ILE A 61 0.09 -3.99 -10.68
CA ILE A 61 0.18 -5.13 -11.57
C ILE A 61 -0.58 -6.33 -11.01
N ASP A 62 -1.28 -7.05 -11.88
CA ASP A 62 -2.04 -8.21 -11.47
C ASP A 62 -1.13 -9.41 -11.20
N LEU A 63 -1.28 -10.02 -10.03
CA LEU A 63 -0.47 -11.17 -9.66
C LEU A 63 -0.67 -12.32 -10.64
N MET A 64 -1.89 -12.46 -11.15
CA MET A 64 -2.21 -13.51 -12.11
C MET A 64 -1.83 -13.10 -13.52
N ASP A 65 -1.33 -11.87 -13.66
CA ASP A 65 -0.93 -11.36 -14.96
C ASP A 65 -0.36 -9.94 -14.83
N PRO A 66 0.93 -9.85 -14.49
CA PRO A 66 1.62 -8.57 -14.32
C PRO A 66 1.83 -7.85 -15.65
N ALA A 67 1.52 -8.54 -16.75
CA ALA A 67 1.68 -7.96 -18.07
C ALA A 67 0.38 -7.30 -18.54
N LYS A 68 -0.69 -7.50 -17.77
CA LYS A 68 -1.98 -6.92 -18.10
C LYS A 68 -2.07 -5.47 -17.63
N TYR A 69 -1.66 -5.23 -16.40
CA TYR A 69 -1.69 -3.88 -15.84
C TYR A 69 -0.29 -3.27 -15.81
N ALA A 70 0.59 -3.78 -16.67
CA ALA A 70 1.96 -3.28 -16.75
C ALA A 70 2.05 -2.04 -17.63
N SER A 71 1.02 -1.82 -18.44
CA SER A 71 0.98 -0.67 -19.33
C SER A 71 0.24 0.50 -18.69
N VAL A 72 -0.62 0.19 -17.73
CA VAL A 72 -1.39 1.22 -17.03
C VAL A 72 -0.48 2.32 -16.51
N ASP A 73 -1.06 3.50 -16.31
CA ASP A 73 -0.29 4.64 -15.80
C ASP A 73 -0.77 5.04 -14.40
N THR A 74 0.04 4.72 -13.40
CA THR A 74 -0.30 5.05 -12.02
C THR A 74 -0.23 6.54 -11.77
N TYR A 75 0.51 7.25 -12.62
CA TYR A 75 0.66 8.69 -12.49
C TYR A 75 -0.69 9.40 -12.65
N ASP A 76 -1.36 9.14 -13.76
CA ASP A 76 -2.66 9.74 -14.04
C ASP A 76 -3.69 9.29 -13.01
N ARG A 77 -4.20 10.25 -12.24
CA ARG A 77 -5.20 9.95 -11.22
C ARG A 77 -6.42 9.27 -11.83
N GLU A 78 -6.61 9.48 -13.13
CA GLU A 78 -7.74 8.88 -13.84
C GLU A 78 -7.62 7.36 -13.89
N GLN A 79 -6.50 6.88 -14.42
CA GLN A 79 -6.26 5.44 -14.52
C GLN A 79 -6.30 4.78 -13.16
N VAL A 80 -5.45 5.26 -12.24
CA VAL A 80 -5.39 4.72 -10.90
C VAL A 80 -6.76 4.69 -10.25
N MET A 81 -7.60 5.67 -10.61
CA MET A 81 -8.95 5.76 -10.06
C MET A 81 -9.81 4.59 -10.54
N LYS A 82 -9.89 4.44 -11.85
CA LYS A 82 -10.68 3.37 -12.44
C LYS A 82 -10.26 2.00 -11.89
N ILE A 83 -8.95 1.83 -11.71
CA ILE A 83 -8.42 0.58 -11.18
C ILE A 83 -8.88 0.34 -9.75
N ILE A 84 -8.66 1.33 -8.88
CA ILE A 84 -9.06 1.23 -7.49
C ILE A 84 -10.57 1.07 -7.37
N ASP A 85 -11.31 1.73 -8.23
CA ASP A 85 -12.77 1.67 -8.22
C ASP A 85 -13.25 0.29 -8.70
N GLU A 86 -12.66 -0.20 -9.78
CA GLU A 86 -13.04 -1.49 -10.33
C GLU A 86 -12.62 -2.62 -9.38
N PHE A 87 -11.39 -2.57 -8.90
CA PHE A 87 -10.89 -3.59 -7.99
C PHE A 87 -11.57 -3.49 -6.62
N LYS A 88 -12.30 -2.41 -6.42
CA LYS A 88 -13.01 -2.18 -5.16
C LYS A 88 -12.03 -2.19 -3.99
N ILE A 89 -11.00 -1.35 -4.07
CA ILE A 89 -10.01 -1.26 -3.01
C ILE A 89 -10.42 -0.24 -1.95
N PRO A 90 -10.49 -0.70 -0.69
CA PRO A 90 -10.87 0.15 0.44
C PRO A 90 -9.80 1.20 0.76
N THR A 91 -10.18 2.21 1.54
CA THR A 91 -9.26 3.28 1.91
C THR A 91 -8.52 2.92 3.20
N VAL A 92 -7.47 3.68 3.50
CA VAL A 92 -6.68 3.46 4.70
C VAL A 92 -7.57 3.36 5.94
N GLU A 93 -8.34 4.41 6.19
CA GLU A 93 -9.23 4.43 7.35
C GLU A 93 -10.01 3.13 7.46
N GLN A 94 -10.67 2.74 6.36
CA GLN A 94 -11.46 1.52 6.35
C GLN A 94 -10.60 0.31 6.72
N TRP A 95 -9.34 0.35 6.32
CA TRP A 95 -8.42 -0.74 6.62
C TRP A 95 -8.07 -0.77 8.11
N LYS A 96 -7.95 0.41 8.70
CA LYS A 96 -7.62 0.51 10.12
C LYS A 96 -8.77 0.00 10.98
N ASP A 97 -10.00 0.27 10.56
CA ASP A 97 -11.18 -0.16 11.29
C ASP A 97 -11.37 -1.67 11.18
N GLN A 98 -11.33 -2.17 9.94
CA GLN A 98 -11.51 -3.60 9.69
C GLN A 98 -10.44 -4.40 10.42
N THR A 99 -9.21 -3.87 10.45
CA THR A 99 -8.10 -4.55 11.11
C THR A 99 -8.27 -4.52 12.62
N ARG A 100 -8.58 -3.34 13.16
CA ARG A 100 -8.77 -3.18 14.59
C ARG A 100 -9.82 -4.14 15.11
N ARG A 101 -10.94 -4.24 14.39
CA ARG A 101 -12.03 -5.13 14.80
C ARG A 101 -11.68 -6.58 14.51
N TYR A 102 -10.94 -6.81 13.43
CA TYR A 102 -10.53 -8.15 13.06
C TYR A 102 -9.62 -8.76 14.11
N LYS A 103 -8.78 -7.93 14.71
CA LYS A 103 -7.84 -8.39 15.74
C LYS A 103 -8.56 -8.58 17.07
N GLU A 104 -9.67 -7.87 17.25
CA GLU A 104 -10.44 -7.97 18.49
C GLU A 104 -11.10 -9.33 18.61
N SER A 105 -11.79 -9.57 19.72
CA SER A 105 -12.46 -10.84 19.96
C SER A 105 -13.47 -11.13 18.86
N SER A 106 -13.21 -12.17 18.08
CA SER A 106 -14.09 -12.56 16.99
C SER A 106 -13.86 -14.01 16.58
N ILE A 107 -14.51 -14.42 15.50
CA ILE A 107 -14.36 -15.79 15.00
C ILE A 107 -13.09 -15.94 14.17
N GLN A 108 -12.58 -17.15 14.11
CA GLN A 108 -11.37 -17.43 13.33
C GLN A 108 -11.10 -18.92 13.25
N ILE A 109 -10.01 -19.30 12.59
CA ILE A 109 -9.64 -20.70 12.45
C ILE A 109 -8.21 -20.94 12.90
N GLY A 110 -8.05 -21.53 14.08
CA GLY A 110 -6.73 -21.81 14.61
C GLY A 110 -6.31 -20.81 15.67
N ASN A 111 -5.11 -21.00 16.22
CA ASN A 111 -4.59 -20.12 17.24
C ASN A 111 -4.06 -18.82 16.63
N GLY A 112 -4.63 -17.70 17.05
CA GLY A 112 -4.20 -16.42 16.54
C GLY A 112 -3.07 -15.81 17.35
N HIS A 113 -2.50 -14.72 16.86
CA HIS A 113 -1.41 -14.04 17.54
C HIS A 113 -1.79 -12.61 17.91
N GLY A 114 -1.09 -12.04 18.88
CA GLY A 114 -1.38 -10.68 19.31
C GLY A 114 -0.29 -10.12 20.21
N GLN A 115 0.54 -9.25 19.65
CA GLN A 115 1.63 -8.64 20.41
C GLN A 115 1.51 -7.12 20.40
N SER A 116 2.32 -6.46 21.22
CA SER A 116 2.31 -5.01 21.30
C SER A 116 3.50 -4.49 22.11
N GLN A 117 3.94 -3.28 21.79
CA GLN A 117 5.08 -2.68 22.49
C GLN A 117 4.78 -1.23 22.85
N GLY A 118 5.43 -0.74 23.90
CA GLY A 118 5.23 0.62 24.33
C GLY A 118 6.52 1.29 24.79
N LEU A 119 6.95 2.30 24.04
CA LEU A 119 8.17 3.02 24.37
C LEU A 119 7.87 4.43 24.86
N GLU A 120 6.79 5.01 24.33
CA GLU A 120 6.38 6.35 24.73
C GLU A 120 6.07 6.41 26.22
N GLY B 1 -7.19 7.59 13.24
CA GLY B 1 -6.27 7.70 12.13
C GLY B 1 -4.87 7.24 12.49
N LYS B 2 -4.53 6.01 12.10
CA LYS B 2 -3.20 5.46 12.39
C LYS B 2 -2.14 6.14 11.54
N PHE B 3 -2.10 5.81 10.26
CA PHE B 3 -1.13 6.39 9.34
C PHE B 3 -1.52 7.82 8.97
N ILE B 4 -2.57 7.95 8.16
CA ILE B 4 -3.03 9.27 7.73
C ILE B 4 -1.89 10.10 7.16
N PRO B 5 -1.45 9.76 5.94
CA PRO B 5 -0.37 10.46 5.26
C PRO B 5 -0.77 11.87 4.82
N SER B 6 -0.34 12.87 5.59
CA SER B 6 -0.66 14.26 5.29
C SER B 6 0.39 14.87 4.38
N ARG B 7 1.37 14.06 3.99
CA ARG B 7 2.44 14.52 3.12
C ARG B 7 1.89 15.21 1.88
N PRO B 8 2.72 16.03 1.23
CA PRO B 8 2.33 16.77 0.02
C PRO B 8 2.12 15.84 -1.18
N ALA B 9 2.74 14.67 -1.13
CA ALA B 9 2.62 13.70 -2.22
C ALA B 9 3.24 14.24 -3.51
N PRO B 10 4.55 14.06 -3.65
CA PRO B 10 5.28 14.53 -4.84
C PRO B 10 4.94 13.71 -6.08
N LYS B 11 5.20 14.30 -7.25
CA LYS B 11 4.92 13.63 -8.52
C LYS B 11 6.15 12.90 -9.04
N PRO B 12 5.95 11.94 -9.94
CA PRO B 12 7.03 11.15 -10.53
C PRO B 12 7.89 11.97 -11.48
N PRO B 13 9.06 11.43 -11.85
CA PRO B 13 10.00 12.10 -12.75
C PRO B 13 9.47 12.17 -14.18
N SER B 14 8.56 11.26 -14.52
CA SER B 14 7.98 11.23 -15.86
C SER B 14 7.43 12.60 -16.25
N SER B 15 6.85 13.29 -15.28
CA SER B 15 6.28 14.62 -15.52
C SER B 15 6.73 15.60 -14.44
N ALA B 16 7.06 16.82 -14.87
CA ALA B 16 7.49 17.86 -13.93
C ALA B 16 6.35 18.79 -13.59
N MET A 1 -8.73 -10.46 -5.52
CA MET A 1 -7.82 -9.57 -4.79
C MET A 1 -6.51 -10.28 -4.47
N ALA A 2 -5.39 -9.62 -4.79
CA ALA A 2 -4.08 -10.19 -4.53
C ALA A 2 -3.09 -9.11 -4.10
N PRO A 3 -2.03 -9.52 -3.39
CA PRO A 3 -1.00 -8.61 -2.91
C PRO A 3 -0.14 -8.04 -4.04
N LEU A 4 -0.63 -6.99 -4.67
CA LEU A 4 0.08 -6.36 -5.78
C LEU A 4 1.37 -5.69 -5.28
N PHE A 5 2.40 -5.71 -6.12
CA PHE A 5 3.67 -5.12 -5.77
C PHE A 5 3.96 -3.88 -6.63
N ALA A 6 4.61 -2.89 -6.03
CA ALA A 6 4.94 -1.66 -6.74
C ALA A 6 6.42 -1.34 -6.63
N VAL A 7 6.95 -0.62 -7.62
CA VAL A 7 8.35 -0.26 -7.64
C VAL A 7 8.53 1.26 -7.68
N THR A 8 9.24 1.79 -6.69
CA THR A 8 9.48 3.23 -6.62
C THR A 8 10.20 3.75 -7.86
N LEU A 9 9.80 4.91 -8.34
CA LEU A 9 10.41 5.51 -9.53
C LEU A 9 11.32 6.68 -9.14
N TYR A 10 11.15 7.17 -7.92
CA TYR A 10 11.94 8.29 -7.43
C TYR A 10 12.35 8.07 -5.98
N GLU A 11 13.34 8.85 -5.52
CA GLU A 11 13.81 8.74 -4.15
C GLU A 11 12.99 9.62 -3.22
N PHE A 12 12.12 9.00 -2.44
CA PHE A 12 11.27 9.73 -1.50
C PHE A 12 11.74 9.52 -0.07
N LYS A 13 12.30 10.57 0.52
CA LYS A 13 12.79 10.50 1.91
C LYS A 13 11.65 10.75 2.89
N ALA A 14 11.68 10.02 4.01
CA ALA A 14 10.67 10.16 5.04
C ALA A 14 10.79 11.50 5.75
N GLU A 15 9.65 12.15 5.97
CA GLU A 15 9.62 13.45 6.64
C GLU A 15 9.11 13.31 8.07
N ARG A 16 8.29 12.29 8.30
CA ARG A 16 7.73 12.06 9.63
C ARG A 16 8.00 10.62 10.07
N ASP A 17 7.50 10.27 11.26
CA ASP A 17 7.69 8.94 11.80
C ASP A 17 6.92 7.90 10.99
N ASP A 18 5.86 8.35 10.32
CA ASP A 18 5.04 7.47 9.50
C ASP A 18 5.67 7.27 8.13
N GLU A 19 6.12 8.36 7.52
CA GLU A 19 6.74 8.30 6.20
C GLU A 19 7.92 7.34 6.20
N LEU A 20 8.28 6.86 5.02
CA LEU A 20 9.40 5.92 4.88
C LEU A 20 10.32 6.33 3.73
N ASP A 21 11.61 6.09 3.90
CA ASP A 21 12.59 6.44 2.88
C ASP A 21 12.66 5.35 1.80
N VAL A 22 12.58 5.77 0.54
CA VAL A 22 12.63 4.84 -0.58
C VAL A 22 13.48 5.40 -1.72
N SER A 23 13.95 4.50 -2.59
CA SER A 23 14.77 4.91 -3.73
C SER A 23 14.18 4.39 -5.03
N PRO A 24 14.57 5.03 -6.15
CA PRO A 24 14.08 4.65 -7.48
C PRO A 24 14.64 3.31 -7.94
N GLY A 25 13.75 2.34 -8.16
CA GLY A 25 14.18 1.03 -8.59
C GLY A 25 14.09 -0.01 -7.49
N GLU A 26 13.51 0.38 -6.37
CA GLU A 26 13.36 -0.52 -5.22
C GLU A 26 12.02 -1.24 -5.27
N ASN A 27 11.97 -2.43 -4.68
CA ASN A 27 10.75 -3.22 -4.65
C ASN A 27 9.96 -2.96 -3.37
N LEU A 28 8.71 -2.55 -3.52
CA LEU A 28 7.85 -2.27 -2.37
C LEU A 28 6.55 -3.08 -2.45
N SER A 29 6.02 -3.43 -1.29
CA SER A 29 4.79 -4.21 -1.23
C SER A 29 3.59 -3.31 -0.91
N ILE A 30 2.59 -3.35 -1.78
CA ILE A 30 1.39 -2.54 -1.59
C ILE A 30 0.50 -3.12 -0.49
N CYS A 31 -0.15 -2.23 0.26
CA CYS A 31 -1.03 -2.65 1.34
C CYS A 31 -2.43 -2.07 1.16
N ALA A 32 -2.50 -0.85 0.65
CA ALA A 32 -3.76 -0.17 0.43
C ALA A 32 -3.57 1.17 -0.27
N HIS A 33 -4.66 1.80 -0.66
CA HIS A 33 -4.61 3.09 -1.33
C HIS A 33 -5.47 4.11 -0.61
N TYR A 34 -5.39 5.36 -1.06
CA TYR A 34 -6.16 6.45 -0.44
C TYR A 34 -6.80 7.33 -1.51
N ASP A 35 -8.08 7.10 -1.78
CA ASP A 35 -8.81 7.87 -2.78
C ASP A 35 -8.08 7.86 -4.12
N TYR A 36 -7.32 6.80 -4.35
CA TYR A 36 -6.56 6.66 -5.59
C TYR A 36 -5.54 7.78 -5.74
N GLU A 37 -5.07 8.30 -4.60
CA GLU A 37 -4.10 9.38 -4.60
C GLU A 37 -2.79 8.93 -3.94
N TRP A 38 -2.91 8.31 -2.78
CA TRP A 38 -1.74 7.83 -2.05
C TRP A 38 -1.74 6.31 -1.97
N PHE A 39 -0.54 5.72 -2.00
CA PHE A 39 -0.41 4.27 -1.93
C PHE A 39 0.44 3.86 -0.73
N ILE A 40 0.03 2.79 -0.05
CA ILE A 40 0.75 2.30 1.12
C ILE A 40 1.72 1.20 0.73
N ALA A 41 2.98 1.57 0.50
CA ALA A 41 4.01 0.61 0.13
C ALA A 41 4.98 0.36 1.28
N LYS A 42 5.46 -0.87 1.40
CA LYS A 42 6.40 -1.23 2.46
C LYS A 42 7.67 -1.81 1.87
N PRO A 43 8.77 -1.74 2.65
CA PRO A 43 10.08 -2.26 2.22
C PRO A 43 10.09 -3.78 2.18
N ILE A 44 10.49 -4.33 1.03
CA ILE A 44 10.55 -5.77 0.86
C ILE A 44 11.88 -6.33 1.38
N ASN A 45 12.95 -5.56 1.20
CA ASN A 45 14.27 -5.97 1.66
C ASN A 45 14.37 -5.88 3.18
N ARG A 46 13.87 -4.77 3.74
CA ARG A 46 13.92 -4.57 5.18
C ARG A 46 13.14 -5.65 5.90
N LEU A 47 12.93 -5.45 7.20
CA LEU A 47 12.20 -6.41 8.02
C LEU A 47 10.74 -5.99 8.19
N GLY A 48 10.45 -4.72 7.88
CA GLY A 48 9.10 -4.21 8.01
C GLY A 48 9.07 -2.73 8.32
N GLY A 49 8.59 -1.93 7.36
CA GLY A 49 8.51 -0.50 7.55
C GLY A 49 7.45 0.15 6.68
N PRO A 50 6.18 -0.17 6.95
CA PRO A 50 5.05 0.38 6.20
C PRO A 50 4.85 1.86 6.45
N GLY A 51 5.05 2.67 5.42
CA GLY A 51 4.88 4.11 5.56
C GLY A 51 3.77 4.65 4.68
N LEU A 52 4.12 5.60 3.82
CA LEU A 52 3.14 6.19 2.91
C LEU A 52 3.84 6.86 1.73
N VAL A 53 3.43 6.47 0.52
CA VAL A 53 4.01 7.03 -0.70
C VAL A 53 2.94 7.27 -1.76
N PRO A 54 2.98 8.46 -2.37
CA PRO A 54 2.01 8.84 -3.42
C PRO A 54 2.23 8.06 -4.70
N VAL A 55 1.14 7.84 -5.44
CA VAL A 55 1.21 7.11 -6.71
C VAL A 55 2.18 7.77 -7.68
N SER A 56 2.43 9.07 -7.46
CA SER A 56 3.34 9.81 -8.32
C SER A 56 4.80 9.51 -7.98
N TYR A 57 4.99 8.66 -6.97
CA TYR A 57 6.33 8.28 -6.54
C TYR A 57 6.49 6.77 -6.52
N VAL A 58 5.50 6.07 -7.07
CA VAL A 58 5.52 4.61 -7.11
C VAL A 58 4.84 4.09 -8.37
N ARG A 59 5.42 3.06 -8.97
CA ARG A 59 4.88 2.46 -10.17
C ARG A 59 4.20 1.13 -9.87
N ILE A 60 2.98 0.96 -10.37
CA ILE A 60 2.22 -0.27 -10.14
C ILE A 60 2.55 -1.32 -11.21
N ILE A 61 3.26 -2.35 -10.80
CA ILE A 61 3.64 -3.42 -11.71
C ILE A 61 3.14 -4.78 -11.22
N ASP A 62 3.06 -5.75 -12.12
CA ASP A 62 2.61 -7.09 -11.77
C ASP A 62 3.79 -8.01 -11.53
N LEU A 63 3.81 -8.65 -10.36
CA LEU A 63 4.89 -9.57 -10.00
C LEU A 63 5.10 -10.60 -11.10
N MET A 64 4.01 -11.05 -11.69
CA MET A 64 4.07 -12.05 -12.76
C MET A 64 4.44 -11.39 -14.10
N ASP A 65 4.01 -10.15 -14.27
CA ASP A 65 4.28 -9.41 -15.50
C ASP A 65 4.68 -7.97 -15.19
N PRO A 66 5.95 -7.79 -14.77
CA PRO A 66 6.48 -6.46 -14.44
C PRO A 66 6.65 -5.58 -15.66
N ALA A 67 6.46 -6.16 -16.84
CA ALA A 67 6.59 -5.42 -18.10
C ALA A 67 5.23 -4.95 -18.60
N LYS A 68 4.20 -5.76 -18.35
CA LYS A 68 2.84 -5.42 -18.78
C LYS A 68 2.34 -4.18 -18.06
N TYR A 69 2.44 -4.19 -16.73
CA TYR A 69 1.99 -3.06 -15.93
C TYR A 69 3.12 -2.06 -15.70
N ALA A 70 4.15 -2.14 -16.54
CA ALA A 70 5.30 -1.26 -16.44
C ALA A 70 5.03 0.07 -17.15
N SER A 71 4.11 0.05 -18.11
CA SER A 71 3.76 1.24 -18.87
C SER A 71 2.57 1.95 -18.25
N VAL A 72 1.97 1.33 -17.24
CA VAL A 72 0.81 1.90 -16.56
C VAL A 72 1.08 3.35 -16.14
N ASP A 73 0.25 4.26 -16.62
CA ASP A 73 0.39 5.67 -16.29
C ASP A 73 -0.14 5.96 -14.89
N THR A 74 0.64 5.58 -13.88
CA THR A 74 0.24 5.80 -12.49
C THR A 74 -0.24 7.22 -12.28
N TYR A 75 0.35 8.17 -13.00
CA TYR A 75 -0.03 9.57 -12.88
C TYR A 75 -1.51 9.77 -13.21
N ASP A 76 -1.96 9.12 -14.28
CA ASP A 76 -3.34 9.22 -14.70
C ASP A 76 -4.27 8.52 -13.71
N ARG A 77 -5.11 9.30 -13.04
CA ARG A 77 -6.04 8.76 -12.06
C ARG A 77 -6.93 7.68 -12.69
N GLU A 78 -7.08 7.75 -14.01
CA GLU A 78 -7.90 6.78 -14.73
C GLU A 78 -7.29 5.38 -14.65
N GLN A 79 -6.03 5.27 -15.06
CA GLN A 79 -5.32 4.00 -15.05
C GLN A 79 -5.28 3.42 -13.63
N VAL A 80 -4.70 4.18 -12.72
CA VAL A 80 -4.59 3.75 -11.33
C VAL A 80 -5.94 3.31 -10.78
N MET A 81 -7.00 3.93 -11.28
CA MET A 81 -8.36 3.60 -10.83
C MET A 81 -8.76 2.21 -11.31
N LYS A 82 -8.59 1.95 -12.60
CA LYS A 82 -8.93 0.66 -13.19
C LYS A 82 -8.18 -0.47 -12.49
N ILE A 83 -6.89 -0.24 -12.23
CA ILE A 83 -6.07 -1.25 -11.56
C ILE A 83 -6.56 -1.49 -10.13
N ILE A 84 -6.69 -0.43 -9.36
CA ILE A 84 -7.15 -0.53 -7.98
C ILE A 84 -8.54 -1.15 -7.92
N ASP A 85 -9.38 -0.82 -8.89
CA ASP A 85 -10.73 -1.35 -8.95
C ASP A 85 -10.73 -2.83 -9.31
N GLU A 86 -10.06 -3.16 -10.40
CA GLU A 86 -9.97 -4.55 -10.86
C GLU A 86 -9.31 -5.42 -9.81
N PHE A 87 -8.15 -4.99 -9.33
CA PHE A 87 -7.41 -5.75 -8.31
C PHE A 87 -8.17 -5.74 -6.99
N LYS A 88 -9.14 -4.85 -6.87
CA LYS A 88 -9.93 -4.75 -5.64
C LYS A 88 -9.05 -4.48 -4.43
N ILE A 89 -8.20 -3.46 -4.55
CA ILE A 89 -7.30 -3.09 -3.45
C ILE A 89 -8.03 -2.32 -2.37
N PRO A 90 -7.83 -2.74 -1.11
CA PRO A 90 -8.46 -2.10 0.05
C PRO A 90 -7.91 -0.71 0.32
N THR A 91 -8.73 0.15 0.90
CA THR A 91 -8.32 1.51 1.22
C THR A 91 -7.54 1.57 2.53
N VAL A 92 -6.95 2.72 2.81
CA VAL A 92 -6.19 2.91 4.04
C VAL A 92 -6.98 2.50 5.26
N GLU A 93 -8.17 3.10 5.41
CA GLU A 93 -9.04 2.79 6.54
C GLU A 93 -9.26 1.29 6.67
N GLN A 94 -9.55 0.63 5.55
CA GLN A 94 -9.79 -0.80 5.54
C GLN A 94 -8.56 -1.55 6.03
N TRP A 95 -7.38 -1.13 5.59
CA TRP A 95 -6.13 -1.76 6.00
C TRP A 95 -5.88 -1.59 7.49
N LYS A 96 -6.23 -0.40 8.01
CA LYS A 96 -6.05 -0.11 9.43
C LYS A 96 -6.94 -1.01 10.29
N ASP A 97 -8.22 -1.08 9.93
CA ASP A 97 -9.17 -1.90 10.67
C ASP A 97 -8.77 -3.38 10.62
N GLN A 98 -8.41 -3.84 9.42
CA GLN A 98 -8.00 -5.23 9.24
C GLN A 98 -6.81 -5.58 10.12
N THR A 99 -5.77 -4.75 10.04
CA THR A 99 -4.56 -4.97 10.83
C THR A 99 -4.86 -4.95 12.32
N ARG A 100 -5.64 -3.97 12.75
CA ARG A 100 -6.01 -3.84 14.16
C ARG A 100 -6.70 -5.10 14.65
N ARG A 101 -7.64 -5.61 13.86
CA ARG A 101 -8.37 -6.81 14.22
C ARG A 101 -7.47 -8.04 14.17
N TYR A 102 -6.50 -8.02 13.26
CA TYR A 102 -5.57 -9.13 13.11
C TYR A 102 -4.64 -9.24 14.32
N LYS A 103 -4.25 -8.09 14.85
CA LYS A 103 -3.36 -8.05 16.01
C LYS A 103 -4.15 -8.23 17.30
N GLU A 104 -5.43 -7.91 17.25
CA GLU A 104 -6.30 -8.05 18.41
C GLU A 104 -7.01 -9.40 18.42
N SER A 105 -7.05 -10.04 19.59
CA SER A 105 -7.70 -11.34 19.72
C SER A 105 -6.98 -12.39 18.88
N SER A 106 -5.65 -12.41 18.97
CA SER A 106 -4.85 -13.37 18.21
C SER A 106 -5.18 -14.79 18.62
N ILE A 107 -4.37 -15.73 18.14
CA ILE A 107 -4.57 -17.14 18.45
C ILE A 107 -4.69 -17.36 19.96
N GLN A 108 -5.53 -18.33 20.35
CA GLN A 108 -5.73 -18.63 21.76
C GLN A 108 -6.56 -19.91 21.92
N ILE A 109 -6.92 -20.20 23.17
CA ILE A 109 -7.71 -21.40 23.45
C ILE A 109 -9.12 -21.03 23.92
N GLY A 110 -10.09 -21.86 23.56
CA GLY A 110 -11.46 -21.60 23.94
C GLY A 110 -11.62 -21.36 25.44
N ASN A 111 -12.42 -20.37 25.80
CA ASN A 111 -12.65 -20.03 27.19
C ASN A 111 -13.86 -20.78 27.75
N GLY A 112 -13.82 -21.08 29.04
CA GLY A 112 -14.92 -21.79 29.67
C GLY A 112 -16.26 -21.13 29.41
N HIS A 113 -17.33 -21.81 29.80
CA HIS A 113 -18.68 -21.30 29.60
C HIS A 113 -18.81 -19.88 30.17
N GLY A 114 -18.02 -19.60 31.20
CA GLY A 114 -18.06 -18.28 31.82
C GLY A 114 -17.20 -17.27 31.09
N GLN A 115 -17.44 -17.13 29.79
CA GLN A 115 -16.67 -16.20 28.97
C GLN A 115 -17.19 -16.16 27.54
N SER A 116 -17.59 -14.99 27.08
CA SER A 116 -18.10 -14.82 25.72
C SER A 116 -17.01 -14.36 24.77
N GLN A 117 -17.05 -14.88 23.54
CA GLN A 117 -16.06 -14.52 22.53
C GLN A 117 -16.50 -13.28 21.75
N GLY A 118 -17.47 -13.47 20.86
CA GLY A 118 -17.96 -12.35 20.06
C GLY A 118 -17.14 -12.13 18.81
N LEU A 119 -16.99 -13.20 18.02
CA LEU A 119 -16.22 -13.12 16.78
C LEU A 119 -16.97 -13.81 15.63
N GLU A 120 -16.41 -13.72 14.43
CA GLU A 120 -17.02 -14.34 13.26
C GLU A 120 -16.13 -15.45 12.70
N GLY B 1 -4.34 2.00 13.06
CA GLY B 1 -3.17 2.83 12.90
C GLY B 1 -3.44 4.29 13.17
N LYS B 2 -2.84 5.17 12.39
CA LYS B 2 -3.02 6.60 12.55
C LYS B 2 -2.26 7.38 11.47
N PHE B 3 -2.38 6.93 10.23
CA PHE B 3 -1.70 7.57 9.11
C PHE B 3 -2.52 8.74 8.59
N ILE B 4 -3.58 8.44 7.85
CA ILE B 4 -4.44 9.47 7.29
C ILE B 4 -3.63 10.54 6.56
N PRO B 5 -3.24 10.23 5.31
CA PRO B 5 -2.45 11.15 4.48
C PRO B 5 -3.26 12.36 4.03
N SER B 6 -2.88 13.54 4.53
CA SER B 6 -3.57 14.77 4.17
C SER B 6 -2.60 15.79 3.58
N ARG B 7 -1.91 15.40 2.52
CA ARG B 7 -0.96 16.27 1.86
C ARG B 7 -1.47 16.71 0.49
N PRO B 8 -0.86 17.78 -0.05
CA PRO B 8 -1.24 18.31 -1.37
C PRO B 8 -0.87 17.39 -2.51
N ALA B 9 -0.15 16.31 -2.18
CA ALA B 9 0.26 15.34 -3.20
C ALA B 9 0.95 16.02 -4.36
N PRO B 10 2.27 16.20 -4.25
CA PRO B 10 3.08 16.85 -5.29
C PRO B 10 3.21 15.98 -6.54
N LYS B 11 2.87 16.55 -7.69
CA LYS B 11 2.94 15.83 -8.96
C LYS B 11 4.40 15.51 -9.31
N PRO B 12 4.59 14.53 -10.20
CA PRO B 12 5.91 14.11 -10.65
C PRO B 12 6.60 15.16 -11.53
N PRO B 13 7.91 14.98 -11.76
CA PRO B 13 8.69 15.91 -12.58
C PRO B 13 8.32 15.84 -14.06
N SER B 14 8.06 17.00 -14.65
CA SER B 14 7.69 17.06 -16.06
C SER B 14 7.82 18.48 -16.60
N SER B 15 8.20 18.60 -17.87
CA SER B 15 8.37 19.90 -18.50
C SER B 15 7.03 20.60 -18.66
N ALA B 16 5.97 19.82 -18.78
CA ALA B 16 4.63 20.37 -18.96
C ALA B 16 3.97 20.63 -17.61
N MET A 1 -11.90 -9.45 -4.02
CA MET A 1 -10.60 -8.78 -4.17
C MET A 1 -9.51 -9.80 -4.49
N ALA A 2 -8.88 -9.64 -5.66
CA ALA A 2 -7.82 -10.53 -6.08
C ALA A 2 -6.45 -10.00 -5.66
N PRO A 3 -5.45 -10.90 -5.62
CA PRO A 3 -4.08 -10.53 -5.23
C PRO A 3 -3.39 -9.67 -6.29
N LEU A 4 -3.08 -8.43 -5.92
CA LEU A 4 -2.41 -7.50 -6.84
C LEU A 4 -1.10 -7.02 -6.26
N PHE A 5 -0.06 -7.01 -7.08
CA PHE A 5 1.26 -6.57 -6.65
C PHE A 5 1.71 -5.34 -7.44
N ALA A 6 2.72 -4.66 -6.93
CA ALA A 6 3.24 -3.46 -7.59
C ALA A 6 4.77 -3.48 -7.61
N VAL A 7 5.35 -2.63 -8.46
CA VAL A 7 6.80 -2.54 -8.58
C VAL A 7 7.26 -1.09 -8.52
N THR A 8 8.27 -0.83 -7.70
CA THR A 8 8.81 0.51 -7.54
C THR A 8 9.63 0.91 -8.76
N LEU A 9 9.45 2.15 -9.22
CA LEU A 9 10.17 2.65 -10.38
C LEU A 9 11.20 3.68 -9.96
N TYR A 10 11.07 4.19 -8.75
CA TYR A 10 12.00 5.19 -8.23
C TYR A 10 12.41 4.87 -6.79
N GLU A 11 13.51 5.48 -6.34
CA GLU A 11 14.00 5.24 -4.99
C GLU A 11 13.29 6.16 -4.00
N PHE A 12 12.38 5.59 -3.22
CA PHE A 12 11.64 6.35 -2.23
C PHE A 12 12.36 6.36 -0.89
N LYS A 13 13.06 7.45 -0.61
CA LYS A 13 13.80 7.59 0.64
C LYS A 13 12.87 7.98 1.78
N ALA A 14 12.60 7.03 2.67
CA ALA A 14 11.72 7.28 3.82
C ALA A 14 12.26 8.42 4.67
N GLU A 15 11.36 9.10 5.37
CA GLU A 15 11.74 10.22 6.23
C GLU A 15 11.48 9.90 7.69
N ARG A 16 10.47 9.07 7.94
CA ARG A 16 10.11 8.68 9.30
C ARG A 16 10.17 7.17 9.47
N ASP A 17 9.86 6.69 10.67
CA ASP A 17 9.88 5.26 10.95
C ASP A 17 8.83 4.54 10.12
N ASP A 18 7.66 5.15 9.97
CA ASP A 18 6.57 4.56 9.19
C ASP A 18 6.98 4.39 7.73
N GLU A 19 7.49 5.46 7.13
CA GLU A 19 7.91 5.42 5.74
C GLU A 19 8.92 4.30 5.50
N LEU A 20 8.73 3.56 4.42
CA LEU A 20 9.63 2.45 4.08
C LEU A 20 10.50 2.80 2.88
N ASP A 21 11.78 2.47 2.96
CA ASP A 21 12.71 2.74 1.87
C ASP A 21 12.67 1.63 0.83
N VAL A 22 12.51 2.01 -0.43
CA VAL A 22 12.45 1.05 -1.53
C VAL A 22 13.20 1.57 -2.75
N SER A 23 13.87 0.66 -3.46
CA SER A 23 14.64 1.02 -4.64
C SER A 23 13.86 0.66 -5.91
N PRO A 24 14.24 1.29 -7.04
CA PRO A 24 13.60 1.06 -8.33
C PRO A 24 13.92 -0.33 -8.89
N GLY A 25 12.88 -1.11 -9.13
CA GLY A 25 13.07 -2.45 -9.67
C GLY A 25 12.76 -3.53 -8.65
N GLU A 26 12.25 -3.11 -7.49
CA GLU A 26 11.91 -4.06 -6.43
C GLU A 26 10.45 -4.49 -6.52
N ASN A 27 10.08 -5.50 -5.76
CA ASN A 27 8.72 -6.02 -5.76
C ASN A 27 8.04 -5.77 -4.42
N LEU A 28 6.90 -5.07 -4.46
CA LEU A 28 6.15 -4.76 -3.25
C LEU A 28 4.72 -5.28 -3.34
N SER A 29 4.15 -5.63 -2.19
CA SER A 29 2.79 -6.15 -2.14
C SER A 29 1.82 -5.09 -1.60
N ILE A 30 0.93 -4.62 -2.45
CA ILE A 30 -0.05 -3.61 -2.06
C ILE A 30 -1.17 -4.23 -1.23
N CYS A 31 -1.67 -3.47 -0.26
CA CYS A 31 -2.76 -3.95 0.60
C CYS A 31 -3.99 -3.06 0.46
N ALA A 32 -3.75 -1.77 0.23
CA ALA A 32 -4.84 -0.81 0.08
C ALA A 32 -4.32 0.54 -0.42
N HIS A 33 -5.25 1.45 -0.69
CA HIS A 33 -4.88 2.78 -1.19
C HIS A 33 -5.47 3.86 -0.29
N TYR A 34 -5.16 5.11 -0.62
CA TYR A 34 -5.66 6.25 0.16
C TYR A 34 -5.82 7.49 -0.72
N ASP A 35 -7.06 7.80 -1.05
CA ASP A 35 -7.37 8.97 -1.88
C ASP A 35 -6.69 8.84 -3.24
N TYR A 36 -6.28 7.62 -3.59
CA TYR A 36 -5.63 7.37 -4.86
C TYR A 36 -4.32 8.16 -4.97
N GLU A 37 -3.79 8.57 -3.82
CA GLU A 37 -2.55 9.33 -3.78
C GLU A 37 -1.46 8.56 -3.03
N TRP A 38 -1.88 7.67 -2.15
CA TRP A 38 -0.95 6.87 -1.37
C TRP A 38 -1.33 5.39 -1.40
N PHE A 39 -0.33 4.53 -1.59
CA PHE A 39 -0.57 3.09 -1.63
C PHE A 39 0.17 2.39 -0.50
N ILE A 40 -0.53 1.51 0.20
CA ILE A 40 0.06 0.77 1.31
C ILE A 40 0.68 -0.54 0.82
N ALA A 41 1.98 -0.51 0.54
CA ALA A 41 2.70 -1.69 0.07
C ALA A 41 3.75 -2.13 1.08
N LYS A 42 4.06 -3.42 1.08
CA LYS A 42 5.05 -3.98 2.00
C LYS A 42 6.17 -4.67 1.22
N PRO A 43 7.34 -4.80 1.87
CA PRO A 43 8.51 -5.45 1.27
C PRO A 43 8.32 -6.95 1.12
N ILE A 44 8.72 -7.47 -0.04
CA ILE A 44 8.60 -8.90 -0.32
C ILE A 44 9.95 -9.59 -0.25
N ASN A 45 10.96 -8.96 -0.85
CA ASN A 45 12.31 -9.52 -0.86
C ASN A 45 12.81 -9.75 0.56
N ARG A 46 13.17 -8.67 1.25
CA ARG A 46 13.66 -8.77 2.62
C ARG A 46 12.52 -8.93 3.61
N LEU A 47 12.84 -8.96 4.89
CA LEU A 47 11.83 -9.11 5.93
C LEU A 47 11.92 -7.95 6.94
N GLY A 48 10.87 -7.13 6.96
CA GLY A 48 10.85 -5.99 7.88
C GLY A 48 9.45 -5.68 8.36
N GLY A 49 8.62 -5.12 7.49
CA GLY A 49 7.26 -4.77 7.86
C GLY A 49 6.61 -3.85 6.85
N PRO A 50 5.27 -3.73 6.95
CA PRO A 50 4.49 -2.87 6.05
C PRO A 50 4.75 -1.39 6.29
N GLY A 51 4.82 -0.62 5.20
CA GLY A 51 5.06 0.80 5.31
C GLY A 51 4.06 1.62 4.52
N LEU A 52 4.55 2.66 3.85
CA LEU A 52 3.69 3.53 3.05
C LEU A 52 4.45 4.08 1.85
N VAL A 53 3.88 3.90 0.66
CA VAL A 53 4.51 4.39 -0.57
C VAL A 53 3.47 5.04 -1.48
N PRO A 54 3.82 6.22 -2.01
CA PRO A 54 2.93 6.98 -2.91
C PRO A 54 2.78 6.30 -4.27
N VAL A 55 1.70 6.62 -4.97
CA VAL A 55 1.44 6.05 -6.29
C VAL A 55 2.43 6.58 -7.32
N SER A 56 3.04 7.72 -7.02
CA SER A 56 4.01 8.33 -7.93
C SER A 56 5.38 7.68 -7.78
N TYR A 57 5.45 6.64 -6.96
CA TYR A 57 6.70 5.93 -6.73
C TYR A 57 6.49 4.42 -6.83
N VAL A 58 5.43 4.02 -7.53
CA VAL A 58 5.11 2.61 -7.71
C VAL A 58 4.35 2.38 -9.01
N ARG A 59 4.36 1.13 -9.48
CA ARG A 59 3.67 0.78 -10.71
C ARG A 59 2.74 -0.41 -10.49
N ILE A 60 1.46 -0.20 -10.74
CA ILE A 60 0.47 -1.27 -10.57
C ILE A 60 0.61 -2.33 -11.66
N ILE A 61 0.81 -3.57 -11.25
CA ILE A 61 0.95 -4.68 -12.19
C ILE A 61 0.27 -5.94 -11.66
N ASP A 62 0.19 -6.96 -12.51
CA ASP A 62 -0.43 -8.22 -12.13
C ASP A 62 0.56 -9.37 -12.22
N LEU A 63 0.65 -10.15 -11.15
CA LEU A 63 1.56 -11.29 -11.09
C LEU A 63 1.36 -12.21 -12.29
N MET A 64 0.14 -12.22 -12.82
CA MET A 64 -0.18 -13.05 -13.98
C MET A 64 0.11 -12.31 -15.28
N ASP A 65 -0.04 -10.99 -15.26
CA ASP A 65 0.21 -10.17 -16.43
C ASP A 65 0.93 -8.88 -16.06
N PRO A 66 2.23 -9.00 -15.73
CA PRO A 66 3.05 -7.85 -15.34
C PRO A 66 3.33 -6.92 -16.52
N ALA A 67 2.95 -7.34 -17.72
CA ALA A 67 3.15 -6.54 -18.91
C ALA A 67 1.85 -5.88 -19.37
N LYS A 68 0.74 -6.34 -18.80
CA LYS A 68 -0.57 -5.80 -19.15
C LYS A 68 -0.78 -4.43 -18.51
N TYR A 69 -0.56 -4.35 -17.20
CA TYR A 69 -0.72 -3.09 -16.48
C TYR A 69 0.63 -2.38 -16.32
N ALA A 70 1.57 -2.70 -17.20
CA ALA A 70 2.89 -2.08 -17.15
C ALA A 70 2.90 -0.76 -17.91
N SER A 71 1.91 -0.56 -18.78
CA SER A 71 1.81 0.66 -19.57
C SER A 71 0.92 1.68 -18.88
N VAL A 72 0.03 1.19 -18.02
CA VAL A 72 -0.89 2.06 -17.29
C VAL A 72 -0.14 3.19 -16.60
N ASP A 73 -0.84 4.30 -16.36
CA ASP A 73 -0.23 5.46 -15.71
C ASP A 73 -0.77 5.60 -14.28
N THR A 74 0.10 5.35 -13.30
CA THR A 74 -0.28 5.45 -11.90
C THR A 74 -0.46 6.91 -11.48
N TYR A 75 0.40 7.78 -11.99
CA TYR A 75 0.35 9.19 -11.67
C TYR A 75 -1.04 9.76 -11.99
N ASP A 76 -1.59 9.36 -13.13
CA ASP A 76 -2.90 9.83 -13.55
C ASP A 76 -3.99 9.36 -12.59
N ARG A 77 -4.48 10.29 -11.77
CA ARG A 77 -5.52 9.97 -10.79
C ARG A 77 -6.69 9.26 -11.45
N GLU A 78 -6.91 9.55 -12.74
CA GLU A 78 -8.01 8.94 -13.48
C GLU A 78 -7.76 7.46 -13.67
N GLN A 79 -6.62 7.12 -14.26
CA GLN A 79 -6.27 5.72 -14.50
C GLN A 79 -6.22 4.93 -13.20
N VAL A 80 -5.42 5.41 -12.25
CA VAL A 80 -5.29 4.76 -10.96
C VAL A 80 -6.65 4.56 -10.30
N MET A 81 -7.56 5.49 -10.55
CA MET A 81 -8.90 5.42 -9.98
C MET A 81 -9.67 4.24 -10.56
N LYS A 82 -9.79 4.21 -11.89
CA LYS A 82 -10.49 3.13 -12.57
C LYS A 82 -9.95 1.77 -12.16
N ILE A 83 -8.63 1.69 -12.00
CA ILE A 83 -7.98 0.45 -11.61
C ILE A 83 -8.40 0.03 -10.21
N ILE A 84 -8.21 0.93 -9.24
CA ILE A 84 -8.57 0.65 -7.86
C ILE A 84 -10.06 0.36 -7.73
N ASP A 85 -10.87 1.07 -8.52
CA ASP A 85 -12.31 0.90 -8.49
C ASP A 85 -12.71 -0.45 -9.10
N GLU A 86 -12.15 -0.74 -10.26
CA GLU A 86 -12.45 -2.00 -10.95
C GLU A 86 -12.00 -3.20 -10.12
N PHE A 87 -10.74 -3.17 -9.71
CA PHE A 87 -10.18 -4.26 -8.91
C PHE A 87 -10.82 -4.30 -7.53
N LYS A 88 -11.49 -3.21 -7.16
CA LYS A 88 -12.14 -3.12 -5.86
C LYS A 88 -11.13 -3.26 -4.73
N ILE A 89 -10.20 -2.32 -4.67
CA ILE A 89 -9.17 -2.33 -3.63
C ILE A 89 -9.60 -1.51 -2.42
N PRO A 90 -9.45 -2.09 -1.22
CA PRO A 90 -9.81 -1.43 0.04
C PRO A 90 -8.88 -0.26 0.37
N THR A 91 -9.26 0.53 1.37
CA THR A 91 -8.46 1.68 1.78
C THR A 91 -7.74 1.39 3.10
N VAL A 92 -6.94 2.37 3.55
CA VAL A 92 -6.20 2.23 4.79
C VAL A 92 -7.13 2.01 5.97
N GLU A 93 -8.12 2.90 6.12
CA GLU A 93 -9.08 2.81 7.21
C GLU A 93 -9.75 1.43 7.22
N GLN A 94 -10.30 1.03 6.08
CA GLN A 94 -10.96 -0.26 5.97
C GLN A 94 -10.00 -1.40 6.26
N TRP A 95 -8.77 -1.26 5.81
CA TRP A 95 -7.74 -2.28 6.03
C TRP A 95 -7.40 -2.39 7.51
N LYS A 96 -7.36 -1.26 8.19
CA LYS A 96 -7.04 -1.23 9.61
C LYS A 96 -8.13 -1.90 10.43
N ASP A 97 -9.39 -1.52 10.17
CA ASP A 97 -10.52 -2.09 10.89
C ASP A 97 -10.63 -3.59 10.63
N GLN A 98 -10.44 -3.99 9.37
CA GLN A 98 -10.51 -5.39 9.00
C GLN A 98 -9.45 -6.21 9.73
N THR A 99 -8.20 -5.77 9.63
CA THR A 99 -7.10 -6.45 10.28
C THR A 99 -7.30 -6.51 11.79
N ARG A 100 -7.87 -5.45 12.34
CA ARG A 100 -8.12 -5.37 13.78
C ARG A 100 -9.14 -6.42 14.21
N ARG A 101 -10.31 -6.41 13.57
CA ARG A 101 -11.37 -7.35 13.89
C ARG A 101 -10.98 -8.76 13.46
N TYR A 102 -10.02 -8.85 12.55
CA TYR A 102 -9.56 -10.14 12.06
C TYR A 102 -8.46 -10.71 12.96
N LYS A 103 -7.74 -9.83 13.63
CA LYS A 103 -6.66 -10.25 14.51
C LYS A 103 -7.19 -10.52 15.92
N GLU A 104 -8.31 -9.89 16.26
CA GLU A 104 -8.92 -10.06 17.57
C GLU A 104 -9.11 -11.55 17.89
N SER A 105 -9.44 -11.83 19.14
CA SER A 105 -9.64 -13.21 19.57
C SER A 105 -10.67 -13.91 18.70
N SER A 106 -10.24 -14.95 17.99
CA SER A 106 -11.13 -15.71 17.11
C SER A 106 -10.80 -17.19 17.15
N ILE A 107 -11.41 -17.95 16.25
CA ILE A 107 -11.18 -19.39 16.18
C ILE A 107 -9.69 -19.70 16.06
N GLN A 108 -9.26 -20.76 16.73
CA GLN A 108 -7.86 -21.16 16.70
C GLN A 108 -7.65 -22.47 17.46
N ILE A 109 -6.58 -23.18 17.13
CA ILE A 109 -6.26 -24.44 17.78
C ILE A 109 -4.76 -24.65 17.88
N GLY A 110 -4.22 -24.40 19.07
CA GLY A 110 -2.79 -24.57 19.28
C GLY A 110 -2.31 -23.88 20.54
N ASN A 111 -1.09 -23.34 20.50
CA ASN A 111 -0.51 -22.65 21.65
C ASN A 111 -0.34 -21.17 21.35
N GLY A 112 -0.67 -20.33 22.34
CA GLY A 112 -0.53 -18.89 22.17
C GLY A 112 -1.08 -18.13 23.35
N HIS A 113 -1.46 -16.88 23.13
CA HIS A 113 -2.00 -16.03 24.18
C HIS A 113 -3.13 -15.15 23.64
N GLY A 114 -3.72 -14.34 24.53
CA GLY A 114 -4.80 -13.48 24.13
C GLY A 114 -4.37 -12.03 23.99
N GLN A 115 -5.33 -11.12 23.90
CA GLN A 115 -5.04 -9.70 23.75
C GLN A 115 -5.83 -8.88 24.76
N SER A 116 -5.72 -7.56 24.64
CA SER A 116 -6.42 -6.66 25.55
C SER A 116 -7.03 -5.48 24.79
N GLN A 117 -7.79 -4.65 25.49
CA GLN A 117 -8.43 -3.49 24.88
C GLN A 117 -7.70 -2.20 25.25
N GLY A 118 -8.25 -1.07 24.84
CA GLY A 118 -7.64 0.21 25.13
C GLY A 118 -8.62 1.20 25.73
N LEU A 119 -9.27 1.98 24.88
CA LEU A 119 -10.24 2.97 25.32
C LEU A 119 -9.83 3.56 26.68
N GLU A 120 -8.56 3.95 26.79
CA GLU A 120 -8.05 4.53 28.03
C GLU A 120 -8.89 5.73 28.45
N GLY B 1 -6.32 3.94 11.58
CA GLY B 1 -5.82 4.88 12.57
C GLY B 1 -4.40 4.55 13.00
N LYS B 2 -3.55 4.23 12.03
CA LYS B 2 -2.16 3.89 12.31
C LYS B 2 -1.23 4.62 11.35
N PHE B 3 -1.55 4.55 10.06
CA PHE B 3 -0.74 5.19 9.03
C PHE B 3 -1.21 6.63 8.78
N ILE B 4 -2.37 6.76 8.15
CA ILE B 4 -2.92 8.08 7.86
C ILE B 4 -1.93 8.93 7.08
N PRO B 5 -1.81 8.66 5.77
CA PRO B 5 -0.89 9.41 4.90
C PRO B 5 -1.35 10.84 4.67
N SER B 6 -0.95 11.74 5.55
CA SER B 6 -1.33 13.14 5.45
C SER B 6 -0.16 13.99 4.94
N ARG B 7 0.65 13.39 4.06
CA ARG B 7 1.81 14.08 3.50
C ARG B 7 1.47 14.70 2.14
N PRO B 8 2.29 15.66 1.70
CA PRO B 8 2.10 16.35 0.43
C PRO B 8 2.37 15.44 -0.76
N ALA B 9 1.32 15.09 -1.50
CA ALA B 9 1.45 14.24 -2.67
C ALA B 9 2.55 14.74 -3.60
N PRO B 10 3.68 14.00 -3.63
CA PRO B 10 4.83 14.36 -4.47
C PRO B 10 4.54 14.16 -5.96
N LYS B 11 5.11 15.03 -6.79
CA LYS B 11 4.92 14.96 -8.23
C LYS B 11 6.08 14.22 -8.90
N PRO B 12 5.75 13.34 -9.86
CA PRO B 12 6.75 12.56 -10.60
C PRO B 12 7.58 13.42 -11.53
N PRO B 13 8.71 12.87 -12.01
CA PRO B 13 9.62 13.57 -12.92
C PRO B 13 9.00 13.77 -14.31
N SER B 14 8.46 14.97 -14.54
CA SER B 14 7.83 15.28 -15.82
C SER B 14 8.89 15.59 -16.87
N SER B 15 9.68 16.63 -16.64
CA SER B 15 10.72 17.02 -17.56
C SER B 15 12.09 17.04 -16.87
N ALA B 16 12.78 15.91 -16.90
CA ALA B 16 14.09 15.80 -16.28
C ALA B 16 15.16 15.48 -17.30
N MET A 1 -6.43 -11.42 -0.72
CA MET A 1 -5.51 -10.41 -0.22
C MET A 1 -4.16 -11.04 0.15
N ALA A 2 -3.10 -10.25 0.02
CA ALA A 2 -1.76 -10.74 0.33
C ALA A 2 -0.83 -9.58 0.66
N PRO A 3 0.28 -9.89 1.36
CA PRO A 3 1.27 -8.89 1.75
C PRO A 3 2.06 -8.35 0.56
N LEU A 4 1.42 -7.49 -0.22
CA LEU A 4 2.05 -6.89 -1.39
C LEU A 4 3.07 -5.83 -0.98
N PHE A 5 4.20 -5.80 -1.67
CA PHE A 5 5.25 -4.84 -1.38
C PHE A 5 5.48 -3.91 -2.57
N ALA A 6 5.69 -2.63 -2.28
CA ALA A 6 5.93 -1.64 -3.32
C ALA A 6 7.37 -1.15 -3.31
N VAL A 7 7.75 -0.40 -4.33
CA VAL A 7 9.11 0.12 -4.44
C VAL A 7 9.10 1.61 -4.76
N THR A 8 9.79 2.40 -3.92
CA THR A 8 9.86 3.83 -4.12
C THR A 8 10.72 4.19 -5.32
N LEU A 9 10.25 5.12 -6.14
CA LEU A 9 10.99 5.55 -7.32
C LEU A 9 11.60 6.93 -7.11
N TYR A 10 11.11 7.64 -6.10
CA TYR A 10 11.62 8.97 -5.78
C TYR A 10 11.78 9.16 -4.28
N GLU A 11 12.62 10.11 -3.89
CA GLU A 11 12.86 10.39 -2.48
C GLU A 11 11.80 11.33 -1.92
N PHE A 12 10.87 10.77 -1.14
CA PHE A 12 9.80 11.55 -0.54
C PHE A 12 10.15 11.94 0.89
N LYS A 13 10.14 13.25 1.16
CA LYS A 13 10.44 13.75 2.50
C LYS A 13 9.16 14.06 3.27
N ALA A 14 9.01 13.40 4.42
CA ALA A 14 7.83 13.60 5.26
C ALA A 14 7.76 15.03 5.78
N GLU A 15 6.60 15.42 6.28
CA GLU A 15 6.41 16.76 6.81
C GLU A 15 6.11 16.73 8.31
N ARG A 16 5.48 15.64 8.75
CA ARG A 16 5.14 15.47 10.16
C ARG A 16 5.47 14.07 10.64
N ASP A 17 5.13 13.78 11.89
CA ASP A 17 5.39 12.48 12.48
C ASP A 17 4.61 11.39 11.74
N ASP A 18 3.36 11.67 11.43
CA ASP A 18 2.51 10.72 10.73
C ASP A 18 3.16 10.27 9.43
N GLU A 19 3.54 11.24 8.60
CA GLU A 19 4.17 10.94 7.32
C GLU A 19 5.55 10.33 7.52
N LEU A 20 5.95 9.48 6.58
CA LEU A 20 7.26 8.82 6.66
C LEU A 20 8.10 9.15 5.44
N ASP A 21 9.41 9.07 5.60
CA ASP A 21 10.34 9.36 4.50
C ASP A 21 10.74 8.08 3.78
N VAL A 22 11.00 8.19 2.48
CA VAL A 22 11.39 7.03 1.68
C VAL A 22 12.40 7.43 0.61
N SER A 23 13.14 6.44 0.11
CA SER A 23 14.14 6.69 -0.92
C SER A 23 13.90 5.81 -2.14
N PRO A 24 14.42 6.24 -3.30
CA PRO A 24 14.26 5.51 -4.56
C PRO A 24 15.07 4.21 -4.57
N GLY A 25 14.38 3.08 -4.69
CA GLY A 25 15.04 1.80 -4.71
C GLY A 25 14.83 1.01 -3.43
N GLU A 26 13.99 1.54 -2.55
CA GLU A 26 13.71 0.89 -1.28
C GLU A 26 12.49 -0.02 -1.40
N ASN A 27 12.46 -1.07 -0.59
CA ASN A 27 11.34 -2.02 -0.60
C ASN A 27 10.38 -1.73 0.54
N LEU A 28 9.17 -1.30 0.21
CA LEU A 28 8.15 -1.01 1.21
C LEU A 28 7.00 -2.01 1.14
N SER A 29 6.13 -1.99 2.15
CA SER A 29 5.00 -2.89 2.19
C SER A 29 3.68 -2.10 2.28
N ILE A 30 2.86 -2.24 1.25
CA ILE A 30 1.58 -1.54 1.20
C ILE A 30 0.62 -2.10 2.24
N CYS A 31 -0.25 -1.23 2.77
CA CYS A 31 -1.21 -1.63 3.78
C CYS A 31 -2.63 -1.26 3.35
N ALA A 32 -2.76 -0.11 2.70
CA ALA A 32 -4.05 0.37 2.23
C ALA A 32 -3.91 1.57 1.32
N HIS A 33 -5.01 1.99 0.69
CA HIS A 33 -5.00 3.12 -0.21
C HIS A 33 -6.06 4.16 0.20
N TYR A 34 -6.08 5.29 -0.50
CA TYR A 34 -7.04 6.33 -0.21
C TYR A 34 -7.44 7.07 -1.48
N ASP A 35 -8.62 6.76 -2.01
CA ASP A 35 -9.12 7.39 -3.22
C ASP A 35 -8.18 7.12 -4.40
N TYR A 36 -7.34 6.10 -4.26
CA TYR A 36 -6.39 5.75 -5.30
C TYR A 36 -5.42 6.89 -5.57
N GLU A 37 -5.30 7.80 -4.60
CA GLU A 37 -4.41 8.94 -4.74
C GLU A 37 -3.33 8.92 -3.65
N TRP A 38 -3.44 7.97 -2.74
CA TRP A 38 -2.49 7.84 -1.65
C TRP A 38 -2.34 6.38 -1.22
N PHE A 39 -1.10 5.96 -1.01
CA PHE A 39 -0.82 4.58 -0.59
C PHE A 39 -0.06 4.56 0.73
N ILE A 40 -0.35 3.56 1.56
CA ILE A 40 0.30 3.42 2.85
C ILE A 40 1.37 2.32 2.81
N ALA A 41 2.60 2.72 2.57
CA ALA A 41 3.71 1.77 2.52
C ALA A 41 4.64 1.94 3.71
N LYS A 42 5.11 0.83 4.26
CA LYS A 42 6.01 0.85 5.40
C LYS A 42 7.38 0.28 5.04
N PRO A 43 8.40 0.67 5.80
CA PRO A 43 9.78 0.20 5.58
C PRO A 43 9.95 -1.28 5.92
N ILE A 44 10.11 -2.10 4.89
CA ILE A 44 10.30 -3.53 5.07
C ILE A 44 11.65 -3.83 5.72
N ASN A 45 12.60 -2.95 5.52
CA ASN A 45 13.94 -3.12 6.09
C ASN A 45 14.01 -2.53 7.49
N ARG A 46 13.77 -1.23 7.59
CA ARG A 46 13.81 -0.55 8.88
C ARG A 46 12.77 -1.13 9.84
N LEU A 47 12.57 -0.46 10.97
CA LEU A 47 11.61 -0.91 11.96
C LEU A 47 10.20 -0.45 11.60
N GLY A 48 9.25 -0.70 12.50
CA GLY A 48 7.87 -0.30 12.27
C GLY A 48 7.71 1.19 12.15
N GLY A 49 7.40 1.68 10.96
CA GLY A 49 7.23 3.10 10.74
C GLY A 49 6.27 3.41 9.61
N PRO A 50 4.99 3.07 9.81
CA PRO A 50 3.93 3.30 8.81
C PRO A 50 3.62 4.78 8.64
N GLY A 51 3.71 5.25 7.40
CA GLY A 51 3.44 6.65 7.12
C GLY A 51 2.44 6.83 5.98
N LEU A 52 2.72 7.78 5.10
CA LEU A 52 1.85 8.05 3.97
C LEU A 52 2.65 8.46 2.74
N VAL A 53 2.42 7.76 1.62
CA VAL A 53 3.12 8.05 0.38
C VAL A 53 2.20 7.94 -0.82
N PRO A 54 2.25 8.95 -1.70
CA PRO A 54 1.41 8.99 -2.91
C PRO A 54 1.83 7.94 -3.93
N VAL A 55 0.86 7.49 -4.73
CA VAL A 55 1.12 6.47 -5.75
C VAL A 55 2.12 7.00 -6.78
N SER A 56 2.23 8.32 -6.88
CA SER A 56 3.14 8.94 -7.83
C SER A 56 4.58 8.87 -7.33
N TYR A 57 4.75 8.36 -6.11
CA TYR A 57 6.07 8.25 -5.51
C TYR A 57 6.38 6.80 -5.15
N VAL A 58 5.59 5.87 -5.69
CA VAL A 58 5.77 4.45 -5.41
C VAL A 58 5.29 3.61 -6.58
N ARG A 59 5.83 2.39 -6.68
CA ARG A 59 5.45 1.48 -7.76
C ARG A 59 4.98 0.15 -7.20
N ILE A 60 3.77 -0.26 -7.58
CA ILE A 60 3.21 -1.52 -7.11
C ILE A 60 3.86 -2.71 -7.81
N ILE A 61 4.67 -3.46 -7.08
CA ILE A 61 5.34 -4.62 -7.62
C ILE A 61 5.08 -5.87 -6.79
N ASP A 62 5.43 -7.03 -7.32
CA ASP A 62 5.24 -8.29 -6.62
C ASP A 62 6.56 -8.86 -6.13
N LEU A 63 6.69 -9.03 -4.82
CA LEU A 63 7.90 -9.55 -4.22
C LEU A 63 8.33 -10.84 -4.92
N MET A 64 7.35 -11.60 -5.42
CA MET A 64 7.63 -12.85 -6.10
C MET A 64 8.01 -12.60 -7.56
N ASP A 65 7.41 -11.59 -8.16
CA ASP A 65 7.71 -11.24 -9.55
C ASP A 65 7.74 -9.72 -9.74
N PRO A 66 8.85 -9.11 -9.29
CA PRO A 66 9.03 -7.65 -9.40
C PRO A 66 9.24 -7.20 -10.83
N ALA A 67 9.38 -8.16 -11.74
CA ALA A 67 9.58 -7.86 -13.16
C ALA A 67 8.26 -7.90 -13.92
N LYS A 68 7.23 -8.44 -13.28
CA LYS A 68 5.91 -8.54 -13.88
C LYS A 68 5.13 -7.25 -13.72
N TYR A 69 5.06 -6.76 -12.48
CA TYR A 69 4.34 -5.52 -12.19
C TYR A 69 5.29 -4.33 -12.18
N ALA A 70 6.41 -4.47 -12.88
CA ALA A 70 7.40 -3.40 -12.96
C ALA A 70 7.08 -2.44 -14.08
N SER A 71 6.25 -2.88 -15.02
CA SER A 71 5.86 -2.06 -16.16
C SER A 71 4.57 -1.30 -15.87
N VAL A 72 3.85 -1.73 -14.83
CA VAL A 72 2.60 -1.09 -14.45
C VAL A 72 2.77 0.42 -14.29
N ASP A 73 1.75 1.17 -14.68
CA ASP A 73 1.79 2.62 -14.58
C ASP A 73 0.97 3.11 -13.39
N THR A 74 1.61 3.17 -12.22
CA THR A 74 0.94 3.61 -11.01
C THR A 74 0.26 4.96 -11.22
N TYR A 75 0.82 5.76 -12.10
CA TYR A 75 0.27 7.08 -12.40
C TYR A 75 -1.16 6.97 -12.92
N ASP A 76 -1.38 6.07 -13.87
CA ASP A 76 -2.70 5.87 -14.45
C ASP A 76 -3.67 5.34 -13.39
N ARG A 77 -4.65 6.16 -13.04
CA ARG A 77 -5.64 5.77 -12.05
C ARG A 77 -6.32 4.46 -12.43
N GLU A 78 -6.36 4.18 -13.73
CA GLU A 78 -6.98 2.97 -14.23
C GLU A 78 -6.19 1.73 -13.78
N GLN A 79 -4.88 1.76 -13.99
CA GLN A 79 -4.02 0.65 -13.60
C GLN A 79 -4.06 0.41 -12.09
N VAL A 80 -3.76 1.47 -11.33
CA VAL A 80 -3.77 1.37 -9.88
C VAL A 80 -5.12 0.90 -9.36
N MET A 81 -6.18 1.23 -10.09
CA MET A 81 -7.53 0.84 -9.71
C MET A 81 -7.71 -0.68 -9.84
N LYS A 82 -7.46 -1.20 -11.04
CA LYS A 82 -7.60 -2.63 -11.28
C LYS A 82 -6.71 -3.43 -10.34
N ILE A 83 -5.53 -2.89 -10.04
CA ILE A 83 -4.59 -3.56 -9.14
C ILE A 83 -5.15 -3.64 -7.73
N ILE A 84 -5.60 -2.51 -7.20
CA ILE A 84 -6.16 -2.46 -5.86
C ILE A 84 -7.39 -3.35 -5.75
N ASP A 85 -8.16 -3.42 -6.83
CA ASP A 85 -9.37 -4.24 -6.85
C ASP A 85 -9.03 -5.73 -6.86
N GLU A 86 -8.09 -6.10 -7.74
CA GLU A 86 -7.67 -7.49 -7.85
C GLU A 86 -6.96 -7.94 -6.59
N PHE A 87 -6.05 -7.11 -6.09
CA PHE A 87 -5.29 -7.44 -4.89
C PHE A 87 -6.17 -7.30 -3.65
N LYS A 88 -7.34 -6.72 -3.83
CA LYS A 88 -8.28 -6.52 -2.73
C LYS A 88 -7.64 -5.69 -1.61
N ILE A 89 -6.97 -4.61 -2.01
CA ILE A 89 -6.31 -3.73 -1.05
C ILE A 89 -7.33 -2.81 -0.37
N PRO A 90 -7.41 -2.91 0.97
CA PRO A 90 -8.33 -2.10 1.77
C PRO A 90 -7.93 -0.63 1.80
N THR A 91 -8.84 0.22 2.26
CA THR A 91 -8.57 1.65 2.34
C THR A 91 -7.99 2.02 3.70
N VAL A 92 -7.52 3.26 3.82
CA VAL A 92 -6.93 3.74 5.07
C VAL A 92 -7.86 3.48 6.25
N GLU A 93 -9.07 4.01 6.16
CA GLU A 93 -10.05 3.83 7.23
C GLU A 93 -10.20 2.35 7.60
N GLN A 94 -10.28 1.50 6.58
CA GLN A 94 -10.43 0.07 6.79
C GLN A 94 -9.22 -0.50 7.53
N TRP A 95 -8.03 -0.11 7.10
CA TRP A 95 -6.79 -0.58 7.71
C TRP A 95 -6.73 -0.15 9.18
N LYS A 96 -7.16 1.07 9.45
CA LYS A 96 -7.16 1.59 10.81
C LYS A 96 -8.10 0.80 11.71
N ASP A 97 -9.34 0.64 11.26
CA ASP A 97 -10.34 -0.10 12.02
C ASP A 97 -9.87 -1.53 12.27
N GLN A 98 -9.25 -2.13 11.27
CA GLN A 98 -8.76 -3.50 11.38
C GLN A 98 -7.70 -3.61 12.46
N THR A 99 -6.66 -2.77 12.36
CA THR A 99 -5.59 -2.78 13.34
C THR A 99 -6.09 -2.43 14.74
N ARG A 100 -7.03 -1.48 14.79
CA ARG A 100 -7.59 -1.06 16.07
C ARG A 100 -8.32 -2.20 16.76
N ARG A 101 -9.33 -2.75 16.07
CA ARG A 101 -10.11 -3.86 16.62
C ARG A 101 -9.22 -5.07 16.89
N TYR A 102 -8.18 -5.23 16.07
CA TYR A 102 -7.26 -6.35 16.22
C TYR A 102 -6.48 -6.24 17.52
N LYS A 103 -5.96 -5.05 17.81
CA LYS A 103 -5.20 -4.82 19.03
C LYS A 103 -6.08 -5.01 20.27
N GLU A 104 -7.38 -4.83 20.09
CA GLU A 104 -8.32 -4.99 21.19
C GLU A 104 -9.10 -6.30 21.06
N SER A 105 -10.05 -6.51 21.97
CA SER A 105 -10.85 -7.73 21.96
C SER A 105 -12.34 -7.40 22.04
N SER A 106 -13.17 -8.26 21.48
CA SER A 106 -14.61 -8.06 21.48
C SER A 106 -15.33 -9.26 22.08
N ILE A 107 -16.66 -9.24 22.02
CA ILE A 107 -17.46 -10.33 22.57
C ILE A 107 -17.28 -11.60 21.74
N GLN A 108 -16.85 -11.44 20.50
CA GLN A 108 -16.63 -12.58 19.61
C GLN A 108 -15.19 -13.06 19.69
N ILE A 109 -14.91 -14.17 19.02
CA ILE A 109 -13.57 -14.75 19.01
C ILE A 109 -13.26 -15.43 17.68
N GLY A 110 -11.98 -15.63 17.40
CA GLY A 110 -11.58 -16.27 16.17
C GLY A 110 -11.53 -15.30 15.00
N ASN A 111 -10.93 -15.74 13.89
CA ASN A 111 -10.82 -14.90 12.70
C ASN A 111 -11.63 -15.49 11.56
N GLY A 112 -12.27 -14.61 10.78
CA GLY A 112 -13.08 -15.05 9.66
C GLY A 112 -12.23 -15.44 8.46
N HIS A 113 -12.03 -16.74 8.28
CA HIS A 113 -11.23 -17.24 7.16
C HIS A 113 -11.70 -18.64 6.75
N GLY A 114 -11.81 -18.85 5.44
CA GLY A 114 -12.24 -20.15 4.93
C GLY A 114 -11.40 -20.62 3.76
N GLN A 115 -11.61 -21.86 3.35
CA GLN A 115 -10.87 -22.44 2.24
C GLN A 115 -11.78 -22.63 1.02
N SER A 116 -11.21 -23.16 -0.06
CA SER A 116 -11.96 -23.39 -1.28
C SER A 116 -11.63 -24.77 -1.87
N GLN A 117 -12.44 -25.20 -2.83
CA GLN A 117 -12.24 -26.49 -3.47
C GLN A 117 -13.06 -26.60 -4.75
N GLY A 118 -12.45 -27.18 -5.78
CA GLY A 118 -13.14 -27.33 -7.05
C GLY A 118 -12.99 -28.72 -7.63
N LEU A 119 -12.68 -29.69 -6.77
CA LEU A 119 -12.50 -31.07 -7.21
C LEU A 119 -11.52 -31.17 -8.36
N GLU A 120 -10.48 -30.33 -8.32
CA GLU A 120 -9.47 -30.32 -9.37
C GLU A 120 -8.07 -30.12 -8.77
N GLY B 1 -7.78 7.07 9.97
CA GLY B 1 -7.68 7.16 11.41
C GLY B 1 -7.01 8.45 11.87
N LYS B 2 -5.71 8.55 11.63
CA LYS B 2 -4.95 9.73 12.02
C LYS B 2 -4.13 10.27 10.84
N PHE B 3 -4.33 9.67 9.67
CA PHE B 3 -3.61 10.08 8.47
C PHE B 3 -4.44 11.07 7.65
N ILE B 4 -5.43 10.55 6.94
CA ILE B 4 -6.29 11.39 6.11
C ILE B 4 -5.48 12.33 5.24
N PRO B 5 -4.93 11.80 4.14
CA PRO B 5 -4.12 12.57 3.20
C PRO B 5 -4.95 13.58 2.41
N SER B 6 -5.21 14.74 3.02
CA SER B 6 -5.99 15.78 2.38
C SER B 6 -5.09 16.74 1.60
N ARG B 7 -4.19 16.17 0.80
CA ARG B 7 -3.26 16.98 0.01
C ARG B 7 -3.68 16.98 -1.46
N PRO B 8 -3.13 17.93 -2.22
CA PRO B 8 -3.43 18.07 -3.65
C PRO B 8 -2.83 16.94 -4.48
N ALA B 9 -2.04 16.09 -3.82
CA ALA B 9 -1.41 14.96 -4.49
C ALA B 9 -0.67 15.41 -5.75
N PRO B 10 0.62 15.78 -5.59
CA PRO B 10 1.46 16.23 -6.70
C PRO B 10 1.79 15.11 -7.67
N LYS B 11 1.58 15.35 -8.96
CA LYS B 11 1.85 14.37 -9.99
C LYS B 11 3.36 14.17 -10.16
N PRO B 12 3.75 13.04 -10.76
CA PRO B 12 5.16 12.71 -11.00
C PRO B 12 5.78 13.61 -12.06
N PRO B 13 7.13 13.58 -12.15
CA PRO B 13 7.88 14.37 -13.11
C PRO B 13 7.68 13.89 -14.55
N SER B 14 7.08 14.73 -15.38
CA SER B 14 6.83 14.38 -16.77
C SER B 14 7.54 15.34 -17.72
N SER B 15 8.86 15.42 -17.57
CA SER B 15 9.66 16.32 -18.41
C SER B 15 9.39 16.06 -19.89
N ALA B 16 9.18 17.13 -20.65
CA ALA B 16 8.92 17.02 -22.07
C ALA B 16 10.00 16.21 -22.77
N MET A 1 -6.90 -9.86 0.15
CA MET A 1 -5.98 -9.29 -0.83
C MET A 1 -4.59 -9.88 -0.68
N ALA A 2 -3.89 -10.05 -1.79
CA ALA A 2 -2.54 -10.61 -1.78
C ALA A 2 -1.51 -9.54 -1.40
N PRO A 3 -0.33 -9.99 -0.96
CA PRO A 3 0.75 -9.09 -0.56
C PRO A 3 1.37 -8.36 -1.75
N LEU A 4 0.93 -7.14 -1.97
CA LEU A 4 1.44 -6.32 -3.07
C LEU A 4 2.48 -5.33 -2.59
N PHE A 5 3.55 -5.16 -3.36
CA PHE A 5 4.62 -4.23 -3.00
C PHE A 5 4.82 -3.19 -4.10
N ALA A 6 5.51 -2.10 -3.76
CA ALA A 6 5.77 -1.04 -4.72
C ALA A 6 7.22 -0.57 -4.63
N VAL A 7 7.66 0.14 -5.66
CA VAL A 7 9.03 0.64 -5.70
C VAL A 7 9.07 2.14 -5.98
N THR A 8 9.72 2.88 -5.10
CA THR A 8 9.82 4.33 -5.24
C THR A 8 10.69 4.70 -6.44
N LEU A 9 10.34 5.80 -7.10
CA LEU A 9 11.09 6.27 -8.27
C LEU A 9 11.76 7.61 -7.98
N TYR A 10 11.34 8.25 -6.89
CA TYR A 10 11.90 9.55 -6.50
C TYR A 10 12.13 9.60 -5.00
N GLU A 11 12.82 10.66 -4.56
CA GLU A 11 13.10 10.84 -3.14
C GLU A 11 12.03 11.70 -2.47
N PHE A 12 11.16 11.06 -1.70
CA PHE A 12 10.09 11.76 -1.01
C PHE A 12 10.56 12.28 0.34
N LYS A 13 10.80 13.59 0.41
CA LYS A 13 11.25 14.21 1.65
C LYS A 13 10.09 14.47 2.59
N ALA A 14 9.94 13.60 3.59
CA ALA A 14 8.86 13.74 4.57
C ALA A 14 8.84 15.14 5.17
N GLU A 15 7.64 15.66 5.39
CA GLU A 15 7.49 17.00 5.97
C GLU A 15 6.91 16.92 7.38
N ARG A 16 6.12 15.88 7.63
CA ARG A 16 5.50 15.70 8.93
C ARG A 16 5.79 14.29 9.47
N ASP A 17 5.24 13.99 10.64
CA ASP A 17 5.44 12.69 11.27
C ASP A 17 4.78 11.59 10.46
N ASP A 18 3.61 11.89 9.89
CA ASP A 18 2.88 10.92 9.09
C ASP A 18 3.62 10.62 7.79
N GLU A 19 4.37 11.60 7.30
CA GLU A 19 5.13 11.43 6.07
C GLU A 19 6.45 10.71 6.33
N LEU A 20 6.76 9.74 5.48
CA LEU A 20 8.00 8.98 5.62
C LEU A 20 9.01 9.35 4.54
N ASP A 21 10.29 9.24 4.86
CA ASP A 21 11.35 9.56 3.92
C ASP A 21 11.77 8.33 3.13
N VAL A 22 11.69 8.41 1.80
CA VAL A 22 12.07 7.29 0.95
C VAL A 22 12.96 7.76 -0.20
N SER A 23 13.74 6.85 -0.75
CA SER A 23 14.64 7.16 -1.85
C SER A 23 14.23 6.43 -3.12
N PRO A 24 14.67 6.95 -4.27
CA PRO A 24 14.36 6.36 -5.59
C PRO A 24 15.07 5.03 -5.80
N GLY A 25 14.29 3.96 -5.98
CA GLY A 25 14.86 2.65 -6.19
C GLY A 25 14.73 1.75 -4.98
N GLU A 26 14.16 2.29 -3.91
CA GLU A 26 13.97 1.52 -2.68
C GLU A 26 12.70 0.68 -2.75
N ASN A 27 12.62 -0.32 -1.87
CA ASN A 27 11.47 -1.20 -1.83
C ASN A 27 10.52 -0.81 -0.70
N LEU A 28 9.23 -0.72 -1.03
CA LEU A 28 8.22 -0.36 -0.03
C LEU A 28 7.07 -1.36 -0.05
N SER A 29 6.41 -1.51 1.10
CA SER A 29 5.29 -2.43 1.23
C SER A 29 3.97 -1.66 1.38
N ILE A 30 3.11 -1.77 0.38
CA ILE A 30 1.83 -1.09 0.40
C ILE A 30 0.81 -1.87 1.22
N CYS A 31 -0.05 -1.15 1.92
CA CYS A 31 -1.08 -1.78 2.75
C CYS A 31 -2.48 -1.43 2.24
N ALA A 32 -2.65 -0.17 1.83
CA ALA A 32 -3.94 0.29 1.33
C ALA A 32 -3.80 1.59 0.56
N HIS A 33 -4.89 2.04 -0.06
CA HIS A 33 -4.87 3.27 -0.84
C HIS A 33 -5.87 4.28 -0.26
N TYR A 34 -5.92 5.46 -0.87
CA TYR A 34 -6.82 6.52 -0.42
C TYR A 34 -7.28 7.38 -1.59
N ASP A 35 -8.49 7.13 -2.07
CA ASP A 35 -9.04 7.89 -3.18
C ASP A 35 -8.17 7.74 -4.43
N TYR A 36 -7.33 6.70 -4.43
CA TYR A 36 -6.44 6.46 -5.56
C TYR A 36 -5.48 7.62 -5.77
N GLU A 37 -5.30 8.43 -4.73
CA GLU A 37 -4.41 9.58 -4.80
C GLU A 37 -3.27 9.44 -3.80
N TRP A 38 -3.36 8.45 -2.93
CA TRP A 38 -2.33 8.22 -1.93
C TRP A 38 -2.24 6.73 -1.59
N PHE A 39 -1.01 6.23 -1.50
CA PHE A 39 -0.76 4.83 -1.19
C PHE A 39 -0.03 4.68 0.14
N ILE A 40 -0.56 3.82 1.01
CA ILE A 40 0.06 3.60 2.31
C ILE A 40 1.19 2.57 2.22
N ALA A 41 2.41 3.07 2.08
CA ALA A 41 3.57 2.20 1.98
C ALA A 41 4.46 2.31 3.22
N LYS A 42 5.13 1.22 3.56
CA LYS A 42 6.00 1.19 4.73
C LYS A 42 7.42 0.76 4.35
N PRO A 43 8.41 1.13 5.17
CA PRO A 43 9.81 0.78 4.93
C PRO A 43 10.08 -0.71 5.14
N ILE A 44 10.84 -1.28 4.22
CA ILE A 44 11.17 -2.70 4.29
C ILE A 44 12.56 -2.91 4.90
N ASN A 45 13.40 -1.88 4.80
CA ASN A 45 14.75 -1.96 5.34
C ASN A 45 14.78 -1.53 6.80
N ARG A 46 14.56 -0.24 7.05
CA ARG A 46 14.56 0.31 8.41
C ARG A 46 13.39 -0.26 9.21
N LEU A 47 13.48 -0.14 10.53
CA LEU A 47 12.43 -0.64 11.41
C LEU A 47 11.60 0.51 11.98
N GLY A 48 11.75 1.69 11.38
CA GLY A 48 11.01 2.85 11.83
C GLY A 48 9.52 2.58 11.95
N GLY A 49 8.80 2.78 10.85
CA GLY A 49 7.36 2.56 10.85
C GLY A 49 6.72 2.93 9.53
N PRO A 50 5.44 2.57 9.37
CA PRO A 50 4.68 2.86 8.15
C PRO A 50 4.39 4.35 7.99
N GLY A 51 4.31 4.79 6.74
CA GLY A 51 4.04 6.19 6.47
C GLY A 51 3.00 6.38 5.38
N LEU A 52 3.20 7.39 4.54
CA LEU A 52 2.26 7.68 3.45
C LEU A 52 3.01 8.21 2.23
N VAL A 53 2.70 7.64 1.07
CA VAL A 53 3.34 8.07 -0.17
C VAL A 53 2.34 8.04 -1.34
N PRO A 54 2.33 9.12 -2.12
CA PRO A 54 1.43 9.25 -3.28
C PRO A 54 1.81 8.29 -4.41
N VAL A 55 0.82 7.92 -5.22
CA VAL A 55 1.05 7.00 -6.34
C VAL A 55 1.96 7.64 -7.38
N SER A 56 2.02 8.98 -7.37
CA SER A 56 2.84 9.71 -8.33
C SER A 56 4.31 9.66 -7.93
N TYR A 57 4.59 9.03 -6.78
CA TYR A 57 5.96 8.91 -6.29
C TYR A 57 6.31 7.45 -6.03
N VAL A 58 5.54 6.54 -6.63
CA VAL A 58 5.77 5.11 -6.46
C VAL A 58 5.35 4.34 -7.71
N ARG A 59 5.88 3.13 -7.86
CA ARG A 59 5.56 2.29 -9.01
C ARG A 59 5.09 0.91 -8.56
N ILE A 60 3.81 0.61 -8.79
CA ILE A 60 3.24 -0.67 -8.41
C ILE A 60 3.88 -1.80 -9.19
N ILE A 61 4.59 -2.67 -8.49
CA ILE A 61 5.26 -3.81 -9.12
C ILE A 61 5.02 -5.09 -8.33
N ASP A 62 4.75 -6.17 -9.04
CA ASP A 62 4.50 -7.47 -8.41
C ASP A 62 5.80 -8.09 -7.92
N LEU A 63 5.85 -8.37 -6.62
CA LEU A 63 7.04 -8.96 -6.01
C LEU A 63 7.47 -10.21 -6.77
N MET A 64 6.50 -10.93 -7.32
CA MET A 64 6.78 -12.15 -8.08
C MET A 64 7.16 -11.81 -9.52
N ASP A 65 6.63 -10.70 -10.03
CA ASP A 65 6.92 -10.27 -11.39
C ASP A 65 6.98 -8.75 -11.48
N PRO A 66 8.11 -8.17 -11.05
CA PRO A 66 8.31 -6.72 -11.07
C PRO A 66 8.44 -6.17 -12.49
N ALA A 67 8.52 -7.07 -13.47
CA ALA A 67 8.66 -6.68 -14.86
C ALA A 67 7.29 -6.65 -15.55
N LYS A 68 6.27 -7.12 -14.85
CA LYS A 68 4.92 -7.13 -15.39
C LYS A 68 4.23 -5.78 -15.19
N TYR A 69 4.24 -5.31 -13.95
CA TYR A 69 3.62 -4.03 -13.62
C TYR A 69 4.66 -2.90 -13.58
N ALA A 70 5.76 -3.11 -14.29
CA ALA A 70 6.83 -2.12 -14.34
C ALA A 70 6.56 -1.07 -15.41
N SER A 71 5.65 -1.39 -16.33
CA SER A 71 5.30 -0.47 -17.40
C SER A 71 4.03 0.30 -17.07
N VAL A 72 3.27 -0.21 -16.11
CA VAL A 72 2.04 0.43 -15.68
C VAL A 72 2.26 1.92 -15.37
N ASP A 73 1.26 2.74 -15.68
CA ASP A 73 1.35 4.17 -15.43
C ASP A 73 0.63 4.54 -14.14
N THR A 74 1.33 4.46 -13.02
CA THR A 74 0.76 4.79 -11.73
C THR A 74 0.10 6.16 -11.75
N TYR A 75 0.67 7.09 -12.52
CA TYR A 75 0.14 8.43 -12.62
C TYR A 75 -1.29 8.42 -13.13
N ASP A 76 -1.53 7.61 -14.17
CA ASP A 76 -2.87 7.50 -14.75
C ASP A 76 -3.86 6.93 -13.73
N ARG A 77 -4.76 7.77 -13.26
CA ARG A 77 -5.77 7.35 -12.29
C ARG A 77 -6.54 6.14 -12.80
N GLU A 78 -6.62 6.00 -14.12
CA GLU A 78 -7.34 4.89 -14.73
C GLU A 78 -6.63 3.57 -14.45
N GLN A 79 -5.34 3.52 -14.76
CA GLN A 79 -4.55 2.31 -14.53
C GLN A 79 -4.53 1.94 -13.05
N VAL A 80 -4.09 2.87 -12.21
CA VAL A 80 -4.01 2.64 -10.78
C VAL A 80 -5.37 2.19 -10.23
N MET A 81 -6.44 2.65 -10.85
CA MET A 81 -7.79 2.29 -10.42
C MET A 81 -8.07 0.82 -10.69
N LYS A 82 -7.92 0.42 -11.96
CA LYS A 82 -8.15 -0.97 -12.35
C LYS A 82 -7.31 -1.92 -11.51
N ILE A 83 -6.09 -1.51 -11.20
CA ILE A 83 -5.18 -2.32 -10.41
C ILE A 83 -5.70 -2.49 -8.98
N ILE A 84 -6.00 -1.37 -8.33
CA ILE A 84 -6.51 -1.40 -6.97
C ILE A 84 -7.85 -2.13 -6.89
N ASP A 85 -8.65 -1.98 -7.93
CA ASP A 85 -9.96 -2.64 -7.97
C ASP A 85 -9.80 -4.15 -8.15
N GLU A 86 -8.95 -4.55 -9.09
CA GLU A 86 -8.72 -5.96 -9.35
C GLU A 86 -8.07 -6.64 -8.15
N PHE A 87 -7.01 -6.02 -7.63
CA PHE A 87 -6.30 -6.56 -6.48
C PHE A 87 -7.16 -6.50 -5.22
N LYS A 88 -8.24 -5.73 -5.30
CA LYS A 88 -9.15 -5.57 -4.16
C LYS A 88 -8.44 -4.99 -2.95
N ILE A 89 -7.81 -3.84 -3.14
CA ILE A 89 -7.07 -3.18 -2.06
C ILE A 89 -7.99 -2.26 -1.26
N PRO A 90 -8.03 -2.47 0.06
CA PRO A 90 -8.86 -1.66 0.97
C PRO A 90 -8.35 -0.23 1.10
N THR A 91 -9.21 0.64 1.62
CA THR A 91 -8.86 2.05 1.80
C THR A 91 -8.36 2.31 3.22
N VAL A 92 -7.86 3.52 3.45
CA VAL A 92 -7.36 3.90 4.76
C VAL A 92 -8.38 3.61 5.86
N GLU A 93 -9.59 4.14 5.68
CA GLU A 93 -10.67 3.93 6.63
C GLU A 93 -10.82 2.46 6.97
N GLN A 94 -10.86 1.63 5.93
CA GLN A 94 -11.02 0.18 6.11
C GLN A 94 -9.83 -0.40 6.87
N TRP A 95 -8.63 0.06 6.54
CA TRP A 95 -7.41 -0.42 7.20
C TRP A 95 -7.41 -0.01 8.67
N LYS A 96 -7.85 1.21 8.95
CA LYS A 96 -7.90 1.71 10.32
C LYS A 96 -8.87 0.90 11.17
N ASP A 97 -10.08 0.71 10.65
CA ASP A 97 -11.11 -0.04 11.36
C ASP A 97 -10.68 -1.50 11.55
N GLN A 98 -10.01 -2.05 10.55
CA GLN A 98 -9.54 -3.42 10.59
C GLN A 98 -8.53 -3.61 11.71
N THR A 99 -7.50 -2.77 11.71
CA THR A 99 -6.45 -2.83 12.72
C THR A 99 -7.02 -2.62 14.11
N ARG A 100 -7.89 -1.63 14.25
CA ARG A 100 -8.51 -1.33 15.54
C ARG A 100 -9.25 -2.54 16.08
N ARG A 101 -10.22 -3.04 15.31
CA ARG A 101 -11.00 -4.20 15.72
C ARG A 101 -10.11 -5.42 15.89
N TYR A 102 -9.02 -5.47 15.14
CA TYR A 102 -8.09 -6.59 15.21
C TYR A 102 -7.40 -6.64 16.57
N LYS A 103 -6.93 -5.50 17.03
CA LYS A 103 -6.25 -5.41 18.32
C LYS A 103 -7.14 -5.93 19.44
N GLU A 104 -8.45 -5.85 19.22
CA GLU A 104 -9.41 -6.32 20.23
C GLU A 104 -9.31 -7.82 20.42
N SER A 105 -10.24 -8.38 21.19
CA SER A 105 -10.25 -9.82 21.46
C SER A 105 -8.93 -10.27 22.05
N SER A 106 -8.34 -9.41 22.88
CA SER A 106 -7.05 -9.72 23.51
C SER A 106 -7.17 -10.96 24.39
N ILE A 107 -6.25 -11.91 24.21
CA ILE A 107 -6.26 -13.13 24.98
C ILE A 107 -7.44 -14.02 24.61
N GLN A 108 -8.00 -13.79 23.43
CA GLN A 108 -9.13 -14.57 22.96
C GLN A 108 -8.86 -15.13 21.56
N ILE A 109 -9.90 -15.68 20.94
CA ILE A 109 -9.78 -16.24 19.60
C ILE A 109 -10.88 -15.72 18.67
N GLY A 110 -12.13 -16.03 19.00
CA GLY A 110 -13.24 -15.58 18.20
C GLY A 110 -13.41 -16.40 16.93
N ASN A 111 -13.72 -15.72 15.82
CA ASN A 111 -13.90 -16.40 14.54
C ASN A 111 -12.78 -16.05 13.57
N GLY A 112 -12.42 -17.02 12.73
CA GLY A 112 -11.36 -16.80 11.77
C GLY A 112 -10.68 -18.08 11.34
N HIS A 113 -10.64 -19.05 12.25
CA HIS A 113 -10.01 -20.34 11.97
C HIS A 113 -10.96 -21.25 11.21
N GLY A 114 -12.22 -21.28 11.64
CA GLY A 114 -13.22 -22.11 10.98
C GLY A 114 -12.94 -23.59 11.16
N GLN A 115 -13.12 -24.37 10.10
CA GLN A 115 -12.90 -25.80 10.15
C GLN A 115 -12.12 -26.28 8.94
N SER A 116 -11.65 -27.53 8.97
CA SER A 116 -10.89 -28.10 7.87
C SER A 116 -11.69 -29.18 7.15
N GLN A 117 -11.07 -29.81 6.17
CA GLN A 117 -11.73 -30.86 5.40
C GLN A 117 -11.55 -32.22 6.06
N GLY A 118 -10.31 -32.68 6.11
CA GLY A 118 -10.03 -33.98 6.72
C GLY A 118 -10.51 -35.13 5.87
N LEU A 119 -9.58 -35.76 5.15
CA LEU A 119 -9.91 -36.89 4.29
C LEU A 119 -9.68 -38.21 5.02
N GLU A 120 -9.89 -39.32 4.31
CA GLU A 120 -9.69 -40.65 4.89
C GLU A 120 -8.21 -40.98 4.99
N GLY B 1 -9.71 6.30 12.37
CA GLY B 1 -8.83 6.99 11.45
C GLY B 1 -7.49 7.32 12.07
N LYS B 2 -6.52 7.69 11.23
CA LYS B 2 -5.19 8.03 11.70
C LYS B 2 -4.43 8.85 10.66
N PHE B 3 -4.22 8.27 9.50
CA PHE B 3 -3.51 8.94 8.42
C PHE B 3 -4.46 9.78 7.58
N ILE B 4 -5.18 9.13 6.68
CA ILE B 4 -6.14 9.82 5.82
C ILE B 4 -5.54 11.10 5.25
N PRO B 5 -4.80 10.96 4.14
CA PRO B 5 -4.16 12.09 3.46
C PRO B 5 -5.17 13.02 2.79
N SER B 6 -5.08 14.31 3.11
CA SER B 6 -5.98 15.29 2.54
C SER B 6 -5.24 16.27 1.63
N ARG B 7 -3.93 16.05 1.50
CA ARG B 7 -3.10 16.91 0.66
C ARG B 7 -3.71 17.07 -0.73
N PRO B 8 -3.23 18.08 -1.47
CA PRO B 8 -3.71 18.36 -2.83
C PRO B 8 -3.29 17.30 -3.83
N ALA B 9 -2.31 16.49 -3.45
CA ALA B 9 -1.81 15.42 -4.31
C ALA B 9 -1.18 15.99 -5.57
N PRO B 10 0.11 16.37 -5.48
CA PRO B 10 0.87 16.93 -6.61
C PRO B 10 1.15 15.90 -7.69
N LYS B 11 0.99 16.32 -8.94
CA LYS B 11 1.23 15.43 -10.08
C LYS B 11 2.72 15.15 -10.24
N PRO B 12 3.04 14.07 -10.97
CA PRO B 12 4.43 13.67 -11.21
C PRO B 12 5.15 14.62 -12.16
N PRO B 13 6.48 14.49 -12.24
CA PRO B 13 7.31 15.34 -13.10
C PRO B 13 7.09 15.05 -14.58
N SER B 14 6.65 13.83 -14.89
CA SER B 14 6.40 13.43 -16.27
C SER B 14 5.05 13.96 -16.75
N SER B 15 4.95 15.27 -16.89
CA SER B 15 3.72 15.90 -17.34
C SER B 15 3.83 16.33 -18.81
N ALA B 16 4.99 16.87 -19.17
CA ALA B 16 5.22 17.32 -20.53
C ALA B 16 4.15 18.31 -20.98
N MET A 1 -10.20 -10.90 -6.21
CA MET A 1 -8.92 -10.29 -5.88
C MET A 1 -7.77 -11.21 -6.27
N ALA A 2 -6.72 -10.64 -6.86
CA ALA A 2 -5.56 -11.41 -7.28
C ALA A 2 -4.27 -10.72 -6.88
N PRO A 3 -3.17 -11.49 -6.83
CA PRO A 3 -1.85 -10.96 -6.46
C PRO A 3 -1.27 -10.03 -7.52
N LEU A 4 -1.02 -8.78 -7.13
CA LEU A 4 -0.46 -7.80 -8.04
C LEU A 4 0.91 -7.32 -7.57
N PHE A 5 1.71 -6.84 -8.50
CA PHE A 5 3.05 -6.35 -8.18
C PHE A 5 3.27 -4.95 -8.76
N ALA A 6 4.27 -4.25 -8.23
CA ALA A 6 4.59 -2.91 -8.70
C ALA A 6 6.10 -2.72 -8.85
N VAL A 7 6.49 -1.71 -9.61
CA VAL A 7 7.90 -1.43 -9.85
C VAL A 7 8.21 0.05 -9.60
N THR A 8 9.23 0.30 -8.77
CA THR A 8 9.63 1.66 -8.45
C THR A 8 10.37 2.31 -9.62
N LEU A 9 10.08 3.58 -9.86
CA LEU A 9 10.72 4.31 -10.96
C LEU A 9 11.59 5.45 -10.41
N TYR A 10 11.39 5.78 -9.14
CA TYR A 10 12.15 6.85 -8.51
C TYR A 10 12.62 6.43 -7.12
N GLU A 11 13.67 7.09 -6.63
CA GLU A 11 14.21 6.78 -5.32
C GLU A 11 13.45 7.52 -4.22
N PHE A 12 12.62 6.78 -3.49
CA PHE A 12 11.82 7.36 -2.41
C PHE A 12 12.59 7.35 -1.10
N LYS A 13 12.85 8.53 -0.56
CA LYS A 13 13.58 8.65 0.70
C LYS A 13 12.62 8.73 1.88
N ALA A 14 12.65 7.70 2.72
CA ALA A 14 11.78 7.64 3.89
C ALA A 14 12.14 8.73 4.90
N GLU A 15 11.19 9.10 5.74
CA GLU A 15 11.42 10.13 6.75
C GLU A 15 11.31 9.55 8.16
N ARG A 16 10.50 8.51 8.29
CA ARG A 16 10.29 7.86 9.58
C ARG A 16 10.40 6.34 9.45
N ASP A 17 10.35 5.64 10.59
CA ASP A 17 10.44 4.19 10.60
C ASP A 17 9.32 3.57 9.77
N ASP A 18 8.13 4.13 9.88
CA ASP A 18 6.98 3.64 9.14
C ASP A 18 7.22 3.72 7.63
N GLU A 19 8.09 4.65 7.23
CA GLU A 19 8.40 4.83 5.82
C GLU A 19 9.55 3.91 5.40
N LEU A 20 9.44 3.34 4.21
CA LEU A 20 10.46 2.45 3.68
C LEU A 20 11.11 3.04 2.43
N ASP A 21 12.42 3.18 2.47
CA ASP A 21 13.16 3.72 1.33
C ASP A 21 13.27 2.70 0.21
N VAL A 22 13.24 3.17 -1.03
CA VAL A 22 13.33 2.29 -2.19
C VAL A 22 14.05 2.98 -3.34
N SER A 23 14.62 2.19 -4.24
CA SER A 23 15.34 2.71 -5.40
C SER A 23 14.61 2.39 -6.69
N PRO A 24 14.90 3.16 -7.74
CA PRO A 24 14.28 2.99 -9.06
C PRO A 24 14.76 1.71 -9.75
N GLY A 25 13.80 0.87 -10.14
CA GLY A 25 14.15 -0.37 -10.81
C GLY A 25 13.89 -1.59 -9.95
N GLU A 26 13.54 -1.35 -8.68
CA GLU A 26 13.27 -2.43 -7.75
C GLU A 26 11.81 -2.86 -7.82
N ASN A 27 11.57 -4.17 -7.67
CA ASN A 27 10.22 -4.70 -7.72
C ASN A 27 9.64 -4.87 -6.31
N LEU A 28 8.53 -4.20 -6.04
CA LEU A 28 7.88 -4.28 -4.74
C LEU A 28 6.55 -5.00 -4.84
N SER A 29 6.09 -5.55 -3.71
CA SER A 29 4.82 -6.27 -3.68
C SER A 29 3.71 -5.39 -3.11
N ILE A 30 2.75 -5.04 -3.95
CA ILE A 30 1.63 -4.21 -3.54
C ILE A 30 0.70 -4.96 -2.59
N CYS A 31 0.17 -4.23 -1.61
CA CYS A 31 -0.73 -4.84 -0.63
C CYS A 31 -2.09 -4.14 -0.64
N ALA A 32 -2.07 -2.81 -0.79
CA ALA A 32 -3.30 -2.03 -0.82
C ALA A 32 -3.01 -0.57 -1.13
N HIS A 33 -4.06 0.22 -1.32
CA HIS A 33 -3.91 1.63 -1.63
C HIS A 33 -4.61 2.49 -0.57
N TYR A 34 -4.48 3.81 -0.71
CA TYR A 34 -5.09 4.74 0.23
C TYR A 34 -5.52 6.02 -0.47
N ASP A 35 -6.81 6.12 -0.75
CA ASP A 35 -7.35 7.31 -1.42
C ASP A 35 -6.74 7.47 -2.81
N TYR A 36 -6.11 6.42 -3.31
CA TYR A 36 -5.46 6.46 -4.62
C TYR A 36 -4.31 7.46 -4.63
N GLU A 37 -3.68 7.65 -3.48
CA GLU A 37 -2.57 8.58 -3.35
C GLU A 37 -1.39 7.93 -2.62
N TRP A 38 -1.59 6.69 -2.20
CA TRP A 38 -0.54 5.96 -1.49
C TRP A 38 -0.69 4.45 -1.70
N PHE A 39 0.43 3.79 -1.96
CA PHE A 39 0.42 2.34 -2.19
C PHE A 39 1.33 1.63 -1.19
N ILE A 40 0.87 0.50 -0.68
CA ILE A 40 1.64 -0.28 0.28
C ILE A 40 2.47 -1.35 -0.41
N ALA A 41 3.73 -1.02 -0.69
CA ALA A 41 4.63 -1.95 -1.35
C ALA A 41 5.70 -2.45 -0.39
N LYS A 42 5.95 -3.76 -0.42
CA LYS A 42 6.94 -4.38 0.46
C LYS A 42 8.15 -4.84 -0.34
N PRO A 43 9.30 -4.97 0.34
CA PRO A 43 10.55 -5.41 -0.29
C PRO A 43 10.51 -6.88 -0.69
N ILE A 44 10.76 -7.15 -1.96
CA ILE A 44 10.75 -8.52 -2.46
C ILE A 44 12.15 -9.14 -2.37
N ASN A 45 13.16 -8.38 -2.76
CA ASN A 45 14.53 -8.87 -2.72
C ASN A 45 15.06 -8.88 -1.28
N ARG A 46 15.23 -7.69 -0.71
CA ARG A 46 15.74 -7.55 0.64
C ARG A 46 14.63 -7.86 1.66
N LEU A 47 15.01 -7.96 2.93
CA LEU A 47 14.06 -8.25 3.99
C LEU A 47 13.82 -7.02 4.86
N GLY A 48 13.02 -7.19 5.91
CA GLY A 48 12.73 -6.09 6.81
C GLY A 48 11.27 -6.03 7.20
N GLY A 49 10.49 -5.24 6.46
CA GLY A 49 9.07 -5.12 6.76
C GLY A 49 8.35 -4.22 5.77
N PRO A 50 7.01 -4.27 5.79
CA PRO A 50 6.17 -3.47 4.89
C PRO A 50 6.21 -1.99 5.25
N GLY A 51 6.17 -1.14 4.23
CA GLY A 51 6.19 0.30 4.45
C GLY A 51 5.15 1.03 3.64
N LEU A 52 5.37 2.32 3.42
CA LEU A 52 4.44 3.15 2.66
C LEU A 52 5.16 3.83 1.49
N VAL A 53 4.64 3.63 0.29
CA VAL A 53 5.22 4.23 -0.91
C VAL A 53 4.16 4.91 -1.76
N PRO A 54 4.44 6.13 -2.21
CA PRO A 54 3.52 6.91 -3.04
C PRO A 54 3.38 6.33 -4.45
N VAL A 55 2.24 6.58 -5.07
CA VAL A 55 1.97 6.09 -6.41
C VAL A 55 2.75 6.88 -7.46
N SER A 56 3.15 8.09 -7.08
CA SER A 56 3.91 8.95 -7.99
C SER A 56 5.36 8.50 -8.09
N TYR A 57 5.71 7.48 -7.32
CA TYR A 57 7.07 6.94 -7.31
C TYR A 57 7.08 5.45 -7.57
N VAL A 58 6.00 4.96 -8.19
CA VAL A 58 5.87 3.55 -8.50
C VAL A 58 5.04 3.33 -9.76
N ARG A 59 5.08 2.11 -10.30
CA ARG A 59 4.34 1.78 -11.50
C ARG A 59 3.69 0.41 -11.38
N ILE A 60 2.36 0.37 -11.47
CA ILE A 60 1.63 -0.88 -11.37
C ILE A 60 1.86 -1.76 -12.60
N ILE A 61 2.61 -2.84 -12.42
CA ILE A 61 2.89 -3.76 -13.52
C ILE A 61 2.56 -5.20 -13.14
N ASP A 62 1.99 -5.94 -14.08
CA ASP A 62 1.62 -7.33 -13.85
C ASP A 62 2.84 -8.23 -13.93
N LEU A 63 3.12 -8.96 -12.86
CA LEU A 63 4.26 -9.86 -12.80
C LEU A 63 4.24 -10.83 -13.98
N MET A 64 3.04 -11.15 -14.45
CA MET A 64 2.88 -12.07 -15.57
C MET A 64 2.99 -11.32 -16.90
N ASP A 65 2.68 -10.04 -16.89
CA ASP A 65 2.74 -9.21 -18.08
C ASP A 65 3.09 -7.77 -17.73
N PRO A 66 4.38 -7.52 -17.44
CA PRO A 66 4.87 -6.18 -17.10
C PRO A 66 4.83 -5.22 -18.27
N ALA A 67 4.54 -5.75 -19.45
CA ALA A 67 4.48 -4.93 -20.66
C ALA A 67 3.05 -4.48 -20.94
N LYS A 68 2.11 -4.98 -20.14
CA LYS A 68 0.71 -4.62 -20.31
C LYS A 68 0.39 -3.31 -19.59
N TYR A 69 0.94 -3.15 -18.39
CA TYR A 69 0.72 -1.94 -17.61
C TYR A 69 2.01 -1.12 -17.49
N ALA A 70 2.90 -1.31 -18.45
CA ALA A 70 4.18 -0.59 -18.46
C ALA A 70 4.00 0.81 -19.05
N SER A 71 2.85 1.04 -19.69
CA SER A 71 2.57 2.33 -20.29
C SER A 71 1.61 3.14 -19.43
N VAL A 72 0.85 2.45 -18.59
CA VAL A 72 -0.11 3.09 -17.70
C VAL A 72 0.54 4.23 -16.92
N ASP A 73 -0.28 5.18 -16.48
CA ASP A 73 0.21 6.31 -15.71
C ASP A 73 -0.32 6.28 -14.29
N THR A 74 0.57 5.97 -13.34
CA THR A 74 0.19 5.90 -11.93
C THR A 74 -0.08 7.28 -11.36
N TYR A 75 0.54 8.30 -11.97
CA TYR A 75 0.37 9.67 -11.52
C TYR A 75 -1.08 10.12 -11.68
N ASP A 76 -1.65 9.85 -12.85
CA ASP A 76 -3.03 10.22 -13.13
C ASP A 76 -3.99 9.47 -12.21
N ARG A 77 -4.62 10.21 -11.29
CA ARG A 77 -5.55 9.61 -10.35
C ARG A 77 -6.63 8.82 -11.08
N GLU A 78 -6.92 9.23 -12.31
CA GLU A 78 -7.93 8.57 -13.11
C GLU A 78 -7.50 7.15 -13.48
N GLN A 79 -6.32 7.03 -14.08
CA GLN A 79 -5.78 5.73 -14.47
C GLN A 79 -5.64 4.82 -13.26
N VAL A 80 -4.89 5.28 -12.26
CA VAL A 80 -4.67 4.50 -11.05
C VAL A 80 -5.99 4.05 -10.43
N MET A 81 -7.01 4.89 -10.57
CA MET A 81 -8.33 4.59 -10.03
C MET A 81 -8.95 3.39 -10.75
N LYS A 82 -9.02 3.48 -12.08
CA LYS A 82 -9.60 2.41 -12.88
C LYS A 82 -8.88 1.09 -12.63
N ILE A 83 -7.57 1.16 -12.45
CA ILE A 83 -6.76 -0.02 -12.20
C ILE A 83 -7.12 -0.66 -10.86
N ILE A 84 -7.09 0.15 -9.80
CA ILE A 84 -7.42 -0.33 -8.47
C ILE A 84 -8.85 -0.82 -8.40
N ASP A 85 -9.75 -0.15 -9.11
CA ASP A 85 -11.15 -0.52 -9.14
C ASP A 85 -11.36 -1.84 -9.89
N GLU A 86 -10.73 -1.94 -11.05
CA GLU A 86 -10.85 -3.15 -11.87
C GLU A 86 -10.25 -4.35 -11.15
N PHE A 87 -9.00 -4.21 -10.71
CA PHE A 87 -8.31 -5.29 -10.02
C PHE A 87 -8.93 -5.54 -8.65
N LYS A 88 -9.74 -4.59 -8.20
CA LYS A 88 -10.41 -4.69 -6.90
C LYS A 88 -9.38 -4.78 -5.77
N ILE A 89 -8.50 -3.80 -5.70
CA ILE A 89 -7.47 -3.76 -4.67
C ILE A 89 -8.02 -3.18 -3.38
N PRO A 90 -7.75 -3.87 -2.26
CA PRO A 90 -8.21 -3.44 -0.93
C PRO A 90 -7.48 -2.19 -0.45
N THR A 91 -8.00 -1.58 0.61
CA THR A 91 -7.40 -0.37 1.17
C THR A 91 -6.51 -0.70 2.36
N VAL A 92 -5.73 0.27 2.79
CA VAL A 92 -4.83 0.09 3.93
C VAL A 92 -5.58 -0.47 5.13
N GLU A 93 -6.64 0.20 5.53
CA GLU A 93 -7.45 -0.23 6.68
C GLU A 93 -7.85 -1.69 6.52
N GLN A 94 -8.44 -2.02 5.37
CA GLN A 94 -8.87 -3.39 5.10
C GLN A 94 -7.72 -4.37 5.23
N TRP A 95 -6.56 -3.98 4.70
CA TRP A 95 -5.38 -4.82 4.75
C TRP A 95 -4.95 -5.08 6.19
N LYS A 96 -5.05 -4.05 7.03
CA LYS A 96 -4.68 -4.16 8.42
C LYS A 96 -5.60 -5.13 9.16
N ASP A 97 -6.90 -4.89 9.05
CA ASP A 97 -7.89 -5.75 9.71
C ASP A 97 -7.76 -7.19 9.22
N GLN A 98 -7.47 -7.36 7.93
CA GLN A 98 -7.31 -8.68 7.35
C GLN A 98 -6.13 -9.42 7.96
N THR A 99 -4.96 -8.79 7.92
CA THR A 99 -3.75 -9.38 8.47
C THR A 99 -3.90 -9.66 9.97
N ARG A 100 -4.46 -8.69 10.69
CA ARG A 100 -4.66 -8.83 12.13
C ARG A 100 -5.53 -10.05 12.43
N ARG A 101 -6.74 -10.07 11.89
CA ARG A 101 -7.66 -11.19 12.11
C ARG A 101 -7.02 -12.51 11.68
N TYR A 102 -6.26 -12.46 10.59
CA TYR A 102 -5.60 -13.65 10.08
C TYR A 102 -4.62 -14.23 11.09
N LYS A 103 -3.84 -13.35 11.71
CA LYS A 103 -2.86 -13.76 12.69
C LYS A 103 -3.54 -14.06 14.03
N GLU A 104 -4.68 -13.44 14.26
CA GLU A 104 -5.44 -13.65 15.50
C GLU A 104 -6.04 -15.05 15.54
N SER A 105 -6.79 -15.32 16.60
CA SER A 105 -7.42 -16.62 16.77
C SER A 105 -6.38 -17.73 16.87
N SER A 106 -5.30 -17.46 17.60
CA SER A 106 -4.22 -18.43 17.78
C SER A 106 -4.14 -18.88 19.23
N ILE A 107 -3.44 -19.99 19.45
CA ILE A 107 -3.27 -20.52 20.80
C ILE A 107 -2.60 -19.51 21.72
N GLN A 108 -3.16 -19.36 22.92
CA GLN A 108 -2.61 -18.42 23.89
C GLN A 108 -3.42 -18.45 25.18
N ILE A 109 -2.86 -17.88 26.25
CA ILE A 109 -3.52 -17.84 27.54
C ILE A 109 -3.48 -16.43 28.14
N GLY A 110 -4.62 -15.79 28.23
CA GLY A 110 -4.69 -14.46 28.78
C GLY A 110 -6.02 -13.77 28.51
N ASN A 111 -6.92 -13.83 29.48
CA ASN A 111 -8.24 -13.23 29.33
C ASN A 111 -8.20 -11.75 29.74
N GLY A 112 -9.04 -10.94 29.08
CA GLY A 112 -9.08 -9.52 29.38
C GLY A 112 -10.13 -8.79 28.58
N HIS A 113 -11.36 -9.29 28.62
CA HIS A 113 -12.47 -8.68 27.89
C HIS A 113 -13.52 -8.15 28.84
N GLY A 114 -14.44 -7.35 28.31
CA GLY A 114 -15.50 -6.79 29.13
C GLY A 114 -16.58 -6.13 28.31
N GLN A 115 -17.31 -5.20 28.93
CA GLN A 115 -18.40 -4.51 28.24
C GLN A 115 -17.85 -3.35 27.41
N SER A 116 -18.60 -2.97 26.38
CA SER A 116 -18.19 -1.88 25.49
C SER A 116 -18.59 -0.53 26.09
N GLN A 117 -19.89 -0.27 26.13
CA GLN A 117 -20.41 0.98 26.68
C GLN A 117 -21.71 0.76 27.43
N GLY A 118 -22.02 1.66 28.36
CA GLY A 118 -23.23 1.54 29.13
C GLY A 118 -24.24 2.64 28.81
N LEU A 119 -23.75 3.73 28.24
CA LEU A 119 -24.60 4.87 27.89
C LEU A 119 -25.74 5.00 28.89
N GLU A 120 -25.40 5.01 30.17
CA GLU A 120 -26.40 5.14 31.23
C GLU A 120 -26.34 6.53 31.86
N GLY B 1 -7.33 1.20 10.33
CA GLY B 1 -5.95 1.06 9.89
C GLY B 1 -4.95 1.58 10.91
N LYS B 2 -3.67 1.44 10.61
CA LYS B 2 -2.62 1.91 11.50
C LYS B 2 -1.73 2.94 10.81
N PHE B 3 -1.57 2.78 9.50
CA PHE B 3 -0.75 3.70 8.71
C PHE B 3 -1.48 5.02 8.47
N ILE B 4 -2.45 4.99 7.57
CA ILE B 4 -3.24 6.18 7.25
C ILE B 4 -2.32 7.36 6.92
N PRO B 5 -1.85 7.40 5.66
CA PRO B 5 -0.97 8.47 5.19
C PRO B 5 -1.69 9.81 5.07
N SER B 6 -1.24 10.79 5.85
CA SER B 6 -1.85 12.12 5.83
C SER B 6 -0.94 13.12 5.12
N ARG B 7 0.17 12.62 4.57
CA ARG B 7 1.12 13.48 3.87
C ARG B 7 0.41 14.33 2.81
N PRO B 8 1.10 15.40 2.37
CA PRO B 8 0.55 16.31 1.36
C PRO B 8 0.45 15.67 -0.02
N ALA B 9 1.05 14.50 -0.17
CA ALA B 9 1.03 13.78 -1.44
C ALA B 9 1.73 14.56 -2.53
N PRO B 10 3.07 14.45 -2.57
CA PRO B 10 3.90 15.14 -3.56
C PRO B 10 3.72 14.58 -4.97
N LYS B 11 3.70 15.46 -5.95
CA LYS B 11 3.53 15.05 -7.34
C LYS B 11 4.88 14.70 -7.97
N PRO B 12 4.84 13.93 -9.07
CA PRO B 12 6.04 13.50 -9.79
C PRO B 12 6.72 14.66 -10.51
N PRO B 13 7.97 14.43 -10.96
CA PRO B 13 8.75 15.44 -11.68
C PRO B 13 8.19 15.73 -13.07
N SER B 14 7.43 16.81 -13.18
CA SER B 14 6.84 17.20 -14.47
C SER B 14 7.74 18.16 -15.22
N SER B 15 7.44 18.37 -16.49
CA SER B 15 8.23 19.28 -17.32
C SER B 15 7.43 19.74 -18.54
N ALA B 16 7.55 21.01 -18.87
CA ALA B 16 6.84 21.57 -20.02
C ALA B 16 7.81 22.02 -21.10
#